data_6NB6
#
_entry.id   6NB6
#
loop_
_entity.id
_entity.type
_entity.pdbx_description
1 polymer 'Spike glycoprotein'
2 polymer 'S230 heavy chain'
3 polymer 'S230 light chain'
4 branched beta-D-mannopyranose-(1-4)-2-acetamido-2-deoxy-beta-D-glucopyranose-(1-4)-2-acetamido-2-deoxy-beta-D-glucopyranose
5 branched alpha-D-mannopyranose-(1-3)-[alpha-D-mannopyranose-(1-6)]beta-D-mannopyranose-(1-4)-2-acetamido-2-deoxy-beta-D-glucopyranose-(1-4)-2-acetamido-2-deoxy-beta-D-glucopyranose
6 branched 2-acetamido-2-deoxy-beta-D-glucopyranose-(1-4)-2-acetamido-2-deoxy-beta-D-glucopyranose
7 branched alpha-D-mannopyranose-(1-6)-beta-D-mannopyranose-(1-4)-2-acetamido-2-deoxy-beta-D-glucopyranose-(1-4)-2-acetamido-2-deoxy-beta-D-glucopyranose
8 non-polymer 2-acetamido-2-deoxy-beta-D-glucopyranose
#
loop_
_entity_poly.entity_id
_entity_poly.type
_entity_poly.pdbx_seq_one_letter_code
_entity_poly.pdbx_strand_id
1 'polypeptide(L)'
;MGILPSPGMPALLSLVSLLSVLLMGCVAETGTSDLDRCTTFDDVQAPNYTQHTSSMRGVYYPDEIFRSDTLYLTQDLFLP
FYSNVTGFHTINHTFDNPVIPFKDGIYFAATEKSNVVRGWVFGSTMNNKSQSVIIINNSTNVVIRACNFELCDNPFFAVS
KPMGTQTHTMIFDNAFNCTFEYISDAFSLDVSEKSGNFKHLREFVFKNKDGFLYVYKGYQPIDVVRDLPSGFNTLKPIFK
LPLGINITNFRAILTAFSPAQDTWGTSAAAYFVGYLKPTTFMLKYDENGTITDAVDCSQNPLAELKCSVKSFEIDKGIYQ
TSNFRVVPSGDVVRFPNITNLCPFGEVFNATKFPSVYAWERKKISNCVADYSVLYNSTFFSTFKCYGVSATKLNDLCFSN
VYADSFVVKGDDVRQIAPGQTGVIADYNYKLPDDFMGCVLAWNTRNIDATSTGNYNYKYRYLRHGKLRPFERDISNVPFS
PDGKPCTPPALNCYWPLNDYGFYTTTGIGYQPYRVVVLSFELLNAPATVCGPKLSTDLIKNQCVNFNFNGLTGTGVLTPS
SKRFQPFQQFGRDVSDFTDSVRDPKTSEILDISPCSFGGVSVITPGTNASSEVAVLYQDVNCTDVSTAIHADQLTPAWRI
YSTGNNVFQTQAGCLIGAEHVDTSYECDIPIGAGICASYHTVSLLRSTSQKSIVAYTMSLGADSSIAYSNNTIAIPTNFS
ISITTEVMPVSMAKTSVDCNMYICGDSTECANLLLQYGSFCTQLNRALSGIAAEQDRNTREVFAQVKQMYKTPTLKYFGG
FNFSQILPDPLKPTKRSFIEDLLFNKVTLADAGFMKQYGECLGDINARDLICAQKFNGLTVLPPLLTDDMIAAYTAALVS
GTATAGWTFGAGAALQIPFAMQMAYRFNGIGVTQNVLYENQKQIANQFNKAISQIQESLTTTSTALGKLQDVVNQNAQAL
NTLVKQLSSNFGAISSVLNDILSRLDPPEAEVQIDRLITGRLQSLQTYVTQQLIRAAEIRASANLAATKMSECVLGQSKR
VDFCGKGYHLMSFPQAAPHGVVFLHVTYVPSQERNFTTAPAICHEGKAYFPREGVFVFNGTSWFITQRNFFSPQIITTDN
TFVSGNCDVVIGIINNTVYDPLQPELDSFKEELDKYFKNHTSPDVDLGDISGINASVVNIQKEIDRLNEVAKNLNESLID
LQELGKYEQYIKGSGRENLYFQGGGGSGYIPEAPRDGQAYVRKDGEWVLLSTFLGHHHHHHHH
;
A,B,C
2 'polypeptide(L)'
;QAQLVESGGALVQPGRSLRLSCAASGFTFRNYAMHWVRQAPATGLQWLAVITSDGRNKFYADSVKGRFTISREDSKNTLY
LQMDSLRGEDTAVYYCVTQRDNSRDYFPHYFHDMDVWGQGTTVAVSS
;
H,I
3 'polypeptide(L)'
;DVVLTQSPLSLPVTLGQPASISCRSSQSLVYSDGDTYLNWFQQRPGQSPRRLIYQVSNRDSGVPDRFSGSGSGTDFTLKI
SRVEAEDVGVYYCMQGSHWPPTFGQGTKVEIK
;
L,M
#
loop_
_chem_comp.id
_chem_comp.type
_chem_comp.name
_chem_comp.formula
BMA D-saccharide, beta linking beta-D-mannopyranose 'C6 H12 O6'
MAN D-saccharide, alpha linking alpha-D-mannopyranose 'C6 H12 O6'
NAG D-saccharide, beta linking 2-acetamido-2-deoxy-beta-D-glucopyranose 'C8 H15 N O6'
#
# COMPACT_ATOMS: atom_id res chain seq x y z
N ARG A 37 -33.25 -16.92 -56.80
CA ARG A 37 -34.24 -15.86 -56.74
C ARG A 37 -34.86 -15.78 -55.35
N CYS A 38 -35.62 -14.71 -55.12
CA CYS A 38 -36.31 -14.55 -53.85
C CYS A 38 -37.81 -14.33 -54.06
N THR A 39 -38.62 -14.95 -53.21
CA THR A 39 -40.07 -14.83 -53.30
C THR A 39 -40.65 -14.11 -52.08
N THR A 40 -41.31 -12.99 -52.32
CA THR A 40 -41.88 -12.17 -51.26
C THR A 40 -43.39 -12.08 -51.40
N THR A 50 -49.00 -11.60 -28.61
CA THR A 50 -49.26 -12.49 -27.48
C THR A 50 -48.00 -12.71 -26.65
N GLN A 51 -48.07 -12.37 -25.38
CA GLN A 51 -46.95 -12.55 -24.48
C GLN A 51 -47.08 -13.84 -23.67
N HIS A 52 -45.93 -14.38 -23.29
CA HIS A 52 -45.87 -15.61 -22.49
C HIS A 52 -44.89 -15.44 -21.35
N THR A 53 -45.07 -16.20 -20.28
CA THR A 53 -44.18 -16.11 -19.13
C THR A 53 -42.99 -17.07 -19.25
N SER A 54 -41.78 -16.52 -19.12
CA SER A 54 -40.53 -17.27 -19.29
C SER A 54 -40.21 -18.27 -18.18
N SER A 55 -40.94 -18.19 -17.08
CA SER A 55 -40.69 -19.08 -15.95
C SER A 55 -39.24 -18.99 -15.48
N MET A 56 -38.63 -20.15 -15.27
CA MET A 56 -37.24 -20.22 -14.81
C MET A 56 -36.29 -20.72 -15.90
N ARG A 57 -36.65 -20.52 -17.16
CA ARG A 57 -35.80 -20.95 -18.27
C ARG A 57 -34.77 -19.90 -18.63
N GLY A 58 -33.77 -20.29 -19.42
CA GLY A 58 -32.76 -19.35 -19.91
C GLY A 58 -31.41 -19.44 -19.17
N VAL A 59 -31.26 -20.47 -18.35
CA VAL A 59 -30.02 -20.70 -17.62
C VAL A 59 -29.05 -21.57 -18.44
N TYR A 60 -27.77 -21.25 -18.37
CA TYR A 60 -26.76 -21.97 -19.13
C TYR A 60 -25.43 -22.00 -18.37
N TYR A 61 -24.52 -22.87 -18.80
CA TYR A 61 -23.20 -22.95 -18.17
C TYR A 61 -22.34 -21.73 -18.55
N PRO A 62 -22.06 -20.83 -17.60
CA PRO A 62 -21.41 -19.55 -17.82
C PRO A 62 -19.95 -19.68 -18.27
N ASP A 63 -19.31 -20.80 -17.94
CA ASP A 63 -17.92 -21.00 -18.33
C ASP A 63 -17.55 -22.49 -18.41
N GLU A 64 -16.38 -22.74 -18.99
CA GLU A 64 -15.83 -24.08 -19.15
C GLU A 64 -15.16 -24.62 -17.89
N ILE A 65 -15.53 -24.08 -16.73
CA ILE A 65 -14.90 -24.47 -15.48
C ILE A 65 -15.70 -25.50 -14.72
N PHE A 66 -15.04 -26.57 -14.33
CA PHE A 66 -15.68 -27.59 -13.54
C PHE A 66 -15.79 -27.17 -12.08
N ARG A 67 -16.99 -27.30 -11.55
CA ARG A 67 -17.28 -27.03 -10.15
C ARG A 67 -18.16 -28.12 -9.64
N SER A 68 -18.12 -28.39 -8.34
CA SER A 68 -19.01 -29.40 -7.78
C SER A 68 -19.28 -29.18 -6.30
N ASP A 69 -20.43 -29.68 -5.85
CA ASP A 69 -20.80 -29.61 -4.44
C ASP A 69 -20.61 -28.21 -3.90
N THR A 70 -21.21 -27.22 -4.57
CA THR A 70 -20.98 -25.83 -4.19
C THR A 70 -22.02 -24.88 -4.76
N LEU A 71 -22.13 -23.71 -4.14
CA LEU A 71 -22.96 -22.64 -4.68
C LEU A 71 -22.08 -21.56 -5.26
N TYR A 72 -22.31 -21.25 -6.52
CA TYR A 72 -21.50 -20.26 -7.21
C TYR A 72 -22.32 -19.03 -7.60
N LEU A 73 -21.87 -17.87 -7.16
CA LEU A 73 -22.57 -16.63 -7.43
C LEU A 73 -21.85 -15.84 -8.52
N THR A 74 -22.60 -15.36 -9.52
CA THR A 74 -21.98 -14.61 -10.60
C THR A 74 -22.94 -13.71 -11.37
N GLN A 75 -22.41 -12.66 -11.97
CA GLN A 75 -23.18 -11.76 -12.83
C GLN A 75 -22.85 -11.98 -14.30
N ASP A 76 -23.89 -12.14 -15.11
CA ASP A 76 -23.73 -12.35 -16.54
C ASP A 76 -25.08 -12.13 -17.23
N LEU A 77 -25.10 -12.28 -18.54
CA LEU A 77 -26.34 -12.16 -19.26
C LEU A 77 -27.20 -13.41 -19.13
N PHE A 78 -28.40 -13.23 -18.61
CA PHE A 78 -29.34 -14.34 -18.46
C PHE A 78 -30.74 -13.87 -18.74
N LEU A 79 -31.70 -14.78 -18.71
CA LEU A 79 -33.10 -14.41 -18.90
C LEU A 79 -33.75 -14.29 -17.51
N PRO A 80 -34.17 -13.08 -17.09
CA PRO A 80 -34.77 -12.80 -15.79
C PRO A 80 -35.96 -13.70 -15.54
N PHE A 81 -36.05 -14.24 -14.33
CA PHE A 81 -37.11 -15.18 -14.05
C PHE A 81 -38.49 -14.54 -14.10
N TYR A 82 -39.39 -15.26 -14.74
CA TYR A 82 -40.79 -14.89 -14.89
C TYR A 82 -41.01 -13.61 -15.69
N SER A 83 -40.03 -13.19 -16.47
CA SER A 83 -40.23 -12.08 -17.39
C SER A 83 -41.10 -12.55 -18.54
N ASN A 84 -41.64 -11.63 -19.33
CA ASN A 84 -42.40 -12.05 -20.51
C ASN A 84 -41.53 -12.24 -21.72
N VAL A 85 -42.00 -13.08 -22.60
CA VAL A 85 -41.41 -13.24 -23.93
C VAL A 85 -42.50 -13.12 -24.98
N THR A 86 -42.11 -12.86 -26.21
CA THR A 86 -43.10 -12.73 -27.28
C THR A 86 -43.24 -14.04 -28.03
N GLY A 87 -44.50 -14.45 -28.27
CA GLY A 87 -44.76 -15.66 -29.04
C GLY A 87 -44.90 -15.36 -30.52
N PHE A 88 -44.41 -16.29 -31.34
CA PHE A 88 -44.48 -16.18 -32.78
C PHE A 88 -45.00 -17.48 -33.38
N HIS A 89 -45.63 -17.41 -34.56
CA HIS A 89 -46.24 -18.62 -35.12
C HIS A 89 -45.95 -18.86 -36.59
N THR A 90 -46.11 -20.12 -37.01
CA THR A 90 -46.03 -20.53 -38.41
C THR A 90 -47.32 -21.28 -38.80
N ILE A 91 -48.44 -20.57 -38.74
CA ILE A 91 -49.75 -21.22 -38.84
C ILE A 91 -50.59 -20.62 -39.96
N ASN A 92 -51.11 -21.49 -40.82
CA ASN A 92 -52.00 -21.05 -41.90
C ASN A 92 -51.35 -19.99 -42.77
N HIS A 93 -51.73 -18.73 -42.56
CA HIS A 93 -51.22 -17.63 -43.37
C HIS A 93 -50.24 -16.75 -42.59
N THR A 94 -49.97 -17.12 -41.35
CA THR A 94 -49.07 -16.35 -40.49
C THR A 94 -47.71 -16.99 -40.37
N PHE A 95 -46.70 -16.29 -40.86
CA PHE A 95 -45.34 -16.78 -40.79
C PHE A 95 -44.42 -15.66 -40.32
N ASP A 96 -44.13 -15.67 -39.05
CA ASP A 96 -43.41 -14.58 -38.43
C ASP A 96 -41.91 -14.63 -38.66
N ASN A 97 -41.44 -13.96 -39.71
CA ASN A 97 -40.00 -13.88 -39.97
C ASN A 97 -39.45 -12.43 -40.10
N PRO A 98 -39.89 -11.45 -39.27
CA PRO A 98 -39.49 -10.06 -39.27
C PRO A 98 -38.09 -9.91 -38.72
N VAL A 99 -37.51 -8.73 -38.90
CA VAL A 99 -36.23 -8.43 -38.28
C VAL A 99 -36.41 -8.11 -36.81
N ILE A 100 -35.77 -8.89 -35.96
CA ILE A 100 -35.88 -8.73 -34.51
C ILE A 100 -34.54 -8.27 -33.92
N PRO A 101 -34.54 -7.19 -33.11
CA PRO A 101 -33.39 -6.66 -32.42
C PRO A 101 -32.70 -7.73 -31.58
N PHE A 102 -31.37 -7.67 -31.57
CA PHE A 102 -30.57 -8.65 -30.83
C PHE A 102 -30.22 -8.09 -29.45
N LYS A 103 -29.85 -6.82 -29.40
CA LYS A 103 -29.52 -6.15 -28.15
C LYS A 103 -28.44 -6.89 -27.36
N ASP A 104 -27.37 -7.25 -28.04
CA ASP A 104 -26.19 -7.91 -27.46
C ASP A 104 -26.43 -9.33 -26.93
N GLY A 105 -27.64 -9.86 -27.11
CA GLY A 105 -27.88 -11.24 -26.71
C GLY A 105 -29.35 -11.51 -26.44
N ILE A 106 -29.81 -12.65 -26.95
CA ILE A 106 -31.21 -13.03 -26.84
C ILE A 106 -31.41 -14.46 -26.38
N TYR A 107 -32.64 -14.75 -25.98
CA TYR A 107 -33.06 -16.10 -25.69
C TYR A 107 -34.05 -16.57 -26.72
N PHE A 108 -33.82 -17.74 -27.29
CA PHE A 108 -34.72 -18.29 -28.28
C PHE A 108 -35.19 -19.67 -27.88
N ALA A 109 -36.46 -19.93 -28.12
CA ALA A 109 -36.97 -21.28 -27.91
C ALA A 109 -38.04 -21.58 -28.93
N ALA A 110 -38.16 -22.85 -29.31
CA ALA A 110 -39.20 -23.23 -30.25
C ALA A 110 -39.73 -24.62 -29.96
N THR A 111 -41.01 -24.79 -30.23
CA THR A 111 -41.68 -26.05 -30.06
C THR A 111 -41.88 -26.68 -31.43
N GLU A 112 -41.40 -27.90 -31.59
CA GLU A 112 -41.40 -28.56 -32.87
C GLU A 112 -42.03 -29.94 -32.88
N LYS A 113 -42.45 -30.34 -34.07
CA LYS A 113 -42.91 -31.69 -34.33
C LYS A 113 -42.47 -32.09 -35.73
N SER A 114 -42.05 -31.09 -36.50
CA SER A 114 -41.66 -31.29 -37.89
C SER A 114 -40.43 -30.47 -38.31
N ASN A 115 -39.70 -29.95 -37.33
CA ASN A 115 -38.49 -29.17 -37.59
C ASN A 115 -38.73 -28.00 -38.56
N VAL A 116 -39.79 -27.25 -38.33
CA VAL A 116 -40.13 -26.11 -39.20
C VAL A 116 -39.05 -25.04 -39.17
N VAL A 117 -38.56 -24.72 -37.97
CA VAL A 117 -37.49 -23.74 -37.89
C VAL A 117 -36.18 -24.41 -38.27
N ARG A 118 -35.54 -23.89 -39.30
CA ARG A 118 -34.33 -24.51 -39.82
C ARG A 118 -33.09 -23.80 -39.34
N GLY A 119 -33.21 -22.50 -39.12
CA GLY A 119 -32.04 -21.73 -38.74
C GLY A 119 -32.34 -20.27 -38.48
N TRP A 120 -31.27 -19.48 -38.45
CA TRP A 120 -31.35 -18.06 -38.16
C TRP A 120 -30.39 -17.27 -39.03
N VAL A 121 -30.69 -16.00 -39.21
CA VAL A 121 -29.75 -15.08 -39.82
C VAL A 121 -29.44 -13.98 -38.83
N PHE A 122 -28.16 -13.76 -38.56
CA PHE A 122 -27.77 -12.70 -37.64
C PHE A 122 -26.93 -11.67 -38.35
N GLY A 123 -27.16 -10.41 -38.01
CA GLY A 123 -26.39 -9.33 -38.63
C GLY A 123 -26.99 -7.96 -38.31
N SER A 124 -26.63 -6.98 -39.12
CA SER A 124 -27.08 -5.61 -38.91
C SER A 124 -28.11 -5.20 -39.94
N THR A 125 -27.61 -4.73 -41.08
CA THR A 125 -28.45 -4.20 -42.16
C THR A 125 -29.14 -5.28 -42.98
N MET A 126 -28.78 -6.53 -42.75
CA MET A 126 -29.39 -7.67 -43.44
C MET A 126 -29.37 -7.55 -44.97
N ASN A 127 -28.20 -7.24 -45.52
CA ASN A 127 -28.05 -7.16 -46.95
C ASN A 127 -26.59 -7.33 -47.36
N ASN A 128 -26.31 -7.14 -48.63
CA ASN A 128 -24.99 -7.42 -49.18
C ASN A 128 -24.03 -6.24 -49.01
N LYS A 129 -24.44 -5.26 -48.22
CA LYS A 129 -23.59 -4.11 -47.95
C LYS A 129 -22.68 -4.38 -46.75
N SER A 130 -22.95 -5.47 -46.02
CA SER A 130 -22.17 -5.78 -44.84
C SER A 130 -22.13 -7.27 -44.54
N GLN A 131 -21.15 -7.69 -43.75
CA GLN A 131 -21.00 -9.08 -43.38
C GLN A 131 -22.11 -9.53 -42.45
N SER A 132 -22.69 -10.69 -42.71
CA SER A 132 -23.71 -11.28 -41.85
C SER A 132 -23.58 -12.78 -41.85
N VAL A 133 -24.17 -13.44 -40.86
CA VAL A 133 -24.00 -14.88 -40.77
C VAL A 133 -25.29 -15.64 -40.92
N ILE A 134 -25.24 -16.68 -41.73
CA ILE A 134 -26.36 -17.57 -41.88
C ILE A 134 -26.03 -18.89 -41.25
N ILE A 135 -26.86 -19.31 -40.32
CA ILE A 135 -26.71 -20.60 -39.68
C ILE A 135 -27.95 -21.43 -39.90
N ILE A 136 -27.79 -22.53 -40.62
CA ILE A 136 -28.95 -23.31 -40.99
C ILE A 136 -28.73 -24.81 -41.01
N ASN A 137 -29.72 -25.52 -40.49
CA ASN A 137 -29.82 -26.96 -40.63
C ASN A 137 -30.53 -27.24 -41.92
N ASN A 138 -29.78 -27.68 -42.94
CA ASN A 138 -30.35 -27.82 -44.26
C ASN A 138 -30.80 -29.23 -44.54
N SER A 139 -31.00 -30.01 -43.46
CA SER A 139 -31.54 -31.38 -43.45
C SER A 139 -30.47 -32.48 -43.60
N THR A 140 -29.27 -32.15 -44.07
CA THR A 140 -28.21 -33.16 -44.13
C THR A 140 -26.99 -32.68 -43.39
N ASN A 141 -26.82 -31.37 -43.33
CA ASN A 141 -25.67 -30.77 -42.66
C ASN A 141 -26.09 -29.44 -42.04
N VAL A 142 -25.36 -29.02 -41.01
CA VAL A 142 -25.53 -27.67 -40.50
C VAL A 142 -24.40 -26.82 -41.03
N VAL A 143 -24.76 -25.74 -41.70
CA VAL A 143 -23.77 -24.88 -42.28
C VAL A 143 -23.82 -23.48 -41.72
N ILE A 144 -22.64 -22.97 -41.40
CA ILE A 144 -22.48 -21.62 -40.91
C ILE A 144 -21.58 -20.84 -41.85
N ARG A 145 -22.08 -19.73 -42.38
CA ARG A 145 -21.28 -18.91 -43.27
C ARG A 145 -21.43 -17.43 -42.97
N ALA A 146 -20.32 -16.71 -43.00
CA ALA A 146 -20.33 -15.25 -42.85
C ALA A 146 -19.85 -14.59 -44.12
N CYS A 147 -20.74 -13.87 -44.77
CA CYS A 147 -20.46 -13.25 -46.07
C CYS A 147 -21.30 -11.99 -46.27
N ASN A 148 -21.01 -11.24 -47.34
CA ASN A 148 -21.85 -10.12 -47.70
C ASN A 148 -23.02 -10.66 -48.50
N PHE A 149 -23.88 -11.39 -47.81
CA PHE A 149 -24.95 -12.12 -48.45
C PHE A 149 -25.98 -11.24 -49.10
N GLU A 150 -26.40 -11.64 -50.29
CA GLU A 150 -27.50 -11.01 -50.95
C GLU A 150 -28.76 -11.70 -50.49
N LEU A 151 -29.25 -11.27 -49.33
CA LEU A 151 -30.33 -11.94 -48.64
C LEU A 151 -31.67 -11.66 -49.26
N CYS A 152 -32.59 -12.59 -49.10
CA CYS A 152 -33.96 -12.38 -49.52
C CYS A 152 -34.69 -11.54 -48.50
N ASP A 153 -35.61 -10.70 -48.98
CA ASP A 153 -36.47 -9.90 -48.11
C ASP A 153 -37.43 -10.79 -47.33
N ASN A 154 -37.67 -11.98 -47.87
CA ASN A 154 -38.57 -12.96 -47.30
C ASN A 154 -37.99 -14.35 -47.43
N PRO A 155 -36.96 -14.70 -46.67
CA PRO A 155 -36.22 -15.93 -46.75
C PRO A 155 -37.04 -17.07 -46.20
N PHE A 156 -36.84 -18.26 -46.76
CA PHE A 156 -37.44 -19.47 -46.22
C PHE A 156 -36.83 -20.72 -46.81
N PHE A 157 -37.06 -21.84 -46.14
CA PHE A 157 -36.71 -23.14 -46.67
C PHE A 157 -37.96 -23.78 -47.25
N ALA A 158 -37.85 -24.38 -48.42
CA ALA A 158 -39.00 -25.00 -49.04
C ALA A 158 -38.95 -26.51 -48.86
N THR A 167 -36.77 -29.11 -50.75
CA THR A 167 -36.78 -28.79 -52.18
C THR A 167 -35.69 -27.78 -52.53
N HIS A 168 -35.89 -26.54 -52.08
CA HIS A 168 -34.96 -25.44 -52.31
C HIS A 168 -34.65 -24.71 -51.02
N THR A 169 -33.48 -24.11 -50.93
CA THR A 169 -33.14 -23.27 -49.79
C THR A 169 -33.05 -21.82 -50.25
N MET A 170 -34.12 -21.05 -49.99
CA MET A 170 -34.25 -19.68 -50.48
C MET A 170 -33.95 -18.66 -49.40
N ILE A 171 -32.69 -18.52 -49.04
CA ILE A 171 -32.29 -17.61 -47.98
C ILE A 171 -31.60 -16.39 -48.58
N PHE A 172 -30.74 -16.66 -49.56
CA PHE A 172 -29.99 -15.65 -50.25
C PHE A 172 -29.92 -16.01 -51.71
N ASP A 173 -29.73 -15.00 -52.56
CA ASP A 173 -29.60 -15.25 -53.98
C ASP A 173 -28.14 -15.42 -54.34
N ASN A 174 -27.27 -14.72 -53.62
CA ASN A 174 -25.84 -14.79 -53.88
C ASN A 174 -25.01 -14.48 -52.63
N ALA A 175 -23.69 -14.55 -52.77
CA ALA A 175 -22.78 -14.25 -51.66
C ALA A 175 -21.39 -13.91 -52.16
N PHE A 176 -20.69 -13.08 -51.42
CA PHE A 176 -19.30 -12.75 -51.74
C PHE A 176 -18.55 -12.27 -50.52
N ASN A 177 -17.22 -12.24 -50.62
CA ASN A 177 -16.37 -11.77 -49.54
C ASN A 177 -16.63 -12.53 -48.25
N CYS A 178 -16.72 -13.84 -48.35
CA CYS A 178 -16.94 -14.67 -47.17
C CYS A 178 -15.71 -14.63 -46.26
N THR A 179 -15.95 -14.51 -44.97
CA THR A 179 -14.87 -14.43 -43.99
C THR A 179 -14.85 -15.66 -43.09
N PHE A 180 -15.95 -16.39 -43.05
CA PHE A 180 -16.03 -17.57 -42.20
C PHE A 180 -16.93 -18.64 -42.80
N GLU A 181 -16.49 -19.89 -42.71
CA GLU A 181 -17.33 -21.01 -43.12
C GLU A 181 -17.06 -22.27 -42.32
N TYR A 182 -18.13 -22.90 -41.87
CA TYR A 182 -18.07 -24.16 -41.15
C TYR A 182 -19.21 -25.08 -41.55
N ILE A 183 -18.89 -26.36 -41.75
CA ILE A 183 -19.92 -27.35 -42.05
C ILE A 183 -19.82 -28.53 -41.10
N SER A 184 -20.95 -28.87 -40.48
CA SER A 184 -21.01 -29.99 -39.55
C SER A 184 -21.01 -31.32 -40.26
N ASP A 185 -20.82 -32.38 -39.49
CA ASP A 185 -20.88 -33.74 -40.02
C ASP A 185 -22.25 -34.03 -40.59
N ALA A 186 -22.29 -34.88 -41.61
CA ALA A 186 -23.54 -35.27 -42.26
C ALA A 186 -24.46 -36.05 -41.32
N PHE A 187 -25.76 -35.87 -41.51
CA PHE A 187 -26.79 -36.57 -40.74
C PHE A 187 -28.06 -36.72 -41.56
N SER A 188 -29.04 -37.41 -40.99
CA SER A 188 -30.32 -37.59 -41.65
C SER A 188 -31.46 -37.52 -40.67
N ASN A 197 -49.99 -32.00 -30.92
CA ASN A 197 -49.14 -31.34 -29.93
C ASN A 197 -47.69 -31.35 -30.36
N PHE A 198 -46.92 -30.41 -29.84
CA PHE A 198 -45.49 -30.39 -30.10
C PHE A 198 -44.80 -31.35 -29.17
N LYS A 199 -43.77 -32.02 -29.67
CA LYS A 199 -43.10 -33.06 -28.90
C LYS A 199 -41.65 -32.72 -28.55
N HIS A 200 -41.07 -31.76 -29.26
CA HIS A 200 -39.67 -31.43 -29.07
C HIS A 200 -39.45 -29.96 -28.74
N LEU A 201 -38.81 -29.68 -27.60
CA LEU A 201 -38.48 -28.30 -27.27
C LEU A 201 -37.02 -28.02 -27.44
N ARG A 202 -36.70 -27.08 -28.32
CA ARG A 202 -35.33 -26.70 -28.57
C ARG A 202 -35.07 -25.32 -28.02
N GLU A 203 -34.00 -25.20 -27.22
CA GLU A 203 -33.67 -23.94 -26.57
C GLU A 203 -32.30 -23.46 -26.98
N PHE A 204 -32.17 -22.15 -27.23
CA PHE A 204 -30.89 -21.59 -27.59
C PHE A 204 -30.60 -20.24 -26.94
N VAL A 205 -29.34 -20.00 -26.68
CA VAL A 205 -28.87 -18.69 -26.22
C VAL A 205 -27.78 -18.17 -27.12
N PHE A 206 -27.93 -16.91 -27.52
CA PHE A 206 -26.96 -16.28 -28.40
C PHE A 206 -26.39 -15.01 -27.77
N LYS A 207 -25.07 -14.94 -27.64
CA LYS A 207 -24.42 -13.76 -27.05
C LYS A 207 -23.28 -13.23 -27.93
N ASN A 208 -23.07 -11.91 -27.89
CA ASN A 208 -21.95 -11.31 -28.62
C ASN A 208 -20.83 -10.81 -27.71
N LYS A 209 -19.63 -11.35 -27.91
CA LYS A 209 -18.46 -10.88 -27.14
C LYS A 209 -17.16 -11.00 -27.95
N ASP A 210 -16.41 -9.91 -28.01
CA ASP A 210 -15.08 -9.87 -28.64
C ASP A 210 -15.07 -10.44 -30.07
N GLY A 211 -16.11 -10.16 -30.84
CA GLY A 211 -16.18 -10.61 -32.23
C GLY A 211 -16.70 -12.04 -32.36
N PHE A 212 -16.97 -12.69 -31.23
CA PHE A 212 -17.45 -14.05 -31.25
C PHE A 212 -18.94 -14.16 -30.98
N LEU A 213 -19.58 -15.07 -31.70
CA LEU A 213 -20.95 -15.41 -31.40
C LEU A 213 -20.98 -16.70 -30.58
N TYR A 214 -21.49 -16.58 -29.37
CA TYR A 214 -21.54 -17.70 -28.46
C TYR A 214 -22.89 -18.33 -28.51
N VAL A 215 -22.91 -19.63 -28.77
CA VAL A 215 -24.18 -20.31 -28.93
C VAL A 215 -24.31 -21.48 -27.98
N TYR A 216 -25.41 -21.47 -27.23
CA TYR A 216 -25.76 -22.55 -26.32
C TYR A 216 -27.00 -23.26 -26.80
N LYS A 217 -27.13 -24.53 -26.47
CA LYS A 217 -28.28 -25.34 -26.86
C LYS A 217 -28.83 -26.18 -25.72
N GLY A 218 -30.14 -26.36 -25.72
CA GLY A 218 -30.80 -27.25 -24.77
C GLY A 218 -31.96 -27.98 -25.44
N TYR A 219 -32.38 -29.09 -24.84
CA TYR A 219 -33.48 -29.85 -25.38
C TYR A 219 -34.20 -30.69 -24.33
N GLN A 220 -35.52 -30.74 -24.45
CA GLN A 220 -36.31 -31.66 -23.66
C GLN A 220 -37.54 -32.11 -24.46
N PRO A 221 -38.09 -33.29 -24.16
CA PRO A 221 -39.41 -33.74 -24.54
C PRO A 221 -40.50 -32.83 -23.99
N ILE A 222 -41.50 -32.56 -24.81
CA ILE A 222 -42.67 -31.77 -24.42
C ILE A 222 -43.97 -32.40 -24.91
N ASP A 223 -45.09 -31.81 -24.50
CA ASP A 223 -46.41 -32.22 -24.98
C ASP A 223 -47.36 -31.04 -24.85
N VAL A 224 -47.21 -30.07 -25.74
CA VAL A 224 -47.88 -28.77 -25.60
C VAL A 224 -48.50 -28.30 -26.91
N VAL A 225 -49.61 -27.56 -26.82
CA VAL A 225 -50.29 -27.05 -28.00
C VAL A 225 -49.80 -25.67 -28.46
N ARG A 226 -49.89 -24.67 -27.58
CA ARG A 226 -49.57 -23.29 -27.97
C ARG A 226 -48.59 -22.59 -27.03
N ASP A 227 -48.69 -22.88 -25.74
CA ASP A 227 -47.96 -22.15 -24.71
C ASP A 227 -46.51 -22.60 -24.62
N LEU A 228 -45.76 -21.98 -23.71
CA LEU A 228 -44.37 -22.31 -23.45
C LEU A 228 -44.26 -23.03 -22.10
N PRO A 229 -44.02 -24.36 -22.08
CA PRO A 229 -43.99 -25.19 -20.90
C PRO A 229 -43.05 -24.62 -19.85
N SER A 230 -43.53 -24.57 -18.61
CA SER A 230 -42.73 -24.09 -17.49
C SER A 230 -41.74 -25.16 -17.06
N GLY A 231 -40.55 -24.72 -16.65
CA GLY A 231 -39.54 -25.66 -16.19
C GLY A 231 -38.19 -25.01 -15.99
N PHE A 232 -37.19 -25.84 -15.74
CA PHE A 232 -35.83 -25.38 -15.51
C PHE A 232 -34.86 -26.30 -16.21
N ASN A 233 -33.93 -25.74 -16.95
CA ASN A 233 -32.94 -26.50 -17.69
C ASN A 233 -31.70 -25.69 -17.95
N THR A 234 -30.54 -26.29 -17.73
CA THR A 234 -29.29 -25.61 -18.02
C THR A 234 -28.80 -25.97 -19.42
N LEU A 235 -28.57 -24.94 -20.24
CA LEU A 235 -28.11 -25.15 -21.61
C LEU A 235 -26.60 -25.34 -21.68
N LYS A 236 -26.16 -26.12 -22.66
CA LYS A 236 -24.74 -26.39 -22.87
C LYS A 236 -24.25 -25.59 -24.07
N PRO A 237 -22.98 -25.17 -24.09
CA PRO A 237 -22.35 -24.48 -25.18
C PRO A 237 -22.18 -25.43 -26.35
N ILE A 238 -22.30 -24.90 -27.57
CA ILE A 238 -22.06 -25.68 -28.76
C ILE A 238 -21.12 -24.99 -29.75
N PHE A 239 -21.23 -23.66 -29.86
CA PHE A 239 -20.35 -22.94 -30.77
C PHE A 239 -19.71 -21.71 -30.16
N LYS A 240 -18.52 -21.42 -30.65
CA LYS A 240 -17.79 -20.18 -30.37
C LYS A 240 -17.25 -19.67 -31.69
N LEU A 241 -18.04 -18.88 -32.39
CA LEU A 241 -17.75 -18.55 -33.78
C LEU A 241 -17.05 -17.21 -33.94
N PRO A 242 -15.83 -17.18 -34.51
CA PRO A 242 -15.01 -15.99 -34.76
C PRO A 242 -15.51 -15.29 -36.00
N LEU A 243 -16.76 -14.88 -35.97
CA LEU A 243 -17.41 -14.30 -37.13
C LEU A 243 -16.82 -12.95 -37.47
N GLY A 244 -16.58 -12.12 -36.44
CA GLY A 244 -16.04 -10.79 -36.68
C GLY A 244 -17.07 -9.87 -37.36
N ILE A 245 -18.35 -10.06 -37.04
CA ILE A 245 -19.39 -9.26 -37.68
C ILE A 245 -20.22 -8.51 -36.64
N ASN A 246 -20.97 -7.52 -37.12
CA ASN A 246 -21.84 -6.74 -36.25
C ASN A 246 -23.27 -7.25 -36.27
N ILE A 247 -23.67 -7.90 -35.19
CA ILE A 247 -25.02 -8.41 -35.07
C ILE A 247 -25.84 -7.49 -34.21
N THR A 248 -26.85 -6.87 -34.79
CA THR A 248 -27.69 -5.95 -34.07
C THR A 248 -29.12 -6.42 -34.11
N ASN A 249 -29.42 -7.30 -35.06
CA ASN A 249 -30.74 -7.86 -35.27
C ASN A 249 -30.62 -9.30 -35.75
N PHE A 250 -31.76 -9.96 -35.94
CA PHE A 250 -31.76 -11.29 -36.51
C PHE A 250 -33.10 -11.66 -37.13
N ARG A 251 -33.10 -12.71 -37.92
CA ARG A 251 -34.34 -13.25 -38.48
C ARG A 251 -34.37 -14.77 -38.33
N ALA A 252 -35.56 -15.32 -38.11
CA ALA A 252 -35.71 -16.76 -38.06
C ALA A 252 -35.84 -17.32 -39.47
N ILE A 253 -35.36 -18.54 -39.69
CA ILE A 253 -35.55 -19.21 -40.95
C ILE A 253 -36.60 -20.29 -40.82
N LEU A 254 -37.74 -20.05 -41.44
CA LEU A 254 -38.92 -20.89 -41.33
C LEU A 254 -39.03 -21.79 -42.54
N THR A 255 -39.91 -22.79 -42.45
CA THR A 255 -40.17 -23.68 -43.57
C THR A 255 -41.52 -23.38 -44.20
N ALA A 256 -41.53 -23.27 -45.51
CA ALA A 256 -42.75 -23.04 -46.27
C ALA A 256 -43.36 -24.36 -46.67
N PHE A 257 -44.69 -24.44 -46.60
CA PHE A 257 -45.40 -25.65 -46.98
C PHE A 257 -46.49 -25.34 -47.99
N ALA A 269 -45.72 -25.42 -35.97
CA ALA A 269 -44.61 -24.97 -35.13
C ALA A 269 -44.85 -23.58 -34.58
N ALA A 270 -44.09 -23.25 -33.55
CA ALA A 270 -44.17 -21.93 -32.92
C ALA A 270 -42.87 -21.64 -32.19
N TYR A 271 -42.62 -20.37 -31.90
CA TYR A 271 -41.40 -20.03 -31.17
C TYR A 271 -41.56 -18.78 -30.32
N PHE A 272 -40.58 -18.55 -29.48
CA PHE A 272 -40.63 -17.42 -28.56
C PHE A 272 -39.31 -16.67 -28.53
N VAL A 273 -39.36 -15.36 -28.30
CA VAL A 273 -38.13 -14.58 -28.18
C VAL A 273 -38.11 -13.70 -26.94
N GLY A 274 -37.02 -13.82 -26.18
CA GLY A 274 -36.79 -12.98 -25.01
C GLY A 274 -35.44 -12.30 -25.13
N TYR A 275 -35.10 -11.48 -24.14
CA TYR A 275 -33.83 -10.76 -24.14
C TYR A 275 -33.05 -11.03 -22.88
N LEU A 276 -31.73 -10.92 -22.97
CA LEU A 276 -30.88 -11.18 -21.82
C LEU A 276 -30.53 -9.91 -21.06
N LYS A 277 -30.35 -10.05 -19.75
CA LYS A 277 -29.98 -8.92 -18.91
C LYS A 277 -28.78 -9.29 -18.03
N PRO A 278 -27.89 -8.33 -17.74
CA PRO A 278 -26.69 -8.48 -16.93
C PRO A 278 -27.00 -8.51 -15.45
N THR A 279 -27.74 -9.52 -15.02
CA THR A 279 -28.12 -9.64 -13.62
C THR A 279 -27.34 -10.73 -12.91
N THR A 280 -27.64 -10.93 -11.63
CA THR A 280 -26.88 -11.88 -10.83
C THR A 280 -27.67 -13.12 -10.47
N PHE A 281 -27.02 -14.26 -10.67
CA PHE A 281 -27.58 -15.56 -10.34
C PHE A 281 -26.75 -16.33 -9.34
N MET A 282 -27.42 -17.08 -8.48
CA MET A 282 -26.76 -18.05 -7.63
C MET A 282 -27.02 -19.44 -8.18
N LEU A 283 -25.96 -20.13 -8.58
CA LEU A 283 -26.10 -21.43 -9.22
C LEU A 283 -25.68 -22.57 -8.31
N LYS A 284 -26.53 -23.59 -8.24
CA LYS A 284 -26.25 -24.73 -7.39
C LYS A 284 -25.70 -25.92 -8.17
N TYR A 285 -24.47 -26.31 -7.83
CA TYR A 285 -23.81 -27.45 -8.44
C TYR A 285 -23.88 -28.68 -7.54
N ASP A 286 -24.33 -29.79 -8.09
CA ASP A 286 -24.45 -31.02 -7.32
C ASP A 286 -23.14 -31.79 -7.29
N GLU A 287 -23.19 -33.02 -6.78
CA GLU A 287 -22.02 -33.87 -6.63
C GLU A 287 -21.38 -34.26 -7.96
N ASN A 288 -22.15 -34.18 -9.05
CA ASN A 288 -21.62 -34.53 -10.35
C ASN A 288 -21.16 -33.30 -11.11
N GLY A 289 -21.21 -32.16 -10.44
CA GLY A 289 -20.85 -30.90 -11.05
C GLY A 289 -21.91 -30.38 -12.01
N THR A 290 -23.16 -30.79 -11.80
CA THR A 290 -24.24 -30.37 -12.66
C THR A 290 -25.04 -29.26 -12.00
N ILE A 291 -25.42 -28.25 -12.78
CA ILE A 291 -26.26 -27.21 -12.23
C ILE A 291 -27.68 -27.73 -12.15
N THR A 292 -28.20 -27.79 -10.93
CA THR A 292 -29.52 -28.37 -10.73
C THR A 292 -30.54 -27.34 -10.31
N ASP A 293 -30.07 -26.21 -9.81
CA ASP A 293 -31.01 -25.16 -9.39
C ASP A 293 -30.40 -23.78 -9.57
N ALA A 294 -31.19 -22.74 -9.27
CA ALA A 294 -30.71 -21.36 -9.40
C ALA A 294 -31.61 -20.35 -8.70
N VAL A 295 -31.01 -19.24 -8.26
CA VAL A 295 -31.78 -18.13 -7.69
C VAL A 295 -31.52 -16.82 -8.43
N ASP A 296 -32.60 -16.14 -8.80
CA ASP A 296 -32.52 -14.82 -9.42
C ASP A 296 -32.46 -13.77 -8.31
N CYS A 297 -31.29 -13.22 -8.12
CA CYS A 297 -31.00 -12.41 -6.93
C CYS A 297 -31.69 -11.05 -6.96
N SER A 298 -32.39 -10.74 -8.06
CA SER A 298 -33.07 -9.45 -8.16
C SER A 298 -34.58 -9.59 -8.36
N GLN A 299 -35.10 -10.79 -8.14
CA GLN A 299 -36.52 -11.05 -8.33
C GLN A 299 -37.40 -10.43 -7.24
N ASN A 300 -37.04 -10.66 -5.97
CA ASN A 300 -37.83 -10.17 -4.85
C ASN A 300 -36.96 -10.12 -3.57
N PRO A 301 -37.42 -9.48 -2.48
CA PRO A 301 -36.75 -9.37 -1.20
C PRO A 301 -36.32 -10.71 -0.60
N LEU A 302 -37.10 -11.76 -0.84
CA LEU A 302 -36.76 -13.05 -0.25
C LEU A 302 -35.55 -13.63 -0.97
N ALA A 303 -35.58 -13.54 -2.29
CA ALA A 303 -34.49 -14.01 -3.12
C ALA A 303 -33.22 -13.26 -2.77
N GLU A 304 -33.35 -11.95 -2.51
CA GLU A 304 -32.18 -11.15 -2.19
C GLU A 304 -31.48 -11.73 -0.99
N LEU A 305 -32.25 -12.05 0.06
CA LEU A 305 -31.66 -12.62 1.25
C LEU A 305 -30.99 -13.96 0.96
N LYS A 306 -31.64 -14.82 0.19
CA LYS A 306 -31.04 -16.12 -0.12
C LYS A 306 -29.66 -15.94 -0.75
N CYS A 307 -29.56 -15.03 -1.71
CA CYS A 307 -28.27 -14.78 -2.34
C CYS A 307 -27.30 -14.16 -1.35
N SER A 308 -27.79 -13.24 -0.52
CA SER A 308 -26.97 -12.53 0.44
C SER A 308 -26.22 -13.46 1.38
N VAL A 309 -26.90 -14.51 1.83
CA VAL A 309 -26.29 -15.44 2.77
C VAL A 309 -25.78 -16.70 2.08
N LYS A 310 -25.77 -16.68 0.75
CA LYS A 310 -25.30 -17.81 -0.04
C LYS A 310 -25.97 -19.12 0.35
N SER A 311 -27.29 -19.14 0.40
CA SER A 311 -27.97 -20.38 0.72
C SER A 311 -29.37 -20.44 0.16
N PHE A 312 -29.78 -21.64 -0.21
CA PHE A 312 -31.13 -21.88 -0.70
C PHE A 312 -32.12 -22.08 0.44
N GLU A 313 -31.62 -22.09 1.68
CA GLU A 313 -32.45 -22.31 2.84
C GLU A 313 -32.24 -21.21 3.89
N ILE A 314 -33.33 -20.78 4.51
CA ILE A 314 -33.27 -19.80 5.58
C ILE A 314 -34.01 -20.34 6.80
N ASP A 315 -33.36 -20.27 7.96
CA ASP A 315 -33.95 -20.85 9.16
C ASP A 315 -35.02 -19.96 9.79
N LYS A 316 -34.66 -18.72 10.15
CA LYS A 316 -35.62 -17.77 10.73
C LYS A 316 -34.96 -16.44 11.10
N GLY A 317 -35.77 -15.37 11.16
CA GLY A 317 -35.31 -14.14 11.81
C GLY A 317 -35.23 -12.95 10.87
N ILE A 318 -34.59 -11.89 11.36
CA ILE A 318 -34.48 -10.65 10.61
C ILE A 318 -33.05 -10.44 10.14
N TYR A 319 -32.90 -10.14 8.86
CA TYR A 319 -31.57 -10.00 8.27
C TYR A 319 -31.43 -8.75 7.43
N GLN A 320 -30.29 -8.08 7.55
CA GLN A 320 -29.99 -6.95 6.68
C GLN A 320 -29.28 -7.44 5.44
N THR A 321 -29.73 -6.98 4.27
CA THR A 321 -29.15 -7.48 3.03
C THR A 321 -28.51 -6.39 2.17
N SER A 322 -28.98 -5.17 2.30
CA SER A 322 -28.48 -4.09 1.46
C SER A 322 -28.86 -2.74 2.01
N ASN A 323 -28.37 -1.69 1.37
CA ASN A 323 -28.85 -0.35 1.67
C ASN A 323 -29.77 0.12 0.56
N PHE A 324 -30.27 1.35 0.69
CA PHE A 324 -31.13 1.91 -0.33
C PHE A 324 -30.96 3.42 -0.40
N ARG A 325 -31.41 3.99 -1.51
CA ARG A 325 -31.42 5.44 -1.67
C ARG A 325 -32.47 5.92 -2.66
N VAL A 326 -32.85 7.18 -2.54
CA VAL A 326 -33.74 7.82 -3.48
C VAL A 326 -32.99 8.34 -4.71
N VAL A 327 -33.52 7.99 -5.88
CA VAL A 327 -32.95 8.39 -7.14
C VAL A 327 -33.43 9.80 -7.51
N PRO A 328 -32.51 10.71 -7.88
CA PRO A 328 -32.80 12.08 -8.25
C PRO A 328 -33.62 12.15 -9.51
N SER A 329 -34.45 13.17 -9.60
CA SER A 329 -35.32 13.38 -10.75
C SER A 329 -34.74 14.32 -11.78
N GLY A 330 -35.16 15.58 -11.74
CA GLY A 330 -34.77 16.56 -12.74
C GLY A 330 -33.41 17.21 -12.46
N ASP A 331 -33.07 18.19 -13.30
CA ASP A 331 -31.78 18.85 -13.23
C ASP A 331 -31.92 20.34 -12.95
N VAL A 332 -31.25 20.81 -11.92
CA VAL A 332 -31.26 22.22 -11.56
C VAL A 332 -29.91 22.86 -11.83
N VAL A 333 -29.85 23.68 -12.86
CA VAL A 333 -28.59 24.27 -13.28
C VAL A 333 -28.63 25.79 -13.23
N ARG A 334 -27.76 26.40 -12.43
CA ARG A 334 -27.85 27.85 -12.25
C ARG A 334 -26.51 28.55 -12.41
N PHE A 335 -26.48 29.52 -13.32
CA PHE A 335 -25.29 30.30 -13.62
C PHE A 335 -25.58 31.79 -13.40
N PRO A 336 -24.54 32.64 -13.33
CA PRO A 336 -24.62 34.08 -13.23
C PRO A 336 -25.38 34.69 -14.41
N ASN A 337 -25.82 35.93 -14.24
CA ASN A 337 -26.48 36.66 -15.30
C ASN A 337 -25.47 37.40 -16.15
N ILE A 338 -25.11 36.83 -17.30
CA ILE A 338 -24.11 37.47 -18.14
C ILE A 338 -24.07 36.94 -19.56
N THR A 339 -23.86 37.85 -20.51
CA THR A 339 -23.58 37.49 -21.89
C THR A 339 -22.48 38.40 -22.44
N ASN A 340 -21.34 37.80 -22.78
CA ASN A 340 -20.22 38.54 -23.36
C ASN A 340 -19.15 37.55 -23.81
N LEU A 341 -18.07 38.05 -24.37
CA LEU A 341 -16.94 37.21 -24.77
C LEU A 341 -15.60 37.85 -24.42
N CYS A 342 -14.76 37.11 -23.70
CA CYS A 342 -13.46 37.61 -23.33
C CYS A 342 -12.53 37.71 -24.53
N PRO A 343 -11.80 38.82 -24.68
CA PRO A 343 -10.93 39.16 -25.79
C PRO A 343 -9.61 38.39 -25.75
N PHE A 344 -9.69 37.08 -25.89
CA PHE A 344 -8.47 36.26 -25.88
C PHE A 344 -7.62 36.54 -27.11
N GLY A 345 -8.23 37.16 -28.11
CA GLY A 345 -7.51 37.56 -29.30
C GLY A 345 -6.37 38.52 -28.94
N GLU A 346 -6.58 39.31 -27.89
CA GLU A 346 -5.59 40.30 -27.46
C GLU A 346 -4.54 39.68 -26.55
N VAL A 347 -4.68 38.38 -26.32
CA VAL A 347 -3.76 37.66 -25.48
C VAL A 347 -2.82 36.83 -26.33
N PHE A 348 -3.39 36.08 -27.25
CA PHE A 348 -2.61 35.16 -28.08
C PHE A 348 -2.26 35.74 -29.42
N ASN A 349 -3.05 36.71 -29.88
CA ASN A 349 -2.78 37.36 -31.18
C ASN A 349 -2.35 38.81 -30.99
N ALA A 350 -1.78 39.09 -29.82
CA ALA A 350 -1.25 40.41 -29.57
C ALA A 350 -0.04 40.67 -30.46
N THR A 351 0.12 41.90 -30.95
CA THR A 351 1.26 42.19 -31.81
C THR A 351 2.57 42.09 -31.05
N LYS A 352 2.61 42.63 -29.84
CA LYS A 352 3.85 42.67 -29.08
C LYS A 352 3.74 41.94 -27.75
N PHE A 353 4.80 41.21 -27.43
CA PHE A 353 4.97 40.57 -26.14
C PHE A 353 6.15 41.21 -25.43
N PRO A 354 6.13 41.27 -24.10
CA PRO A 354 7.18 41.76 -23.23
C PRO A 354 8.29 40.73 -23.02
N SER A 355 9.42 41.19 -22.50
CA SER A 355 10.48 40.31 -22.08
C SER A 355 10.13 39.57 -20.81
N VAL A 356 10.78 38.45 -20.56
CA VAL A 356 10.48 37.66 -19.38
C VAL A 356 10.89 38.35 -18.08
N TYR A 357 12.00 39.08 -18.08
CA TYR A 357 12.42 39.73 -16.84
C TYR A 357 11.38 40.75 -16.43
N ALA A 358 10.63 41.23 -17.42
CA ALA A 358 9.59 42.21 -17.20
C ALA A 358 8.27 41.70 -17.71
N TRP A 359 7.97 40.46 -17.38
CA TRP A 359 6.71 39.85 -17.79
C TRP A 359 5.54 40.72 -17.36
N GLU A 360 4.47 40.71 -18.16
CA GLU A 360 3.30 41.53 -17.87
C GLU A 360 2.07 40.69 -17.60
N ARG A 361 1.11 41.29 -16.90
CA ARG A 361 -0.14 40.60 -16.58
C ARG A 361 -1.35 41.45 -16.89
N LYS A 362 -2.42 40.80 -17.35
CA LYS A 362 -3.70 41.48 -17.51
C LYS A 362 -4.81 40.69 -16.86
N LYS A 363 -5.86 41.39 -16.45
CA LYS A 363 -7.02 40.75 -15.86
C LYS A 363 -8.13 40.56 -16.89
N ILE A 364 -8.64 39.36 -16.94
CA ILE A 364 -9.71 38.97 -17.84
C ILE A 364 -10.97 38.67 -17.03
N SER A 365 -12.08 39.32 -17.38
CA SER A 365 -13.30 39.13 -16.60
C SER A 365 -14.56 39.47 -17.38
N ASN A 366 -15.70 39.12 -16.78
CA ASN A 366 -17.02 39.46 -17.30
C ASN A 366 -17.31 38.92 -18.69
N CYS A 367 -17.40 37.59 -18.80
CA CYS A 367 -17.72 37.01 -20.09
C CYS A 367 -18.10 35.55 -20.00
N VAL A 368 -18.49 35.01 -21.14
CA VAL A 368 -18.63 33.59 -21.27
C VAL A 368 -17.50 33.10 -22.16
N ALA A 369 -16.65 32.25 -21.60
CA ALA A 369 -15.44 31.85 -22.29
C ALA A 369 -15.50 30.43 -22.79
N ASP A 370 -15.20 30.25 -24.06
CA ASP A 370 -15.11 28.93 -24.67
C ASP A 370 -13.64 28.52 -24.70
N TYR A 371 -13.30 27.55 -23.89
CA TYR A 371 -11.90 27.18 -23.73
C TYR A 371 -11.48 26.07 -24.68
N SER A 372 -12.41 25.60 -25.51
CA SER A 372 -12.07 24.54 -26.45
C SER A 372 -11.36 25.13 -27.65
N VAL A 373 -11.54 26.42 -27.85
CA VAL A 373 -11.01 27.11 -29.02
C VAL A 373 -9.51 26.97 -29.12
N LEU A 374 -8.83 27.07 -28.00
CA LEU A 374 -7.38 27.00 -27.96
C LEU A 374 -6.89 25.67 -27.43
N TYR A 375 -7.81 24.71 -27.32
CA TYR A 375 -7.49 23.40 -26.76
C TYR A 375 -7.71 22.26 -27.73
N ASN A 376 -8.86 22.24 -28.40
CA ASN A 376 -9.18 21.13 -29.28
C ASN A 376 -8.70 21.41 -30.71
N SER A 377 -7.97 22.51 -30.86
CA SER A 377 -7.35 22.89 -32.11
C SER A 377 -5.95 23.39 -31.82
N THR A 378 -4.96 22.60 -32.17
CA THR A 378 -3.59 22.93 -31.78
C THR A 378 -3.10 24.22 -32.41
N PHE A 379 -2.67 25.14 -31.56
CA PHE A 379 -2.07 26.41 -31.97
C PHE A 379 -0.81 26.61 -31.16
N PHE A 380 -0.41 25.55 -30.47
CA PHE A 380 0.71 25.64 -29.55
C PHE A 380 1.67 24.49 -29.71
N SER A 381 2.92 24.73 -29.34
CA SER A 381 3.90 23.67 -29.26
C SER A 381 3.87 23.09 -27.85
N THR A 382 3.52 23.94 -26.89
CA THR A 382 3.41 23.54 -25.50
C THR A 382 2.00 23.77 -24.99
N PHE A 383 1.40 22.74 -24.42
CA PHE A 383 0.08 22.84 -23.83
C PHE A 383 0.00 22.02 -22.57
N LYS A 384 0.12 22.66 -21.41
CA LYS A 384 0.07 21.94 -20.15
C LYS A 384 -0.83 22.63 -19.14
N CYS A 385 -1.87 21.91 -18.70
CA CYS A 385 -2.80 22.46 -17.73
C CYS A 385 -2.78 21.62 -16.46
N TYR A 386 -3.11 22.25 -15.33
CA TYR A 386 -3.07 21.55 -14.06
C TYR A 386 -4.34 21.75 -13.26
N GLY A 387 -4.62 20.81 -12.34
CA GLY A 387 -5.78 20.93 -11.45
C GLY A 387 -7.08 20.54 -12.14
N VAL A 388 -7.37 21.22 -13.23
CA VAL A 388 -8.56 21.00 -14.01
C VAL A 388 -8.21 20.61 -15.45
N SER A 389 -8.87 19.58 -15.94
CA SER A 389 -8.68 19.15 -17.32
C SER A 389 -8.99 20.30 -18.25
N ALA A 390 -8.18 20.49 -19.28
CA ALA A 390 -8.45 21.58 -20.20
C ALA A 390 -9.83 21.44 -20.80
N THR A 391 -10.23 20.21 -21.07
CA THR A 391 -11.56 19.94 -21.62
C THR A 391 -12.62 20.51 -20.70
N LYS A 392 -12.43 20.28 -19.41
CA LYS A 392 -13.43 20.60 -18.42
C LYS A 392 -13.43 22.06 -18.01
N LEU A 393 -12.58 22.87 -18.61
CA LEU A 393 -12.62 24.28 -18.26
C LEU A 393 -13.97 24.87 -18.60
N ASN A 394 -14.63 24.30 -19.61
CA ASN A 394 -15.92 24.80 -20.04
C ASN A 394 -17.02 24.51 -19.02
N ASP A 395 -16.73 23.67 -18.04
CA ASP A 395 -17.70 23.30 -17.03
C ASP A 395 -17.49 24.06 -15.73
N LEU A 396 -16.51 24.95 -15.70
CA LEU A 396 -16.19 25.66 -14.46
C LEU A 396 -16.42 27.15 -14.54
N CYS A 397 -16.81 27.72 -13.42
CA CYS A 397 -16.90 29.17 -13.28
C CYS A 397 -15.77 29.70 -12.41
N PHE A 398 -15.31 30.91 -12.72
CA PHE A 398 -14.23 31.55 -11.98
C PHE A 398 -14.58 32.98 -11.62
N SER A 399 -13.99 33.47 -10.53
CA SER A 399 -14.23 34.83 -10.04
C SER A 399 -13.40 35.84 -10.83
N ASN A 400 -12.43 35.32 -11.56
CA ASN A 400 -11.51 36.09 -12.37
C ASN A 400 -10.58 35.18 -13.12
N VAL A 401 -10.04 35.69 -14.21
CA VAL A 401 -9.00 35.00 -14.93
C VAL A 401 -7.84 35.93 -15.17
N TYR A 402 -6.64 35.48 -14.85
CA TYR A 402 -5.47 36.30 -15.09
C TYR A 402 -4.59 35.67 -16.13
N ALA A 403 -3.86 36.47 -16.87
CA ALA A 403 -2.94 35.93 -17.84
C ALA A 403 -1.62 36.67 -17.86
N ASP A 404 -0.54 35.91 -17.74
CA ASP A 404 0.80 36.45 -17.82
C ASP A 404 1.35 36.21 -19.22
N SER A 405 2.10 37.17 -19.73
CA SER A 405 2.63 37.07 -21.08
C SER A 405 4.09 37.50 -21.17
N PHE A 406 4.87 36.73 -21.92
CA PHE A 406 6.30 37.05 -22.14
C PHE A 406 6.95 36.20 -23.25
N VAL A 407 8.14 36.61 -23.68
CA VAL A 407 8.94 35.83 -24.65
C VAL A 407 10.21 35.24 -24.04
N VAL A 408 10.42 33.95 -24.28
CA VAL A 408 11.63 33.26 -23.83
C VAL A 408 12.25 32.41 -24.93
N LYS A 409 13.47 31.97 -24.68
CA LYS A 409 14.15 30.99 -25.52
C LYS A 409 13.44 29.65 -25.44
N GLY A 410 13.31 28.96 -26.58
CA GLY A 410 12.65 27.66 -26.64
C GLY A 410 13.05 26.71 -25.53
N ASP A 411 14.34 26.49 -25.34
CA ASP A 411 14.79 25.57 -24.29
C ASP A 411 14.37 25.99 -22.89
N ASP A 412 14.08 27.28 -22.70
CA ASP A 412 13.70 27.79 -21.39
C ASP A 412 12.19 27.69 -21.15
N VAL A 413 11.44 27.29 -22.17
CA VAL A 413 10.00 27.19 -22.04
C VAL A 413 9.66 26.17 -20.97
N ARG A 414 10.45 25.11 -20.92
CA ARG A 414 10.28 24.03 -19.97
C ARG A 414 10.38 24.49 -18.52
N GLN A 415 10.91 25.68 -18.28
CA GLN A 415 11.09 26.16 -16.92
C GLN A 415 9.83 26.83 -16.41
N ILE A 416 8.85 27.03 -17.27
CA ILE A 416 7.62 27.66 -16.81
C ILE A 416 6.68 26.58 -16.29
N ALA A 417 6.97 26.15 -15.08
CA ALA A 417 6.23 25.14 -14.38
C ALA A 417 6.59 25.23 -12.90
N PRO A 418 5.76 24.74 -11.99
CA PRO A 418 6.06 24.60 -10.58
C PRO A 418 7.17 23.59 -10.36
N GLY A 419 8.00 23.84 -9.35
CA GLY A 419 9.06 22.91 -8.96
C GLY A 419 10.25 22.93 -9.93
N GLN A 420 10.49 24.06 -10.57
CA GLN A 420 11.58 24.17 -11.53
C GLN A 420 12.69 25.06 -11.06
N THR A 421 13.88 24.88 -11.63
CA THR A 421 15.05 25.71 -11.33
C THR A 421 15.69 26.18 -12.61
N GLY A 422 16.45 27.27 -12.54
CA GLY A 422 17.13 27.78 -13.72
C GLY A 422 17.04 29.28 -13.80
N VAL A 423 17.57 29.84 -14.88
CA VAL A 423 17.64 31.29 -14.97
C VAL A 423 16.27 31.92 -14.90
N ILE A 424 15.32 31.38 -15.63
CA ILE A 424 13.99 31.93 -15.64
C ILE A 424 13.30 31.64 -14.31
N ALA A 425 13.30 30.37 -13.95
CA ALA A 425 12.61 29.92 -12.75
C ALA A 425 13.06 30.64 -11.51
N ASP A 426 14.35 30.95 -11.40
CA ASP A 426 14.90 31.55 -10.22
C ASP A 426 14.92 33.08 -10.23
N TYR A 427 15.21 33.70 -11.38
CA TYR A 427 15.39 35.14 -11.40
C TYR A 427 14.44 35.95 -12.29
N ASN A 428 13.59 35.30 -13.09
CA ASN A 428 12.73 36.06 -13.97
C ASN A 428 11.26 35.86 -13.71
N TYR A 429 10.84 34.61 -13.61
CA TYR A 429 9.45 34.29 -13.44
C TYR A 429 9.25 33.03 -12.62
N LYS A 430 8.75 33.21 -11.41
CA LYS A 430 8.58 32.10 -10.50
C LYS A 430 7.13 31.77 -10.26
N LEU A 431 6.83 30.49 -10.26
CA LEU A 431 5.52 30.00 -9.96
C LEU A 431 5.48 29.39 -8.57
N PRO A 432 4.37 29.53 -7.84
CA PRO A 432 4.11 29.02 -6.52
C PRO A 432 3.90 27.53 -6.57
N ASP A 433 4.01 26.88 -5.42
CA ASP A 433 3.70 25.47 -5.38
C ASP A 433 2.20 25.28 -5.32
N ASP A 434 1.60 25.24 -6.50
CA ASP A 434 0.15 25.13 -6.65
C ASP A 434 -0.16 24.76 -8.09
N PHE A 435 -1.44 24.58 -8.40
CA PHE A 435 -1.81 24.33 -9.77
C PHE A 435 -1.71 25.60 -10.57
N MET A 436 -1.43 25.45 -11.84
CA MET A 436 -1.53 26.57 -12.75
C MET A 436 -2.58 26.25 -13.77
N GLY A 437 -3.36 27.24 -14.15
CA GLY A 437 -4.41 26.99 -15.10
C GLY A 437 -3.86 26.30 -16.33
N CYS A 438 -3.10 27.03 -17.12
CA CYS A 438 -2.50 26.48 -18.33
C CYS A 438 -1.26 27.23 -18.79
N VAL A 439 -0.23 26.48 -19.12
CA VAL A 439 0.97 27.05 -19.72
C VAL A 439 0.97 26.79 -21.21
N LEU A 440 0.85 27.84 -21.98
CA LEU A 440 0.71 27.73 -23.42
C LEU A 440 1.82 28.47 -24.14
N ALA A 441 2.44 27.84 -25.14
CA ALA A 441 3.49 28.52 -25.87
C ALA A 441 3.60 28.07 -27.32
N TRP A 442 4.09 28.96 -28.17
CA TRP A 442 4.28 28.63 -29.58
C TRP A 442 5.52 29.28 -30.18
N ASN A 443 6.03 28.67 -31.25
CA ASN A 443 7.21 29.15 -31.95
C ASN A 443 6.96 30.42 -32.74
N THR A 444 7.88 31.38 -32.62
CA THR A 444 7.79 32.66 -33.31
C THR A 444 9.02 32.98 -34.16
N ARG A 445 9.65 31.94 -34.69
CA ARG A 445 10.83 32.15 -35.54
C ARG A 445 10.54 33.08 -36.70
N ASN A 446 9.35 32.96 -37.27
CA ASN A 446 9.01 33.77 -38.44
C ASN A 446 8.34 35.08 -38.05
N ILE A 447 8.30 35.37 -36.76
CA ILE A 447 7.64 36.58 -36.27
C ILE A 447 8.63 37.48 -35.53
N ASP A 448 9.26 36.93 -34.49
CA ASP A 448 10.15 37.73 -33.65
C ASP A 448 11.60 37.61 -34.08
N ALA A 449 12.03 36.41 -34.47
CA ALA A 449 13.44 36.23 -34.83
C ALA A 449 13.76 37.00 -36.10
N THR A 450 15.01 37.47 -36.21
CA THR A 450 15.46 38.15 -37.41
C THR A 450 16.78 37.58 -37.90
N SER A 451 17.08 37.79 -39.18
CA SER A 451 18.31 37.25 -39.77
C SER A 451 19.56 37.84 -39.15
N THR A 452 19.45 39.04 -38.60
CA THR A 452 20.58 39.71 -37.98
C THR A 452 20.61 39.50 -36.48
N GLY A 453 19.62 38.76 -35.98
CA GLY A 453 19.47 38.53 -34.55
C GLY A 453 18.57 39.58 -33.93
N ASN A 454 17.48 39.13 -33.34
CA ASN A 454 16.59 40.02 -32.62
C ASN A 454 17.00 40.09 -31.17
N TYR A 455 17.56 41.22 -30.78
CA TYR A 455 18.07 41.41 -29.43
C TYR A 455 17.18 42.36 -28.64
N ASN A 456 15.89 42.36 -28.94
CA ASN A 456 14.96 43.25 -28.27
C ASN A 456 14.27 42.58 -27.08
N TYR A 457 14.76 41.41 -26.69
CA TYR A 457 14.21 40.69 -25.55
C TYR A 457 15.30 40.42 -24.51
N LYS A 458 14.96 40.63 -23.23
CA LYS A 458 15.95 40.49 -22.16
C LYS A 458 15.53 39.53 -21.04
N TYR A 459 16.53 39.02 -20.33
CA TYR A 459 16.30 38.18 -19.17
C TYR A 459 17.28 38.53 -18.06
N ARG A 460 16.91 38.22 -16.83
CA ARG A 460 17.74 38.45 -15.67
C ARG A 460 18.48 37.19 -15.27
N TYR A 461 19.73 37.35 -14.84
CA TYR A 461 20.48 36.20 -14.37
C TYR A 461 21.24 36.47 -13.06
N LEU A 462 21.36 37.74 -12.66
CA LEU A 462 22.04 38.06 -11.40
C LEU A 462 21.12 38.74 -10.41
N ARG A 463 21.11 38.27 -9.17
CA ARG A 463 20.35 38.93 -8.13
C ARG A 463 20.76 38.43 -6.75
N HIS A 464 20.67 39.32 -5.77
CA HIS A 464 20.98 38.95 -4.39
C HIS A 464 19.84 38.16 -3.78
N GLY A 465 19.67 36.95 -4.27
CA GLY A 465 18.59 36.07 -3.82
C GLY A 465 17.56 35.86 -4.92
N LYS A 466 16.77 34.81 -4.78
CA LYS A 466 15.76 34.47 -5.77
C LYS A 466 14.51 35.30 -5.57
N LEU A 467 13.68 35.35 -6.59
CA LEU A 467 12.40 36.08 -6.53
C LEU A 467 11.31 35.25 -5.89
N ARG A 468 10.29 35.94 -5.38
CA ARG A 468 9.09 35.29 -4.88
C ARG A 468 8.18 34.96 -6.07
N PRO A 469 7.19 34.05 -5.90
CA PRO A 469 6.17 33.75 -6.87
C PRO A 469 5.44 35.01 -7.30
N PHE A 470 5.21 35.11 -8.61
CA PHE A 470 4.54 36.25 -9.20
C PHE A 470 5.12 37.58 -8.75
N GLU A 471 6.43 37.75 -8.95
CA GLU A 471 7.09 39.01 -8.63
C GLU A 471 7.67 39.66 -9.88
N ARG A 472 7.32 40.92 -10.11
CA ARG A 472 7.82 41.67 -11.26
C ARG A 472 9.03 42.53 -10.93
N ASP A 473 10.18 41.91 -10.71
CA ASP A 473 11.38 42.71 -10.42
C ASP A 473 11.96 43.22 -11.72
N ILE A 474 11.74 44.50 -11.97
CA ILE A 474 12.15 45.13 -13.21
C ILE A 474 13.15 46.24 -12.97
N SER A 475 13.85 46.14 -11.85
CA SER A 475 14.89 47.11 -11.56
C SER A 475 16.08 46.84 -12.47
N ASN A 476 16.95 47.85 -12.63
CA ASN A 476 18.13 47.66 -13.46
C ASN A 476 19.27 48.57 -13.04
N VAL A 477 20.06 48.10 -12.11
CA VAL A 477 21.20 48.83 -11.61
C VAL A 477 22.40 47.90 -11.69
N PRO A 478 23.63 48.41 -11.62
CA PRO A 478 24.84 47.63 -11.55
C PRO A 478 24.77 46.64 -10.40
N PHE A 479 25.14 45.41 -10.67
CA PHE A 479 25.16 44.33 -9.72
C PHE A 479 26.52 44.20 -9.08
N SER A 480 26.53 43.90 -7.79
CA SER A 480 27.78 43.68 -7.08
C SER A 480 27.66 42.42 -6.23
N PRO A 481 28.62 41.50 -6.32
CA PRO A 481 28.62 40.17 -5.75
C PRO A 481 28.46 40.17 -4.23
N ASP A 482 28.81 41.27 -3.57
CA ASP A 482 28.65 41.32 -2.14
C ASP A 482 27.88 42.55 -1.66
N GLY A 483 26.88 42.96 -2.45
CA GLY A 483 25.90 43.94 -2.02
C GLY A 483 26.37 45.40 -2.04
N LYS A 484 27.60 45.62 -2.47
CA LYS A 484 28.16 46.96 -2.47
C LYS A 484 27.69 47.75 -3.69
N PRO A 485 27.70 49.09 -3.62
CA PRO A 485 27.50 49.97 -4.74
C PRO A 485 28.65 49.78 -5.71
N CYS A 486 28.38 49.94 -6.99
CA CYS A 486 29.42 49.75 -8.00
C CYS A 486 29.12 50.59 -9.23
N THR A 487 30.16 51.07 -9.89
CA THR A 487 29.97 51.84 -11.11
C THR A 487 30.73 51.20 -12.27
N PRO A 488 30.03 50.71 -13.29
CA PRO A 488 30.60 50.00 -14.41
C PRO A 488 31.40 50.96 -15.27
N PRO A 489 32.41 50.44 -15.97
CA PRO A 489 32.91 49.08 -15.97
C PRO A 489 33.99 48.83 -14.91
N ALA A 490 33.81 49.33 -13.70
CA ALA A 490 34.77 49.07 -12.64
C ALA A 490 34.78 47.58 -12.31
N LEU A 491 35.84 47.15 -11.65
CA LEU A 491 36.00 45.75 -11.34
C LEU A 491 34.82 45.21 -10.54
N ASN A 492 34.28 44.08 -11.01
CA ASN A 492 33.17 43.37 -10.39
C ASN A 492 31.81 44.08 -10.52
N CYS A 493 31.71 45.04 -11.45
CA CYS A 493 30.40 45.60 -11.76
C CYS A 493 29.76 44.80 -12.89
N TYR A 494 28.55 44.30 -12.66
CA TYR A 494 27.89 43.50 -13.70
C TYR A 494 26.48 43.98 -13.95
N TRP A 495 26.00 43.84 -15.18
CA TRP A 495 24.59 44.09 -15.41
C TRP A 495 23.83 42.78 -15.24
N PRO A 496 22.75 42.76 -14.44
CA PRO A 496 21.95 41.60 -14.10
C PRO A 496 21.14 41.08 -15.25
N LEU A 497 20.98 41.90 -16.30
CA LEU A 497 20.19 41.52 -17.46
C LEU A 497 21.08 41.14 -18.64
N ASN A 498 20.55 40.33 -19.53
CA ASN A 498 21.22 39.97 -20.77
C ASN A 498 20.21 39.78 -21.90
N ASP A 499 20.69 39.89 -23.13
CA ASP A 499 19.82 39.84 -24.31
C ASP A 499 19.70 38.44 -24.89
N TYR A 500 18.60 38.19 -25.59
CA TYR A 500 18.44 36.97 -26.37
C TYR A 500 18.74 37.19 -27.84
N GLY A 501 19.76 36.52 -28.35
CA GLY A 501 20.10 36.64 -29.77
C GLY A 501 19.24 35.73 -30.64
N PHE A 502 18.01 36.14 -30.91
CA PHE A 502 17.10 35.28 -31.66
C PHE A 502 17.27 35.37 -33.18
N TYR A 503 17.71 34.28 -33.78
CA TYR A 503 17.95 34.21 -35.22
C TYR A 503 16.96 33.31 -35.92
N THR A 504 16.77 33.55 -37.22
CA THR A 504 15.86 32.75 -38.04
C THR A 504 16.58 31.56 -38.64
N THR A 505 17.86 31.43 -38.32
CA THR A 505 18.73 30.42 -38.88
C THR A 505 19.37 29.52 -37.83
N THR A 506 18.81 29.49 -36.62
CA THR A 506 19.40 28.69 -35.55
C THR A 506 18.56 27.48 -35.17
N GLY A 507 19.04 26.74 -34.16
CA GLY A 507 18.38 25.51 -33.71
C GLY A 507 17.07 25.82 -32.99
N ILE A 508 16.19 24.83 -32.93
CA ILE A 508 14.88 25.04 -32.32
C ILE A 508 14.97 25.52 -30.89
N GLY A 509 15.88 24.92 -30.13
CA GLY A 509 16.04 25.27 -28.73
C GLY A 509 16.45 26.73 -28.53
N TYR A 510 16.95 27.36 -29.59
CA TYR A 510 17.42 28.73 -29.52
C TYR A 510 16.50 29.69 -30.23
N GLN A 511 15.37 29.20 -30.70
CA GLN A 511 14.37 30.03 -31.34
C GLN A 511 13.49 30.62 -30.25
N PRO A 512 12.90 31.80 -30.50
CA PRO A 512 11.98 32.47 -29.59
C PRO A 512 10.64 31.78 -29.54
N TYR A 513 10.04 31.80 -28.35
CA TYR A 513 8.68 31.34 -28.14
C TYR A 513 7.87 32.36 -27.35
N ARG A 514 6.61 32.50 -27.73
CA ARG A 514 5.70 33.35 -26.98
C ARG A 514 4.94 32.52 -25.98
N VAL A 515 4.99 32.95 -24.73
CA VAL A 515 4.41 32.19 -23.65
C VAL A 515 3.27 32.94 -22.98
N VAL A 516 2.15 32.26 -22.82
CA VAL A 516 1.01 32.78 -22.10
C VAL A 516 0.67 31.84 -20.96
N VAL A 517 0.59 32.37 -19.76
CA VAL A 517 0.27 31.54 -18.62
C VAL A 517 -1.06 31.96 -18.01
N LEU A 518 -2.00 31.05 -18.02
CA LEU A 518 -3.33 31.34 -17.50
C LEU A 518 -3.44 30.90 -16.05
N SER A 519 -4.06 31.74 -15.24
CA SER A 519 -4.25 31.47 -13.83
C SER A 519 -5.67 31.82 -13.41
N PHE A 520 -6.29 30.90 -12.71
CA PHE A 520 -7.68 31.09 -12.35
C PHE A 520 -7.88 31.38 -10.88
N GLU A 521 -8.83 32.24 -10.58
CA GLU A 521 -9.20 32.50 -9.20
C GLU A 521 -10.39 31.57 -8.86
N LEU A 522 -10.14 30.59 -8.01
CA LEU A 522 -11.08 29.51 -7.83
C LEU A 522 -12.29 29.83 -6.94
N LEU A 523 -13.22 30.58 -7.48
CA LEU A 523 -14.56 30.80 -6.91
C LEU A 523 -14.58 31.44 -5.52
N ASN A 524 -13.74 32.43 -5.27
CA ASN A 524 -13.84 33.16 -4.00
C ASN A 524 -14.99 34.16 -4.06
N ALA A 525 -14.79 35.19 -4.88
CA ALA A 525 -15.81 36.16 -5.19
C ALA A 525 -16.78 35.54 -6.18
N PRO A 526 -17.99 36.08 -6.33
CA PRO A 526 -18.98 35.66 -7.30
C PRO A 526 -18.38 35.59 -8.70
N ALA A 527 -18.70 34.52 -9.43
CA ALA A 527 -18.11 34.28 -10.73
C ALA A 527 -18.29 35.45 -11.69
N THR A 528 -17.27 35.69 -12.49
CA THR A 528 -17.35 36.72 -13.53
C THR A 528 -17.18 36.06 -14.89
N VAL A 529 -16.60 34.87 -14.90
CA VAL A 529 -16.40 34.11 -16.12
C VAL A 529 -16.90 32.69 -15.97
N CYS A 530 -17.70 32.26 -16.93
CA CYS A 530 -18.20 30.89 -16.97
C CYS A 530 -18.11 30.34 -18.37
N GLY A 531 -18.31 29.03 -18.51
CA GLY A 531 -18.29 28.41 -19.82
C GLY A 531 -19.63 28.59 -20.52
N PRO A 532 -19.76 28.05 -21.74
CA PRO A 532 -20.91 28.13 -22.62
C PRO A 532 -22.01 27.18 -22.19
N LYS A 533 -22.62 27.47 -21.06
CA LYS A 533 -23.65 26.59 -20.50
C LYS A 533 -25.00 27.28 -20.40
N LEU A 534 -26.06 26.46 -20.38
CA LEU A 534 -27.41 26.97 -20.24
C LEU A 534 -27.89 26.79 -18.81
N SER A 535 -28.79 27.67 -18.39
CA SER A 535 -29.40 27.57 -17.07
C SER A 535 -30.82 27.03 -17.14
N THR A 536 -31.33 26.58 -16.00
CA THR A 536 -32.70 26.11 -15.86
C THR A 536 -33.38 26.81 -14.71
N ASP A 537 -34.64 26.47 -14.49
CA ASP A 537 -35.37 26.96 -13.33
C ASP A 537 -35.01 26.11 -12.13
N LEU A 538 -35.58 26.43 -10.98
CA LEU A 538 -35.34 25.66 -9.77
C LEU A 538 -36.38 24.58 -9.60
N ILE A 539 -35.95 23.44 -9.11
CA ILE A 539 -36.83 22.34 -8.77
C ILE A 539 -36.72 22.08 -7.29
N LYS A 540 -37.79 22.28 -6.56
CA LYS A 540 -37.72 22.27 -5.11
C LYS A 540 -38.45 21.10 -4.46
N ASN A 541 -38.06 20.81 -3.22
CA ASN A 541 -38.71 19.82 -2.36
C ASN A 541 -38.74 18.42 -2.96
N GLN A 542 -37.65 18.04 -3.60
CA GLN A 542 -37.49 16.70 -4.17
C GLN A 542 -36.03 16.47 -4.51
N CYS A 543 -35.64 15.18 -4.59
CA CYS A 543 -34.25 14.90 -5.01
C CYS A 543 -34.02 15.25 -6.45
N VAL A 544 -32.98 16.04 -6.67
CA VAL A 544 -32.57 16.48 -7.99
C VAL A 544 -31.07 16.38 -8.18
N ASN A 545 -30.65 16.50 -9.42
CA ASN A 545 -29.24 16.68 -9.72
C ASN A 545 -29.01 18.17 -9.83
N PHE A 546 -28.03 18.71 -9.13
CA PHE A 546 -27.83 20.14 -9.21
C PHE A 546 -26.47 20.54 -9.71
N ASN A 547 -26.43 21.73 -10.28
CA ASN A 547 -25.21 22.33 -10.76
C ASN A 547 -25.28 23.83 -10.62
N PHE A 548 -24.74 24.34 -9.52
CA PHE A 548 -24.73 25.76 -9.25
C PHE A 548 -23.43 26.31 -9.76
N ASN A 549 -23.21 27.59 -9.57
CA ASN A 549 -22.05 28.27 -10.14
C ASN A 549 -20.74 27.81 -9.52
N GLY A 550 -20.35 26.57 -9.84
CA GLY A 550 -19.14 25.97 -9.32
C GLY A 550 -19.41 24.94 -8.22
N LEU A 551 -20.66 24.53 -8.05
CA LEU A 551 -21.00 23.55 -7.02
C LEU A 551 -21.96 22.50 -7.53
N THR A 552 -21.52 21.25 -7.55
CA THR A 552 -22.36 20.19 -8.10
C THR A 552 -22.60 19.09 -7.10
N GLY A 553 -23.60 18.28 -7.40
CA GLY A 553 -23.93 17.12 -6.57
C GLY A 553 -25.41 16.82 -6.68
N THR A 554 -25.92 16.04 -5.74
CA THR A 554 -27.33 15.68 -5.74
C THR A 554 -27.91 15.94 -4.36
N GLY A 555 -29.23 16.02 -4.29
CA GLY A 555 -29.87 16.21 -2.99
C GLY A 555 -31.20 16.91 -3.12
N VAL A 556 -31.71 17.36 -1.98
CA VAL A 556 -33.01 18.01 -1.92
C VAL A 556 -32.84 19.49 -1.65
N LEU A 557 -33.40 20.31 -2.52
CA LEU A 557 -33.25 21.74 -2.43
C LEU A 557 -34.44 22.39 -1.72
N THR A 558 -34.16 23.15 -0.66
CA THR A 558 -35.19 23.84 0.09
C THR A 558 -34.75 25.27 0.39
N PRO A 559 -35.69 26.21 0.56
CA PRO A 559 -35.47 27.58 0.99
C PRO A 559 -34.97 27.60 2.42
N SER A 560 -34.21 28.64 2.76
CA SER A 560 -33.66 28.75 4.11
C SER A 560 -33.64 30.17 4.63
N SER A 561 -33.45 30.29 5.94
CA SER A 561 -33.42 31.58 6.62
C SER A 561 -32.00 31.98 7.07
N LYS A 562 -30.99 31.28 6.56
CA LYS A 562 -29.61 31.59 6.93
C LYS A 562 -29.26 33.01 6.55
N ARG A 563 -28.64 33.73 7.48
CA ARG A 563 -28.24 35.11 7.24
C ARG A 563 -26.80 35.22 6.77
N PHE A 564 -26.61 35.38 5.46
CA PHE A 564 -25.28 35.51 4.89
C PHE A 564 -24.79 36.93 4.97
N GLN A 565 -23.47 37.10 4.94
CA GLN A 565 -22.89 38.42 4.78
C GLN A 565 -22.89 38.79 3.30
N PRO A 566 -22.83 40.09 2.98
CA PRO A 566 -22.72 40.65 1.65
C PRO A 566 -21.54 40.10 0.84
N PHE A 567 -20.59 39.47 1.51
CA PHE A 567 -19.42 38.93 0.83
C PHE A 567 -19.30 37.43 1.03
N GLN A 568 -20.43 36.75 1.02
CA GLN A 568 -20.42 35.30 1.17
C GLN A 568 -21.27 34.62 0.10
N GLN A 569 -20.67 33.65 -0.56
CA GLN A 569 -21.31 32.96 -1.67
C GLN A 569 -22.06 31.73 -1.20
N PHE A 570 -21.45 31.01 -0.27
CA PHE A 570 -22.04 29.80 0.27
C PHE A 570 -21.48 29.52 1.65
N GLY A 571 -22.10 28.60 2.37
CA GLY A 571 -21.63 28.24 3.70
C GLY A 571 -21.50 26.75 3.86
N ARG A 572 -20.94 26.35 5.00
CA ARG A 572 -20.71 24.94 5.28
C ARG A 572 -21.19 24.55 6.67
N ASP A 573 -21.30 23.24 6.86
CA ASP A 573 -21.69 22.65 8.14
C ASP A 573 -20.47 22.59 9.06
N VAL A 574 -20.67 22.06 10.26
CA VAL A 574 -19.56 21.93 11.20
C VAL A 574 -18.46 21.09 10.55
N SER A 575 -18.85 19.98 9.95
CA SER A 575 -17.95 19.23 9.10
C SER A 575 -17.87 19.98 7.76
N ASP A 576 -16.68 20.03 7.17
CA ASP A 576 -16.46 20.88 6.00
C ASP A 576 -17.16 20.42 4.71
N PHE A 577 -18.49 20.49 4.73
CA PHE A 577 -19.30 20.18 3.56
C PHE A 577 -20.34 21.26 3.34
N THR A 578 -20.70 21.48 2.08
CA THR A 578 -21.63 22.55 1.72
C THR A 578 -22.95 22.40 2.45
N ASP A 579 -23.38 23.48 3.09
CA ASP A 579 -24.64 23.51 3.82
C ASP A 579 -25.71 24.23 3.01
N SER A 580 -25.34 25.39 2.49
CA SER A 580 -26.29 26.23 1.76
C SER A 580 -25.59 27.05 0.70
N VAL A 581 -26.36 27.43 -0.32
CA VAL A 581 -25.81 28.14 -1.46
C VAL A 581 -26.64 29.36 -1.86
N ARG A 582 -25.94 30.46 -2.21
CA ARG A 582 -26.60 31.63 -2.77
C ARG A 582 -26.85 31.42 -4.26
N ASP A 583 -28.08 31.64 -4.69
CA ASP A 583 -28.44 31.46 -6.09
C ASP A 583 -27.85 32.58 -6.97
N PRO A 584 -27.08 32.26 -8.02
CA PRO A 584 -26.38 33.17 -8.90
C PRO A 584 -27.31 34.04 -9.74
N LYS A 585 -28.59 33.67 -9.84
CA LYS A 585 -29.55 34.43 -10.63
C LYS A 585 -30.37 35.37 -9.77
N THR A 586 -31.00 34.83 -8.72
CA THR A 586 -31.95 35.60 -7.91
C THR A 586 -31.40 35.99 -6.54
N SER A 587 -30.17 35.58 -6.23
CA SER A 587 -29.54 35.90 -4.95
C SER A 587 -30.37 35.44 -3.76
N GLU A 588 -30.97 34.27 -3.85
CA GLU A 588 -31.73 33.69 -2.75
C GLU A 588 -30.89 32.66 -2.03
N ILE A 589 -31.17 32.43 -0.76
CA ILE A 589 -30.41 31.46 0.00
C ILE A 589 -31.22 30.20 0.22
N LEU A 590 -30.68 29.07 -0.22
CA LEU A 590 -31.32 27.79 -0.08
C LEU A 590 -30.42 26.75 0.55
N ASP A 591 -31.00 25.84 1.32
CA ASP A 591 -30.26 24.74 1.94
C ASP A 591 -30.25 23.51 1.06
N ILE A 592 -29.23 22.66 1.25
CA ILE A 592 -29.21 21.38 0.56
C ILE A 592 -29.19 20.23 1.56
N SER A 593 -30.23 19.40 1.51
CA SER A 593 -30.33 18.25 2.38
C SER A 593 -30.07 16.98 1.59
N PRO A 594 -29.57 15.92 2.24
CA PRO A 594 -29.32 14.62 1.65
C PRO A 594 -30.60 13.96 1.20
N CYS A 595 -30.51 13.20 0.11
CA CYS A 595 -31.60 12.36 -0.31
C CYS A 595 -31.75 11.22 0.66
N SER A 596 -32.96 10.92 1.06
CA SER A 596 -33.22 9.88 2.03
C SER A 596 -32.48 8.59 1.64
N PHE A 597 -31.82 7.99 2.62
CA PHE A 597 -31.07 6.75 2.41
C PHE A 597 -31.04 5.93 3.68
N GLY A 598 -30.64 4.68 3.57
CA GLY A 598 -30.48 3.86 4.77
C GLY A 598 -30.37 2.39 4.46
N GLY A 599 -30.40 1.59 5.52
CA GLY A 599 -30.32 0.15 5.40
C GLY A 599 -31.69 -0.47 5.18
N VAL A 600 -31.72 -1.58 4.46
CA VAL A 600 -32.94 -2.34 4.29
C VAL A 600 -32.74 -3.79 4.73
N SER A 601 -33.67 -4.26 5.54
CA SER A 601 -33.63 -5.59 6.08
C SER A 601 -34.96 -6.27 5.85
N VAL A 602 -34.95 -7.59 5.90
CA VAL A 602 -36.17 -8.33 5.69
C VAL A 602 -36.48 -9.27 6.84
N ILE A 603 -37.75 -9.56 7.00
CA ILE A 603 -38.22 -10.43 8.07
C ILE A 603 -38.82 -11.68 7.48
N THR A 604 -38.31 -12.83 7.89
CA THR A 604 -38.86 -14.06 7.38
C THR A 604 -39.09 -15.10 8.49
N PRO A 605 -40.07 -15.98 8.31
CA PRO A 605 -40.24 -17.24 8.98
C PRO A 605 -39.31 -18.21 8.28
N GLY A 606 -39.12 -19.38 8.84
CA GLY A 606 -38.27 -20.34 8.16
C GLY A 606 -38.87 -20.77 6.84
N THR A 607 -38.01 -21.05 5.87
CA THR A 607 -38.45 -21.48 4.55
C THR A 607 -38.96 -22.91 4.58
N ASN A 608 -38.68 -23.57 5.68
CA ASN A 608 -39.18 -24.94 5.92
C ASN A 608 -40.64 -24.90 6.35
N ALA A 609 -41.09 -23.69 6.74
CA ALA A 609 -42.44 -23.51 7.21
C ALA A 609 -43.30 -22.86 6.14
N SER A 610 -42.79 -21.80 5.54
CA SER A 610 -43.53 -21.06 4.52
C SER A 610 -42.61 -20.17 3.70
N SER A 611 -43.12 -19.68 2.57
CA SER A 611 -42.36 -18.73 1.77
C SER A 611 -43.03 -17.36 1.82
N GLU A 612 -42.47 -16.47 2.62
CA GLU A 612 -43.06 -15.17 2.87
C GLU A 612 -41.98 -14.20 3.34
N VAL A 613 -42.21 -12.91 3.13
CA VAL A 613 -41.23 -11.91 3.58
C VAL A 613 -41.83 -10.52 3.81
N ALA A 614 -41.41 -9.86 4.88
CA ALA A 614 -41.76 -8.46 5.14
C ALA A 614 -40.52 -7.58 5.05
N VAL A 615 -40.70 -6.32 4.64
CA VAL A 615 -39.57 -5.41 4.46
C VAL A 615 -39.52 -4.29 5.49
N LEU A 616 -38.33 -4.09 6.08
CA LEU A 616 -38.11 -3.00 7.02
C LEU A 616 -37.11 -1.98 6.49
N TYR A 617 -37.52 -0.71 6.45
CA TYR A 617 -36.59 0.33 6.05
C TYR A 617 -36.06 1.06 7.27
N GLN A 618 -34.75 1.25 7.32
CA GLN A 618 -34.11 1.95 8.40
C GLN A 618 -34.78 3.28 8.60
N ASP A 619 -34.79 3.76 9.84
CA ASP A 619 -35.49 4.96 10.22
C ASP A 619 -35.54 6.01 9.09
N VAL A 620 -36.68 6.06 8.40
CA VAL A 620 -36.99 7.09 7.42
C VAL A 620 -38.46 7.41 7.47
N ASN A 621 -38.85 8.52 6.86
CA ASN A 621 -40.28 8.82 6.70
C ASN A 621 -40.90 7.94 5.63
N CYS A 622 -41.86 7.12 6.03
CA CYS A 622 -42.33 6.09 5.14
C CYS A 622 -43.39 6.66 4.14
N THR A 623 -43.84 7.86 4.37
CA THR A 623 -44.77 8.43 3.42
C THR A 623 -44.00 8.71 2.15
N ASP A 624 -42.81 9.26 2.31
CA ASP A 624 -41.97 9.60 1.20
C ASP A 624 -41.52 8.33 0.44
N VAL A 625 -41.23 7.27 1.18
CA VAL A 625 -40.75 6.06 0.51
C VAL A 625 -41.88 5.45 -0.28
N SER A 626 -43.09 5.48 0.25
CA SER A 626 -44.23 4.92 -0.43
C SER A 626 -44.41 5.59 -1.79
N THR A 627 -44.33 6.90 -1.79
CA THR A 627 -44.46 7.66 -3.03
C THR A 627 -43.47 7.17 -4.06
N ALA A 628 -42.24 6.94 -3.63
CA ALA A 628 -41.14 6.54 -4.50
C ALA A 628 -41.22 5.06 -4.91
N ILE A 629 -42.19 4.32 -4.40
CA ILE A 629 -42.40 2.95 -4.84
C ILE A 629 -43.34 2.98 -6.01
N HIS A 630 -44.40 3.78 -5.89
CA HIS A 630 -45.34 3.97 -6.97
C HIS A 630 -44.65 4.66 -8.13
N ALA A 631 -43.94 5.74 -7.82
CA ALA A 631 -43.10 6.43 -8.76
C ALA A 631 -41.69 5.90 -8.61
N ASP A 632 -41.38 4.83 -9.32
CA ASP A 632 -40.14 4.13 -9.03
C ASP A 632 -38.93 5.02 -9.18
N GLN A 633 -38.47 5.52 -8.05
CA GLN A 633 -37.24 6.27 -7.95
C GLN A 633 -36.39 5.70 -6.84
N LEU A 634 -36.42 4.38 -6.71
CA LEU A 634 -35.66 3.73 -5.64
C LEU A 634 -34.60 2.78 -6.13
N THR A 635 -33.49 2.77 -5.41
CA THR A 635 -32.45 1.79 -5.61
C THR A 635 -32.16 1.12 -4.27
N PRO A 636 -32.16 -0.20 -4.22
CA PRO A 636 -32.47 -1.17 -5.25
C PRO A 636 -33.95 -1.25 -5.48
N ALA A 637 -34.34 -1.90 -6.55
CA ALA A 637 -35.73 -2.21 -6.81
C ALA A 637 -35.83 -3.64 -7.25
N TRP A 638 -36.94 -4.28 -6.92
CA TRP A 638 -37.12 -5.66 -7.30
C TRP A 638 -38.05 -5.76 -8.49
N ARG A 639 -37.80 -6.74 -9.33
CA ARG A 639 -38.64 -6.94 -10.50
C ARG A 639 -40.09 -7.25 -10.12
N ILE A 640 -40.27 -8.11 -9.12
CA ILE A 640 -41.61 -8.45 -8.67
C ILE A 640 -41.83 -7.98 -7.24
N TYR A 641 -42.41 -6.80 -7.10
CA TYR A 641 -42.60 -6.21 -5.79
C TYR A 641 -43.69 -5.17 -5.82
N SER A 642 -44.50 -5.14 -4.76
CA SER A 642 -45.54 -4.15 -4.64
C SER A 642 -45.84 -3.87 -3.19
N THR A 643 -46.47 -2.73 -2.93
CA THR A 643 -46.86 -2.35 -1.59
C THR A 643 -48.34 -2.57 -1.37
N GLY A 644 -48.67 -3.30 -0.30
CA GLY A 644 -50.06 -3.61 0.01
C GLY A 644 -50.61 -2.61 1.04
N ASN A 645 -51.62 -3.04 1.79
CA ASN A 645 -52.23 -2.17 2.77
C ASN A 645 -51.51 -2.27 4.12
N ASN A 646 -50.65 -3.26 4.24
CA ASN A 646 -49.94 -3.52 5.50
C ASN A 646 -48.71 -2.63 5.66
N VAL A 647 -48.93 -1.33 5.89
CA VAL A 647 -47.83 -0.37 5.97
C VAL A 647 -47.93 0.57 7.19
N PHE A 648 -46.84 0.71 7.95
CA PHE A 648 -46.81 1.69 9.07
C PHE A 648 -45.45 2.10 9.52
N GLN A 649 -45.31 3.33 10.01
CA GLN A 649 -44.04 3.87 10.44
C GLN A 649 -43.83 3.82 11.95
N THR A 650 -43.19 2.80 12.45
CA THR A 650 -42.81 2.79 13.85
C THR A 650 -41.52 3.56 14.00
N GLN A 651 -41.13 3.80 15.24
CA GLN A 651 -39.92 4.58 15.47
C GLN A 651 -38.70 3.92 14.85
N ALA A 652 -38.69 2.59 14.87
CA ALA A 652 -37.55 1.80 14.41
C ALA A 652 -37.46 1.66 12.88
N GLY A 653 -38.43 2.21 12.17
CA GLY A 653 -38.48 2.10 10.72
C GLY A 653 -39.82 1.58 10.28
N CYS A 654 -40.21 1.84 9.05
CA CYS A 654 -41.50 1.35 8.64
C CYS A 654 -41.46 -0.05 8.11
N LEU A 655 -42.55 -0.77 8.35
CA LEU A 655 -42.71 -2.12 7.86
C LEU A 655 -43.67 -2.14 6.71
N ILE A 656 -43.37 -2.95 5.72
CA ILE A 656 -44.26 -3.19 4.60
C ILE A 656 -44.47 -4.68 4.41
N GLY A 657 -45.73 -5.09 4.41
CA GLY A 657 -46.09 -6.49 4.25
C GLY A 657 -46.45 -7.14 5.56
N ALA A 658 -46.13 -6.47 6.67
CA ALA A 658 -46.45 -6.97 8.01
C ALA A 658 -47.73 -6.32 8.52
N GLU A 659 -48.68 -7.14 8.90
CA GLU A 659 -49.95 -6.67 9.41
C GLU A 659 -49.77 -6.18 10.84
N HIS A 660 -50.81 -5.68 11.47
CA HIS A 660 -50.67 -5.12 12.80
C HIS A 660 -51.90 -5.34 13.65
N VAL A 661 -51.71 -6.07 14.72
CA VAL A 661 -52.80 -6.38 15.64
C VAL A 661 -52.80 -5.44 16.83
N ASP A 662 -53.83 -5.52 17.64
CA ASP A 662 -53.94 -4.71 18.81
C ASP A 662 -53.70 -5.53 20.08
N THR A 663 -53.11 -6.70 19.93
CA THR A 663 -52.82 -7.54 21.07
C THR A 663 -51.32 -7.66 21.28
N SER A 664 -50.93 -8.52 22.19
CA SER A 664 -49.53 -8.64 22.56
C SER A 664 -49.11 -10.08 22.72
N TYR A 665 -47.83 -10.32 22.55
CA TYR A 665 -47.25 -11.64 22.70
C TYR A 665 -45.82 -11.50 23.18
N GLU A 666 -45.18 -12.62 23.40
CA GLU A 666 -43.76 -12.61 23.69
C GLU A 666 -43.03 -12.19 22.44
N CYS A 667 -42.00 -11.37 22.58
CA CYS A 667 -41.24 -10.92 21.41
C CYS A 667 -40.54 -12.08 20.73
N ASP A 668 -40.83 -12.28 19.45
CA ASP A 668 -40.18 -13.36 18.71
C ASP A 668 -39.02 -12.82 17.88
N ILE A 669 -39.35 -12.03 16.85
CA ILE A 669 -38.33 -11.40 16.04
C ILE A 669 -38.37 -9.89 16.28
N PRO A 670 -37.44 -9.33 17.04
CA PRO A 670 -37.44 -7.97 17.49
C PRO A 670 -37.23 -7.01 16.35
N ILE A 671 -37.89 -5.86 16.41
CA ILE A 671 -37.68 -4.81 15.45
C ILE A 671 -37.03 -3.62 16.14
N GLY A 672 -37.68 -3.13 17.18
CA GLY A 672 -37.17 -1.98 17.93
C GLY A 672 -38.29 -1.16 18.53
N ALA A 673 -37.97 -0.35 19.53
CA ALA A 673 -38.93 0.55 20.15
C ALA A 673 -40.17 -0.17 20.66
N GLY A 674 -39.96 -1.35 21.26
CA GLY A 674 -41.05 -2.12 21.85
C GLY A 674 -41.82 -2.97 20.86
N ILE A 675 -41.44 -2.92 19.58
CA ILE A 675 -42.15 -3.66 18.55
C ILE A 675 -41.40 -4.88 18.10
N CYS A 676 -42.14 -5.98 17.99
CA CYS A 676 -41.61 -7.24 17.49
C CYS A 676 -42.51 -7.81 16.41
N ALA A 677 -41.97 -8.74 15.64
CA ALA A 677 -42.72 -9.42 14.60
C ALA A 677 -42.80 -10.92 14.87
N SER A 678 -43.86 -11.53 14.38
CA SER A 678 -44.01 -12.98 14.47
C SER A 678 -44.99 -13.49 13.43
N TYR A 679 -45.08 -14.81 13.30
CA TYR A 679 -45.93 -15.43 12.31
C TYR A 679 -47.11 -16.13 12.99
N HIS A 680 -48.31 -15.62 12.77
CA HIS A 680 -49.52 -16.11 13.46
C HIS A 680 -50.64 -16.42 12.51
N THR A 681 -51.62 -17.17 13.02
CA THR A 681 -52.79 -17.52 12.24
C THR A 681 -53.70 -16.32 12.09
N VAL A 682 -54.60 -16.41 11.12
CA VAL A 682 -55.59 -15.36 10.89
C VAL A 682 -56.98 -15.97 10.76
N GLN A 690 -54.32 -20.56 7.64
CA GLN A 690 -54.07 -19.21 7.15
C GLN A 690 -53.19 -18.44 8.13
N LYS A 691 -51.93 -18.24 7.74
CA LYS A 691 -50.98 -17.52 8.58
C LYS A 691 -50.37 -16.33 7.85
N SER A 692 -49.89 -15.37 8.61
CA SER A 692 -49.22 -14.20 8.04
C SER A 692 -48.29 -13.54 9.04
N ILE A 693 -47.42 -12.66 8.55
CA ILE A 693 -46.52 -11.91 9.41
C ILE A 693 -47.25 -10.75 10.03
N VAL A 694 -47.21 -10.65 11.35
CA VAL A 694 -47.88 -9.59 12.05
C VAL A 694 -46.93 -8.85 12.98
N ALA A 695 -47.24 -7.61 13.24
CA ALA A 695 -46.52 -6.81 14.19
C ALA A 695 -47.33 -6.66 15.47
N TYR A 696 -46.63 -6.58 16.59
CA TYR A 696 -47.28 -6.40 17.86
C TYR A 696 -46.37 -5.72 18.87
N THR A 697 -46.97 -5.18 19.91
CA THR A 697 -46.20 -4.65 21.02
C THR A 697 -45.85 -5.81 21.94
N MET A 698 -44.58 -5.93 22.25
CA MET A 698 -44.13 -7.07 23.04
C MET A 698 -44.59 -7.01 24.47
N SER A 699 -44.88 -8.17 25.03
CA SER A 699 -45.19 -8.33 26.43
C SER A 699 -43.91 -8.29 27.26
N LEU A 700 -43.99 -7.71 28.45
CA LEU A 700 -42.81 -7.66 29.32
C LEU A 700 -42.68 -8.92 30.14
N GLY A 701 -43.81 -9.54 30.42
CA GLY A 701 -43.84 -10.76 31.23
C GLY A 701 -45.27 -11.11 31.59
N ALA A 702 -45.44 -12.22 32.30
CA ALA A 702 -46.76 -12.67 32.70
C ALA A 702 -47.44 -11.64 33.60
N ASP A 703 -48.76 -11.55 33.52
CA ASP A 703 -49.50 -10.64 34.39
C ASP A 703 -49.90 -11.35 35.68
N SER A 704 -49.26 -11.01 36.79
CA SER A 704 -49.51 -11.71 38.05
C SER A 704 -49.49 -10.74 39.23
N SER A 705 -50.22 -11.09 40.27
CA SER A 705 -50.27 -10.24 41.45
C SER A 705 -50.58 -11.05 42.69
N ILE A 706 -49.92 -10.69 43.79
CA ILE A 706 -50.19 -11.33 45.06
C ILE A 706 -50.58 -10.28 46.07
N ALA A 707 -51.63 -10.55 46.84
CA ALA A 707 -52.07 -9.64 47.87
C ALA A 707 -51.07 -9.60 48.99
N TYR A 708 -50.88 -8.43 49.59
CA TYR A 708 -50.02 -8.32 50.75
C TYR A 708 -50.78 -8.60 52.01
N SER A 709 -50.15 -9.29 52.93
CA SER A 709 -50.73 -9.52 54.24
C SER A 709 -49.67 -9.42 55.32
N ASN A 710 -49.99 -8.67 56.35
CA ASN A 710 -49.10 -8.54 57.50
C ASN A 710 -49.46 -9.57 58.56
N ASN A 711 -50.48 -10.37 58.28
CA ASN A 711 -50.98 -11.33 59.24
C ASN A 711 -50.69 -12.76 58.84
N THR A 712 -50.76 -13.04 57.54
CA THR A 712 -50.61 -14.40 57.07
C THR A 712 -49.31 -14.61 56.33
N ILE A 713 -48.94 -15.87 56.19
CA ILE A 713 -47.73 -16.25 55.50
C ILE A 713 -47.98 -17.46 54.61
N ALA A 714 -47.33 -17.50 53.47
CA ALA A 714 -47.45 -18.67 52.61
C ALA A 714 -46.17 -19.48 52.63
N ILE A 715 -46.31 -20.79 52.75
CA ILE A 715 -45.15 -21.69 52.76
C ILE A 715 -45.46 -22.92 51.89
N PRO A 716 -44.44 -23.56 51.29
CA PRO A 716 -44.53 -24.75 50.47
C PRO A 716 -44.90 -25.96 51.31
N THR A 717 -45.68 -26.88 50.75
CA THR A 717 -45.95 -28.12 51.47
C THR A 717 -45.65 -29.32 50.58
N ASN A 718 -44.69 -29.15 49.70
CA ASN A 718 -44.19 -30.17 48.79
C ASN A 718 -42.98 -29.63 48.04
N PHE A 719 -42.29 -30.48 47.29
CA PHE A 719 -41.17 -30.03 46.47
C PHE A 719 -40.94 -30.93 45.28
N SER A 720 -40.10 -30.47 44.37
CA SER A 720 -39.69 -31.26 43.23
C SER A 720 -38.23 -31.03 42.91
N ILE A 721 -37.64 -31.94 42.17
CA ILE A 721 -36.26 -31.83 41.74
C ILE A 721 -36.18 -31.85 40.23
N SER A 722 -35.37 -30.95 39.69
CA SER A 722 -35.22 -30.86 38.24
C SER A 722 -33.79 -30.59 37.85
N ILE A 723 -33.46 -30.84 36.58
CA ILE A 723 -32.11 -30.66 36.11
C ILE A 723 -32.04 -29.66 34.95
N THR A 724 -31.16 -28.68 35.10
CA THR A 724 -30.94 -27.64 34.09
C THR A 724 -29.65 -27.87 33.34
N THR A 725 -29.69 -27.73 32.02
CA THR A 725 -28.49 -27.92 31.21
C THR A 725 -27.87 -26.58 30.82
N GLU A 726 -26.56 -26.46 31.03
CA GLU A 726 -25.83 -25.24 30.69
C GLU A 726 -24.57 -25.53 29.89
N VAL A 727 -24.33 -24.74 28.85
CA VAL A 727 -23.16 -24.93 28.01
C VAL A 727 -22.34 -23.67 27.85
N MET A 728 -21.01 -23.82 27.93
CA MET A 728 -20.08 -22.73 27.68
C MET A 728 -18.92 -23.24 26.83
N PRO A 729 -18.41 -22.44 25.89
CA PRO A 729 -17.22 -22.70 25.10
C PRO A 729 -16.00 -22.45 25.94
N VAL A 730 -14.92 -23.19 25.71
CA VAL A 730 -13.67 -22.87 26.40
C VAL A 730 -12.45 -22.99 25.50
N SER A 731 -12.63 -22.81 24.19
CA SER A 731 -11.50 -22.88 23.26
C SER A 731 -11.88 -22.48 21.85
N MET A 732 -10.87 -22.20 21.04
CA MET A 732 -11.05 -22.04 19.59
C MET A 732 -9.91 -22.67 18.82
N ALA A 733 -10.09 -22.83 17.52
CA ALA A 733 -9.10 -23.45 16.67
C ALA A 733 -7.76 -22.73 16.72
N LYS A 734 -6.69 -23.50 16.79
CA LYS A 734 -5.33 -22.96 16.79
C LYS A 734 -4.90 -22.54 15.39
N THR A 735 -5.33 -21.39 14.95
CA THR A 735 -5.01 -20.92 13.60
C THR A 735 -3.51 -20.73 13.42
N SER A 736 -3.01 -21.19 12.28
CA SER A 736 -1.61 -20.98 11.92
C SER A 736 -1.45 -20.76 10.42
N VAL A 737 -0.80 -19.67 10.04
CA VAL A 737 -0.62 -19.36 8.63
C VAL A 737 0.82 -19.04 8.29
N ASP A 738 1.29 -19.55 7.16
CA ASP A 738 2.62 -19.22 6.69
C ASP A 738 2.55 -17.90 5.95
N CYS A 739 3.03 -16.84 6.60
CA CYS A 739 2.89 -15.49 6.10
C CYS A 739 3.71 -15.27 4.84
N ASN A 740 4.69 -16.11 4.59
CA ASN A 740 5.52 -15.96 3.42
C ASN A 740 4.77 -16.51 2.23
N MET A 741 4.25 -17.72 2.39
CA MET A 741 3.50 -18.35 1.33
C MET A 741 2.21 -17.60 1.03
N TYR A 742 1.57 -17.08 2.06
CA TYR A 742 0.32 -16.38 1.91
C TYR A 742 0.50 -15.13 1.04
N ILE A 743 1.54 -14.35 1.31
CA ILE A 743 1.78 -13.12 0.56
C ILE A 743 2.48 -13.38 -0.77
N CYS A 744 3.60 -14.11 -0.71
CA CYS A 744 4.47 -14.30 -1.87
C CYS A 744 4.52 -15.75 -2.31
N GLY A 745 3.38 -16.41 -2.32
CA GLY A 745 3.35 -17.80 -2.72
C GLY A 745 3.98 -17.97 -4.08
N ASP A 746 5.02 -18.79 -4.13
CA ASP A 746 5.73 -19.12 -5.35
C ASP A 746 6.21 -17.90 -6.14
N SER A 747 6.68 -16.87 -5.44
CA SER A 747 7.23 -15.71 -6.14
C SER A 747 8.46 -15.14 -5.46
N THR A 748 9.59 -15.23 -6.16
CA THR A 748 10.85 -14.75 -5.64
C THR A 748 10.88 -13.25 -5.62
N GLU A 749 10.38 -12.65 -6.71
CA GLU A 749 10.38 -11.22 -6.85
C GLU A 749 9.56 -10.58 -5.74
N CYS A 750 8.43 -11.21 -5.41
CA CYS A 750 7.62 -10.74 -4.32
C CYS A 750 8.42 -10.77 -3.03
N ALA A 751 9.07 -11.90 -2.76
CA ALA A 751 9.83 -12.06 -1.53
C ALA A 751 10.93 -11.00 -1.44
N ASN A 752 11.59 -10.73 -2.57
CA ASN A 752 12.66 -9.75 -2.58
C ASN A 752 12.16 -8.39 -2.10
N LEU A 753 10.91 -8.09 -2.46
CA LEU A 753 10.30 -6.83 -2.05
C LEU A 753 9.74 -6.95 -0.63
N LEU A 754 9.30 -8.15 -0.24
CA LEU A 754 8.78 -8.37 1.09
C LEU A 754 9.86 -8.07 2.13
N LEU A 755 11.10 -8.39 1.79
CA LEU A 755 12.25 -8.17 2.67
C LEU A 755 12.43 -6.72 3.05
N GLN A 756 11.80 -5.81 2.31
CA GLN A 756 11.98 -4.39 2.57
C GLN A 756 11.11 -3.97 3.74
N TYR A 757 10.33 -4.91 4.24
CA TYR A 757 9.49 -4.71 5.39
C TYR A 757 10.06 -5.46 6.60
N GLY A 758 11.30 -5.93 6.45
CA GLY A 758 12.05 -6.53 7.54
C GLY A 758 11.40 -7.77 8.15
N SER A 759 11.26 -7.72 9.47
CA SER A 759 10.74 -8.85 10.26
C SER A 759 9.23 -8.77 10.50
N PHE A 760 8.56 -7.89 9.78
CA PHE A 760 7.12 -7.75 9.95
C PHE A 760 6.44 -9.12 9.91
N CYS A 761 6.82 -9.91 8.90
CA CYS A 761 6.21 -11.21 8.65
C CYS A 761 6.42 -12.12 9.85
N THR A 762 7.63 -12.10 10.40
CA THR A 762 8.01 -12.94 11.52
C THR A 762 7.27 -12.53 12.80
N GLN A 763 7.21 -11.23 13.05
CA GLN A 763 6.57 -10.71 14.26
C GLN A 763 5.11 -11.08 14.27
N LEU A 764 4.49 -10.96 13.11
CA LEU A 764 3.08 -11.26 12.94
C LEU A 764 2.82 -12.74 13.20
N ASN A 765 3.67 -13.58 12.66
CA ASN A 765 3.55 -15.00 12.91
C ASN A 765 3.61 -15.30 14.41
N ARG A 766 4.60 -14.74 15.09
CA ARG A 766 4.74 -14.99 16.52
C ARG A 766 3.53 -14.55 17.30
N ALA A 767 3.01 -13.36 16.96
CA ALA A 767 1.86 -12.82 17.66
C ALA A 767 0.68 -13.78 17.61
N LEU A 768 0.50 -14.43 16.46
CA LEU A 768 -0.59 -15.38 16.30
C LEU A 768 -0.35 -16.64 17.14
N SER A 769 0.86 -17.16 17.10
CA SER A 769 1.19 -18.35 17.87
C SER A 769 0.91 -18.16 19.34
N GLY A 770 1.26 -16.98 19.84
CA GLY A 770 1.07 -16.65 21.25
C GLY A 770 -0.39 -16.75 21.71
N ILE A 771 -1.33 -16.72 20.75
CA ILE A 771 -2.74 -16.82 21.07
C ILE A 771 -3.13 -18.27 21.14
N ALA A 772 -2.69 -19.03 20.15
CA ALA A 772 -2.97 -20.45 20.12
C ALA A 772 -2.45 -21.11 21.39
N ALA A 773 -1.33 -20.61 21.89
CA ALA A 773 -0.70 -21.14 23.08
C ALA A 773 -1.63 -21.16 24.29
N GLU A 774 -2.51 -20.16 24.41
CA GLU A 774 -3.37 -20.10 25.58
C GLU A 774 -4.63 -20.92 25.44
N GLN A 775 -4.85 -21.48 24.26
CA GLN A 775 -6.04 -22.28 24.07
C GLN A 775 -5.89 -23.56 24.84
N ASP A 776 -4.65 -24.02 24.92
CA ASP A 776 -4.36 -25.23 25.65
C ASP A 776 -4.55 -24.98 27.14
N ARG A 777 -4.12 -23.78 27.57
CA ARG A 777 -4.29 -23.41 28.97
C ARG A 777 -5.74 -23.33 29.36
N ASN A 778 -6.55 -22.71 28.51
CA ASN A 778 -7.96 -22.59 28.82
C ASN A 778 -8.56 -23.95 29.08
N THR A 779 -8.25 -24.90 28.20
CA THR A 779 -8.78 -26.24 28.34
C THR A 779 -8.30 -26.90 29.62
N ARG A 780 -6.99 -26.86 29.84
CA ARG A 780 -6.42 -27.54 30.98
C ARG A 780 -6.96 -26.99 32.30
N GLU A 781 -6.96 -25.67 32.43
CA GLU A 781 -7.39 -25.01 33.65
C GLU A 781 -8.80 -25.40 34.07
N VAL A 782 -9.69 -25.55 33.09
CA VAL A 782 -11.06 -25.93 33.38
C VAL A 782 -11.19 -27.41 33.74
N PHE A 783 -10.61 -28.28 32.93
CA PHE A 783 -10.81 -29.72 33.12
C PHE A 783 -9.91 -30.36 34.17
N ALA A 784 -8.63 -30.05 34.16
CA ALA A 784 -7.69 -30.76 35.02
C ALA A 784 -7.69 -30.20 36.44
N GLN A 785 -8.83 -30.36 37.12
CA GLN A 785 -8.99 -29.84 38.47
C GLN A 785 -9.01 -30.94 39.51
N VAL A 786 -8.79 -32.17 39.07
CA VAL A 786 -8.79 -33.31 39.95
C VAL A 786 -7.38 -33.77 40.23
N LYS A 787 -7.04 -33.91 41.50
CA LYS A 787 -5.69 -34.23 41.92
C LYS A 787 -5.18 -35.55 41.33
N GLN A 788 -6.06 -36.53 41.22
CA GLN A 788 -5.69 -37.83 40.68
C GLN A 788 -6.89 -38.49 40.04
N MET A 789 -6.63 -39.45 39.18
CA MET A 789 -7.70 -40.13 38.47
C MET A 789 -8.24 -41.28 39.27
N TYR A 790 -9.53 -41.54 39.13
CA TYR A 790 -10.17 -42.65 39.82
C TYR A 790 -10.86 -43.56 38.84
N LYS A 791 -11.07 -44.81 39.24
CA LYS A 791 -11.71 -45.79 38.39
C LYS A 791 -13.21 -45.65 38.40
N THR A 792 -13.82 -45.94 37.27
CA THR A 792 -15.26 -45.95 37.17
C THR A 792 -15.77 -47.28 37.74
N PRO A 793 -16.70 -47.26 38.71
CA PRO A 793 -17.23 -48.41 39.40
C PRO A 793 -18.05 -49.26 38.47
N THR A 794 -18.13 -50.54 38.78
CA THR A 794 -18.92 -51.48 38.01
C THR A 794 -20.41 -51.17 38.10
N LEU A 795 -20.88 -50.94 39.32
CA LEU A 795 -22.29 -50.67 39.54
C LEU A 795 -22.57 -49.18 39.47
N LYS A 796 -23.60 -48.82 38.72
CA LYS A 796 -23.97 -47.42 38.53
C LYS A 796 -25.23 -47.09 39.32
N TYR A 797 -25.60 -48.02 40.19
CA TYR A 797 -26.81 -47.90 40.98
C TYR A 797 -26.50 -47.48 42.40
N PHE A 798 -26.72 -46.21 42.69
CA PHE A 798 -26.42 -45.68 44.01
C PHE A 798 -27.64 -45.12 44.72
N GLY A 799 -28.23 -45.89 45.61
CA GLY A 799 -29.37 -45.40 46.40
C GLY A 799 -30.60 -45.20 45.50
N GLY A 800 -30.67 -45.94 44.42
CA GLY A 800 -31.75 -45.77 43.46
C GLY A 800 -31.45 -44.76 42.38
N PHE A 801 -30.28 -44.09 42.48
CA PHE A 801 -29.90 -43.06 41.53
C PHE A 801 -29.16 -43.66 40.34
N ASN A 802 -29.78 -43.49 39.18
CA ASN A 802 -29.28 -44.09 37.95
C ASN A 802 -28.29 -43.21 37.25
N PHE A 803 -27.00 -43.40 37.58
CA PHE A 803 -25.93 -42.60 37.01
C PHE A 803 -25.34 -43.24 35.78
N SER A 804 -26.00 -44.28 35.27
CA SER A 804 -25.46 -45.03 34.14
C SER A 804 -25.39 -44.28 32.85
N GLN A 805 -26.14 -43.22 32.72
CA GLN A 805 -26.16 -42.47 31.46
C GLN A 805 -25.19 -41.31 31.48
N ILE A 806 -24.54 -41.12 32.62
CA ILE A 806 -23.59 -40.01 32.80
C ILE A 806 -22.16 -40.52 32.67
N LEU A 807 -21.92 -41.72 33.21
CA LEU A 807 -20.62 -42.38 33.12
C LEU A 807 -20.57 -43.36 31.94
N PRO A 808 -19.38 -43.57 31.34
CA PRO A 808 -19.12 -44.51 30.26
C PRO A 808 -19.27 -45.95 30.69
N ASP A 809 -19.68 -46.78 29.73
CA ASP A 809 -19.83 -48.22 29.94
C ASP A 809 -18.83 -49.01 29.07
N PRO A 810 -17.84 -49.70 29.70
CA PRO A 810 -16.77 -50.48 29.08
C PRO A 810 -17.27 -51.51 28.06
N LEU A 811 -18.56 -51.85 28.09
CA LEU A 811 -19.11 -52.80 27.13
C LEU A 811 -18.84 -52.37 25.70
N LYS A 812 -18.89 -51.06 25.45
CA LYS A 812 -18.68 -50.55 24.10
C LYS A 812 -17.26 -49.99 23.98
N PRO A 813 -16.66 -49.99 22.77
CA PRO A 813 -15.30 -49.55 22.47
C PRO A 813 -15.03 -48.07 22.74
N THR A 814 -16.08 -47.26 22.83
CA THR A 814 -15.89 -45.83 23.07
C THR A 814 -15.65 -45.56 24.54
N LYS A 815 -15.13 -44.38 24.85
CA LYS A 815 -14.88 -44.01 26.24
C LYS A 815 -15.80 -42.88 26.72
N ARG A 816 -16.74 -42.50 25.87
CA ARG A 816 -17.69 -41.45 26.22
C ARG A 816 -18.95 -42.04 26.85
N SER A 817 -19.61 -41.24 27.68
CA SER A 817 -20.88 -41.63 28.27
C SER A 817 -21.96 -41.59 27.21
N PHE A 818 -23.11 -42.17 27.52
CA PHE A 818 -24.21 -42.12 26.58
C PHE A 818 -24.49 -40.67 26.21
N ILE A 819 -24.66 -39.84 27.24
CA ILE A 819 -24.94 -38.44 27.02
C ILE A 819 -23.81 -37.74 26.27
N GLU A 820 -22.57 -37.97 26.66
CA GLU A 820 -21.46 -37.30 26.00
C GLU A 820 -21.40 -37.66 24.52
N ASP A 821 -21.63 -38.91 24.19
CA ASP A 821 -21.59 -39.31 22.79
C ASP A 821 -22.69 -38.61 22.02
N LEU A 822 -23.88 -38.57 22.61
CA LEU A 822 -25.01 -37.88 22.01
C LEU A 822 -24.67 -36.43 21.77
N LEU A 823 -24.00 -35.83 22.72
CA LEU A 823 -23.64 -34.42 22.69
C LEU A 823 -22.70 -34.12 21.53
N PHE A 824 -21.62 -34.89 21.42
CA PHE A 824 -20.64 -34.67 20.38
C PHE A 824 -21.25 -34.82 18.99
N ASN A 825 -22.13 -35.79 18.84
CA ASN A 825 -22.70 -36.08 17.51
C ASN A 825 -23.76 -35.07 17.14
N LYS A 826 -24.08 -34.14 18.04
CA LYS A 826 -25.02 -33.09 17.69
C LYS A 826 -24.45 -32.07 16.73
N VAL A 827 -23.18 -31.78 16.83
CA VAL A 827 -22.57 -30.73 16.02
C VAL A 827 -21.58 -31.33 15.02
N GLN A 837 -10.47 -24.63 1.97
CA GLN A 837 -10.56 -24.14 3.33
C GLN A 837 -9.20 -23.99 3.97
N TYR A 838 -8.65 -25.09 4.45
CA TYR A 838 -7.34 -25.07 5.10
C TYR A 838 -6.72 -26.46 5.15
N GLY A 839 -5.41 -26.51 5.38
CA GLY A 839 -4.73 -27.79 5.54
C GLY A 839 -5.08 -28.44 6.87
N GLU A 840 -5.10 -29.76 6.89
CA GLU A 840 -5.42 -30.51 8.09
C GLU A 840 -4.90 -31.94 7.94
N CYS A 841 -5.08 -32.76 8.97
CA CYS A 841 -4.64 -34.15 8.91
C CYS A 841 -5.43 -34.99 9.91
N LEU A 842 -5.97 -36.11 9.44
CA LEU A 842 -6.82 -36.95 10.28
C LEU A 842 -6.34 -38.39 10.35
N GLY A 843 -6.59 -39.03 11.49
CA GLY A 843 -6.27 -40.43 11.68
C GLY A 843 -5.12 -40.60 12.68
N LEU A 850 -3.31 -42.55 9.14
CA LEU A 850 -3.14 -41.10 9.17
C LEU A 850 -2.94 -40.58 7.76
N ILE A 851 -3.80 -39.66 7.34
CA ILE A 851 -3.67 -39.02 6.03
C ILE A 851 -3.74 -37.50 6.15
N CYS A 852 -2.83 -36.82 5.47
CA CYS A 852 -2.76 -35.37 5.56
C CYS A 852 -3.05 -34.71 4.21
N ALA A 853 -3.48 -33.44 4.25
CA ALA A 853 -3.69 -32.66 3.04
C ALA A 853 -3.42 -31.18 3.30
N GLN A 854 -3.00 -30.46 2.27
CA GLN A 854 -2.68 -29.04 2.42
C GLN A 854 -3.36 -28.20 1.35
N LYS A 855 -3.53 -26.91 1.62
CA LYS A 855 -4.12 -25.99 0.66
C LYS A 855 -3.13 -24.91 0.22
N PHE A 856 -3.32 -24.44 -1.01
CA PHE A 856 -2.45 -23.44 -1.63
C PHE A 856 -2.54 -22.08 -0.97
N ASN A 857 -3.46 -21.91 -0.04
CA ASN A 857 -3.59 -20.63 0.63
C ASN A 857 -2.62 -20.46 1.80
N GLY A 858 -1.91 -21.54 2.15
CA GLY A 858 -0.88 -21.46 3.20
C GLY A 858 -1.44 -21.50 4.63
N LEU A 859 -2.73 -21.80 4.79
CA LEU A 859 -3.36 -21.81 6.11
C LEU A 859 -3.59 -23.21 6.64
N THR A 860 -3.43 -23.38 7.95
CA THR A 860 -3.79 -24.63 8.61
C THR A 860 -4.27 -24.42 10.04
N VAL A 861 -4.55 -25.53 10.72
CA VAL A 861 -4.97 -25.53 12.11
C VAL A 861 -4.17 -26.54 12.90
N LEU A 862 -3.64 -26.12 14.03
CA LEU A 862 -2.82 -26.99 14.84
C LEU A 862 -3.71 -27.80 15.80
N PRO A 863 -3.32 -29.03 16.12
CA PRO A 863 -4.00 -29.92 17.04
C PRO A 863 -3.85 -29.47 18.50
N PRO A 864 -4.78 -29.86 19.37
CA PRO A 864 -4.76 -29.70 20.80
C PRO A 864 -3.79 -30.70 21.43
N LEU A 865 -3.29 -30.38 22.62
CA LEU A 865 -2.53 -31.37 23.38
C LEU A 865 -3.44 -32.46 23.89
N LEU A 866 -4.60 -32.06 24.40
CA LEU A 866 -5.54 -32.99 24.98
C LEU A 866 -6.62 -33.36 23.99
N THR A 867 -6.65 -34.62 23.61
CA THR A 867 -7.62 -35.11 22.65
C THR A 867 -8.96 -35.32 23.32
N ASP A 868 -10.00 -35.53 22.52
CA ASP A 868 -11.34 -35.71 23.08
C ASP A 868 -11.39 -36.84 24.09
N ASP A 869 -10.67 -37.92 23.81
CA ASP A 869 -10.65 -39.06 24.71
C ASP A 869 -10.07 -38.70 26.06
N MET A 870 -9.04 -37.86 26.04
CA MET A 870 -8.37 -37.46 27.27
C MET A 870 -9.29 -36.58 28.09
N ILE A 871 -10.05 -35.74 27.41
CA ILE A 871 -11.01 -34.91 28.08
C ILE A 871 -12.09 -35.76 28.70
N ALA A 872 -12.60 -36.73 27.93
CA ALA A 872 -13.61 -37.63 28.44
C ALA A 872 -13.09 -38.34 29.67
N ALA A 873 -11.83 -38.73 29.65
CA ALA A 873 -11.24 -39.38 30.80
C ALA A 873 -11.28 -38.48 32.02
N TYR A 874 -10.97 -37.20 31.84
CA TYR A 874 -11.01 -36.26 32.96
C TYR A 874 -12.41 -36.13 33.52
N THR A 875 -13.40 -35.98 32.64
CA THR A 875 -14.76 -35.76 33.10
C THR A 875 -15.32 -37.01 33.73
N ALA A 876 -15.02 -38.17 33.15
CA ALA A 876 -15.51 -39.41 33.70
C ALA A 876 -14.94 -39.66 35.07
N ALA A 877 -13.64 -39.40 35.22
CA ALA A 877 -13.00 -39.60 36.50
C ALA A 877 -13.58 -38.67 37.55
N LEU A 878 -13.80 -37.41 37.16
CA LEU A 878 -14.32 -36.44 38.09
C LEU A 878 -15.68 -36.89 38.61
N VAL A 879 -16.58 -37.24 37.68
CA VAL A 879 -17.93 -37.64 38.06
C VAL A 879 -17.91 -38.89 38.93
N SER A 880 -17.13 -39.87 38.54
CA SER A 880 -17.05 -41.08 39.32
C SER A 880 -16.59 -40.76 40.71
N GLY A 881 -15.56 -39.94 40.81
CA GLY A 881 -15.01 -39.54 42.08
C GLY A 881 -16.07 -38.88 42.96
N THR A 882 -16.65 -37.77 42.48
CA THR A 882 -17.58 -37.01 43.30
C THR A 882 -18.77 -37.83 43.74
N ALA A 883 -19.14 -38.85 42.97
CA ALA A 883 -20.27 -39.68 43.31
C ALA A 883 -20.13 -40.30 44.70
N THR A 884 -18.90 -40.49 45.16
CA THR A 884 -18.70 -41.12 46.47
C THR A 884 -17.72 -40.32 47.35
N ALA A 885 -16.83 -39.56 46.71
CA ALA A 885 -15.73 -38.86 47.39
C ALA A 885 -16.18 -37.78 48.37
N GLY A 886 -17.20 -37.01 48.01
CA GLY A 886 -17.71 -35.96 48.88
C GLY A 886 -16.86 -34.68 48.98
N TRP A 887 -17.00 -34.01 50.12
CA TRP A 887 -16.50 -32.64 50.37
C TRP A 887 -14.99 -32.42 50.29
N THR A 888 -14.22 -33.46 50.48
CA THR A 888 -12.77 -33.31 50.44
C THR A 888 -12.21 -33.72 49.08
N PHE A 889 -13.09 -34.12 48.17
CA PHE A 889 -12.68 -34.63 46.86
C PHE A 889 -11.66 -33.74 46.17
N GLY A 890 -11.93 -32.43 46.15
CA GLY A 890 -11.04 -31.49 45.49
C GLY A 890 -10.20 -30.66 46.47
N ALA A 891 -10.12 -31.11 47.72
CA ALA A 891 -9.42 -30.34 48.74
C ALA A 891 -8.26 -31.12 49.37
N GLY A 892 -8.49 -32.38 49.73
CA GLY A 892 -7.48 -33.14 50.45
C GLY A 892 -7.56 -34.63 50.12
N ALA A 893 -7.33 -35.46 51.14
CA ALA A 893 -7.38 -36.90 50.97
C ALA A 893 -8.78 -37.32 50.58
N ALA A 894 -8.88 -38.36 49.77
CA ALA A 894 -10.18 -38.90 49.43
C ALA A 894 -10.80 -39.57 50.63
N LEU A 895 -12.12 -39.43 50.75
CA LEU A 895 -12.90 -40.13 51.74
C LEU A 895 -14.01 -40.88 51.04
N GLN A 896 -14.61 -41.83 51.70
CA GLN A 896 -15.77 -42.50 51.13
C GLN A 896 -16.99 -42.30 52.00
N ILE A 897 -18.03 -41.74 51.40
CA ILE A 897 -19.29 -41.49 52.08
C ILE A 897 -20.42 -42.12 51.26
N PRO A 898 -21.32 -42.91 51.89
CA PRO A 898 -22.45 -43.54 51.25
C PRO A 898 -23.23 -42.48 50.50
N PHE A 899 -23.73 -42.83 49.32
CA PHE A 899 -24.38 -41.86 48.49
C PHE A 899 -25.52 -41.14 49.21
N ALA A 900 -26.45 -41.91 49.76
CA ALA A 900 -27.61 -41.32 50.41
C ALA A 900 -27.21 -40.41 51.56
N MET A 901 -26.16 -40.77 52.28
CA MET A 901 -25.71 -39.95 53.40
C MET A 901 -25.26 -38.59 52.89
N GLN A 902 -24.51 -38.59 51.79
CA GLN A 902 -24.03 -37.34 51.22
C GLN A 902 -25.21 -36.45 50.84
N MET A 903 -26.20 -37.05 50.18
CA MET A 903 -27.36 -36.28 49.74
C MET A 903 -28.11 -35.71 50.91
N ALA A 904 -28.30 -36.50 51.95
CA ALA A 904 -29.03 -36.06 53.11
C ALA A 904 -28.40 -34.81 53.67
N TYR A 905 -27.08 -34.80 53.74
CA TYR A 905 -26.38 -33.62 54.23
C TYR A 905 -26.63 -32.41 53.34
N ARG A 906 -26.48 -32.58 52.04
CA ARG A 906 -26.63 -31.44 51.15
C ARG A 906 -28.02 -30.81 51.27
N PHE A 907 -29.03 -31.64 51.55
CA PHE A 907 -30.38 -31.11 51.80
C PHE A 907 -30.39 -30.22 53.04
N ASN A 908 -29.77 -30.71 54.10
CA ASN A 908 -29.66 -29.92 55.33
C ASN A 908 -28.94 -28.61 55.04
N GLY A 909 -27.99 -28.67 54.11
CA GLY A 909 -27.21 -27.51 53.67
C GLY A 909 -28.07 -26.41 53.05
N ILE A 910 -29.28 -26.75 52.61
CA ILE A 910 -30.19 -25.77 52.01
C ILE A 910 -31.06 -25.17 53.09
N GLY A 911 -31.55 -26.02 53.99
CA GLY A 911 -32.41 -25.55 55.06
C GLY A 911 -33.65 -26.39 55.22
N VAL A 912 -33.59 -27.62 54.76
CA VAL A 912 -34.68 -28.55 54.96
C VAL A 912 -34.19 -29.65 55.86
N THR A 913 -34.96 -29.96 56.89
CA THR A 913 -34.49 -30.90 57.89
C THR A 913 -34.08 -32.20 57.22
N GLN A 914 -32.91 -32.68 57.60
CA GLN A 914 -32.30 -33.86 57.02
C GLN A 914 -33.25 -35.04 56.86
N ASN A 915 -34.07 -35.29 57.87
CA ASN A 915 -34.93 -36.48 57.88
C ASN A 915 -35.87 -36.53 56.70
N VAL A 916 -36.14 -35.38 56.10
CA VAL A 916 -37.07 -35.29 55.00
C VAL A 916 -36.61 -36.15 53.84
N LEU A 917 -35.30 -36.16 53.58
CA LEU A 917 -34.79 -36.91 52.45
C LEU A 917 -35.01 -38.39 52.63
N TYR A 918 -34.70 -38.90 53.80
CA TYR A 918 -34.84 -40.32 54.02
C TYR A 918 -36.27 -40.76 53.84
N GLU A 919 -37.19 -39.99 54.41
CA GLU A 919 -38.60 -40.32 54.32
C GLU A 919 -39.09 -40.30 52.89
N ASN A 920 -38.55 -39.38 52.08
CA ASN A 920 -38.93 -39.25 50.69
C ASN A 920 -37.86 -39.77 49.76
N GLN A 921 -36.97 -40.61 50.25
CA GLN A 921 -35.86 -41.09 49.45
C GLN A 921 -36.33 -41.70 48.15
N LYS A 922 -37.42 -42.46 48.20
CA LYS A 922 -37.94 -43.10 47.01
C LYS A 922 -38.39 -42.06 45.98
N GLN A 923 -39.16 -41.08 46.44
CA GLN A 923 -39.67 -40.04 45.56
C GLN A 923 -38.55 -39.26 44.90
N ILE A 924 -37.51 -38.99 45.67
CA ILE A 924 -36.38 -38.25 45.18
C ILE A 924 -35.65 -39.00 44.09
N ALA A 925 -35.35 -40.27 44.36
CA ALA A 925 -34.62 -41.08 43.40
C ALA A 925 -35.39 -41.19 42.10
N ASN A 926 -36.71 -41.34 42.19
CA ASN A 926 -37.51 -41.47 41.01
C ASN A 926 -37.47 -40.23 40.15
N GLN A 927 -37.64 -39.07 40.77
CA GLN A 927 -37.63 -37.83 40.01
C GLN A 927 -36.29 -37.60 39.36
N PHE A 928 -35.22 -37.93 40.08
CA PHE A 928 -33.89 -37.76 39.56
C PHE A 928 -33.72 -38.53 38.26
N ASN A 929 -34.07 -39.81 38.31
CA ASN A 929 -33.91 -40.67 37.16
C ASN A 929 -34.75 -40.19 35.99
N LYS A 930 -35.97 -39.75 36.29
CA LYS A 930 -36.87 -39.28 35.27
C LYS A 930 -36.29 -38.04 34.58
N ALA A 931 -35.76 -37.12 35.37
CA ALA A 931 -35.20 -35.88 34.84
C ALA A 931 -34.07 -36.17 33.85
N ILE A 932 -33.25 -37.17 34.16
CA ILE A 932 -32.16 -37.52 33.27
C ILE A 932 -32.70 -38.01 31.95
N SER A 933 -33.70 -38.89 32.01
CA SER A 933 -34.30 -39.41 30.80
C SER A 933 -34.87 -38.29 29.96
N GLN A 934 -35.51 -37.31 30.62
CA GLN A 934 -36.11 -36.19 29.93
C GLN A 934 -35.07 -35.40 29.14
N ILE A 935 -33.93 -35.13 29.76
CA ILE A 935 -32.87 -34.40 29.08
C ILE A 935 -32.32 -35.19 27.91
N GLN A 936 -32.08 -36.48 28.13
CA GLN A 936 -31.56 -37.31 27.07
C GLN A 936 -32.43 -37.19 25.83
N GLU A 937 -33.74 -37.27 26.02
CA GLU A 937 -34.67 -37.16 24.92
C GLU A 937 -34.61 -35.78 24.27
N SER A 938 -34.56 -34.73 25.09
CA SER A 938 -34.53 -33.38 24.57
C SER A 938 -33.33 -33.15 23.66
N LEU A 939 -32.17 -33.62 24.10
CA LEU A 939 -30.93 -33.38 23.37
C LEU A 939 -30.83 -34.26 22.13
N THR A 940 -31.82 -35.11 21.92
CA THR A 940 -31.82 -35.99 20.78
C THR A 940 -32.70 -35.41 19.67
N THR A 941 -33.55 -34.44 20.01
CA THR A 941 -34.52 -33.96 19.04
C THR A 941 -34.47 -32.44 18.81
N THR A 942 -33.82 -31.69 19.69
CA THR A 942 -33.79 -30.24 19.56
C THR A 942 -32.72 -29.73 18.64
N SER A 943 -32.64 -28.42 18.49
CA SER A 943 -31.69 -27.78 17.60
C SER A 943 -31.05 -26.52 18.19
N THR A 944 -31.39 -26.20 19.44
CA THR A 944 -30.88 -24.96 20.04
C THR A 944 -29.92 -25.19 21.21
N ALA A 945 -29.86 -26.41 21.72
CA ALA A 945 -29.11 -26.72 22.93
C ALA A 945 -27.65 -26.25 22.89
N LEU A 946 -27.02 -26.41 21.76
CA LEU A 946 -25.59 -26.08 21.66
C LEU A 946 -25.35 -24.90 20.74
N GLY A 947 -26.34 -24.02 20.61
CA GLY A 947 -26.20 -22.87 19.72
C GLY A 947 -24.90 -22.11 19.97
N LYS A 948 -24.53 -21.98 21.24
CA LYS A 948 -23.31 -21.23 21.58
C LYS A 948 -22.04 -21.85 21.03
N LEU A 949 -21.98 -23.18 20.99
CA LEU A 949 -20.75 -23.82 20.56
C LEU A 949 -20.65 -23.75 19.05
N GLN A 950 -21.77 -23.94 18.37
CA GLN A 950 -21.77 -23.89 16.92
C GLN A 950 -21.42 -22.49 16.47
N ASP A 951 -21.86 -21.49 17.20
CA ASP A 951 -21.59 -20.11 16.88
C ASP A 951 -20.09 -19.84 16.85
N VAL A 952 -19.37 -20.30 17.87
CA VAL A 952 -17.94 -20.08 17.90
C VAL A 952 -17.28 -20.69 16.67
N VAL A 953 -17.66 -21.92 16.35
CA VAL A 953 -17.08 -22.60 15.21
C VAL A 953 -17.36 -21.84 13.91
N ASN A 954 -18.61 -21.40 13.75
CA ASN A 954 -18.97 -20.69 12.54
C ASN A 954 -18.16 -19.41 12.39
N GLN A 955 -17.96 -18.72 13.50
CA GLN A 955 -17.21 -17.46 13.47
C GLN A 955 -15.78 -17.70 13.02
N ASN A 956 -15.17 -18.77 13.52
CA ASN A 956 -13.82 -19.10 13.13
C ASN A 956 -13.74 -19.39 11.65
N ALA A 957 -14.68 -20.18 11.16
CA ALA A 957 -14.68 -20.55 9.76
C ALA A 957 -14.81 -19.33 8.87
N GLN A 958 -15.68 -18.40 9.25
CA GLN A 958 -15.90 -17.22 8.45
C GLN A 958 -14.66 -16.36 8.40
N ALA A 959 -13.99 -16.21 9.54
CA ALA A 959 -12.80 -15.40 9.59
C ALA A 959 -11.72 -15.94 8.66
N LEU A 960 -11.58 -17.26 8.63
CA LEU A 960 -10.56 -17.87 7.78
C LEU A 960 -10.90 -17.68 6.32
N ASN A 961 -12.16 -17.86 5.98
CA ASN A 961 -12.58 -17.71 4.59
C ASN A 961 -12.46 -16.29 4.12
N THR A 962 -12.74 -15.35 5.02
CA THR A 962 -12.66 -13.95 4.67
C THR A 962 -11.23 -13.58 4.31
N LEU A 963 -10.28 -14.01 5.14
CA LEU A 963 -8.88 -13.71 4.90
C LEU A 963 -8.42 -14.28 3.58
N VAL A 964 -8.75 -15.54 3.32
CA VAL A 964 -8.34 -16.17 2.10
C VAL A 964 -8.95 -15.51 0.88
N LYS A 965 -10.23 -15.23 0.93
CA LYS A 965 -10.89 -14.63 -0.22
C LYS A 965 -10.18 -13.37 -0.68
N GLN A 966 -9.73 -12.56 0.27
CA GLN A 966 -9.07 -11.29 -0.03
C GLN A 966 -7.82 -11.47 -0.92
N LEU A 967 -7.29 -12.69 -1.00
CA LEU A 967 -6.13 -12.93 -1.86
C LEU A 967 -6.46 -12.60 -3.31
N SER A 968 -7.75 -12.67 -3.65
CA SER A 968 -8.21 -12.42 -5.00
C SER A 968 -8.51 -10.94 -5.22
N SER A 969 -8.43 -10.15 -4.16
CA SER A 969 -8.71 -8.73 -4.26
C SER A 969 -7.63 -8.05 -5.08
N ASN A 970 -8.02 -7.02 -5.81
CA ASN A 970 -7.10 -6.30 -6.67
C ASN A 970 -6.28 -5.27 -5.90
N PHE A 971 -6.92 -4.62 -4.92
CA PHE A 971 -6.27 -3.58 -4.13
C PHE A 971 -5.75 -2.44 -4.99
N GLY A 972 -6.45 -2.15 -6.08
CA GLY A 972 -6.06 -1.06 -6.95
C GLY A 972 -4.86 -1.40 -7.84
N ALA A 973 -4.50 -2.68 -7.93
CA ALA A 973 -3.38 -3.10 -8.77
C ALA A 973 -3.88 -3.37 -10.20
N ILE A 974 -2.96 -3.49 -11.14
CA ILE A 974 -3.37 -3.89 -12.50
C ILE A 974 -3.91 -5.32 -12.55
N SER A 975 -3.54 -6.13 -11.56
CA SER A 975 -3.97 -7.53 -11.50
C SER A 975 -3.81 -8.11 -10.11
N SER A 976 -4.74 -8.98 -9.73
CA SER A 976 -4.70 -9.67 -8.46
C SER A 976 -3.71 -10.83 -8.46
N VAL A 977 -3.16 -11.15 -9.63
CA VAL A 977 -2.25 -12.28 -9.76
C VAL A 977 -0.83 -11.83 -10.09
N LEU A 978 0.14 -12.26 -9.28
CA LEU A 978 1.53 -11.84 -9.46
C LEU A 978 2.09 -12.27 -10.81
N ASN A 979 1.72 -13.46 -11.25
CA ASN A 979 2.22 -13.98 -12.51
C ASN A 979 1.76 -13.12 -13.68
N ASP A 980 0.56 -12.55 -13.56
CA ASP A 980 -0.02 -11.75 -14.61
C ASP A 980 0.55 -10.34 -14.61
N ILE A 981 1.43 -10.06 -13.65
CA ILE A 981 2.12 -8.78 -13.61
C ILE A 981 3.51 -8.97 -14.18
N LEU A 982 4.27 -9.89 -13.61
CA LEU A 982 5.64 -10.08 -14.05
C LEU A 982 5.73 -10.50 -15.51
N SER A 983 4.85 -11.39 -15.92
CA SER A 983 4.89 -11.96 -17.26
C SER A 983 4.69 -10.95 -18.39
N ARG A 984 4.19 -9.76 -18.08
CA ARG A 984 3.94 -8.78 -19.14
C ARG A 984 4.41 -7.37 -18.81
N LEU A 985 5.27 -7.23 -17.79
CA LEU A 985 5.79 -5.92 -17.44
C LEU A 985 7.28 -5.97 -17.15
N ASP A 986 7.99 -4.96 -17.62
CA ASP A 986 9.40 -4.83 -17.28
C ASP A 986 9.50 -4.70 -15.75
N PRO A 987 10.58 -5.17 -15.12
CA PRO A 987 10.79 -5.19 -13.69
C PRO A 987 10.44 -3.88 -12.93
N PRO A 988 10.77 -2.67 -13.44
CA PRO A 988 10.46 -1.40 -12.79
C PRO A 988 8.96 -1.30 -12.48
N GLU A 989 8.15 -1.28 -13.54
CA GLU A 989 6.72 -1.15 -13.40
C GLU A 989 6.11 -2.36 -12.68
N ALA A 990 6.66 -3.54 -12.97
CA ALA A 990 6.14 -4.75 -12.37
C ALA A 990 6.26 -4.71 -10.86
N GLU A 991 7.43 -4.28 -10.37
CA GLU A 991 7.67 -4.21 -8.94
C GLU A 991 6.72 -3.25 -8.25
N VAL A 992 6.41 -2.16 -8.92
CA VAL A 992 5.47 -1.19 -8.37
C VAL A 992 4.11 -1.83 -8.15
N GLN A 993 3.63 -2.52 -9.16
CA GLN A 993 2.33 -3.17 -9.06
C GLN A 993 2.34 -4.28 -8.01
N ILE A 994 3.47 -4.98 -7.91
CA ILE A 994 3.61 -6.00 -6.89
C ILE A 994 3.56 -5.39 -5.51
N ASP A 995 4.30 -4.30 -5.31
CA ASP A 995 4.34 -3.65 -4.01
C ASP A 995 2.94 -3.21 -3.58
N ARG A 996 2.13 -2.72 -4.52
CA ARG A 996 0.74 -2.37 -4.21
C ARG A 996 -0.01 -3.59 -3.72
N LEU A 997 0.14 -4.70 -4.44
CA LEU A 997 -0.50 -5.96 -4.09
C LEU A 997 -0.09 -6.40 -2.69
N ILE A 998 1.21 -6.35 -2.41
CA ILE A 998 1.72 -6.79 -1.11
C ILE A 998 1.11 -5.97 0.00
N THR A 999 1.13 -4.64 -0.16
CA THR A 999 0.62 -3.76 0.88
C THR A 999 -0.80 -4.17 1.26
N GLY A 1000 -1.62 -4.40 0.25
CA GLY A 1000 -3.00 -4.82 0.44
C GLY A 1000 -3.10 -6.11 1.25
N ARG A 1001 -2.40 -7.15 0.79
CA ARG A 1001 -2.47 -8.43 1.46
C ARG A 1001 -1.99 -8.36 2.92
N LEU A 1002 -0.98 -7.56 3.18
CA LEU A 1002 -0.47 -7.41 4.54
C LEU A 1002 -1.52 -6.82 5.45
N GLN A 1003 -2.20 -5.79 4.99
CA GLN A 1003 -3.23 -5.15 5.80
C GLN A 1003 -4.34 -6.13 6.12
N SER A 1004 -4.65 -6.99 5.14
CA SER A 1004 -5.73 -7.98 5.35
C SER A 1004 -5.33 -8.98 6.40
N LEU A 1005 -4.10 -9.42 6.44
CA LEU A 1005 -3.63 -10.39 7.41
C LEU A 1005 -3.61 -9.70 8.79
N GLN A 1006 -3.12 -8.45 8.79
CA GLN A 1006 -3.08 -7.70 10.07
C GLN A 1006 -4.47 -7.54 10.65
N THR A 1007 -5.43 -7.33 9.79
CA THR A 1007 -6.81 -7.21 10.25
C THR A 1007 -7.25 -8.49 10.92
N TYR A 1008 -6.95 -9.62 10.27
CA TYR A 1008 -7.32 -10.92 10.80
C TYR A 1008 -6.76 -11.13 12.19
N VAL A 1009 -5.45 -10.91 12.38
CA VAL A 1009 -4.87 -11.24 13.66
C VAL A 1009 -5.41 -10.33 14.74
N THR A 1010 -5.72 -9.08 14.40
CA THR A 1010 -6.28 -8.19 15.38
C THR A 1010 -7.60 -8.75 15.88
N GLN A 1011 -8.46 -9.15 14.96
CA GLN A 1011 -9.75 -9.70 15.32
C GLN A 1011 -9.60 -10.98 16.12
N GLN A 1012 -8.58 -11.75 15.78
CA GLN A 1012 -8.33 -12.99 16.47
C GLN A 1012 -8.04 -12.76 17.94
N LEU A 1013 -7.27 -11.71 18.24
CA LEU A 1013 -6.99 -11.38 19.63
C LEU A 1013 -8.24 -10.99 20.38
N ILE A 1014 -9.11 -10.23 19.73
CA ILE A 1014 -10.33 -9.80 20.36
C ILE A 1014 -11.21 -11.01 20.70
N ARG A 1015 -11.34 -11.93 19.74
CA ARG A 1015 -12.09 -13.16 19.99
C ARG A 1015 -11.47 -13.96 21.12
N ALA A 1016 -10.15 -14.02 21.15
CA ALA A 1016 -9.47 -14.78 22.19
C ALA A 1016 -9.81 -14.24 23.56
N ALA A 1017 -9.85 -12.93 23.69
CA ALA A 1017 -10.13 -12.33 24.99
C ALA A 1017 -11.48 -12.75 25.52
N GLU A 1018 -12.47 -12.79 24.64
CA GLU A 1018 -13.80 -13.18 25.06
C GLU A 1018 -13.84 -14.62 25.51
N ILE A 1019 -13.17 -15.49 24.77
CA ILE A 1019 -13.13 -16.89 25.15
C ILE A 1019 -12.40 -17.07 26.45
N ARG A 1020 -11.28 -16.40 26.59
CA ARG A 1020 -10.47 -16.50 27.78
C ARG A 1020 -11.33 -16.22 29.01
N ALA A 1021 -12.14 -15.16 28.94
CA ALA A 1021 -13.05 -14.82 30.01
C ALA A 1021 -14.05 -15.95 30.26
N SER A 1022 -14.56 -16.54 29.17
CA SER A 1022 -15.51 -17.62 29.29
C SER A 1022 -14.89 -18.80 30.02
N ALA A 1023 -13.66 -19.14 29.65
CA ALA A 1023 -12.96 -20.25 30.28
C ALA A 1023 -12.79 -20.01 31.78
N ASN A 1024 -12.49 -18.77 32.15
CA ASN A 1024 -12.31 -18.45 33.56
C ASN A 1024 -13.59 -18.72 34.34
N LEU A 1025 -14.71 -18.33 33.75
CA LEU A 1025 -15.99 -18.58 34.37
C LEU A 1025 -16.26 -20.06 34.49
N ALA A 1026 -16.02 -20.79 33.40
CA ALA A 1026 -16.29 -22.21 33.40
C ALA A 1026 -15.51 -22.90 34.51
N ALA A 1027 -14.25 -22.50 34.68
CA ALA A 1027 -13.43 -23.08 35.73
C ALA A 1027 -14.03 -22.77 37.09
N THR A 1028 -14.50 -21.54 37.27
CA THR A 1028 -15.10 -21.12 38.53
C THR A 1028 -16.33 -21.93 38.83
N LYS A 1029 -17.20 -22.08 37.83
CA LYS A 1029 -18.42 -22.82 38.02
C LYS A 1029 -18.17 -24.26 38.40
N MET A 1030 -17.20 -24.91 37.76
CA MET A 1030 -16.95 -26.28 38.13
C MET A 1030 -16.52 -26.35 39.58
N SER A 1031 -15.64 -25.45 39.98
CA SER A 1031 -15.16 -25.45 41.34
C SER A 1031 -16.28 -25.27 42.36
N GLU A 1032 -17.19 -24.33 42.09
CA GLU A 1032 -18.23 -24.01 43.06
C GLU A 1032 -19.51 -24.83 42.93
N CYS A 1033 -19.80 -25.35 41.74
CA CYS A 1033 -21.03 -26.08 41.54
C CYS A 1033 -20.83 -27.61 41.55
N VAL A 1034 -19.61 -28.05 41.21
CA VAL A 1034 -19.35 -29.48 41.09
C VAL A 1034 -18.52 -29.98 42.26
N LEU A 1035 -17.44 -29.27 42.56
CA LEU A 1035 -16.51 -29.71 43.60
C LEU A 1035 -16.94 -29.22 44.98
N GLY A 1036 -18.10 -28.62 45.06
CA GLY A 1036 -18.63 -28.10 46.31
C GLY A 1036 -20.12 -27.80 46.17
N GLN A 1037 -20.64 -26.98 47.06
CA GLN A 1037 -22.05 -26.61 47.02
C GLN A 1037 -22.21 -25.12 47.16
N SER A 1038 -22.71 -24.50 46.12
CA SER A 1038 -22.87 -23.06 46.07
C SER A 1038 -23.90 -22.55 47.06
N LYS A 1039 -23.61 -21.41 47.65
CA LYS A 1039 -24.57 -20.74 48.51
C LYS A 1039 -25.14 -19.53 47.78
N ARG A 1040 -24.33 -18.93 46.93
CA ARG A 1040 -24.73 -17.78 46.14
C ARG A 1040 -25.87 -18.19 45.21
N VAL A 1041 -26.87 -17.32 45.09
CA VAL A 1041 -28.05 -17.62 44.29
C VAL A 1041 -27.82 -17.46 42.80
N ASP A 1042 -28.61 -18.18 42.01
CA ASP A 1042 -28.62 -18.06 40.56
C ASP A 1042 -27.24 -18.19 39.96
N PHE A 1043 -26.44 -19.10 40.48
CA PHE A 1043 -25.12 -19.32 39.94
C PHE A 1043 -25.01 -20.69 39.32
N CYS A 1044 -25.59 -21.68 39.99
CA CYS A 1044 -25.53 -23.06 39.52
C CYS A 1044 -26.90 -23.48 38.99
N GLY A 1045 -27.83 -22.53 38.91
CA GLY A 1045 -29.18 -22.82 38.49
C GLY A 1045 -30.17 -21.95 39.25
N LYS A 1046 -31.43 -21.98 38.81
CA LYS A 1046 -32.47 -21.13 39.41
C LYS A 1046 -32.95 -21.63 40.77
N GLY A 1047 -32.91 -22.94 40.98
CA GLY A 1047 -33.39 -23.50 42.24
C GLY A 1047 -32.27 -23.55 43.27
N TYR A 1048 -32.48 -24.35 44.31
CA TYR A 1048 -31.49 -24.48 45.36
C TYR A 1048 -30.49 -25.57 45.00
N HIS A 1049 -29.23 -25.20 44.86
CA HIS A 1049 -28.23 -26.13 44.35
C HIS A 1049 -28.02 -27.37 45.20
N LEU A 1050 -28.09 -28.54 44.57
CA LEU A 1050 -27.82 -29.78 45.26
C LEU A 1050 -26.59 -30.49 44.71
N MET A 1051 -26.52 -30.60 43.39
CA MET A 1051 -25.53 -31.44 42.74
C MET A 1051 -25.29 -30.99 41.30
N SER A 1052 -24.13 -31.30 40.75
CA SER A 1052 -23.92 -31.10 39.32
C SER A 1052 -22.85 -32.01 38.76
N PHE A 1053 -22.94 -32.25 37.45
CA PHE A 1053 -21.95 -33.06 36.76
C PHE A 1053 -21.52 -32.43 35.44
N PRO A 1054 -20.20 -32.34 35.19
CA PRO A 1054 -19.60 -32.02 33.92
C PRO A 1054 -19.84 -33.10 32.89
N GLN A 1055 -19.91 -32.69 31.63
CA GLN A 1055 -19.90 -33.59 30.50
C GLN A 1055 -18.96 -33.04 29.43
N ALA A 1056 -18.20 -33.94 28.81
CA ALA A 1056 -17.29 -33.56 27.72
C ALA A 1056 -18.08 -33.01 26.55
N ALA A 1057 -17.51 -32.04 25.86
CA ALA A 1057 -18.15 -31.44 24.71
C ALA A 1057 -17.10 -30.85 23.77
N PRO A 1058 -17.37 -30.81 22.47
CA PRO A 1058 -16.51 -30.26 21.47
C PRO A 1058 -16.29 -28.78 21.72
N HIS A 1059 -15.03 -28.41 21.91
CA HIS A 1059 -14.64 -27.02 22.15
C HIS A 1059 -15.38 -26.37 23.31
N GLY A 1060 -15.88 -27.16 24.27
CA GLY A 1060 -16.66 -26.58 25.34
C GLY A 1060 -16.96 -27.54 26.47
N VAL A 1061 -17.76 -27.06 27.41
CA VAL A 1061 -18.13 -27.85 28.58
C VAL A 1061 -19.62 -27.80 28.80
N VAL A 1062 -20.22 -28.95 29.07
CA VAL A 1062 -21.64 -28.99 29.37
C VAL A 1062 -21.88 -29.44 30.78
N PHE A 1063 -22.67 -28.66 31.51
CA PHE A 1063 -22.98 -29.00 32.89
C PHE A 1063 -24.42 -29.38 33.06
N LEU A 1064 -24.64 -30.39 33.88
CA LEU A 1064 -25.98 -30.75 34.29
C LEU A 1064 -26.16 -30.34 35.73
N HIS A 1065 -27.01 -29.34 35.95
CA HIS A 1065 -27.19 -28.80 37.29
C HIS A 1065 -28.46 -29.31 37.93
N VAL A 1066 -28.33 -29.93 39.09
CA VAL A 1066 -29.45 -30.53 39.79
C VAL A 1066 -29.87 -29.61 40.93
N THR A 1067 -31.11 -29.14 40.89
CA THR A 1067 -31.56 -28.22 41.91
C THR A 1067 -32.86 -28.63 42.58
N TYR A 1068 -33.03 -28.17 43.82
CA TYR A 1068 -34.25 -28.34 44.59
C TYR A 1068 -35.20 -27.18 44.34
N VAL A 1069 -36.44 -27.49 44.02
CA VAL A 1069 -37.42 -26.46 43.77
C VAL A 1069 -38.68 -26.70 44.61
N PRO A 1070 -39.11 -25.71 45.40
CA PRO A 1070 -40.29 -25.77 46.23
C PRO A 1070 -41.53 -25.87 45.35
N SER A 1071 -42.54 -26.57 45.83
CA SER A 1071 -43.77 -26.76 45.06
C SER A 1071 -44.97 -26.10 45.72
N GLN A 1072 -46.15 -26.54 45.32
CA GLN A 1072 -47.43 -25.97 45.75
C GLN A 1072 -47.42 -25.57 47.22
N GLU A 1073 -47.94 -24.37 47.49
CA GLU A 1073 -47.96 -23.83 48.83
C GLU A 1073 -49.32 -23.90 49.51
N ARG A 1074 -49.34 -23.43 50.75
CA ARG A 1074 -50.54 -23.35 51.55
C ARG A 1074 -50.51 -22.12 52.45
N ASN A 1075 -51.70 -21.55 52.69
CA ASN A 1075 -51.84 -20.37 53.53
C ASN A 1075 -51.93 -20.74 55.01
N PHE A 1076 -51.15 -20.05 55.83
CA PHE A 1076 -51.25 -20.18 57.27
C PHE A 1076 -51.19 -18.81 57.92
N THR A 1077 -51.74 -18.68 59.11
CA THR A 1077 -51.61 -17.43 59.85
C THR A 1077 -50.35 -17.49 60.72
N THR A 1078 -49.67 -16.36 60.87
CA THR A 1078 -48.46 -16.36 61.70
C THR A 1078 -48.50 -15.33 62.83
N ALA A 1079 -47.40 -15.26 63.57
CA ALA A 1079 -47.26 -14.34 64.69
C ALA A 1079 -45.78 -14.15 65.03
N PRO A 1080 -45.27 -12.91 65.10
CA PRO A 1080 -43.91 -12.54 65.45
C PRO A 1080 -43.40 -13.23 66.71
N ALA A 1081 -44.28 -13.40 67.69
CA ALA A 1081 -43.92 -14.03 68.95
C ALA A 1081 -45.16 -14.49 69.69
N ILE A 1082 -44.98 -15.34 70.69
CA ILE A 1082 -46.10 -15.74 71.52
C ILE A 1082 -45.84 -15.37 72.97
N CYS A 1083 -46.90 -15.05 73.69
CA CYS A 1083 -46.78 -14.67 75.10
C CYS A 1083 -47.24 -15.80 76.00
N HIS A 1084 -46.41 -16.11 76.99
CA HIS A 1084 -46.74 -17.16 77.94
C HIS A 1084 -46.14 -16.83 79.30
N GLU A 1085 -46.98 -16.87 80.33
CA GLU A 1085 -46.57 -16.53 81.68
C GLU A 1085 -45.93 -15.15 81.74
N GLY A 1086 -46.44 -14.22 80.93
CA GLY A 1086 -45.98 -12.84 80.94
C GLY A 1086 -44.68 -12.62 80.17
N LYS A 1087 -44.14 -13.68 79.56
CA LYS A 1087 -42.89 -13.57 78.83
C LYS A 1087 -43.07 -13.78 77.35
N ALA A 1088 -42.26 -13.08 76.56
CA ALA A 1088 -42.29 -13.23 75.11
C ALA A 1088 -41.37 -14.34 74.64
N TYR A 1089 -41.92 -15.28 73.89
CA TYR A 1089 -41.15 -16.38 73.35
C TYR A 1089 -40.95 -16.23 71.85
N PHE A 1090 -39.70 -16.29 71.44
CA PHE A 1090 -39.33 -16.17 70.06
C PHE A 1090 -38.85 -17.51 69.55
N PRO A 1091 -39.10 -17.83 68.27
CA PRO A 1091 -38.73 -19.05 67.60
C PRO A 1091 -37.23 -19.11 67.37
N ARG A 1092 -36.71 -20.31 67.15
CA ARG A 1092 -35.28 -20.43 66.83
C ARG A 1092 -35.08 -20.37 65.31
N GLU A 1093 -34.96 -21.53 64.66
CA GLU A 1093 -34.71 -21.53 63.22
C GLU A 1093 -35.99 -21.38 62.39
N GLY A 1094 -37.15 -21.58 63.02
CA GLY A 1094 -38.40 -21.64 62.29
C GLY A 1094 -39.32 -20.45 62.52
N VAL A 1095 -40.57 -20.61 62.08
CA VAL A 1095 -41.60 -19.60 62.20
C VAL A 1095 -42.83 -20.18 62.87
N PHE A 1096 -43.52 -19.39 63.68
CA PHE A 1096 -44.75 -19.85 64.29
C PHE A 1096 -45.87 -19.86 63.26
N VAL A 1097 -46.50 -21.01 63.10
CA VAL A 1097 -47.50 -21.21 62.07
C VAL A 1097 -48.83 -21.67 62.66
N PHE A 1098 -49.93 -21.09 62.18
CA PHE A 1098 -51.24 -21.44 62.69
C PHE A 1098 -52.11 -22.15 61.65
N ASN A 1099 -52.45 -23.39 61.97
CA ASN A 1099 -53.30 -24.20 61.13
C ASN A 1099 -54.72 -24.25 61.71
N GLY A 1100 -55.51 -25.21 61.28
CA GLY A 1100 -56.88 -25.35 61.73
C GLY A 1100 -56.98 -25.49 63.25
N THR A 1101 -56.93 -24.35 63.92
CA THR A 1101 -57.05 -24.20 65.35
C THR A 1101 -55.89 -24.82 66.14
N SER A 1102 -54.67 -24.67 65.64
CA SER A 1102 -53.51 -25.08 66.44
C SER A 1102 -52.20 -24.43 65.98
N TRP A 1103 -51.42 -23.96 66.95
CA TRP A 1103 -50.14 -23.34 66.65
C TRP A 1103 -48.99 -24.33 66.69
N PHE A 1104 -48.06 -24.17 65.75
CA PHE A 1104 -46.87 -24.99 65.68
C PHE A 1104 -45.68 -24.17 65.24
N ILE A 1105 -44.52 -24.81 65.16
CA ILE A 1105 -43.32 -24.15 64.63
C ILE A 1105 -42.70 -24.99 63.53
N THR A 1106 -42.29 -24.35 62.44
CA THR A 1106 -41.69 -25.11 61.34
C THR A 1106 -40.73 -24.26 60.50
N GLN A 1107 -39.86 -24.93 59.74
CA GLN A 1107 -38.90 -24.25 58.86
C GLN A 1107 -39.59 -23.55 57.69
N ARG A 1108 -39.07 -22.39 57.32
CA ARG A 1108 -39.64 -21.62 56.23
C ARG A 1108 -39.68 -22.34 54.88
N ASN A 1109 -38.69 -23.18 54.60
CA ASN A 1109 -38.60 -23.78 53.27
C ASN A 1109 -39.31 -25.12 53.14
N PHE A 1110 -40.08 -25.50 54.14
CA PHE A 1110 -40.81 -26.76 54.07
C PHE A 1110 -41.97 -26.73 55.05
N PHE A 1111 -42.75 -27.79 55.10
CA PHE A 1111 -43.81 -27.81 56.09
C PHE A 1111 -43.78 -29.03 56.96
N SER A 1112 -43.44 -28.82 58.21
CA SER A 1112 -43.47 -29.88 59.18
C SER A 1112 -43.71 -29.26 60.56
N PRO A 1113 -44.97 -29.23 61.01
CA PRO A 1113 -45.46 -28.52 62.17
C PRO A 1113 -45.07 -29.19 63.48
N GLN A 1114 -44.07 -28.64 64.16
CA GLN A 1114 -43.61 -29.22 65.40
C GLN A 1114 -44.32 -28.60 66.57
N ILE A 1115 -44.38 -29.33 67.66
CA ILE A 1115 -44.95 -28.80 68.88
C ILE A 1115 -44.10 -27.66 69.38
N ILE A 1116 -44.71 -26.58 69.81
CA ILE A 1116 -43.96 -25.48 70.36
C ILE A 1116 -43.56 -25.81 71.78
N THR A 1117 -42.28 -26.06 71.96
CA THR A 1117 -41.77 -26.50 73.23
C THR A 1117 -40.70 -25.54 73.72
N THR A 1118 -40.40 -25.59 75.00
CA THR A 1118 -39.42 -24.71 75.61
C THR A 1118 -38.03 -24.80 74.99
N ASP A 1119 -37.66 -25.98 74.51
CA ASP A 1119 -36.33 -26.19 73.94
C ASP A 1119 -36.26 -25.98 72.43
N ASN A 1120 -37.35 -25.51 71.83
CA ASN A 1120 -37.37 -25.22 70.40
C ASN A 1120 -37.63 -23.75 70.15
N THR A 1121 -37.47 -22.95 71.20
CA THR A 1121 -37.74 -21.52 71.17
C THR A 1121 -36.80 -20.84 72.15
N PHE A 1122 -37.01 -19.57 72.41
CA PHE A 1122 -36.27 -18.92 73.48
C PHE A 1122 -37.11 -17.81 74.08
N VAL A 1123 -36.82 -17.43 75.30
CA VAL A 1123 -37.61 -16.40 75.95
C VAL A 1123 -36.78 -15.20 76.31
N SER A 1124 -37.29 -14.02 75.98
CA SER A 1124 -36.61 -12.78 76.29
C SER A 1124 -37.52 -11.58 76.19
N GLY A 1125 -37.56 -10.80 77.25
CA GLY A 1125 -38.40 -9.61 77.26
C GLY A 1125 -39.82 -9.95 77.66
N ASN A 1126 -40.57 -8.96 78.07
CA ASN A 1126 -41.96 -9.16 78.44
C ASN A 1126 -42.85 -9.09 77.21
N CYS A 1127 -44.15 -9.14 77.41
CA CYS A 1127 -45.09 -9.21 76.31
C CYS A 1127 -45.63 -7.84 75.89
N ASP A 1128 -45.15 -6.79 76.54
CA ASP A 1128 -45.66 -5.44 76.29
C ASP A 1128 -44.74 -4.66 75.37
N VAL A 1129 -43.74 -5.33 74.84
CA VAL A 1129 -42.76 -4.70 73.98
C VAL A 1129 -42.70 -5.37 72.61
N VAL A 1130 -43.75 -6.11 72.27
CA VAL A 1130 -43.79 -6.81 71.01
C VAL A 1130 -45.05 -6.47 70.24
N ILE A 1131 -44.90 -6.22 68.94
CA ILE A 1131 -46.03 -5.90 68.09
C ILE A 1131 -46.59 -7.17 67.47
N GLY A 1132 -47.89 -7.39 67.63
CA GLY A 1132 -48.54 -8.54 67.03
C GLY A 1132 -48.44 -9.80 67.87
N ILE A 1133 -47.90 -9.68 69.07
CA ILE A 1133 -47.74 -10.85 69.95
C ILE A 1133 -49.09 -11.40 70.34
N ILE A 1134 -49.19 -12.72 70.39
CA ILE A 1134 -50.44 -13.37 70.74
C ILE A 1134 -50.29 -14.23 71.98
N ASN A 1135 -51.41 -14.57 72.61
CA ASN A 1135 -51.39 -15.44 73.78
C ASN A 1135 -51.38 -16.90 73.38
N ASN A 1136 -50.48 -17.66 73.98
CA ASN A 1136 -50.33 -19.07 73.66
C ASN A 1136 -49.72 -19.81 74.84
N THR A 1137 -49.50 -21.12 74.68
CA THR A 1137 -48.86 -21.90 75.72
C THR A 1137 -47.56 -22.50 75.22
N VAL A 1138 -46.67 -22.82 76.15
CA VAL A 1138 -45.39 -23.44 75.81
C VAL A 1138 -45.24 -24.76 76.54
N TYR A 1139 -44.96 -25.82 75.81
CA TYR A 1139 -44.76 -27.12 76.43
C TYR A 1139 -43.43 -27.21 77.15
N ASP A 1140 -43.46 -27.74 78.35
CA ASP A 1140 -42.25 -27.93 79.12
C ASP A 1140 -42.28 -29.30 79.80
N PRO A 1141 -41.38 -30.23 79.40
CA PRO A 1141 -41.35 -31.62 79.81
C PRO A 1141 -41.19 -31.75 81.32
N LEU A 1142 -40.73 -30.68 81.96
CA LEU A 1142 -40.59 -30.66 83.40
C LEU A 1142 -41.86 -31.18 84.08
N GLN A 1143 -43.01 -30.78 83.56
CA GLN A 1143 -44.27 -31.08 84.19
C GLN A 1143 -44.59 -32.60 84.30
N PRO A 1144 -44.55 -33.38 83.18
CA PRO A 1144 -44.67 -34.83 83.20
C PRO A 1144 -43.49 -35.53 83.87
N GLU A 1145 -42.32 -34.88 83.88
CA GLU A 1145 -41.16 -35.46 84.55
C GLU A 1145 -41.34 -35.44 86.07
N LEU A 1146 -41.78 -34.30 86.58
CA LEU A 1146 -41.99 -34.13 88.01
C LEU A 1146 -43.19 -34.97 88.47
N ARG B 37 62.20 -11.80 -17.24
CA ARG B 37 62.30 -13.15 -17.76
C ARG B 37 61.38 -14.09 -17.00
N CYS B 38 61.37 -15.36 -17.43
CA CYS B 38 60.52 -16.33 -16.77
C CYS B 38 61.10 -17.73 -16.89
N THR B 39 61.24 -18.41 -15.77
CA THR B 39 61.76 -19.76 -15.72
C THR B 39 60.68 -20.75 -15.33
N THR B 40 60.36 -21.66 -16.24
CA THR B 40 59.30 -22.62 -16.01
C THR B 40 59.85 -24.04 -15.97
N ASN B 48 48.65 -30.50 -2.87
CA ASN B 48 48.02 -31.73 -3.30
C ASN B 48 46.51 -31.59 -3.35
N TYR B 49 46.05 -30.38 -3.00
CA TYR B 49 44.61 -30.08 -2.87
C TYR B 49 43.97 -30.92 -1.78
N THR B 50 44.73 -31.17 -0.71
CA THR B 50 44.22 -31.89 0.45
C THR B 50 43.09 -31.11 1.07
N GLN B 51 41.99 -31.79 1.40
CA GLN B 51 40.88 -31.09 2.00
C GLN B 51 40.98 -31.09 3.51
N HIS B 52 40.68 -29.93 4.09
CA HIS B 52 40.74 -29.72 5.52
C HIS B 52 39.47 -29.03 6.00
N THR B 53 39.36 -28.83 7.30
CA THR B 53 38.19 -28.16 7.85
C THR B 53 38.50 -26.73 8.20
N SER B 54 37.56 -25.84 7.90
CA SER B 54 37.69 -24.41 8.20
C SER B 54 37.54 -24.08 9.66
N SER B 55 37.05 -25.03 10.45
CA SER B 55 36.79 -24.74 11.85
C SER B 55 35.92 -23.51 11.97
N MET B 56 36.33 -22.59 12.84
CA MET B 56 35.61 -21.34 13.04
C MET B 56 36.42 -20.15 12.55
N ARG B 57 37.31 -20.40 11.59
CA ARG B 57 38.15 -19.34 11.03
C ARG B 57 37.44 -18.61 9.89
N GLY B 58 37.99 -17.44 9.52
CA GLY B 58 37.49 -16.70 8.37
C GLY B 58 36.52 -15.58 8.75
N VAL B 59 36.42 -15.31 10.04
CA VAL B 59 35.57 -14.24 10.57
C VAL B 59 36.34 -12.92 10.56
N TYR B 60 35.64 -11.84 10.24
CA TYR B 60 36.25 -10.53 10.18
C TYR B 60 35.26 -9.44 10.55
N TYR B 61 35.78 -8.24 10.81
CA TYR B 61 34.92 -7.10 11.13
C TYR B 61 34.28 -6.53 9.86
N PRO B 62 32.97 -6.73 9.64
CA PRO B 62 32.24 -6.43 8.42
C PRO B 62 32.12 -4.94 8.14
N ASP B 63 32.25 -4.12 9.16
CA ASP B 63 32.11 -2.68 8.98
C ASP B 63 32.91 -1.88 10.01
N GLU B 64 33.17 -0.63 9.67
CA GLU B 64 33.91 0.32 10.49
C GLU B 64 33.07 0.91 11.62
N ILE B 65 32.02 0.21 12.04
CA ILE B 65 31.15 0.70 13.08
C ILE B 65 31.50 0.15 14.45
N PHE B 66 31.67 1.06 15.39
CA PHE B 66 31.96 0.67 16.76
C PHE B 66 30.70 0.20 17.49
N ARG B 67 30.82 -0.96 18.13
CA ARG B 67 29.75 -1.54 18.91
C ARG B 67 30.34 -1.98 20.23
N SER B 68 29.52 -2.22 21.23
CA SER B 68 30.02 -2.71 22.51
C SER B 68 28.99 -3.52 23.27
N ASP B 69 29.42 -4.65 23.82
CA ASP B 69 28.59 -5.48 24.68
C ASP B 69 27.24 -5.77 24.02
N THR B 70 27.26 -6.47 22.89
CA THR B 70 26.03 -6.69 22.14
C THR B 70 26.12 -7.85 21.17
N LEU B 71 24.97 -8.41 20.83
CA LEU B 71 24.91 -9.43 19.79
C LEU B 71 24.37 -8.84 18.52
N TYR B 72 25.15 -8.93 17.46
CA TYR B 72 24.76 -8.34 16.18
C TYR B 72 24.59 -9.41 15.11
N LEU B 73 23.41 -9.45 14.52
CA LEU B 73 23.12 -10.44 13.50
C LEU B 73 23.20 -9.83 12.12
N THR B 74 23.98 -10.46 11.24
CA THR B 74 24.08 -9.95 9.86
C THR B 74 24.39 -11.06 8.87
N GLN B 75 24.57 -10.66 7.61
CA GLN B 75 24.85 -11.58 6.52
C GLN B 75 25.88 -11.00 5.58
N ASP B 76 26.90 -11.78 5.26
CA ASP B 76 27.96 -11.32 4.37
C ASP B 76 28.78 -12.48 3.84
N LEU B 77 29.77 -12.16 3.03
CA LEU B 77 30.65 -13.17 2.49
C LEU B 77 31.66 -13.62 3.52
N PHE B 78 31.26 -14.58 4.32
CA PHE B 78 32.08 -15.15 5.38
C PHE B 78 32.43 -16.57 5.01
N LEU B 79 33.49 -17.10 5.61
CA LEU B 79 33.82 -18.49 5.41
C LEU B 79 32.89 -19.33 6.31
N PRO B 80 32.08 -20.24 5.75
CA PRO B 80 31.15 -21.09 6.46
C PRO B 80 31.91 -21.89 7.48
N PHE B 81 31.29 -22.18 8.62
CA PHE B 81 31.98 -22.98 9.60
C PHE B 81 32.09 -24.41 9.13
N TYR B 82 33.25 -25.01 9.39
CA TYR B 82 33.55 -26.38 9.00
C TYR B 82 33.40 -26.60 7.50
N SER B 83 33.80 -25.62 6.69
CA SER B 83 33.74 -25.74 5.25
C SER B 83 34.91 -26.57 4.77
N ASN B 84 34.88 -26.95 3.49
CA ASN B 84 35.95 -27.70 2.87
C ASN B 84 37.08 -26.78 2.39
N VAL B 85 38.18 -26.80 3.08
CA VAL B 85 39.32 -25.94 2.78
C VAL B 85 40.38 -26.69 1.98
N THR B 86 40.86 -26.08 0.91
CA THR B 86 41.85 -26.75 0.08
C THR B 86 43.27 -26.35 0.51
N GLY B 87 44.09 -27.36 0.80
CA GLY B 87 45.47 -27.12 1.19
C GLY B 87 46.42 -27.25 0.00
N PHE B 88 47.48 -26.46 0.03
CA PHE B 88 48.50 -26.47 -1.00
C PHE B 88 49.87 -26.54 -0.36
N HIS B 89 50.85 -27.16 -1.02
CA HIS B 89 52.14 -27.31 -0.36
C HIS B 89 53.33 -26.93 -1.24
N THR B 90 54.41 -26.53 -0.57
CA THR B 90 55.71 -26.30 -1.21
C THR B 90 56.75 -27.16 -0.51
N ILE B 91 56.97 -28.36 -1.05
CA ILE B 91 57.83 -29.35 -0.40
C ILE B 91 58.82 -29.94 -1.40
N ASN B 92 60.11 -29.83 -1.09
CA ASN B 92 61.15 -30.37 -1.95
C ASN B 92 60.98 -29.91 -3.39
N HIS B 93 60.66 -30.83 -4.30
CA HIS B 93 60.53 -30.53 -5.72
C HIS B 93 59.12 -30.10 -6.13
N THR B 94 58.14 -30.21 -5.23
CA THR B 94 56.76 -29.92 -5.57
C THR B 94 56.29 -28.58 -5.04
N PHE B 95 55.86 -27.71 -5.95
CA PHE B 95 55.39 -26.39 -5.57
C PHE B 95 54.05 -26.08 -6.20
N ASP B 96 53.02 -26.00 -5.37
CA ASP B 96 51.70 -25.69 -5.86
C ASP B 96 51.50 -24.19 -6.08
N ASN B 97 51.38 -23.78 -7.35
CA ASN B 97 51.13 -22.38 -7.71
C ASN B 97 50.14 -22.22 -8.89
N PRO B 98 49.01 -22.96 -8.91
CA PRO B 98 48.02 -22.99 -9.95
C PRO B 98 47.17 -21.73 -9.94
N VAL B 99 46.43 -21.51 -11.02
CA VAL B 99 45.46 -20.44 -11.05
C VAL B 99 44.14 -20.94 -10.46
N ILE B 100 43.67 -20.24 -9.45
CA ILE B 100 42.50 -20.61 -8.69
C ILE B 100 41.36 -19.60 -8.92
N PRO B 101 40.13 -20.07 -9.21
CA PRO B 101 38.92 -19.27 -9.33
C PRO B 101 38.69 -18.44 -8.07
N PHE B 102 38.25 -17.21 -8.26
CA PHE B 102 38.02 -16.30 -7.14
C PHE B 102 36.60 -16.42 -6.59
N LYS B 103 35.61 -16.57 -7.48
CA LYS B 103 34.20 -16.69 -7.06
C LYS B 103 33.75 -15.53 -6.18
N ASP B 104 34.10 -14.31 -6.57
CA ASP B 104 33.70 -13.08 -5.89
C ASP B 104 34.27 -12.92 -4.47
N GLY B 105 35.13 -13.83 -4.05
CA GLY B 105 35.76 -13.69 -2.75
C GLY B 105 36.22 -15.02 -2.17
N ILE B 106 37.44 -14.99 -1.63
CA ILE B 106 38.05 -16.19 -1.08
C ILE B 106 38.65 -15.98 0.29
N TYR B 107 38.94 -17.10 0.93
CA TYR B 107 39.69 -17.11 2.17
C TYR B 107 41.08 -17.63 1.91
N PHE B 108 42.08 -16.97 2.49
CA PHE B 108 43.45 -17.42 2.33
C PHE B 108 44.17 -17.49 3.66
N ALA B 109 44.98 -18.51 3.81
CA ALA B 109 45.84 -18.60 4.98
C ALA B 109 47.15 -19.28 4.62
N ALA B 110 48.20 -18.98 5.37
CA ALA B 110 49.47 -19.63 5.13
C ALA B 110 50.25 -19.84 6.41
N THR B 111 50.91 -20.99 6.46
CA THR B 111 51.76 -21.35 7.59
C THR B 111 53.21 -21.20 7.16
N GLU B 112 53.94 -20.38 7.90
CA GLU B 112 55.30 -20.03 7.52
C GLU B 112 56.32 -20.22 8.61
N LYS B 113 57.55 -20.45 8.17
CA LYS B 113 58.71 -20.44 9.04
C LYS B 113 59.86 -19.80 8.28
N SER B 114 59.65 -19.64 6.96
CA SER B 114 60.69 -19.10 6.08
C SER B 114 60.15 -18.10 5.06
N ASN B 115 58.90 -17.66 5.27
CA ASN B 115 58.26 -16.67 4.41
C ASN B 115 58.28 -17.05 2.93
N VAL B 116 57.90 -18.29 2.63
CA VAL B 116 57.85 -18.76 1.25
C VAL B 116 56.82 -18.00 0.43
N VAL B 117 55.64 -17.80 1.00
CA VAL B 117 54.59 -17.07 0.30
C VAL B 117 54.90 -15.58 0.33
N ARG B 118 54.91 -14.96 -0.85
CA ARG B 118 55.24 -13.55 -0.94
C ARG B 118 54.05 -12.70 -1.36
N GLY B 119 53.11 -13.27 -2.11
CA GLY B 119 52.00 -12.47 -2.59
C GLY B 119 51.03 -13.22 -3.48
N TRP B 120 50.20 -12.45 -4.18
CA TRP B 120 49.16 -12.99 -5.06
C TRP B 120 49.02 -12.17 -6.34
N VAL B 121 48.50 -12.79 -7.38
CA VAL B 121 48.09 -12.04 -8.57
C VAL B 121 46.60 -12.23 -8.79
N PHE B 122 45.85 -11.14 -8.80
CA PHE B 122 44.41 -11.23 -9.00
C PHE B 122 44.01 -10.61 -10.34
N GLY B 123 43.16 -11.29 -11.10
CA GLY B 123 42.71 -10.75 -12.38
C GLY B 123 41.77 -11.68 -13.12
N SER B 124 41.64 -11.45 -14.42
CA SER B 124 40.74 -12.22 -15.27
C SER B 124 41.52 -13.16 -16.18
N THR B 125 42.02 -12.62 -17.28
CA THR B 125 42.77 -13.38 -18.27
C THR B 125 44.18 -13.74 -17.81
N MET B 126 44.64 -13.08 -16.75
CA MET B 126 45.95 -13.34 -16.16
C MET B 126 47.09 -13.15 -17.18
N ASN B 127 47.00 -12.07 -17.97
CA ASN B 127 48.05 -11.73 -18.94
C ASN B 127 47.91 -10.26 -19.35
N ASN B 128 48.72 -9.81 -20.33
CA ASN B 128 48.78 -8.41 -20.70
C ASN B 128 47.65 -8.01 -21.64
N LYS B 129 46.63 -8.85 -21.74
CA LYS B 129 45.45 -8.52 -22.52
C LYS B 129 44.53 -7.58 -21.74
N SER B 130 44.54 -7.70 -20.42
CA SER B 130 43.68 -6.87 -19.59
C SER B 130 44.30 -6.59 -18.25
N GLN B 131 43.53 -5.98 -17.37
CA GLN B 131 44.05 -5.55 -16.09
C GLN B 131 44.12 -6.67 -15.06
N SER B 132 45.18 -6.64 -14.27
CA SER B 132 45.33 -7.53 -13.12
C SER B 132 46.16 -6.83 -12.07
N VAL B 133 46.01 -7.23 -10.82
CA VAL B 133 46.75 -6.59 -9.75
C VAL B 133 47.71 -7.54 -9.08
N ILE B 134 48.92 -7.06 -8.88
CA ILE B 134 49.94 -7.83 -8.21
C ILE B 134 50.18 -7.29 -6.82
N ILE B 135 49.95 -8.13 -5.83
CA ILE B 135 50.11 -7.74 -4.43
C ILE B 135 51.23 -8.55 -3.80
N ILE B 136 52.36 -7.91 -3.53
CA ILE B 136 53.50 -8.64 -2.99
C ILE B 136 54.18 -7.99 -1.81
N ASN B 137 54.79 -8.84 -1.00
CA ASN B 137 55.75 -8.43 -0.02
C ASN B 137 57.08 -8.37 -0.75
N ASN B 138 57.55 -7.16 -1.02
CA ASN B 138 58.67 -6.95 -1.91
C ASN B 138 59.99 -7.00 -1.15
N SER B 139 59.91 -7.41 0.13
CA SER B 139 61.02 -7.62 1.05
C SER B 139 61.45 -6.37 1.80
N THR B 140 61.10 -5.19 1.28
CA THR B 140 61.35 -3.96 2.01
C THR B 140 60.08 -3.15 2.11
N ASN B 141 59.20 -3.35 1.15
CA ASN B 141 57.94 -2.61 1.10
C ASN B 141 56.83 -3.53 0.60
N VAL B 142 55.59 -3.20 0.91
CA VAL B 142 54.49 -3.88 0.27
C VAL B 142 54.15 -3.14 -0.99
N VAL B 143 54.13 -3.85 -2.11
CA VAL B 143 53.93 -3.23 -3.39
C VAL B 143 52.69 -3.75 -4.08
N ILE B 144 51.82 -2.83 -4.47
CA ILE B 144 50.60 -3.17 -5.17
C ILE B 144 50.50 -2.42 -6.49
N ARG B 145 50.36 -3.16 -7.58
CA ARG B 145 50.23 -2.51 -8.89
C ARG B 145 49.18 -3.17 -9.74
N ALA B 146 48.36 -2.35 -10.40
CA ALA B 146 47.38 -2.87 -11.35
C ALA B 146 47.70 -2.39 -12.76
N CYS B 147 48.03 -3.35 -13.61
CA CYS B 147 48.46 -3.07 -14.98
C CYS B 147 48.13 -4.23 -15.89
N ASN B 148 48.38 -4.06 -17.17
CA ASN B 148 48.31 -5.17 -18.11
C ASN B 148 49.65 -5.86 -18.10
N PHE B 149 49.78 -6.86 -17.23
CA PHE B 149 51.09 -7.47 -16.99
C PHE B 149 51.36 -8.67 -17.88
N GLU B 150 52.57 -8.74 -18.38
CA GLU B 150 53.04 -9.92 -19.07
C GLU B 150 53.65 -10.83 -18.04
N LEU B 151 52.81 -11.69 -17.47
CA LEU B 151 53.15 -12.49 -16.31
C LEU B 151 54.00 -13.69 -16.65
N CYS B 152 54.84 -14.07 -15.72
CA CYS B 152 55.57 -15.32 -15.80
C CYS B 152 54.61 -16.48 -15.56
N ASP B 153 54.74 -17.52 -16.37
CA ASP B 153 53.90 -18.71 -16.24
C ASP B 153 54.20 -19.49 -14.97
N ASN B 154 55.37 -19.24 -14.41
CA ASN B 154 55.84 -19.91 -13.20
C ASN B 154 56.61 -18.95 -12.32
N PRO B 155 55.94 -17.93 -11.77
CA PRO B 155 56.53 -16.77 -11.12
C PRO B 155 57.21 -17.12 -9.81
N PHE B 156 58.25 -16.35 -9.47
CA PHE B 156 58.95 -16.44 -8.20
C PHE B 156 60.07 -15.43 -8.12
N THR B 167 66.31 -13.40 -4.46
CA THR B 167 67.38 -12.54 -4.92
C THR B 167 66.99 -11.86 -6.23
N HIS B 168 65.78 -12.16 -6.68
CA HIS B 168 65.24 -11.61 -7.92
C HIS B 168 63.73 -11.69 -7.93
N THR B 169 63.09 -10.65 -8.46
CA THR B 169 61.63 -10.64 -8.57
C THR B 169 61.20 -11.07 -9.96
N MET B 170 60.75 -12.32 -10.06
CA MET B 170 60.31 -12.91 -11.32
C MET B 170 58.81 -13.03 -11.38
N ILE B 171 58.12 -11.92 -11.56
CA ILE B 171 56.66 -11.98 -11.55
C ILE B 171 56.13 -11.69 -12.94
N PHE B 172 56.66 -10.65 -13.55
CA PHE B 172 56.26 -10.25 -14.88
C PHE B 172 57.47 -9.72 -15.63
N ASP B 173 57.42 -9.79 -16.94
CA ASP B 173 58.50 -9.25 -17.76
C ASP B 173 58.19 -7.81 -18.13
N ASN B 174 56.91 -7.54 -18.37
CA ASN B 174 56.48 -6.21 -18.78
C ASN B 174 55.19 -5.77 -18.12
N ALA B 175 54.97 -4.46 -18.07
CA ALA B 175 53.73 -3.92 -17.54
C ALA B 175 53.30 -2.71 -18.36
N PHE B 176 52.05 -2.73 -18.79
CA PHE B 176 51.53 -1.65 -19.62
C PHE B 176 50.21 -1.14 -19.06
N ASN B 177 49.86 0.09 -19.40
CA ASN B 177 48.52 0.57 -19.07
C ASN B 177 48.23 0.46 -17.57
N CYS B 178 49.18 0.88 -16.75
CA CYS B 178 48.97 0.84 -15.32
C CYS B 178 47.91 1.82 -14.89
N THR B 179 46.99 1.36 -14.03
CA THR B 179 45.89 2.20 -13.55
C THR B 179 45.99 2.47 -12.05
N PHE B 180 46.76 1.65 -11.35
CA PHE B 180 46.89 1.83 -9.90
C PHE B 180 48.26 1.42 -9.41
N GLU B 181 48.86 2.26 -8.57
CA GLU B 181 50.15 1.93 -7.97
C GLU B 181 50.19 2.38 -6.52
N TYR B 182 50.69 1.50 -5.65
CA TYR B 182 50.87 1.81 -4.25
C TYR B 182 52.08 1.11 -3.65
N ILE B 183 52.85 1.85 -2.85
CA ILE B 183 53.95 1.26 -2.11
C ILE B 183 53.87 1.66 -0.64
N SER B 184 53.93 0.68 0.25
CA SER B 184 53.84 0.91 1.69
C SER B 184 55.11 1.48 2.25
N ASP B 185 55.08 1.80 3.54
CA ASP B 185 56.26 2.20 4.27
C ASP B 185 57.24 1.05 4.26
N ALA B 186 58.51 1.37 4.43
CA ALA B 186 59.57 0.36 4.40
C ALA B 186 59.64 -0.43 5.69
N PHE B 187 60.22 -1.63 5.59
CA PHE B 187 60.45 -2.52 6.72
C PHE B 187 61.63 -3.43 6.44
N SER B 188 62.06 -4.16 7.46
CA SER B 188 63.14 -5.13 7.30
C SER B 188 63.09 -6.18 8.38
N ASN B 197 57.83 -27.88 12.74
CA ASN B 197 56.66 -27.05 13.01
C ASN B 197 56.81 -25.65 12.46
N PHE B 198 55.70 -25.06 12.07
CA PHE B 198 55.68 -23.69 11.59
C PHE B 198 55.62 -22.75 12.77
N LYS B 199 55.96 -21.48 12.53
CA LYS B 199 55.97 -20.49 13.60
C LYS B 199 54.87 -19.46 13.47
N HIS B 200 54.52 -19.11 12.23
CA HIS B 200 53.59 -18.00 12.01
C HIS B 200 52.43 -18.37 11.12
N LEU B 201 51.21 -18.08 11.56
CA LEU B 201 50.03 -18.23 10.72
C LEU B 201 49.52 -16.90 10.26
N ARG B 202 49.50 -16.70 8.96
CA ARG B 202 49.00 -15.48 8.39
C ARG B 202 47.65 -15.74 7.77
N GLU B 203 46.70 -14.85 8.02
CA GLU B 203 45.35 -15.03 7.51
C GLU B 203 44.88 -13.82 6.73
N PHE B 204 44.18 -14.09 5.62
CA PHE B 204 43.63 -13.03 4.79
C PHE B 204 42.24 -13.36 4.26
N VAL B 205 41.47 -12.32 4.01
CA VAL B 205 40.19 -12.45 3.30
C VAL B 205 40.13 -11.46 2.16
N PHE B 206 39.77 -11.97 0.98
CA PHE B 206 39.69 -11.13 -0.21
C PHE B 206 38.29 -11.08 -0.77
N LYS B 207 37.71 -9.88 -0.87
CA LYS B 207 36.36 -9.69 -1.37
C LYS B 207 36.26 -8.63 -2.47
N ASN B 208 35.41 -8.85 -3.46
CA ASN B 208 35.15 -7.81 -4.46
C ASN B 208 33.87 -7.03 -4.16
N LYS B 209 33.97 -5.70 -4.15
CA LYS B 209 32.80 -4.87 -3.91
C LYS B 209 32.90 -3.50 -4.58
N ASP B 210 31.95 -3.22 -5.47
CA ASP B 210 31.87 -1.93 -6.15
C ASP B 210 33.19 -1.52 -6.80
N GLY B 211 33.89 -2.48 -7.39
CA GLY B 211 35.16 -2.19 -8.07
C GLY B 211 36.35 -2.24 -7.12
N PHE B 212 36.09 -2.42 -5.84
CA PHE B 212 37.16 -2.46 -4.87
C PHE B 212 37.53 -3.86 -4.47
N LEU B 213 38.83 -4.06 -4.23
CA LEU B 213 39.26 -5.31 -3.63
C LEU B 213 39.47 -5.06 -2.15
N TYR B 214 38.61 -5.67 -1.35
CA TYR B 214 38.67 -5.50 0.09
C TYR B 214 39.53 -6.57 0.68
N VAL B 215 40.51 -6.16 1.46
CA VAL B 215 41.43 -7.11 2.03
C VAL B 215 41.48 -7.00 3.54
N TYR B 216 41.32 -8.14 4.18
CA TYR B 216 41.46 -8.26 5.62
C TYR B 216 42.70 -9.06 5.94
N LYS B 217 43.29 -8.79 7.09
CA LYS B 217 44.49 -9.48 7.52
C LYS B 217 44.43 -9.89 8.99
N GLY B 218 45.13 -10.97 9.33
CA GLY B 218 45.29 -11.37 10.72
C GLY B 218 46.54 -12.20 10.91
N TYR B 219 46.82 -12.56 12.15
CA TYR B 219 48.01 -13.34 12.48
C TYR B 219 47.95 -13.96 13.87
N GLN B 220 48.48 -15.16 13.98
CA GLN B 220 48.70 -15.77 15.28
C GLN B 220 49.95 -16.68 15.23
N PRO B 221 50.64 -16.86 16.36
CA PRO B 221 51.66 -17.88 16.60
C PRO B 221 51.09 -19.29 16.43
N ILE B 222 51.87 -20.16 15.80
CA ILE B 222 51.48 -21.56 15.62
C ILE B 222 52.60 -22.53 15.94
N ASP B 223 52.24 -23.82 16.03
CA ASP B 223 53.18 -24.91 16.27
C ASP B 223 52.74 -26.19 15.55
N VAL B 224 52.35 -26.07 14.29
CA VAL B 224 51.80 -27.19 13.52
C VAL B 224 52.73 -27.58 12.37
N VAL B 225 52.74 -28.86 11.98
CA VAL B 225 53.61 -29.31 10.92
C VAL B 225 52.96 -29.23 9.52
N ARG B 226 51.77 -29.84 9.36
CA ARG B 226 51.12 -29.87 8.04
C ARG B 226 49.72 -29.28 8.03
N ASP B 227 49.03 -29.38 9.16
CA ASP B 227 47.60 -29.05 9.22
C ASP B 227 47.36 -27.55 9.47
N LEU B 228 46.09 -27.20 9.53
CA LEU B 228 45.64 -25.85 9.89
C LEU B 228 44.84 -25.93 11.19
N PRO B 229 45.43 -25.59 12.33
CA PRO B 229 44.87 -25.76 13.67
C PRO B 229 43.48 -25.17 13.79
N SER B 230 42.60 -25.90 14.47
CA SER B 230 41.24 -25.45 14.72
C SER B 230 41.25 -24.27 15.68
N GLY B 231 40.32 -23.35 15.49
CA GLY B 231 40.22 -22.20 16.37
C GLY B 231 39.30 -21.12 15.79
N PHE B 232 39.29 -19.98 16.47
CA PHE B 232 38.48 -18.83 16.10
C PHE B 232 39.30 -17.57 16.17
N ASN B 233 39.23 -16.75 15.13
CA ASN B 233 39.98 -15.51 15.07
C ASN B 233 39.32 -14.51 14.15
N THR B 234 39.11 -13.31 14.65
CA THR B 234 38.52 -12.26 13.83
C THR B 234 39.60 -11.42 13.17
N LEU B 235 39.48 -11.22 11.86
CA LEU B 235 40.46 -10.45 11.11
C LEU B 235 40.07 -8.98 11.02
N LYS B 236 41.07 -8.13 10.84
CA LYS B 236 40.87 -6.70 10.72
C LYS B 236 41.19 -6.25 9.30
N PRO B 237 40.51 -5.23 8.79
CA PRO B 237 40.67 -4.69 7.46
C PRO B 237 42.03 -4.07 7.31
N ILE B 238 42.57 -4.11 6.10
CA ILE B 238 43.85 -3.48 5.82
C ILE B 238 43.83 -2.65 4.53
N PHE B 239 43.20 -3.18 3.48
CA PHE B 239 43.14 -2.42 2.24
C PHE B 239 41.73 -2.40 1.63
N LYS B 240 41.43 -1.31 0.95
CA LYS B 240 40.26 -1.19 0.11
C LYS B 240 40.70 -0.56 -1.19
N LEU B 241 41.11 -1.39 -2.13
CA LEU B 241 41.80 -0.91 -3.32
C LEU B 241 40.82 -0.58 -4.44
N PRO B 242 40.76 0.68 -4.92
CA PRO B 242 39.89 1.18 -5.97
C PRO B 242 40.42 0.78 -7.32
N LEU B 243 40.54 -0.52 -7.52
CA LEU B 243 41.18 -1.04 -8.71
C LEU B 243 40.31 -0.87 -9.95
N GLY B 244 39.02 -1.18 -9.82
CA GLY B 244 38.12 -1.10 -10.95
C GLY B 244 38.41 -2.17 -11.99
N ILE B 245 38.88 -3.33 -11.54
CA ILE B 245 39.26 -4.40 -12.48
C ILE B 245 38.42 -5.65 -12.28
N ASN B 246 38.48 -6.53 -13.25
CA ASN B 246 37.74 -7.78 -13.23
C ASN B 246 38.57 -8.93 -12.65
N ILE B 247 38.24 -9.36 -11.45
CA ILE B 247 38.95 -10.45 -10.81
C ILE B 247 38.08 -11.69 -10.78
N THR B 248 38.51 -12.72 -11.48
CA THR B 248 37.76 -13.96 -11.56
C THR B 248 38.66 -15.12 -11.20
N ASN B 249 39.97 -14.88 -11.30
CA ASN B 249 40.99 -15.89 -11.07
C ASN B 249 42.17 -15.28 -10.33
N PHE B 250 42.96 -16.12 -9.66
CA PHE B 250 44.19 -15.63 -9.06
C PHE B 250 45.26 -16.71 -8.94
N ARG B 251 46.50 -16.26 -8.75
CA ARG B 251 47.62 -17.17 -8.51
C ARG B 251 48.43 -16.75 -7.30
N ALA B 252 48.97 -17.72 -6.58
CA ALA B 252 49.85 -17.44 -5.45
C ALA B 252 51.28 -17.22 -5.92
N ILE B 253 51.95 -16.25 -5.30
CA ILE B 253 53.35 -15.97 -5.58
C ILE B 253 54.25 -16.53 -4.51
N LEU B 254 55.11 -17.47 -4.90
CA LEU B 254 55.99 -18.16 -3.99
C LEU B 254 57.43 -17.71 -4.19
N THR B 255 58.23 -17.79 -3.14
CA THR B 255 59.65 -17.50 -3.22
C THR B 255 60.32 -18.39 -4.26
N ALA B 268 60.17 -26.12 4.16
CA ALA B 268 58.89 -26.25 3.47
C ALA B 268 57.89 -25.21 3.98
N ALA B 269 56.79 -25.09 3.26
CA ALA B 269 55.71 -24.18 3.61
C ALA B 269 54.38 -24.69 3.07
N ALA B 270 53.28 -24.10 3.53
CA ALA B 270 51.97 -24.51 3.04
C ALA B 270 50.98 -23.38 3.12
N TYR B 271 49.91 -23.49 2.33
CA TYR B 271 48.85 -22.49 2.37
C TYR B 271 47.51 -23.10 2.08
N PHE B 272 46.46 -22.35 2.35
CA PHE B 272 45.11 -22.87 2.23
C PHE B 272 44.20 -21.88 1.54
N VAL B 273 43.25 -22.40 0.76
CA VAL B 273 42.24 -21.55 0.14
C VAL B 273 40.83 -22.06 0.36
N GLY B 274 39.96 -21.17 0.79
CA GLY B 274 38.54 -21.48 0.96
C GLY B 274 37.71 -20.50 0.15
N TYR B 275 36.39 -20.65 0.20
CA TYR B 275 35.50 -19.74 -0.52
C TYR B 275 34.48 -19.12 0.40
N LEU B 276 34.16 -17.87 0.13
CA LEU B 276 33.22 -17.14 0.98
C LEU B 276 31.80 -17.32 0.49
N LYS B 277 30.85 -17.27 1.41
CA LYS B 277 29.44 -17.41 1.08
C LYS B 277 28.62 -16.36 1.82
N PRO B 278 27.49 -15.92 1.23
CA PRO B 278 26.55 -14.97 1.79
C PRO B 278 25.74 -15.64 2.88
N THR B 279 26.39 -15.86 4.01
CA THR B 279 25.86 -16.64 5.10
C THR B 279 25.52 -15.76 6.28
N THR B 280 24.44 -16.09 6.97
CA THR B 280 24.01 -15.33 8.13
C THR B 280 24.77 -15.77 9.37
N PHE B 281 25.37 -14.81 10.05
CA PHE B 281 26.10 -15.04 11.29
C PHE B 281 25.64 -14.15 12.42
N MET B 282 25.67 -14.70 13.62
CA MET B 282 25.47 -13.90 14.81
C MET B 282 26.81 -13.63 15.45
N LEU B 283 27.18 -12.36 15.56
CA LEU B 283 28.49 -11.99 16.06
C LEU B 283 28.40 -11.47 17.49
N LYS B 284 29.27 -11.97 18.35
CA LYS B 284 29.29 -11.55 19.73
C LYS B 284 30.37 -10.52 20.00
N TYR B 285 29.92 -9.29 20.28
CA TYR B 285 30.81 -8.19 20.59
C TYR B 285 30.97 -8.02 22.08
N ASP B 286 32.20 -7.96 22.53
CA ASP B 286 32.51 -7.82 23.94
C ASP B 286 32.47 -6.36 24.35
N GLU B 287 32.73 -6.09 25.62
CA GLU B 287 32.75 -4.72 26.13
C GLU B 287 33.73 -3.85 25.35
N ASN B 288 34.88 -4.45 24.99
CA ASN B 288 35.93 -3.71 24.30
C ASN B 288 35.54 -3.40 22.86
N GLY B 289 34.41 -3.93 22.41
CA GLY B 289 33.95 -3.72 21.05
C GLY B 289 34.57 -4.71 20.09
N THR B 290 35.32 -5.66 20.61
CA THR B 290 35.95 -6.67 19.78
C THR B 290 35.02 -7.86 19.62
N ILE B 291 35.27 -8.68 18.61
CA ILE B 291 34.46 -9.88 18.42
C ILE B 291 35.13 -11.09 19.04
N THR B 292 34.41 -11.76 19.94
CA THR B 292 34.97 -12.88 20.68
C THR B 292 34.34 -14.21 20.30
N ASP B 293 33.16 -14.17 19.69
CA ASP B 293 32.51 -15.40 19.30
C ASP B 293 31.62 -15.20 18.08
N ALA B 294 31.02 -16.27 17.58
CA ALA B 294 30.12 -16.19 16.44
C ALA B 294 29.32 -17.48 16.24
N VAL B 295 28.12 -17.34 15.67
CA VAL B 295 27.31 -18.50 15.33
C VAL B 295 26.98 -18.55 13.85
N ASP B 296 27.25 -19.70 13.24
CA ASP B 296 26.89 -19.95 11.84
C ASP B 296 25.46 -20.44 11.79
N CYS B 297 24.56 -19.57 11.34
CA CYS B 297 23.13 -19.81 11.50
C CYS B 297 22.62 -20.93 10.59
N SER B 298 23.50 -21.47 9.74
CA SER B 298 23.09 -22.54 8.83
C SER B 298 23.82 -23.85 9.11
N GLN B 299 24.57 -23.90 10.20
CA GLN B 299 25.33 -25.09 10.53
C GLN B 299 24.46 -26.26 10.97
N ASN B 300 23.53 -26.00 11.88
CA ASN B 300 22.67 -27.06 12.42
C ASN B 300 21.41 -26.43 13.03
N PRO B 301 20.37 -27.23 13.36
CA PRO B 301 19.14 -26.81 14.01
C PRO B 301 19.37 -26.00 15.27
N LEU B 302 20.39 -26.36 16.05
CA LEU B 302 20.68 -25.64 17.27
C LEU B 302 21.10 -24.21 16.98
N ALA B 303 22.02 -24.05 16.04
CA ALA B 303 22.52 -22.74 15.68
C ALA B 303 21.39 -21.88 15.17
N GLU B 304 20.52 -22.47 14.36
CA GLU B 304 19.42 -21.71 13.80
C GLU B 304 18.59 -21.12 14.92
N LEU B 305 18.29 -21.94 15.92
CA LEU B 305 17.53 -21.47 17.06
C LEU B 305 18.26 -20.36 17.80
N LYS B 306 19.56 -20.55 18.06
CA LYS B 306 20.31 -19.52 18.78
C LYS B 306 20.25 -18.19 18.05
N CYS B 307 20.40 -18.22 16.74
CA CYS B 307 20.32 -17.00 15.96
C CYS B 307 18.93 -16.40 16.07
N SER B 308 17.91 -17.24 15.97
CA SER B 308 16.53 -16.78 16.01
C SER B 308 16.20 -16.03 17.30
N VAL B 309 16.67 -16.55 18.43
CA VAL B 309 16.34 -15.97 19.72
C VAL B 309 17.38 -14.95 20.18
N LYS B 310 18.32 -14.63 19.30
CA LYS B 310 19.35 -13.64 19.60
C LYS B 310 20.07 -13.94 20.91
N SER B 311 20.53 -15.18 21.07
CA SER B 311 21.22 -15.52 22.31
C SER B 311 22.14 -16.72 22.18
N PHE B 312 23.20 -16.72 22.96
CA PHE B 312 24.11 -17.85 23.02
C PHE B 312 23.71 -18.85 24.09
N GLU B 313 22.56 -18.61 24.74
CA GLU B 313 22.06 -19.52 25.76
C GLU B 313 20.54 -19.68 25.66
N ILE B 314 20.08 -20.92 25.72
CA ILE B 314 18.67 -21.24 25.63
C ILE B 314 18.22 -21.96 26.89
N ASP B 315 17.11 -21.52 27.47
CA ASP B 315 16.65 -22.06 28.73
C ASP B 315 16.00 -23.44 28.60
N LYS B 316 14.93 -23.54 27.81
CA LYS B 316 14.25 -24.82 27.59
C LYS B 316 13.02 -24.68 26.70
N GLY B 317 12.62 -25.78 26.04
CA GLY B 317 11.28 -25.83 25.46
C GLY B 317 11.26 -26.03 23.96
N ILE B 318 10.08 -25.80 23.38
CA ILE B 318 9.87 -25.99 21.95
C ILE B 318 9.69 -24.65 21.26
N TYR B 319 10.42 -24.46 20.17
CA TYR B 319 10.40 -23.19 19.46
C TYR B 319 10.17 -23.35 17.98
N GLN B 320 9.55 -22.35 17.37
CA GLN B 320 9.46 -22.30 15.92
C GLN B 320 10.60 -21.44 15.41
N THR B 321 11.33 -21.93 14.41
CA THR B 321 12.48 -21.17 13.91
C THR B 321 12.42 -20.88 12.42
N SER B 322 11.72 -21.72 11.69
CA SER B 322 11.69 -21.55 10.24
C SER B 322 10.56 -22.34 9.63
N ASN B 323 10.31 -22.12 8.36
CA ASN B 323 9.40 -22.95 7.60
C ASN B 323 10.19 -23.86 6.68
N PHE B 324 9.49 -24.69 5.94
CA PHE B 324 10.15 -25.54 4.98
C PHE B 324 9.28 -25.82 3.78
N ARG B 325 9.91 -26.25 2.70
CA ARG B 325 9.18 -26.70 1.54
C ARG B 325 10.04 -27.60 0.67
N VAL B 326 9.40 -28.41 -0.14
CA VAL B 326 10.10 -29.26 -1.07
C VAL B 326 10.18 -28.62 -2.45
N VAL B 327 11.37 -28.68 -3.04
CA VAL B 327 11.65 -28.10 -4.33
C VAL B 327 11.24 -29.05 -5.46
N PRO B 328 10.49 -28.57 -6.48
CA PRO B 328 10.04 -29.33 -7.63
C PRO B 328 11.20 -29.78 -8.48
N SER B 329 11.01 -30.90 -9.15
CA SER B 329 12.07 -31.47 -9.99
C SER B 329 12.02 -30.95 -11.43
N GLY B 330 11.43 -31.75 -12.31
CA GLY B 330 11.41 -31.43 -13.74
C GLY B 330 10.22 -30.57 -14.13
N ASP B 331 9.87 -30.63 -15.41
CA ASP B 331 8.81 -29.81 -15.97
C ASP B 331 7.73 -30.65 -16.68
N VAL B 332 6.52 -30.11 -16.78
CA VAL B 332 5.47 -30.74 -17.58
C VAL B 332 4.95 -29.83 -18.69
N VAL B 333 5.08 -30.27 -19.93
CA VAL B 333 4.56 -29.52 -21.06
C VAL B 333 3.68 -30.40 -21.94
N ARG B 334 2.42 -30.02 -22.11
CA ARG B 334 1.52 -30.81 -22.94
C ARG B 334 0.65 -29.93 -23.84
N PHE B 335 0.54 -30.35 -25.10
CA PHE B 335 -0.22 -29.63 -26.10
C PHE B 335 -1.26 -30.54 -26.76
N PRO B 336 -2.32 -29.97 -27.35
CA PRO B 336 -3.32 -30.62 -28.19
C PRO B 336 -2.68 -31.30 -29.39
N ASN B 337 -3.32 -32.37 -29.86
CA ASN B 337 -2.84 -33.16 -31.00
C ASN B 337 -2.78 -32.35 -32.29
N ILE B 338 -3.92 -32.02 -32.85
CA ILE B 338 -3.96 -31.39 -34.16
C ILE B 338 -3.88 -29.88 -34.05
N THR B 339 -2.90 -29.31 -34.75
CA THR B 339 -2.65 -27.88 -34.68
C THR B 339 -2.77 -27.21 -36.06
N ASN B 340 -3.50 -27.84 -36.97
CA ASN B 340 -3.74 -27.29 -38.30
C ASN B 340 -2.45 -27.10 -39.10
N LEU B 341 -1.86 -28.22 -39.53
CA LEU B 341 -0.61 -28.18 -40.28
C LEU B 341 -0.74 -27.47 -41.62
N CYS B 342 0.33 -26.79 -42.01
CA CYS B 342 0.42 -26.07 -43.27
C CYS B 342 0.41 -27.04 -44.46
N PRO B 343 -0.24 -26.64 -45.58
CA PRO B 343 -0.39 -27.38 -46.82
C PRO B 343 0.89 -27.42 -47.63
N PHE B 344 1.91 -28.08 -47.09
CA PHE B 344 3.19 -28.21 -47.76
C PHE B 344 3.15 -29.31 -48.81
N GLY B 345 2.70 -30.49 -48.43
CA GLY B 345 2.67 -31.62 -49.36
C GLY B 345 1.87 -31.27 -50.61
N GLU B 346 0.83 -30.46 -50.43
CA GLU B 346 -0.01 -30.01 -51.52
C GLU B 346 0.77 -29.24 -52.60
N VAL B 347 1.92 -28.72 -52.23
CA VAL B 347 2.76 -27.96 -53.15
C VAL B 347 3.90 -28.82 -53.69
N PHE B 348 4.57 -29.54 -52.79
CA PHE B 348 5.75 -30.31 -53.15
C PHE B 348 5.40 -31.57 -53.93
N ASN B 349 4.27 -32.17 -53.60
CA ASN B 349 3.85 -33.42 -54.24
C ASN B 349 2.75 -33.16 -55.26
N ALA B 350 2.62 -31.91 -55.69
CA ALA B 350 1.62 -31.56 -56.70
C ALA B 350 1.92 -32.31 -57.98
N THR B 351 0.88 -32.70 -58.70
CA THR B 351 1.04 -33.47 -59.92
C THR B 351 1.38 -32.59 -61.11
N LYS B 352 1.11 -31.29 -60.99
CA LYS B 352 1.37 -30.38 -62.09
C LYS B 352 2.03 -29.09 -61.61
N PHE B 353 3.11 -28.74 -62.28
CA PHE B 353 3.81 -27.49 -62.04
C PHE B 353 3.73 -26.60 -63.28
N PRO B 354 3.77 -25.27 -63.09
CA PRO B 354 3.85 -24.25 -64.11
C PRO B 354 5.27 -24.06 -64.62
N SER B 355 5.41 -23.29 -65.68
CA SER B 355 6.70 -22.86 -66.18
C SER B 355 7.29 -21.80 -65.28
N VAL B 356 8.60 -21.55 -65.41
CA VAL B 356 9.26 -20.60 -64.54
C VAL B 356 8.74 -19.20 -64.80
N TYR B 357 8.64 -18.82 -66.08
CA TYR B 357 8.18 -17.48 -66.46
C TYR B 357 6.78 -17.23 -65.93
N ALA B 358 6.04 -18.32 -65.72
CA ALA B 358 4.67 -18.27 -65.25
C ALA B 358 4.58 -18.94 -63.90
N TRP B 359 5.58 -18.72 -63.06
CA TRP B 359 5.63 -19.32 -61.74
C TRP B 359 4.38 -18.99 -60.93
N GLU B 360 3.91 -19.95 -60.15
CA GLU B 360 2.71 -19.74 -59.34
C GLU B 360 3.05 -19.58 -57.87
N ARG B 361 2.31 -18.73 -57.19
CA ARG B 361 2.54 -18.45 -55.78
C ARG B 361 1.46 -18.97 -54.85
N LYS B 362 1.81 -19.93 -54.01
CA LYS B 362 0.91 -20.45 -52.99
C LYS B 362 1.17 -19.77 -51.66
N LYS B 363 0.12 -19.18 -51.08
CA LYS B 363 0.30 -18.53 -49.79
C LYS B 363 -0.02 -19.45 -48.63
N ILE B 364 0.94 -19.62 -47.74
CA ILE B 364 0.78 -20.41 -46.54
C ILE B 364 0.65 -19.50 -45.32
N SER B 365 -0.44 -19.67 -44.58
CA SER B 365 -0.70 -18.84 -43.41
C SER B 365 -1.68 -19.53 -42.47
N ASN B 366 -1.82 -18.99 -41.25
CA ASN B 366 -2.79 -19.50 -40.29
C ASN B 366 -2.66 -21.01 -40.11
N CYS B 367 -1.43 -21.46 -39.86
CA CYS B 367 -1.16 -22.89 -39.78
C CYS B 367 0.16 -23.20 -39.10
N VAL B 368 0.40 -24.50 -38.87
CA VAL B 368 1.64 -24.97 -38.30
C VAL B 368 2.55 -25.61 -39.33
N ALA B 369 3.73 -25.03 -39.48
CA ALA B 369 4.67 -25.41 -40.50
C ALA B 369 5.64 -26.46 -40.03
N ASP B 370 5.40 -27.71 -40.43
CA ASP B 370 6.27 -28.80 -40.05
C ASP B 370 7.36 -28.94 -41.08
N TYR B 371 8.56 -28.50 -40.74
CA TYR B 371 9.65 -28.49 -41.70
C TYR B 371 10.55 -29.69 -41.54
N SER B 372 10.19 -30.59 -40.63
CA SER B 372 11.00 -31.77 -40.37
C SER B 372 10.86 -32.74 -41.52
N VAL B 373 9.66 -32.80 -42.07
CA VAL B 373 9.35 -33.67 -43.19
C VAL B 373 10.23 -33.32 -44.38
N LEU B 374 10.44 -32.03 -44.58
CA LEU B 374 11.22 -31.55 -45.69
C LEU B 374 12.71 -31.61 -45.36
N TYR B 375 13.05 -31.14 -44.16
CA TYR B 375 14.42 -31.00 -43.69
C TYR B 375 15.25 -32.26 -43.77
N ASN B 376 14.73 -33.36 -43.23
CA ASN B 376 15.53 -34.58 -43.17
C ASN B 376 15.15 -35.58 -44.25
N SER B 377 14.47 -35.11 -45.30
CA SER B 377 14.07 -35.99 -46.39
C SER B 377 15.09 -36.09 -47.49
N THR B 378 15.10 -37.23 -48.18
CA THR B 378 15.96 -37.45 -49.34
C THR B 378 15.23 -37.11 -50.63
N PHE B 379 14.00 -36.64 -50.48
CA PHE B 379 13.16 -36.22 -51.60
C PHE B 379 13.87 -35.17 -52.46
N PHE B 380 14.46 -34.17 -51.79
CA PHE B 380 15.07 -33.05 -52.48
C PHE B 380 16.50 -33.35 -52.88
N SER B 381 16.88 -32.87 -54.07
CA SER B 381 18.27 -32.95 -54.50
C SER B 381 19.01 -31.72 -54.00
N THR B 382 18.27 -30.63 -53.85
CA THR B 382 18.80 -29.37 -53.35
C THR B 382 17.94 -28.83 -52.23
N PHE B 383 18.58 -28.47 -51.12
CA PHE B 383 17.88 -27.84 -50.01
C PHE B 383 18.72 -26.65 -49.56
N LYS B 384 18.46 -25.49 -50.14
CA LYS B 384 19.31 -24.33 -49.88
C LYS B 384 18.58 -23.18 -49.24
N CYS B 385 19.06 -22.76 -48.08
CA CYS B 385 18.46 -21.64 -47.36
C CYS B 385 19.44 -20.48 -47.28
N TYR B 386 18.94 -19.24 -47.29
CA TYR B 386 19.83 -18.08 -47.32
C TYR B 386 19.70 -17.20 -46.07
N GLY B 387 20.61 -17.37 -45.13
CA GLY B 387 20.56 -16.63 -43.87
C GLY B 387 19.62 -17.30 -42.88
N VAL B 388 19.08 -18.43 -43.29
CA VAL B 388 18.16 -19.19 -42.48
C VAL B 388 18.67 -20.60 -42.28
N SER B 389 18.74 -21.03 -41.03
CA SER B 389 19.20 -22.38 -40.72
C SER B 389 18.07 -23.37 -40.91
N ALA B 390 18.25 -24.29 -41.85
CA ALA B 390 17.19 -25.25 -42.19
C ALA B 390 16.75 -26.04 -40.95
N THR B 391 17.71 -26.34 -40.10
CA THR B 391 17.47 -27.13 -38.89
C THR B 391 16.56 -26.40 -37.91
N LYS B 392 16.51 -25.08 -38.02
CA LYS B 392 15.77 -24.26 -37.07
C LYS B 392 14.49 -23.70 -37.65
N LEU B 393 14.08 -24.18 -38.83
CA LEU B 393 12.89 -23.62 -39.46
C LEU B 393 11.66 -23.76 -38.58
N ASN B 394 11.58 -24.85 -37.83
CA ASN B 394 10.45 -25.10 -36.95
C ASN B 394 10.33 -24.05 -35.84
N ASP B 395 11.42 -23.37 -35.54
CA ASP B 395 11.45 -22.40 -34.45
C ASP B 395 11.24 -20.98 -34.94
N LEU B 396 10.92 -20.81 -36.22
CA LEU B 396 10.76 -19.48 -36.76
C LEU B 396 9.31 -19.18 -37.14
N CYS B 397 8.81 -18.06 -36.63
CA CYS B 397 7.47 -17.60 -36.97
C CYS B 397 7.52 -16.53 -38.05
N PHE B 398 6.51 -16.52 -38.89
CA PHE B 398 6.40 -15.54 -39.96
C PHE B 398 4.98 -15.02 -40.07
N SER B 399 4.82 -13.86 -40.70
CA SER B 399 3.49 -13.38 -41.02
C SER B 399 2.86 -14.33 -42.02
N ASN B 400 3.67 -14.72 -43.00
CA ASN B 400 3.25 -15.71 -43.99
C ASN B 400 4.46 -16.35 -44.67
N VAL B 401 4.19 -17.40 -45.43
CA VAL B 401 5.19 -18.04 -46.27
C VAL B 401 4.67 -18.20 -47.70
N TYR B 402 5.45 -17.79 -48.67
CA TYR B 402 5.03 -17.95 -50.06
C TYR B 402 5.81 -19.05 -50.74
N ALA B 403 5.10 -20.05 -51.24
CA ALA B 403 5.73 -21.18 -51.90
C ALA B 403 5.61 -21.03 -53.41
N ASP B 404 6.68 -20.57 -54.04
CA ASP B 404 6.67 -20.30 -55.47
C ASP B 404 7.07 -21.54 -56.25
N SER B 405 6.11 -22.07 -57.00
CA SER B 405 6.24 -23.36 -57.68
C SER B 405 6.46 -23.24 -59.19
N PHE B 406 7.46 -23.97 -59.72
CA PHE B 406 7.75 -24.01 -61.17
C PHE B 406 8.72 -25.13 -61.57
N VAL B 407 8.79 -25.42 -62.88
CA VAL B 407 9.79 -26.37 -63.40
C VAL B 407 10.84 -25.71 -64.27
N VAL B 408 12.10 -25.94 -63.89
CA VAL B 408 13.26 -25.36 -64.56
C VAL B 408 14.28 -26.45 -64.86
N LYS B 409 15.04 -26.31 -65.94
CA LYS B 409 16.11 -27.28 -66.22
C LYS B 409 17.11 -27.26 -65.08
N GLY B 410 17.56 -28.44 -64.67
CA GLY B 410 18.51 -28.59 -63.58
C GLY B 410 19.66 -27.58 -63.65
N ASP B 411 20.21 -27.41 -64.83
CA ASP B 411 21.35 -26.51 -65.02
C ASP B 411 21.05 -25.11 -64.49
N ASP B 412 19.82 -24.65 -64.65
CA ASP B 412 19.45 -23.29 -64.29
C ASP B 412 18.82 -23.19 -62.91
N VAL B 413 18.81 -24.27 -62.15
CA VAL B 413 18.26 -24.21 -60.80
C VAL B 413 19.05 -23.21 -59.98
N ARG B 414 20.36 -23.19 -60.21
CA ARG B 414 21.28 -22.30 -59.52
C ARG B 414 20.93 -20.82 -59.69
N GLN B 415 20.13 -20.49 -60.72
CA GLN B 415 19.78 -19.10 -60.96
C GLN B 415 18.67 -18.64 -60.02
N ILE B 416 18.05 -19.59 -59.33
CA ILE B 416 17.01 -19.24 -58.38
C ILE B 416 17.66 -19.00 -57.03
N ALA B 417 18.24 -17.82 -56.91
CA ALA B 417 18.97 -17.40 -55.74
C ALA B 417 19.13 -15.90 -55.81
N PRO B 418 19.38 -15.23 -54.69
CA PRO B 418 19.75 -13.83 -54.61
C PRO B 418 21.10 -13.60 -55.27
N GLY B 419 21.26 -12.45 -55.90
CA GLY B 419 22.54 -12.04 -56.48
C GLY B 419 22.91 -12.84 -57.73
N GLN B 420 21.91 -13.31 -58.47
CA GLN B 420 22.19 -14.13 -59.64
C GLN B 420 21.88 -13.42 -60.93
N THR B 421 22.51 -13.90 -62.00
CA THR B 421 22.23 -13.45 -63.36
C THR B 421 21.98 -14.66 -64.25
N GLY B 422 21.45 -14.41 -65.45
CA GLY B 422 21.19 -15.50 -66.38
C GLY B 422 19.77 -15.39 -66.90
N VAL B 423 19.44 -16.21 -67.88
CA VAL B 423 18.13 -16.12 -68.52
C VAL B 423 16.98 -16.23 -67.51
N ILE B 424 17.10 -17.11 -66.53
CA ILE B 424 16.02 -17.26 -65.56
C ILE B 424 16.08 -16.15 -64.54
N ALA B 425 17.24 -15.93 -63.96
CA ALA B 425 17.41 -14.90 -62.95
C ALA B 425 17.01 -13.53 -63.49
N ASP B 426 17.28 -13.30 -64.77
CA ASP B 426 17.02 -12.01 -65.38
C ASP B 426 15.62 -11.86 -66.00
N TYR B 427 15.09 -12.92 -66.63
CA TYR B 427 13.83 -12.75 -67.36
C TYR B 427 12.65 -13.62 -66.93
N ASN B 428 12.87 -14.61 -66.06
CA ASN B 428 11.79 -15.53 -65.75
C ASN B 428 11.38 -15.49 -64.28
N TYR B 429 12.36 -15.46 -63.40
CA TYR B 429 12.08 -15.50 -61.98
C TYR B 429 13.29 -15.07 -61.18
N LYS B 430 13.15 -13.94 -60.48
CA LYS B 430 14.27 -13.35 -59.76
C LYS B 430 14.04 -13.32 -58.27
N LEU B 431 15.10 -13.57 -57.52
CA LEU B 431 15.09 -13.39 -56.08
C LEU B 431 15.87 -12.12 -55.71
N PRO B 432 15.37 -11.34 -54.74
CA PRO B 432 15.90 -10.06 -54.27
C PRO B 432 17.22 -10.24 -53.57
N ASP B 433 18.04 -9.20 -53.58
CA ASP B 433 19.27 -9.25 -52.84
C ASP B 433 18.96 -9.01 -51.37
N ASP B 434 18.67 -10.10 -50.67
CA ASP B 434 18.22 -10.06 -49.28
C ASP B 434 18.28 -11.46 -48.71
N PHE B 435 17.90 -11.60 -47.44
CA PHE B 435 17.77 -12.92 -46.85
C PHE B 435 16.68 -13.65 -47.61
N MET B 436 16.73 -14.96 -47.60
CA MET B 436 15.68 -15.72 -48.23
C MET B 436 15.43 -16.99 -47.46
N GLY B 437 14.24 -17.52 -47.59
CA GLY B 437 13.92 -18.76 -46.97
C GLY B 437 14.63 -19.87 -47.72
N CYS B 438 13.90 -20.87 -48.14
CA CYS B 438 14.57 -22.02 -48.70
C CYS B 438 14.13 -22.38 -50.10
N VAL B 439 15.10 -22.66 -50.95
CA VAL B 439 14.87 -23.12 -52.31
C VAL B 439 15.01 -24.62 -52.35
N LEU B 440 13.90 -25.30 -52.57
CA LEU B 440 13.90 -26.74 -52.50
C LEU B 440 13.59 -27.33 -53.87
N ALA B 441 14.42 -28.26 -54.33
CA ALA B 441 14.25 -28.80 -55.67
C ALA B 441 14.58 -30.28 -55.76
N TRP B 442 13.94 -30.96 -56.72
CA TRP B 442 14.20 -32.38 -56.93
C TRP B 442 14.15 -32.77 -58.41
N ASN B 443 14.83 -33.87 -58.74
CA ASN B 443 14.93 -34.37 -60.11
C ASN B 443 13.59 -34.94 -60.57
N THR B 444 13.14 -34.50 -61.74
CA THR B 444 11.84 -34.90 -62.27
C THR B 444 11.96 -35.54 -63.65
N ARG B 445 13.11 -36.12 -63.93
CA ARG B 445 13.32 -36.76 -65.22
C ARG B 445 12.30 -37.86 -65.47
N ASN B 446 11.82 -38.50 -64.41
CA ASN B 446 10.85 -39.56 -64.54
C ASN B 446 9.41 -39.06 -64.31
N ILE B 447 9.25 -37.75 -64.28
CA ILE B 447 7.94 -37.14 -64.08
C ILE B 447 7.58 -36.20 -65.22
N ASP B 448 8.42 -35.18 -65.44
CA ASP B 448 8.15 -34.17 -66.44
C ASP B 448 8.86 -34.41 -67.77
N ALA B 449 10.07 -34.97 -67.73
CA ALA B 449 10.81 -35.17 -68.97
C ALA B 449 10.17 -36.26 -69.82
N THR B 450 10.33 -36.13 -71.13
CA THR B 450 9.87 -37.16 -72.06
C THR B 450 10.98 -37.49 -73.06
N SER B 451 10.87 -38.65 -73.69
CA SER B 451 11.92 -39.12 -74.62
C SER B 451 12.13 -38.21 -75.82
N THR B 452 11.11 -37.46 -76.21
CA THR B 452 11.22 -36.55 -77.34
C THR B 452 11.37 -35.12 -76.89
N GLY B 453 11.47 -34.91 -75.58
CA GLY B 453 11.54 -33.58 -75.00
C GLY B 453 10.15 -33.07 -74.61
N ASN B 454 9.98 -32.73 -73.35
CA ASN B 454 8.71 -32.17 -72.89
C ASN B 454 8.75 -30.67 -73.05
N TYR B 455 8.14 -30.18 -74.12
CA TYR B 455 8.21 -28.77 -74.47
C TYR B 455 6.98 -28.03 -74.00
N ASN B 456 6.22 -28.63 -73.08
CA ASN B 456 5.04 -28.00 -72.52
C ASN B 456 5.44 -26.83 -71.63
N TYR B 457 6.67 -26.86 -71.14
CA TYR B 457 7.17 -25.81 -70.28
C TYR B 457 7.95 -24.79 -71.11
N LYS B 458 7.71 -23.51 -70.84
CA LYS B 458 8.38 -22.44 -71.58
C LYS B 458 9.17 -21.51 -70.69
N TYR B 459 9.96 -20.65 -71.30
CA TYR B 459 10.68 -19.61 -70.56
C TYR B 459 10.93 -18.38 -71.42
N ARG B 460 11.22 -17.27 -70.75
CA ARG B 460 11.48 -16.01 -71.41
C ARG B 460 12.97 -15.80 -71.61
N TYR B 461 13.34 -15.23 -72.76
CA TYR B 461 14.75 -14.96 -73.01
C TYR B 461 14.97 -13.56 -73.58
N LEU B 462 13.89 -12.94 -74.10
CA LEU B 462 13.97 -11.55 -74.58
C LEU B 462 12.96 -10.70 -73.83
N ARG B 463 13.40 -9.56 -73.34
CA ARG B 463 12.51 -8.63 -72.65
C ARG B 463 13.10 -7.24 -72.64
N HIS B 464 12.24 -6.23 -72.68
CA HIS B 464 12.70 -4.86 -72.61
C HIS B 464 13.04 -4.47 -71.18
N GLY B 465 14.12 -5.07 -70.67
CA GLY B 465 14.55 -4.88 -69.30
C GLY B 465 14.37 -6.15 -68.49
N LYS B 466 15.11 -6.26 -67.39
CA LYS B 466 15.06 -7.45 -66.55
C LYS B 466 13.90 -7.39 -65.57
N LEU B 467 13.55 -8.53 -65.01
CA LEU B 467 12.48 -8.59 -64.02
C LEU B 467 12.91 -8.09 -62.66
N ARG B 468 11.95 -7.57 -61.92
CA ARG B 468 12.12 -7.24 -60.52
C ARG B 468 11.98 -8.51 -59.70
N PRO B 469 12.45 -8.54 -58.45
CA PRO B 469 12.28 -9.62 -57.52
C PRO B 469 10.84 -10.06 -57.47
N PHE B 470 10.63 -11.36 -57.57
CA PHE B 470 9.31 -11.96 -57.60
C PHE B 470 8.33 -11.19 -58.49
N GLU B 471 8.78 -10.84 -59.69
CA GLU B 471 7.88 -10.30 -60.70
C GLU B 471 7.46 -11.40 -61.65
N ARG B 472 6.20 -11.37 -62.06
CA ARG B 472 5.68 -12.39 -62.97
C ARG B 472 5.22 -11.77 -64.28
N ASP B 473 5.92 -12.11 -65.36
CA ASP B 473 5.59 -11.61 -66.68
C ASP B 473 5.17 -12.75 -67.58
N ILE B 474 3.88 -12.82 -67.85
CA ILE B 474 3.33 -13.91 -68.64
C ILE B 474 2.71 -13.41 -69.92
N SER B 475 3.17 -12.25 -70.38
CA SER B 475 2.73 -11.72 -71.66
C SER B 475 3.44 -12.48 -72.78
N ASN B 476 2.94 -12.36 -74.00
CA ASN B 476 3.58 -13.02 -75.13
C ASN B 476 3.44 -12.19 -76.40
N VAL B 477 4.25 -11.15 -76.48
CA VAL B 477 4.24 -10.24 -77.62
C VAL B 477 5.61 -10.31 -78.30
N PRO B 478 5.67 -10.53 -79.62
CA PRO B 478 6.89 -10.67 -80.38
C PRO B 478 7.84 -9.55 -79.99
N PHE B 479 9.06 -9.93 -79.65
CA PHE B 479 10.06 -8.99 -79.21
C PHE B 479 10.55 -8.11 -80.32
N SER B 480 10.67 -6.83 -80.03
CA SER B 480 11.22 -5.87 -80.96
C SER B 480 12.35 -5.12 -80.27
N PRO B 481 13.56 -5.15 -80.83
CA PRO B 481 14.83 -4.72 -80.25
C PRO B 481 14.87 -3.24 -79.87
N ASP B 482 13.98 -2.45 -80.46
CA ASP B 482 13.96 -1.02 -80.17
C ASP B 482 12.56 -0.48 -79.95
N GLY B 483 11.68 -1.33 -79.43
CA GLY B 483 10.35 -0.90 -79.03
C GLY B 483 9.39 -0.71 -80.21
N LYS B 484 9.87 -0.94 -81.43
CA LYS B 484 9.04 -0.76 -82.60
C LYS B 484 8.03 -1.90 -82.73
N PRO B 485 6.90 -1.69 -83.43
CA PRO B 485 5.98 -2.73 -83.81
C PRO B 485 6.69 -3.69 -84.72
N CYS B 486 6.34 -4.96 -84.64
CA CYS B 486 7.04 -5.97 -85.45
C CYS B 486 6.14 -7.19 -85.62
N THR B 487 6.24 -7.86 -86.76
CA THR B 487 5.44 -9.07 -86.99
C THR B 487 6.33 -10.26 -87.41
N PRO B 488 6.31 -11.36 -86.65
CA PRO B 488 7.09 -12.55 -86.91
C PRO B 488 6.55 -13.28 -88.13
N PRO B 489 7.41 -14.03 -88.83
CA PRO B 489 8.84 -14.19 -88.64
C PRO B 489 9.68 -13.18 -89.44
N ALA B 490 9.28 -11.90 -89.46
CA ALA B 490 10.05 -10.91 -90.17
C ALA B 490 11.31 -10.59 -89.41
N LEU B 491 12.27 -9.96 -90.08
CA LEU B 491 13.53 -9.65 -89.45
C LEU B 491 13.33 -8.78 -88.23
N ASN B 492 14.06 -9.11 -87.16
CA ASN B 492 14.00 -8.44 -85.86
C ASN B 492 12.71 -8.73 -85.08
N CYS B 493 11.90 -9.68 -85.56
CA CYS B 493 10.65 -10.02 -84.88
C CYS B 493 10.73 -11.40 -84.25
N TYR B 494 11.00 -11.46 -82.95
CA TYR B 494 11.20 -12.75 -82.31
C TYR B 494 10.34 -12.94 -81.09
N TRP B 495 9.80 -14.14 -80.93
CA TRP B 495 9.02 -14.42 -79.74
C TRP B 495 9.95 -14.40 -78.54
N PRO B 496 9.54 -13.74 -77.44
CA PRO B 496 10.28 -13.58 -76.21
C PRO B 496 10.37 -14.88 -75.42
N LEU B 497 9.48 -15.82 -75.75
CA LEU B 497 9.45 -17.10 -75.06
C LEU B 497 10.08 -18.20 -75.90
N ASN B 498 10.60 -19.22 -75.22
CA ASN B 498 11.15 -20.39 -75.87
C ASN B 498 10.71 -21.63 -75.09
N ASP B 499 11.09 -22.81 -75.55
CA ASP B 499 10.67 -24.06 -74.91
C ASP B 499 11.83 -24.76 -74.22
N TYR B 500 11.51 -25.53 -73.17
CA TYR B 500 12.51 -26.35 -72.49
C TYR B 500 12.68 -27.74 -73.11
N GLY B 501 13.93 -28.10 -73.39
CA GLY B 501 14.23 -29.43 -73.93
C GLY B 501 14.30 -30.49 -72.84
N PHE B 502 13.20 -30.68 -72.13
CA PHE B 502 13.18 -31.62 -71.01
C PHE B 502 13.12 -33.06 -71.49
N GLN B 511 17.84 -32.25 -67.91
CA GLN B 511 16.74 -32.81 -67.15
C GLN B 511 16.06 -31.73 -66.31
N PRO B 512 14.71 -31.76 -66.20
CA PRO B 512 13.89 -30.85 -65.43
C PRO B 512 13.97 -31.10 -63.95
N TYR B 513 13.84 -30.02 -63.19
CA TYR B 513 13.68 -30.11 -61.76
C TYR B 513 12.46 -29.31 -61.33
N ARG B 514 11.74 -29.84 -60.36
CA ARG B 514 10.64 -29.11 -59.78
C ARG B 514 11.15 -28.32 -58.62
N VAL B 515 10.90 -27.03 -58.65
CA VAL B 515 11.43 -26.14 -57.67
C VAL B 515 10.33 -25.43 -56.93
N VAL B 516 10.43 -25.45 -55.62
CA VAL B 516 9.50 -24.72 -54.78
C VAL B 516 10.29 -23.80 -53.86
N VAL B 517 10.05 -22.51 -53.99
CA VAL B 517 10.79 -21.53 -53.20
C VAL B 517 9.93 -20.99 -52.08
N LEU B 518 10.40 -21.14 -50.86
CA LEU B 518 9.66 -20.65 -49.72
C LEU B 518 10.18 -19.31 -49.25
N SER B 519 9.48 -18.26 -49.63
CA SER B 519 9.83 -16.89 -49.31
C SER B 519 9.14 -16.49 -48.02
N PHE B 520 9.89 -15.91 -47.11
CA PHE B 520 9.35 -15.61 -45.80
C PHE B 520 9.06 -14.14 -45.60
N GLU B 521 7.90 -13.84 -45.02
CA GLU B 521 7.55 -12.49 -44.64
C GLU B 521 7.51 -12.37 -43.13
N THR B 528 1.17 -15.32 -39.03
CA THR B 528 0.24 -16.25 -38.41
C THR B 528 0.64 -17.70 -38.71
N VAL B 529 1.88 -17.88 -39.13
CA VAL B 529 2.39 -19.23 -39.36
C VAL B 529 3.67 -19.48 -38.58
N CYS B 530 3.69 -20.58 -37.85
CA CYS B 530 4.82 -20.97 -37.01
C CYS B 530 5.02 -22.46 -37.08
N GLY B 531 6.11 -22.95 -36.53
CA GLY B 531 6.33 -24.38 -36.47
C GLY B 531 5.60 -24.95 -35.25
N PRO B 532 5.68 -26.27 -35.05
CA PRO B 532 5.07 -27.03 -33.97
C PRO B 532 5.77 -26.77 -32.64
N LYS B 533 5.05 -27.01 -31.55
CA LYS B 533 5.64 -26.92 -30.22
C LYS B 533 6.06 -28.28 -29.72
N LEU B 534 7.05 -28.30 -28.82
CA LEU B 534 7.53 -29.56 -28.27
C LEU B 534 6.91 -29.91 -26.94
N SER B 535 6.25 -31.05 -26.90
CA SER B 535 5.65 -31.55 -25.67
C SER B 535 6.64 -32.44 -24.94
N THR B 536 6.38 -32.70 -23.67
CA THR B 536 7.23 -33.58 -22.88
C THR B 536 6.41 -34.60 -22.13
N ASP B 537 7.09 -35.53 -21.49
CA ASP B 537 6.40 -36.45 -20.61
C ASP B 537 6.25 -35.78 -19.24
N LEU B 538 5.64 -36.48 -18.30
CA LEU B 538 5.49 -35.95 -16.95
C LEU B 538 5.71 -37.00 -15.88
N ILE B 539 6.06 -36.54 -14.68
CA ILE B 539 6.19 -37.43 -13.54
C ILE B 539 5.01 -37.28 -12.61
N LYS B 540 4.27 -38.35 -12.44
CA LYS B 540 3.10 -38.31 -11.56
C LYS B 540 3.52 -38.54 -10.13
N ASN B 541 2.69 -38.05 -9.20
CA ASN B 541 2.93 -38.25 -7.78
C ASN B 541 4.28 -37.68 -7.34
N GLN B 542 4.64 -36.53 -7.88
CA GLN B 542 5.88 -35.86 -7.52
C GLN B 542 5.71 -34.35 -7.65
N CYS B 543 6.44 -33.59 -6.83
CA CYS B 543 6.44 -32.14 -6.97
C CYS B 543 7.18 -31.73 -8.24
N VAL B 544 6.45 -31.13 -9.17
CA VAL B 544 6.96 -30.81 -10.49
C VAL B 544 6.43 -29.43 -10.95
N ASN B 545 7.18 -28.77 -11.84
CA ASN B 545 6.74 -27.51 -12.44
C ASN B 545 5.91 -27.79 -13.69
N PHE B 546 4.68 -27.31 -13.75
CA PHE B 546 3.89 -27.60 -14.94
C PHE B 546 3.60 -26.38 -15.79
N ASN B 547 3.46 -26.63 -17.08
CA ASN B 547 3.14 -25.62 -18.06
C ASN B 547 2.20 -26.18 -19.11
N PHE B 548 1.08 -26.71 -18.68
CA PHE B 548 0.10 -27.24 -19.61
C PHE B 548 -0.30 -26.15 -20.56
N ASN B 549 -0.62 -26.49 -21.79
CA ASN B 549 -1.03 -25.45 -22.71
C ASN B 549 -2.09 -24.55 -22.06
N GLY B 550 -1.72 -23.29 -21.83
CA GLY B 550 -2.64 -22.29 -21.26
C GLY B 550 -2.72 -22.30 -19.72
N LEU B 551 -2.00 -23.21 -19.08
CA LEU B 551 -2.01 -23.34 -17.62
C LEU B 551 -0.62 -23.60 -17.05
N THR B 552 -0.20 -22.72 -16.15
CA THR B 552 1.13 -22.85 -15.55
C THR B 552 1.06 -22.80 -14.03
N GLY B 553 2.07 -23.35 -13.38
CA GLY B 553 2.20 -23.33 -11.93
C GLY B 553 2.99 -24.53 -11.43
N THR B 554 3.00 -24.73 -10.12
CA THR B 554 3.74 -25.85 -9.57
C THR B 554 2.84 -26.66 -8.65
N GLY B 555 3.19 -27.92 -8.44
CA GLY B 555 2.43 -28.77 -7.54
C GLY B 555 2.64 -30.24 -7.83
N VAL B 556 1.80 -31.07 -7.23
CA VAL B 556 1.87 -32.50 -7.39
C VAL B 556 0.65 -32.97 -8.15
N LEU B 557 0.89 -33.60 -9.30
CA LEU B 557 -0.21 -34.00 -10.18
C LEU B 557 -0.59 -35.45 -9.92
N THR B 558 -1.87 -35.69 -9.66
CA THR B 558 -2.35 -37.05 -9.38
C THR B 558 -3.65 -37.32 -10.13
N PRO B 559 -3.90 -38.56 -10.56
CA PRO B 559 -5.09 -38.98 -11.30
C PRO B 559 -6.33 -38.79 -10.47
N SER B 560 -7.44 -38.46 -11.12
CA SER B 560 -8.71 -38.29 -10.42
C SER B 560 -9.89 -38.83 -11.19
N SER B 561 -11.08 -38.59 -10.65
CA SER B 561 -12.31 -39.13 -11.22
C SER B 561 -13.40 -38.07 -11.34
N LYS B 562 -13.01 -36.80 -11.29
CA LYS B 562 -14.00 -35.72 -11.38
C LYS B 562 -14.81 -35.84 -12.65
N ARG B 563 -16.12 -35.71 -12.52
CA ARG B 563 -17.03 -35.87 -13.65
C ARG B 563 -17.07 -34.62 -14.49
N PHE B 564 -16.00 -34.37 -15.22
CA PHE B 564 -15.96 -33.22 -16.11
C PHE B 564 -16.94 -33.37 -17.24
N GLN B 565 -17.44 -32.26 -17.70
CA GLN B 565 -18.29 -32.27 -18.86
C GLN B 565 -17.41 -32.23 -20.12
N PRO B 566 -17.93 -32.68 -21.28
CA PRO B 566 -17.32 -32.64 -22.58
C PRO B 566 -16.89 -31.23 -22.99
N PHE B 567 -17.37 -30.22 -22.29
CA PHE B 567 -17.01 -28.85 -22.60
C PHE B 567 -16.36 -28.17 -21.41
N GLN B 568 -15.53 -28.91 -20.70
CA GLN B 568 -14.78 -28.32 -19.60
C GLN B 568 -13.33 -28.72 -19.68
N GLN B 569 -12.47 -27.77 -19.39
CA GLN B 569 -11.04 -28.00 -19.51
C GLN B 569 -10.40 -28.28 -18.16
N PHE B 570 -10.81 -27.51 -17.17
CA PHE B 570 -10.25 -27.64 -15.85
C PHE B 570 -11.28 -27.19 -14.83
N GLY B 571 -11.03 -27.48 -13.57
CA GLY B 571 -11.95 -27.08 -12.52
C GLY B 571 -11.25 -26.35 -11.41
N ARG B 572 -12.05 -25.87 -10.46
CA ARG B 572 -11.52 -25.12 -9.32
C ARG B 572 -12.10 -25.59 -8.00
N ASP B 573 -11.38 -25.24 -6.93
CA ASP B 573 -11.78 -25.54 -5.57
C ASP B 573 -12.80 -24.51 -5.10
N VAL B 574 -13.26 -24.62 -3.87
CA VAL B 574 -14.20 -23.63 -3.35
C VAL B 574 -13.53 -22.26 -3.36
N SER B 575 -12.21 -22.25 -3.11
CA SER B 575 -11.43 -21.03 -3.21
C SER B 575 -10.97 -20.86 -4.65
N ASP B 576 -10.52 -19.67 -5.00
CA ASP B 576 -10.11 -19.42 -6.39
C ASP B 576 -8.73 -19.98 -6.74
N PHE B 577 -8.65 -21.30 -6.75
CA PHE B 577 -7.45 -22.02 -7.13
C PHE B 577 -7.79 -23.19 -8.03
N THR B 578 -6.95 -23.46 -9.02
CA THR B 578 -7.16 -24.59 -9.90
C THR B 578 -7.14 -25.87 -9.08
N ASP B 579 -8.14 -26.71 -9.27
CA ASP B 579 -8.24 -27.96 -8.53
C ASP B 579 -7.71 -29.12 -9.35
N SER B 580 -8.07 -29.14 -10.62
CA SER B 580 -7.70 -30.24 -11.50
C SER B 580 -7.70 -29.81 -12.95
N VAL B 581 -6.97 -30.55 -13.77
CA VAL B 581 -6.89 -30.26 -15.20
C VAL B 581 -7.00 -31.53 -16.04
N ARG B 582 -7.65 -31.42 -17.21
CA ARG B 582 -7.67 -32.52 -18.15
C ARG B 582 -6.49 -32.40 -19.13
N ASP B 583 -5.75 -33.49 -19.30
CA ASP B 583 -4.59 -33.49 -20.17
C ASP B 583 -4.97 -33.14 -21.63
N PRO B 584 -4.28 -32.17 -22.25
CA PRO B 584 -4.46 -31.69 -23.60
C PRO B 584 -4.49 -32.78 -24.68
N LYS B 585 -3.83 -33.91 -24.45
CA LYS B 585 -3.79 -34.95 -25.47
C LYS B 585 -4.26 -36.32 -24.99
N THR B 586 -3.96 -36.66 -23.73
CA THR B 586 -4.31 -38.01 -23.25
C THR B 586 -5.74 -38.01 -22.71
N SER B 587 -6.31 -36.82 -22.56
CA SER B 587 -7.66 -36.63 -22.04
C SER B 587 -7.84 -37.27 -20.67
N GLU B 588 -6.81 -37.22 -19.84
CA GLU B 588 -6.88 -37.76 -18.50
C GLU B 588 -7.13 -36.63 -17.52
N ILE B 589 -7.98 -36.85 -16.53
CA ILE B 589 -8.22 -35.82 -15.53
C ILE B 589 -7.41 -36.09 -14.29
N LEU B 590 -6.58 -35.12 -13.91
CA LEU B 590 -5.71 -35.24 -12.77
C LEU B 590 -5.83 -34.04 -11.82
N ASP B 591 -5.81 -34.32 -10.52
CA ASP B 591 -5.87 -33.29 -9.49
C ASP B 591 -4.53 -32.62 -9.29
N ILE B 592 -4.55 -31.38 -8.80
CA ILE B 592 -3.31 -30.70 -8.48
C ILE B 592 -3.21 -30.38 -6.99
N SER B 593 -2.25 -30.99 -6.33
CA SER B 593 -2.02 -30.74 -4.92
C SER B 593 -0.82 -29.81 -4.79
N PRO B 594 -0.73 -29.03 -3.73
CA PRO B 594 0.42 -28.20 -3.42
C PRO B 594 1.59 -29.08 -3.05
N CYS B 595 2.79 -28.61 -3.33
CA CYS B 595 3.99 -29.29 -2.89
C CYS B 595 4.12 -29.14 -1.39
N SER B 596 4.36 -30.23 -0.70
CA SER B 596 4.39 -30.23 0.75
C SER B 596 5.21 -29.09 1.33
N PHE B 597 4.64 -28.43 2.33
CA PHE B 597 5.28 -27.32 3.04
C PHE B 597 4.81 -27.28 4.48
N GLY B 598 5.47 -26.49 5.31
CA GLY B 598 5.00 -26.33 6.68
C GLY B 598 6.02 -25.65 7.56
N GLY B 599 5.71 -25.56 8.85
CA GLY B 599 6.62 -24.96 9.82
C GLY B 599 7.64 -25.98 10.33
N VAL B 600 8.76 -25.47 10.84
CA VAL B 600 9.77 -26.31 11.45
C VAL B 600 9.98 -25.89 12.89
N SER B 601 9.78 -26.83 13.79
CA SER B 601 9.98 -26.56 15.20
C SER B 601 11.14 -27.36 15.74
N VAL B 602 11.73 -26.84 16.80
CA VAL B 602 12.86 -27.48 17.45
C VAL B 602 12.57 -27.74 18.92
N ILE B 603 12.94 -28.93 19.38
CA ILE B 603 12.75 -29.31 20.77
C ILE B 603 14.09 -29.48 21.45
N THR B 604 14.28 -28.78 22.55
CA THR B 604 15.55 -28.87 23.23
C THR B 604 15.43 -28.71 24.75
N PRO B 605 16.29 -29.37 25.53
CA PRO B 605 16.55 -29.11 26.92
C PRO B 605 17.42 -27.88 27.01
N GLY B 606 17.60 -27.35 28.19
CA GLY B 606 18.43 -26.15 28.29
C GLY B 606 19.87 -26.42 27.90
N THR B 607 20.52 -25.39 27.37
CA THR B 607 21.91 -25.50 26.94
C THR B 607 22.84 -25.50 28.12
N ASN B 608 22.30 -25.18 29.28
CA ASN B 608 23.05 -25.20 30.52
C ASN B 608 23.04 -26.61 31.11
N ALA B 609 22.23 -27.49 30.53
CA ALA B 609 22.10 -28.85 31.00
C ALA B 609 22.79 -29.81 30.06
N SER B 610 22.52 -29.64 28.76
CA SER B 610 23.09 -30.51 27.74
C SER B 610 23.04 -29.85 26.38
N SER B 611 23.35 -30.61 25.35
CA SER B 611 23.30 -30.09 23.99
C SER B 611 22.82 -31.13 23.01
N GLU B 612 21.63 -30.91 22.49
CA GLU B 612 20.98 -31.82 21.55
C GLU B 612 19.65 -31.23 21.11
N VAL B 613 19.27 -31.47 19.87
CA VAL B 613 18.01 -30.95 19.35
C VAL B 613 17.24 -31.97 18.54
N ALA B 614 15.95 -32.09 18.84
CA ALA B 614 15.06 -32.89 18.02
C ALA B 614 14.21 -31.95 17.19
N VAL B 615 13.81 -32.36 16.00
CA VAL B 615 13.02 -31.46 15.18
C VAL B 615 11.70 -32.06 14.75
N LEU B 616 10.78 -31.20 14.35
CA LEU B 616 9.51 -31.67 13.82
C LEU B 616 9.15 -30.98 12.52
N TYR B 617 8.72 -31.78 11.56
CA TYR B 617 8.24 -31.28 10.28
C TYR B 617 6.73 -31.27 10.29
N GLN B 618 6.19 -30.07 10.41
CA GLN B 618 4.78 -29.83 10.66
C GLN B 618 3.83 -30.24 9.55
N ASP B 619 2.77 -30.95 9.94
CA ASP B 619 1.62 -31.27 9.09
C ASP B 619 1.96 -31.90 7.74
N VAL B 620 2.93 -32.78 7.70
CA VAL B 620 3.28 -33.46 6.45
C VAL B 620 3.47 -34.95 6.63
N ASN B 621 3.48 -35.66 5.50
CA ASN B 621 3.81 -37.06 5.49
C ASN B 621 5.30 -37.29 5.61
N CYS B 622 5.72 -37.92 6.68
CA CYS B 622 7.16 -38.01 6.97
C CYS B 622 7.88 -38.76 5.90
N THR B 623 7.18 -39.55 5.10
CA THR B 623 7.82 -40.32 4.03
C THR B 623 8.36 -39.38 2.97
N ASP B 624 7.70 -38.24 2.78
CA ASP B 624 8.13 -37.27 1.80
C ASP B 624 9.25 -36.44 2.36
N VAL B 625 9.18 -36.20 3.66
CA VAL B 625 10.23 -35.46 4.33
C VAL B 625 11.53 -36.23 4.21
N SER B 626 11.45 -37.53 4.51
CA SER B 626 12.61 -38.40 4.41
C SER B 626 13.14 -38.44 2.99
N THR B 627 12.24 -38.63 2.02
CA THR B 627 12.66 -38.71 0.64
C THR B 627 13.47 -37.51 0.24
N ALA B 628 12.99 -36.33 0.59
CA ALA B 628 13.63 -35.08 0.21
C ALA B 628 14.86 -34.75 1.06
N ILE B 629 15.19 -35.60 2.02
CA ILE B 629 16.43 -35.44 2.76
C ILE B 629 17.49 -36.26 2.06
N HIS B 630 17.13 -37.48 1.68
CA HIS B 630 18.03 -38.34 0.94
C HIS B 630 18.33 -37.71 -0.41
N ALA B 631 17.26 -37.32 -1.11
CA ALA B 631 17.35 -36.56 -2.33
C ALA B 631 17.19 -35.11 -1.98
N ASP B 632 18.28 -34.44 -1.63
CA ASP B 632 18.14 -33.14 -1.02
C ASP B 632 17.37 -32.18 -1.91
N GLN B 633 16.12 -31.97 -1.54
CA GLN B 633 15.25 -31.04 -2.22
C GLN B 633 14.52 -30.18 -1.21
N LEU B 634 15.15 -29.95 -0.06
CA LEU B 634 14.50 -29.15 0.97
C LEU B 634 15.17 -27.84 1.22
N THR B 635 14.35 -26.85 1.52
CA THR B 635 14.83 -25.57 1.99
C THR B 635 14.19 -25.26 3.32
N PRO B 636 14.98 -24.88 4.32
CA PRO B 636 16.44 -24.83 4.40
C PRO B 636 17.06 -26.20 4.58
N ALA B 637 18.36 -26.31 4.27
CA ALA B 637 19.15 -27.48 4.58
C ALA B 637 20.29 -27.08 5.50
N TRP B 638 20.73 -28.02 6.34
CA TRP B 638 21.86 -27.74 7.24
C TRP B 638 23.12 -28.40 6.79
N ARG B 639 24.25 -27.75 7.05
CA ARG B 639 25.55 -28.33 6.75
C ARG B 639 25.86 -29.57 7.53
N ILE B 640 25.55 -29.57 8.84
CA ILE B 640 25.82 -30.73 9.66
C ILE B 640 24.53 -31.33 10.16
N TYR B 641 24.06 -32.36 9.48
CA TYR B 641 22.78 -32.94 9.79
C TYR B 641 22.67 -34.35 9.23
N SER B 642 22.01 -35.22 9.98
CA SER B 642 21.72 -36.56 9.50
C SER B 642 20.41 -37.06 10.08
N THR B 643 19.83 -38.06 9.44
CA THR B 643 18.59 -38.67 9.91
C THR B 643 18.85 -40.10 10.36
N GLY B 644 18.57 -40.37 11.64
CA GLY B 644 18.78 -41.69 12.20
C GLY B 644 17.49 -42.49 12.21
N ASN B 645 17.42 -43.51 13.05
CA ASN B 645 16.23 -44.35 13.13
C ASN B 645 15.19 -43.76 14.07
N ASN B 646 15.53 -42.64 14.68
CA ASN B 646 14.63 -41.98 15.60
C ASN B 646 13.64 -41.12 14.86
N VAL B 647 12.73 -41.78 14.15
CA VAL B 647 11.71 -41.08 13.40
C VAL B 647 10.34 -41.59 13.79
N PHE B 648 9.47 -40.68 14.21
CA PHE B 648 8.14 -41.04 14.66
C PHE B 648 7.10 -40.05 14.22
N GLN B 649 6.14 -40.52 13.42
CA GLN B 649 5.13 -39.65 12.84
C GLN B 649 3.91 -39.49 13.72
N THR B 650 3.52 -38.24 13.93
CA THR B 650 2.33 -37.91 14.70
C THR B 650 1.42 -36.99 13.90
N GLN B 651 0.27 -36.68 14.47
CA GLN B 651 -0.72 -35.83 13.82
C GLN B 651 -0.21 -34.41 13.57
N ALA B 652 0.67 -33.93 14.44
CA ALA B 652 1.20 -32.58 14.31
C ALA B 652 2.30 -32.48 13.26
N GLY B 653 2.77 -33.63 12.79
CA GLY B 653 3.95 -33.69 11.95
C GLY B 653 4.85 -34.77 12.49
N CYS B 654 5.99 -35.01 11.87
CA CYS B 654 6.82 -36.09 12.38
C CYS B 654 8.05 -35.60 13.09
N LEU B 655 8.46 -36.37 14.09
CA LEU B 655 9.64 -36.09 14.87
C LEU B 655 10.85 -36.80 14.32
N ILE B 656 11.96 -36.10 14.33
CA ILE B 656 13.23 -36.70 13.98
C ILE B 656 14.27 -36.40 15.05
N GLY B 657 14.88 -37.45 15.59
CA GLY B 657 15.91 -37.30 16.62
C GLY B 657 15.41 -37.66 18.01
N ALA B 658 14.10 -37.73 18.18
CA ALA B 658 13.53 -38.11 19.47
C ALA B 658 13.25 -39.60 19.51
N GLU B 659 13.64 -40.26 20.57
CA GLU B 659 13.41 -41.69 20.69
C GLU B 659 12.05 -41.98 21.28
N HIS B 660 11.22 -42.68 20.52
CA HIS B 660 9.88 -42.99 21.00
C HIS B 660 9.88 -44.17 21.95
N VAL B 661 9.10 -44.04 23.02
CA VAL B 661 8.95 -45.11 23.98
C VAL B 661 7.48 -45.40 24.24
N ASP B 662 7.21 -46.56 24.83
CA ASP B 662 5.85 -46.98 25.13
C ASP B 662 5.39 -46.70 26.56
N THR B 663 6.16 -45.88 27.28
CA THR B 663 5.80 -45.53 28.64
C THR B 663 5.17 -44.15 28.71
N SER B 664 4.97 -43.66 29.93
CA SER B 664 4.30 -42.40 30.14
C SER B 664 4.82 -41.64 31.34
N TYR B 665 4.65 -40.33 31.30
CA TYR B 665 5.08 -39.42 32.36
C TYR B 665 4.22 -38.18 32.33
N GLU B 666 4.46 -37.26 33.25
CA GLU B 666 3.82 -35.96 33.15
C GLU B 666 4.34 -35.27 31.88
N CYS B 667 3.57 -34.35 31.34
CA CYS B 667 4.00 -33.65 30.13
C CYS B 667 4.97 -32.51 30.45
N ASP B 668 6.19 -32.61 29.95
CA ASP B 668 7.18 -31.56 30.20
C ASP B 668 7.15 -30.54 29.05
N ILE B 669 7.57 -30.96 27.86
CA ILE B 669 7.51 -30.10 26.69
C ILE B 669 6.47 -30.63 25.71
N PRO B 670 5.30 -29.99 25.60
CA PRO B 670 4.16 -30.46 24.84
C PRO B 670 4.42 -30.41 23.36
N ILE B 671 3.87 -31.37 22.63
CA ILE B 671 3.93 -31.36 21.18
C ILE B 671 2.52 -31.35 20.59
N GLY B 672 1.72 -32.34 20.98
CA GLY B 672 0.33 -32.41 20.50
C GLY B 672 -0.21 -33.83 20.48
N ALA B 673 -1.54 -33.95 20.50
CA ALA B 673 -2.21 -35.25 20.44
C ALA B 673 -1.72 -36.21 21.52
N GLY B 674 -1.53 -35.70 22.73
CA GLY B 674 -1.13 -36.52 23.87
C GLY B 674 0.37 -36.81 23.91
N ILE B 675 1.11 -36.29 22.94
CA ILE B 675 2.53 -36.53 22.86
C ILE B 675 3.32 -35.36 23.40
N CYS B 676 4.29 -35.68 24.25
CA CYS B 676 5.18 -34.69 24.83
C CYS B 676 6.61 -35.18 24.78
N ALA B 677 7.53 -34.25 24.96
CA ALA B 677 8.94 -34.58 25.03
C ALA B 677 9.52 -34.29 26.41
N SER B 678 10.53 -35.07 26.76
CA SER B 678 11.28 -34.86 27.99
C SER B 678 12.69 -35.40 27.82
N TYR B 679 13.52 -35.15 28.81
CA TYR B 679 14.91 -35.55 28.73
C TYR B 679 15.25 -36.49 29.87
N HIS B 680 15.48 -37.75 29.56
CA HIS B 680 15.71 -38.79 30.56
C HIS B 680 16.79 -39.72 30.13
N THR B 681 17.10 -40.66 31.00
CA THR B 681 17.99 -41.74 30.65
C THR B 681 17.21 -42.89 30.01
N VAL B 682 17.88 -43.74 29.28
CA VAL B 682 17.22 -44.88 28.63
C VAL B 682 18.04 -46.16 28.90
N GLN B 690 23.75 -41.55 30.44
CA GLN B 690 23.35 -41.46 29.04
C GLN B 690 21.92 -40.95 28.93
N LYS B 691 21.78 -39.71 28.51
CA LYS B 691 20.48 -39.07 28.39
C LYS B 691 20.11 -38.84 26.94
N SER B 692 18.82 -38.73 26.67
CA SER B 692 18.33 -38.43 25.34
C SER B 692 16.95 -37.81 25.34
N ILE B 693 16.56 -37.24 24.21
CA ILE B 693 15.22 -36.69 24.06
C ILE B 693 14.24 -37.80 23.80
N VAL B 694 13.22 -37.89 24.64
CA VAL B 694 12.27 -38.99 24.60
C VAL B 694 10.87 -38.54 24.24
N ALA B 695 10.27 -39.25 23.29
CA ALA B 695 8.89 -39.01 22.89
C ALA B 695 7.98 -40.02 23.57
N TYR B 696 7.03 -39.55 24.34
CA TYR B 696 6.20 -40.44 25.14
C TYR B 696 4.77 -39.92 25.25
N THR B 697 3.90 -40.74 25.82
CA THR B 697 2.51 -40.34 26.00
C THR B 697 2.34 -39.75 27.39
N MET B 698 1.72 -38.59 27.46
CA MET B 698 1.55 -37.93 28.75
C MET B 698 0.54 -38.64 29.63
N SER B 699 0.79 -38.60 30.93
CA SER B 699 -0.13 -39.12 31.93
C SER B 699 -1.17 -38.07 32.30
N LEU B 700 -2.37 -38.52 32.69
CA LEU B 700 -3.41 -37.60 33.11
C LEU B 700 -3.41 -37.38 34.61
N GLY B 701 -2.48 -38.05 35.31
CA GLY B 701 -2.41 -37.93 36.76
C GLY B 701 -2.26 -39.29 37.42
N ALA B 702 -2.07 -39.29 38.74
CA ALA B 702 -1.89 -40.52 39.49
C ALA B 702 -3.11 -41.40 39.35
N ASP B 703 -2.89 -42.70 39.34
CA ASP B 703 -3.97 -43.68 39.18
C ASP B 703 -4.35 -44.31 40.52
N SER B 704 -5.53 -43.97 41.04
CA SER B 704 -5.98 -44.49 42.33
C SER B 704 -7.39 -45.04 42.26
N SER B 705 -7.94 -45.41 43.41
CA SER B 705 -9.27 -45.99 43.47
C SER B 705 -9.89 -45.88 44.84
N ILE B 706 -11.17 -45.53 44.89
CA ILE B 706 -11.89 -45.42 46.15
C ILE B 706 -12.96 -46.50 46.26
N ALA B 707 -12.87 -47.31 47.30
CA ALA B 707 -13.88 -48.34 47.53
C ALA B 707 -15.19 -47.69 47.91
N TYR B 708 -16.31 -48.28 47.47
CA TYR B 708 -17.60 -47.76 47.86
C TYR B 708 -18.30 -48.66 48.84
N SER B 709 -18.91 -48.06 49.84
CA SER B 709 -19.71 -48.79 50.81
C SER B 709 -20.96 -48.04 51.15
N ASN B 710 -22.04 -48.78 51.32
CA ASN B 710 -23.30 -48.20 51.74
C ASN B 710 -23.48 -48.33 53.24
N ASN B 711 -22.43 -48.80 53.91
CA ASN B 711 -22.47 -49.02 55.34
C ASN B 711 -21.40 -48.24 56.09
N THR B 712 -20.24 -48.07 55.47
CA THR B 712 -19.12 -47.47 56.16
C THR B 712 -18.87 -46.05 55.73
N ILE B 713 -18.05 -45.36 56.49
CA ILE B 713 -17.68 -43.98 56.22
C ILE B 713 -16.25 -43.72 56.68
N ALA B 714 -15.53 -42.90 55.92
CA ALA B 714 -14.18 -42.48 56.32
C ALA B 714 -14.24 -41.13 57.01
N ILE B 715 -13.56 -41.01 58.15
CA ILE B 715 -13.53 -39.76 58.90
C ILE B 715 -12.09 -39.40 59.29
N PRO B 716 -11.61 -38.18 59.00
CA PRO B 716 -10.29 -37.70 59.32
C PRO B 716 -10.13 -37.58 60.83
N THR B 717 -8.93 -37.87 61.30
CA THR B 717 -8.59 -37.82 62.72
C THR B 717 -7.58 -36.73 62.99
N ASN B 718 -6.58 -36.63 62.13
CA ASN B 718 -5.59 -35.61 62.27
C ASN B 718 -5.69 -34.61 61.12
N PHE B 719 -5.00 -33.50 61.26
CA PHE B 719 -5.04 -32.43 60.28
C PHE B 719 -3.75 -31.65 60.32
N SER B 720 -3.56 -30.80 59.35
CA SER B 720 -2.41 -29.94 59.34
C SER B 720 -2.75 -28.57 58.82
N ILE B 721 -1.90 -27.60 59.12
CA ILE B 721 -2.06 -26.25 58.63
C ILE B 721 -0.98 -25.96 57.62
N SER B 722 -1.37 -25.45 56.46
CA SER B 722 -0.42 -25.14 55.41
C SER B 722 -0.69 -23.78 54.82
N ILE B 723 0.35 -23.19 54.23
CA ILE B 723 0.21 -21.90 53.59
C ILE B 723 0.64 -21.99 52.14
N THR B 724 -0.22 -21.52 51.24
CA THR B 724 0.09 -21.53 49.82
C THR B 724 0.19 -20.11 49.28
N THR B 725 0.98 -19.92 48.23
CA THR B 725 1.20 -18.59 47.69
C THR B 725 0.60 -18.42 46.31
N GLU B 726 -0.06 -17.30 46.09
CA GLU B 726 -0.63 -16.97 44.80
C GLU B 726 -0.35 -15.52 44.41
N VAL B 727 0.09 -15.32 43.16
CA VAL B 727 0.46 -13.98 42.69
C VAL B 727 -0.26 -13.59 41.41
N MET B 728 -0.67 -12.34 41.34
CA MET B 728 -1.28 -11.78 40.14
C MET B 728 -0.76 -10.36 39.92
N PRO B 729 -0.61 -9.93 38.66
CA PRO B 729 -0.25 -8.59 38.26
C PRO B 729 -1.41 -7.64 38.45
N VAL B 730 -1.13 -6.39 38.78
CA VAL B 730 -2.19 -5.39 38.84
C VAL B 730 -1.78 -4.09 38.21
N SER B 731 -0.89 -4.15 37.22
CA SER B 731 -0.43 -2.96 36.52
C SER B 731 0.53 -3.29 35.39
N MET B 732 0.74 -2.33 34.52
CA MET B 732 1.83 -2.39 33.54
C MET B 732 2.44 -1.01 33.36
N ALA B 733 3.59 -0.94 32.71
CA ALA B 733 4.30 0.33 32.54
C ALA B 733 3.44 1.41 31.89
N LYS B 734 3.51 2.61 32.45
CA LYS B 734 2.79 3.75 31.91
C LYS B 734 3.58 4.37 30.77
N THR B 735 3.57 3.73 29.63
CA THR B 735 4.38 4.19 28.52
C THR B 735 3.79 5.44 27.88
N SER B 736 4.61 6.13 27.10
CA SER B 736 4.17 7.31 26.36
C SER B 736 5.01 7.48 25.09
N VAL B 737 4.34 7.92 24.03
CA VAL B 737 5.01 8.08 22.73
C VAL B 737 4.84 9.46 22.15
N ASP B 738 5.95 10.08 21.78
CA ASP B 738 5.89 11.36 21.09
C ASP B 738 5.72 11.11 19.59
N CYS B 739 4.50 11.30 19.10
CA CYS B 739 4.14 10.97 17.73
C CYS B 739 5.02 11.69 16.74
N ASN B 740 5.23 12.99 16.93
CA ASN B 740 6.02 13.76 15.99
C ASN B 740 7.46 13.32 15.98
N MET B 741 8.03 13.08 17.16
CA MET B 741 9.41 12.66 17.23
C MET B 741 9.61 11.32 16.55
N TYR B 742 8.65 10.42 16.75
CA TYR B 742 8.73 9.08 16.17
C TYR B 742 8.65 9.12 14.65
N ILE B 743 7.66 9.83 14.11
CA ILE B 743 7.46 9.86 12.68
C ILE B 743 8.49 10.74 11.98
N CYS B 744 8.63 11.97 12.48
CA CYS B 744 9.47 12.97 11.77
C CYS B 744 10.68 13.34 12.60
N GLY B 745 11.80 12.70 12.27
CA GLY B 745 13.04 12.94 13.00
C GLY B 745 13.64 14.28 12.65
N ASP B 746 13.04 15.34 13.19
CA ASP B 746 13.48 16.72 12.95
C ASP B 746 13.45 17.09 11.46
N SER B 747 12.40 16.67 10.78
CA SER B 747 12.23 16.98 9.37
C SER B 747 11.02 17.85 9.12
N THR B 748 11.25 19.04 8.60
CA THR B 748 10.18 19.99 8.32
C THR B 748 9.24 19.45 7.27
N GLU B 749 9.81 18.89 6.21
CA GLU B 749 9.03 18.37 5.11
C GLU B 749 8.16 17.22 5.59
N CYS B 750 8.73 16.38 6.45
CA CYS B 750 7.95 15.30 7.03
C CYS B 750 6.78 15.83 7.80
N ALA B 751 7.01 16.84 8.64
CA ALA B 751 5.94 17.39 9.45
C ALA B 751 4.81 17.88 8.59
N ASN B 752 5.13 18.58 7.51
CA ASN B 752 4.08 19.09 6.64
C ASN B 752 3.27 17.93 6.05
N LEU B 753 3.96 16.84 5.77
CA LEU B 753 3.36 15.65 5.20
C LEU B 753 2.72 14.77 6.27
N LEU B 754 2.76 15.23 7.51
CA LEU B 754 2.12 14.54 8.62
C LEU B 754 0.82 15.27 8.95
N LEU B 755 0.87 16.60 8.88
CA LEU B 755 -0.28 17.43 9.16
C LEU B 755 -1.43 17.11 8.21
N GLN B 756 -1.09 16.74 6.99
CA GLN B 756 -2.06 16.39 5.97
C GLN B 756 -2.94 15.20 6.37
N TYR B 757 -2.54 14.45 7.40
CA TYR B 757 -3.28 13.27 7.84
C TYR B 757 -4.25 13.56 8.99
N GLY B 758 -4.37 14.83 9.35
CA GLY B 758 -5.35 15.23 10.36
C GLY B 758 -4.93 14.94 11.79
N SER B 759 -5.87 14.37 12.55
CA SER B 759 -5.73 14.19 13.99
C SER B 759 -5.04 12.89 14.37
N PHE B 760 -4.27 12.34 13.45
CA PHE B 760 -3.58 11.09 13.67
C PHE B 760 -2.84 11.04 14.99
N CYS B 761 -1.96 12.01 15.22
CA CYS B 761 -1.16 12.00 16.43
C CYS B 761 -2.01 12.21 17.67
N THR B 762 -2.99 13.09 17.58
CA THR B 762 -3.85 13.39 18.72
C THR B 762 -4.57 12.14 19.18
N GLN B 763 -5.11 11.39 18.23
CA GLN B 763 -5.84 10.18 18.55
C GLN B 763 -4.96 9.19 19.30
N LEU B 764 -3.73 9.00 18.82
CA LEU B 764 -2.81 8.08 19.46
C LEU B 764 -2.49 8.53 20.88
N ASN B 765 -2.29 9.83 21.04
CA ASN B 765 -1.95 10.37 22.35
C ASN B 765 -3.02 10.09 23.37
N ARG B 766 -4.27 10.36 23.02
CA ARG B 766 -5.35 10.13 23.96
C ARG B 766 -5.46 8.66 24.33
N ALA B 767 -5.28 7.78 23.36
CA ALA B 767 -5.41 6.35 23.63
C ALA B 767 -4.39 5.91 24.68
N LEU B 768 -3.15 6.34 24.51
CA LEU B 768 -2.10 5.97 25.46
C LEU B 768 -2.34 6.61 26.82
N SER B 769 -2.82 7.85 26.82
CA SER B 769 -3.12 8.54 28.06
C SER B 769 -4.19 7.78 28.83
N GLY B 770 -5.22 7.35 28.11
CA GLY B 770 -6.30 6.59 28.69
C GLY B 770 -5.76 5.37 29.41
N ILE B 771 -4.85 4.66 28.75
CA ILE B 771 -4.26 3.48 29.37
C ILE B 771 -3.53 3.84 30.65
N ALA B 772 -2.70 4.88 30.59
CA ALA B 772 -1.95 5.27 31.78
C ALA B 772 -2.88 5.57 32.94
N ALA B 773 -4.00 6.22 32.66
CA ALA B 773 -4.97 6.53 33.68
C ALA B 773 -5.51 5.26 34.32
N GLU B 774 -5.79 4.26 33.48
CA GLU B 774 -6.31 2.99 33.96
C GLU B 774 -5.29 2.29 34.84
N GLN B 775 -4.02 2.40 34.50
CA GLN B 775 -2.98 1.75 35.26
C GLN B 775 -2.96 2.27 36.68
N ASP B 776 -3.28 3.55 36.84
CA ASP B 776 -3.28 4.13 38.17
C ASP B 776 -4.45 3.56 38.98
N ARG B 777 -5.64 3.54 38.38
CA ARG B 777 -6.81 3.03 39.07
C ARG B 777 -6.63 1.57 39.44
N ASN B 778 -6.00 0.82 38.56
CA ASN B 778 -5.82 -0.60 38.81
C ASN B 778 -5.11 -0.88 40.11
N THR B 779 -4.21 0.02 40.53
CA THR B 779 -3.50 -0.17 41.78
C THR B 779 -4.35 0.30 42.95
N ARG B 780 -4.89 1.50 42.85
CA ARG B 780 -5.63 2.06 43.96
C ARG B 780 -6.83 1.21 44.35
N GLU B 781 -7.53 0.69 43.36
CA GLU B 781 -8.72 -0.12 43.58
C GLU B 781 -8.43 -1.42 44.31
N VAL B 782 -7.17 -1.84 44.33
CA VAL B 782 -6.80 -3.08 44.98
C VAL B 782 -6.30 -2.85 46.38
N PHE B 783 -5.36 -1.92 46.53
CA PHE B 783 -4.68 -1.71 47.80
C PHE B 783 -5.42 -0.85 48.81
N ALA B 784 -6.10 0.19 48.35
CA ALA B 784 -6.70 1.15 49.28
C ALA B 784 -8.03 0.64 49.83
N GLN B 785 -7.97 -0.42 50.64
CA GLN B 785 -9.17 -1.03 51.18
C GLN B 785 -9.48 -0.55 52.59
N VAL B 786 -8.55 0.12 53.21
CA VAL B 786 -8.73 0.54 54.58
C VAL B 786 -8.63 2.05 54.66
N LYS B 787 -9.56 2.67 55.38
CA LYS B 787 -9.57 4.13 55.47
C LYS B 787 -8.63 4.64 56.53
N GLN B 788 -8.30 3.77 57.48
CA GLN B 788 -7.39 4.14 58.55
C GLN B 788 -6.08 3.38 58.43
N MET B 789 -5.00 4.10 58.66
CA MET B 789 -3.68 3.50 58.72
C MET B 789 -3.40 3.14 60.16
N TYR B 790 -2.84 1.96 60.39
CA TYR B 790 -2.56 1.52 61.75
C TYR B 790 -1.08 1.39 61.99
N LYS B 791 -0.68 1.56 63.24
CA LYS B 791 0.72 1.45 63.61
C LYS B 791 1.10 0.01 63.77
N THR B 792 2.30 -0.34 63.36
CA THR B 792 2.80 -1.68 63.55
C THR B 792 2.77 -1.98 65.06
N PRO B 793 2.21 -3.11 65.49
CA PRO B 793 2.14 -3.55 66.87
C PRO B 793 3.51 -3.57 67.49
N THR B 794 3.58 -3.17 68.76
CA THR B 794 4.86 -3.16 69.48
C THR B 794 5.49 -4.53 69.45
N LEU B 795 4.71 -5.55 69.80
CA LEU B 795 5.18 -6.91 69.78
C LEU B 795 4.48 -7.66 68.67
N LYS B 796 5.23 -8.42 67.91
CA LYS B 796 4.67 -9.15 66.77
C LYS B 796 4.24 -10.55 67.15
N TYR B 797 4.50 -10.94 68.38
CA TYR B 797 4.24 -12.29 68.83
C TYR B 797 2.86 -12.41 69.45
N PHE B 798 1.96 -13.12 68.77
CA PHE B 798 0.57 -13.18 69.19
C PHE B 798 0.10 -14.59 69.49
N GLY B 799 0.05 -14.95 70.76
CA GLY B 799 -0.47 -16.25 71.14
C GLY B 799 0.37 -17.40 70.60
N GLY B 800 1.66 -17.15 70.42
CA GLY B 800 2.56 -18.15 69.87
C GLY B 800 2.80 -17.97 68.37
N PHE B 801 2.00 -17.13 67.73
CA PHE B 801 2.14 -16.89 66.30
C PHE B 801 3.19 -15.82 66.04
N ASN B 802 4.20 -16.17 65.25
CA ASN B 802 5.40 -15.37 65.08
C ASN B 802 5.18 -14.06 64.28
N PHE B 803 4.67 -14.18 63.05
CA PHE B 803 4.41 -13.00 62.19
C PHE B 803 5.62 -12.15 61.77
N SER B 804 6.81 -12.48 62.24
CA SER B 804 7.92 -11.54 62.10
C SER B 804 8.37 -11.30 60.68
N GLN B 805 8.12 -12.26 59.80
CA GLN B 805 8.57 -12.15 58.43
C GLN B 805 7.52 -11.51 57.54
N ILE B 806 6.35 -11.23 58.12
CA ILE B 806 5.22 -10.68 57.38
C ILE B 806 5.18 -9.16 57.56
N LEU B 807 5.42 -8.71 58.78
CA LEU B 807 5.44 -7.29 59.09
C LEU B 807 6.83 -6.68 58.84
N PRO B 808 6.90 -5.37 58.54
CA PRO B 808 8.11 -4.55 58.51
C PRO B 808 8.80 -4.54 59.86
N ASP B 809 10.12 -4.45 59.84
CA ASP B 809 10.90 -4.39 61.07
C ASP B 809 11.63 -3.04 61.18
N PRO B 810 11.16 -2.14 62.07
CA PRO B 810 11.56 -0.75 62.20
C PRO B 810 13.02 -0.59 62.56
N LEU B 811 13.65 -1.66 63.02
CA LEU B 811 15.08 -1.60 63.35
C LEU B 811 15.88 -1.25 62.11
N LYS B 812 15.46 -1.76 60.97
CA LYS B 812 16.14 -1.52 59.71
C LYS B 812 15.56 -0.24 59.09
N PRO B 813 16.37 0.57 58.38
CA PRO B 813 15.96 1.76 57.63
C PRO B 813 14.87 1.51 56.58
N THR B 814 14.69 0.27 56.17
CA THR B 814 13.70 -0.06 55.17
C THR B 814 12.29 -0.10 55.75
N LYS B 815 11.28 -0.03 54.90
CA LYS B 815 9.89 -0.03 55.36
C LYS B 815 9.10 -1.24 54.88
N ARG B 816 9.81 -2.24 54.39
CA ARG B 816 9.18 -3.46 53.93
C ARG B 816 9.43 -4.62 54.87
N SER B 817 8.63 -5.68 54.72
CA SER B 817 8.84 -6.89 55.50
C SER B 817 9.94 -7.71 54.88
N PHE B 818 10.42 -8.70 55.61
CA PHE B 818 11.48 -9.55 55.09
C PHE B 818 11.07 -10.21 53.79
N ILE B 819 9.88 -10.80 53.79
CA ILE B 819 9.41 -11.50 52.60
C ILE B 819 9.34 -10.55 51.42
N GLU B 820 8.84 -9.35 51.63
CA GLU B 820 8.71 -8.39 50.55
C GLU B 820 10.06 -8.05 49.93
N ASP B 821 11.08 -7.84 50.76
CA ASP B 821 12.40 -7.57 50.21
C ASP B 821 12.83 -8.67 49.26
N LEU B 822 12.55 -9.92 49.62
CA LEU B 822 12.89 -11.02 48.76
C LEU B 822 12.11 -10.95 47.45
N LEU B 823 10.82 -10.63 47.54
CA LEU B 823 9.99 -10.58 46.34
C LEU B 823 10.53 -9.54 45.36
N PHE B 824 10.97 -8.41 45.89
CA PHE B 824 11.44 -7.29 45.06
C PHE B 824 12.83 -7.50 44.48
N ASN B 825 13.46 -8.63 44.79
CA ASN B 825 14.78 -8.90 44.27
C ASN B 825 14.77 -9.89 43.10
N LYS B 826 13.58 -10.38 42.71
CA LYS B 826 13.53 -11.38 41.65
C LYS B 826 12.79 -11.01 40.39
N VAL B 827 12.19 -9.83 40.35
CA VAL B 827 11.45 -9.45 39.13
C VAL B 827 12.15 -8.28 38.42
N GLN B 854 17.69 10.62 27.44
CA GLN B 854 16.55 10.23 26.62
C GLN B 854 17.00 9.45 25.39
N LYS B 855 16.03 9.03 24.59
CA LYS B 855 16.33 8.32 23.35
C LYS B 855 15.68 9.00 22.16
N PHE B 856 16.32 8.88 21.02
CA PHE B 856 15.88 9.52 19.79
C PHE B 856 14.63 8.88 19.21
N ASN B 857 14.18 7.79 19.83
CA ASN B 857 12.99 7.10 19.37
C ASN B 857 11.70 7.75 19.87
N GLY B 858 11.83 8.75 20.75
CA GLY B 858 10.66 9.50 21.21
C GLY B 858 9.81 8.72 22.22
N LEU B 859 10.36 7.63 22.75
CA LEU B 859 9.61 6.78 23.66
C LEU B 859 10.01 7.02 25.11
N THR B 860 9.04 7.09 26.00
CA THR B 860 9.33 7.22 27.43
C THR B 860 8.30 6.51 28.30
N VAL B 861 8.51 6.60 29.62
CA VAL B 861 7.62 5.99 30.61
C VAL B 861 7.41 6.94 31.79
N LEU B 862 6.17 7.05 32.24
CA LEU B 862 5.87 7.91 33.39
C LEU B 862 5.80 7.07 34.66
N PRO B 863 6.13 7.66 35.82
CA PRO B 863 6.04 7.06 37.13
C PRO B 863 4.58 6.93 37.57
N PRO B 864 4.28 5.99 38.47
CA PRO B 864 3.02 5.76 39.14
C PRO B 864 2.79 6.80 40.22
N LEU B 865 1.52 6.99 40.61
CA LEU B 865 1.21 7.85 41.74
C LEU B 865 1.73 7.28 43.05
N LEU B 866 1.54 5.98 43.25
CA LEU B 866 1.93 5.35 44.50
C LEU B 866 3.25 4.62 44.37
N THR B 867 4.23 5.06 45.14
CA THR B 867 5.55 4.46 45.11
C THR B 867 5.57 3.19 45.94
N ASP B 868 6.64 2.42 45.81
CA ASP B 868 6.71 1.15 46.55
C ASP B 868 6.53 1.33 48.04
N ASP B 869 7.09 2.40 48.60
CA ASP B 869 6.98 2.64 50.03
C ASP B 869 5.53 2.87 50.45
N MET B 870 4.77 3.54 49.60
CA MET B 870 3.39 3.85 49.90
C MET B 870 2.56 2.59 49.84
N ILE B 871 2.85 1.75 48.86
CA ILE B 871 2.17 0.48 48.73
C ILE B 871 2.49 -0.39 49.92
N ALA B 872 3.76 -0.42 50.30
CA ALA B 872 4.17 -1.22 51.43
C ALA B 872 3.42 -0.80 52.67
N ALA B 873 3.24 0.51 52.85
CA ALA B 873 2.52 1.01 54.00
C ALA B 873 1.10 0.46 54.05
N TYR B 874 0.45 0.39 52.89
CA TYR B 874 -0.91 -0.14 52.86
C TYR B 874 -0.93 -1.60 53.26
N THR B 875 0.01 -2.38 52.76
CA THR B 875 0.02 -3.80 53.09
C THR B 875 0.27 -3.98 54.57
N ALA B 876 1.17 -3.17 55.12
CA ALA B 876 1.48 -3.26 56.53
C ALA B 876 0.25 -3.00 57.37
N ALA B 877 -0.53 -1.99 56.98
CA ALA B 877 -1.73 -1.66 57.71
C ALA B 877 -2.72 -2.82 57.67
N LEU B 878 -2.85 -3.43 56.50
CA LEU B 878 -3.79 -4.54 56.35
C LEU B 878 -3.39 -5.74 57.19
N VAL B 879 -2.09 -6.02 57.26
CA VAL B 879 -1.63 -7.14 58.07
C VAL B 879 -1.85 -6.84 59.54
N SER B 880 -1.50 -5.63 59.97
CA SER B 880 -1.70 -5.25 61.35
C SER B 880 -3.15 -5.39 61.69
N GLY B 881 -4.01 -4.90 60.80
CA GLY B 881 -5.43 -5.01 60.97
C GLY B 881 -5.83 -6.46 61.17
N THR B 882 -5.44 -7.30 60.23
CA THR B 882 -5.79 -8.69 60.30
C THR B 882 -5.42 -9.29 61.65
N ALA B 883 -4.20 -9.01 62.09
CA ALA B 883 -3.68 -9.58 63.33
C ALA B 883 -4.48 -9.19 64.59
N THR B 884 -4.96 -7.93 64.68
CA THR B 884 -5.58 -7.50 65.94
C THR B 884 -6.97 -6.82 65.84
N ALA B 885 -7.37 -6.36 64.66
CA ALA B 885 -8.58 -5.54 64.50
C ALA B 885 -9.88 -6.33 64.42
N GLY B 886 -9.78 -7.65 64.39
CA GLY B 886 -10.95 -8.50 64.34
C GLY B 886 -11.67 -8.48 63.00
N TRP B 887 -12.97 -8.80 63.04
CA TRP B 887 -13.77 -9.03 61.85
C TRP B 887 -14.39 -7.80 61.24
N THR B 888 -14.30 -6.69 61.94
CA THR B 888 -14.94 -5.45 61.48
C THR B 888 -13.92 -4.49 60.93
N PHE B 889 -12.70 -4.96 60.79
CA PHE B 889 -11.61 -4.13 60.32
C PHE B 889 -11.99 -3.35 59.06
N GLY B 890 -12.56 -4.03 58.08
CA GLY B 890 -12.93 -3.38 56.83
C GLY B 890 -14.44 -3.07 56.74
N ALA B 891 -15.13 -3.17 57.86
CA ALA B 891 -16.58 -2.94 57.87
C ALA B 891 -16.95 -1.65 58.58
N GLY B 892 -16.21 -1.32 59.64
CA GLY B 892 -16.49 -0.16 60.47
C GLY B 892 -15.34 0.07 61.44
N ALA B 893 -15.64 0.54 62.64
CA ALA B 893 -14.59 0.76 63.61
C ALA B 893 -13.90 -0.56 63.95
N ALA B 894 -12.59 -0.54 64.06
CA ALA B 894 -11.85 -1.75 64.43
C ALA B 894 -12.23 -2.18 65.83
N LEU B 895 -12.29 -3.49 66.06
CA LEU B 895 -12.60 -4.02 67.38
C LEU B 895 -11.50 -4.95 67.85
N GLN B 896 -10.71 -4.48 68.82
CA GLN B 896 -9.61 -5.29 69.29
C GLN B 896 -10.07 -6.63 69.82
N ILE B 897 -9.36 -7.68 69.42
CA ILE B 897 -9.66 -9.03 69.86
C ILE B 897 -8.36 -9.82 69.99
N PRO B 898 -8.20 -10.64 71.04
CA PRO B 898 -7.14 -11.60 71.22
C PRO B 898 -7.03 -12.48 70.00
N PHE B 899 -5.81 -12.71 69.55
CA PHE B 899 -5.60 -13.46 68.32
C PHE B 899 -6.22 -14.84 68.39
N ALA B 900 -5.97 -15.55 69.48
CA ALA B 900 -6.47 -16.91 69.59
C ALA B 900 -7.98 -16.96 69.45
N MET B 901 -8.67 -15.97 70.00
CA MET B 901 -10.12 -15.92 69.90
C MET B 901 -10.54 -15.72 68.46
N GLN B 902 -9.79 -14.89 67.74
CA GLN B 902 -10.06 -14.66 66.34
C GLN B 902 -9.95 -15.98 65.57
N MET B 903 -8.89 -16.73 65.85
CA MET B 903 -8.68 -18.01 65.20
C MET B 903 -9.79 -18.98 65.53
N ALA B 904 -10.24 -18.95 66.78
CA ALA B 904 -11.29 -19.86 67.21
C ALA B 904 -12.52 -19.66 66.35
N TYR B 905 -12.84 -18.41 66.07
CA TYR B 905 -13.97 -18.09 65.24
C TYR B 905 -13.77 -18.68 63.85
N ARG B 906 -12.57 -18.47 63.29
CA ARG B 906 -12.28 -18.98 61.96
C ARG B 906 -12.46 -20.49 61.89
N PHE B 907 -12.02 -21.20 62.93
CA PHE B 907 -12.20 -22.64 62.96
C PHE B 907 -13.67 -23.02 62.98
N ASN B 908 -14.45 -22.29 63.77
CA ASN B 908 -15.88 -22.52 63.80
C ASN B 908 -16.42 -22.47 62.38
N GLY B 909 -16.04 -21.43 61.64
CA GLY B 909 -16.46 -21.26 60.24
C GLY B 909 -16.09 -22.47 59.37
N ILE B 910 -14.91 -23.04 59.61
CA ILE B 910 -14.47 -24.23 58.86
C ILE B 910 -15.45 -25.37 59.07
N GLY B 911 -15.90 -25.50 60.31
CA GLY B 911 -16.76 -26.61 60.69
C GLY B 911 -16.04 -27.44 61.74
N VAL B 912 -15.20 -26.78 62.51
CA VAL B 912 -14.45 -27.40 63.57
C VAL B 912 -14.90 -26.85 64.91
N THR B 913 -15.23 -27.74 65.84
CA THR B 913 -15.70 -27.32 67.14
C THR B 913 -14.64 -26.45 67.81
N GLN B 914 -15.08 -25.34 68.37
CA GLN B 914 -14.19 -24.34 68.96
C GLN B 914 -13.04 -24.91 69.79
N ASN B 915 -13.35 -25.85 70.67
CA ASN B 915 -12.36 -26.33 71.63
C ASN B 915 -11.12 -26.92 70.97
N VAL B 916 -11.26 -27.36 69.73
CA VAL B 916 -10.16 -28.03 69.07
C VAL B 916 -8.96 -27.12 68.96
N LEU B 917 -9.19 -25.86 68.63
CA LEU B 917 -8.10 -24.92 68.50
C LEU B 917 -7.34 -24.78 69.78
N TYR B 918 -8.07 -24.51 70.84
CA TYR B 918 -7.45 -24.22 72.10
C TYR B 918 -6.63 -25.39 72.59
N GLU B 919 -7.20 -26.58 72.49
CA GLU B 919 -6.52 -27.78 72.95
C GLU B 919 -5.24 -28.02 72.18
N ASN B 920 -5.25 -27.70 70.90
CA ASN B 920 -4.10 -27.92 70.04
C ASN B 920 -3.40 -26.62 69.66
N GLN B 921 -3.61 -25.56 70.45
CA GLN B 921 -3.06 -24.25 70.11
C GLN B 921 -1.56 -24.28 69.89
N LYS B 922 -0.85 -25.03 70.72
CA LYS B 922 0.60 -25.02 70.63
C LYS B 922 1.07 -25.61 69.31
N GLN B 923 0.44 -26.71 68.91
CA GLN B 923 0.85 -27.36 67.67
C GLN B 923 0.51 -26.51 66.48
N ILE B 924 -0.65 -25.87 66.52
CA ILE B 924 -1.07 -25.04 65.42
C ILE B 924 -0.15 -23.85 65.24
N ALA B 925 0.18 -23.16 66.32
CA ALA B 925 1.08 -22.03 66.24
C ALA B 925 2.42 -22.46 65.68
N ASN B 926 2.88 -23.62 66.12
CA ASN B 926 4.17 -24.13 65.67
C ASN B 926 4.16 -24.43 64.18
N GLN B 927 3.09 -25.09 63.70
CA GLN B 927 2.99 -25.42 62.29
C GLN B 927 2.93 -24.15 61.46
N PHE B 928 2.20 -23.16 61.93
CA PHE B 928 2.07 -21.90 61.24
C PHE B 928 3.44 -21.26 61.04
N ASN B 929 4.19 -21.16 62.13
CA ASN B 929 5.48 -20.52 62.11
C ASN B 929 6.43 -21.28 61.19
N LYS B 930 6.34 -22.61 61.23
CA LYS B 930 7.17 -23.45 60.38
C LYS B 930 6.86 -23.21 58.91
N ALA B 931 5.58 -23.17 58.58
CA ALA B 931 5.16 -22.98 57.20
C ALA B 931 5.74 -21.69 56.64
N ILE B 932 5.77 -20.65 57.45
CA ILE B 932 6.32 -19.39 57.00
C ILE B 932 7.79 -19.55 56.66
N SER B 933 8.54 -20.20 57.54
CA SER B 933 9.95 -20.43 57.30
C SER B 933 10.15 -21.25 56.02
N GLN B 934 9.31 -22.25 55.82
CA GLN B 934 9.39 -23.08 54.63
C GLN B 934 9.22 -22.24 53.37
N ILE B 935 8.24 -21.35 53.37
CA ILE B 935 8.00 -20.47 52.24
C ILE B 935 9.21 -19.59 51.99
N GLN B 936 9.76 -19.02 53.05
CA GLN B 936 10.93 -18.18 52.89
C GLN B 936 11.99 -18.90 52.07
N GLU B 937 12.30 -20.14 52.45
CA GLU B 937 13.30 -20.91 51.74
C GLU B 937 12.93 -21.15 50.29
N SER B 938 11.64 -21.47 50.06
CA SER B 938 11.16 -21.72 48.71
C SER B 938 11.34 -20.49 47.83
N LEU B 939 10.94 -19.34 48.35
CA LEU B 939 11.07 -18.09 47.62
C LEU B 939 12.53 -17.75 47.39
N THR B 940 13.31 -17.76 48.45
CA THR B 940 14.71 -17.36 48.41
C THR B 940 15.48 -18.09 47.32
N THR B 941 15.27 -19.40 47.22
CA THR B 941 16.07 -20.24 46.34
C THR B 941 15.39 -20.64 45.02
N THR B 942 14.27 -20.01 44.66
CA THR B 942 13.62 -20.38 43.41
C THR B 942 13.81 -19.37 42.30
N SER B 943 13.22 -19.70 41.16
CA SER B 943 13.28 -18.86 39.98
C SER B 943 11.96 -18.89 39.21
N THR B 944 10.97 -19.59 39.75
CA THR B 944 9.67 -19.69 39.09
C THR B 944 8.63 -18.82 39.76
N ALA B 945 8.89 -18.46 41.01
CA ALA B 945 7.97 -17.60 41.73
C ALA B 945 6.96 -16.55 41.42
N LEU B 946 7.38 -15.48 40.77
CA LEU B 946 6.50 -14.40 40.36
C LEU B 946 6.75 -14.44 38.85
N GLY B 947 6.82 -15.63 38.29
CA GLY B 947 6.99 -15.77 36.84
C GLY B 947 5.91 -15.01 36.09
N LYS B 948 4.71 -14.97 36.66
CA LYS B 948 3.59 -14.26 36.06
C LYS B 948 3.87 -12.77 35.92
N LEU B 949 4.61 -12.20 36.87
CA LEU B 949 4.87 -10.78 36.84
C LEU B 949 5.97 -10.50 35.85
N GLN B 950 6.94 -11.40 35.81
CA GLN B 950 8.06 -11.24 34.90
C GLN B 950 7.56 -11.34 33.46
N ASP B 951 6.57 -12.20 33.24
CA ASP B 951 5.98 -12.37 31.92
C ASP B 951 5.41 -11.07 31.40
N VAL B 952 4.65 -10.37 32.24
CA VAL B 952 4.07 -9.09 31.81
C VAL B 952 5.18 -8.12 31.43
N VAL B 953 6.23 -8.06 32.24
CA VAL B 953 7.33 -7.18 31.98
C VAL B 953 8.02 -7.52 30.67
N ASN B 954 8.27 -8.80 30.44
CA ASN B 954 8.95 -9.24 29.23
C ASN B 954 8.18 -8.87 27.99
N GLN B 955 6.87 -9.08 28.02
CA GLN B 955 6.04 -8.79 26.86
C GLN B 955 6.01 -7.29 26.57
N ASN B 956 5.98 -6.49 27.62
CA ASN B 956 6.01 -5.04 27.45
C ASN B 956 7.27 -4.64 26.70
N ALA B 957 8.40 -5.17 27.14
CA ALA B 957 9.68 -4.86 26.52
C ALA B 957 9.69 -5.24 25.05
N GLN B 958 9.11 -6.38 24.72
CA GLN B 958 9.09 -6.83 23.34
C GLN B 958 8.32 -5.89 22.45
N ALA B 959 7.21 -5.35 22.96
CA ALA B 959 6.41 -4.44 22.19
C ALA B 959 7.18 -3.18 21.86
N LEU B 960 7.86 -2.63 22.85
CA LEU B 960 8.63 -1.42 22.66
C LEU B 960 9.81 -1.67 21.74
N ASN B 961 10.48 -2.80 21.93
CA ASN B 961 11.62 -3.14 21.11
C ASN B 961 11.20 -3.23 19.65
N THR B 962 10.07 -3.88 19.42
CA THR B 962 9.56 -4.05 18.08
C THR B 962 9.28 -2.70 17.44
N LEU B 963 8.63 -1.82 18.20
CA LEU B 963 8.30 -0.50 17.68
C LEU B 963 9.55 0.26 17.28
N VAL B 964 10.58 0.21 18.11
CA VAL B 964 11.83 0.92 17.78
C VAL B 964 12.46 0.35 16.54
N LYS B 965 12.51 -0.98 16.45
CA LYS B 965 13.14 -1.61 15.31
C LYS B 965 12.50 -1.16 14.00
N GLN B 966 11.19 -0.97 14.02
CA GLN B 966 10.45 -0.56 12.82
C GLN B 966 10.94 0.75 12.23
N LEU B 967 11.60 1.58 13.02
CA LEU B 967 12.09 2.86 12.51
C LEU B 967 13.13 2.65 11.41
N SER B 968 13.77 1.49 11.40
CA SER B 968 14.79 1.18 10.41
C SER B 968 14.19 0.54 9.17
N SER B 969 12.88 0.28 9.19
CA SER B 969 12.21 -0.35 8.07
C SER B 969 12.28 0.54 6.83
N ASN B 970 12.49 -0.07 5.68
CA ASN B 970 12.61 0.68 4.44
C ASN B 970 11.26 0.97 3.80
N PHE B 971 10.36 0.00 3.82
CA PHE B 971 9.03 0.15 3.24
C PHE B 971 9.07 0.44 1.75
N GLY B 972 10.06 -0.12 1.06
CA GLY B 972 10.19 0.05 -0.38
C GLY B 972 10.83 1.39 -0.78
N ALA B 973 11.18 2.20 0.21
CA ALA B 973 11.77 3.51 -0.04
C ALA B 973 13.21 3.40 -0.46
N ILE B 974 13.76 4.51 -0.94
CA ILE B 974 15.19 4.57 -1.24
C ILE B 974 16.00 4.31 0.01
N SER B 975 15.57 4.89 1.11
CA SER B 975 16.26 4.75 2.39
C SER B 975 15.30 4.89 3.54
N SER B 976 15.59 4.20 4.63
CA SER B 976 14.81 4.29 5.86
C SER B 976 15.03 5.61 6.61
N VAL B 977 16.07 6.34 6.21
CA VAL B 977 16.44 7.58 6.88
C VAL B 977 16.00 8.81 6.09
N LEU B 978 15.23 9.69 6.73
CA LEU B 978 14.69 10.87 6.04
C LEU B 978 15.80 11.76 5.50
N ASN B 979 16.89 11.85 6.23
CA ASN B 979 18.01 12.69 5.82
C ASN B 979 18.63 12.20 4.51
N ASP B 980 18.53 10.89 4.26
CA ASP B 980 19.11 10.30 3.07
C ASP B 980 18.13 10.34 1.91
N ILE B 981 17.00 10.98 2.14
CA ILE B 981 16.01 11.20 1.12
C ILE B 981 16.12 12.64 0.66
N LEU B 982 16.10 13.56 1.62
CA LEU B 982 16.15 14.98 1.31
C LEU B 982 17.48 15.38 0.68
N SER B 983 18.58 14.87 1.22
CA SER B 983 19.92 15.31 0.83
C SER B 983 20.30 15.07 -0.64
N ARG B 984 19.61 14.17 -1.32
CA ARG B 984 19.97 13.90 -2.71
C ARG B 984 18.81 14.00 -3.70
N LEU B 985 17.66 14.47 -3.26
CA LEU B 985 16.51 14.49 -4.16
C LEU B 985 15.90 15.86 -4.33
N ASP B 986 15.46 16.14 -5.54
CA ASP B 986 14.66 17.32 -5.79
C ASP B 986 13.36 17.15 -4.99
N PRO B 987 12.74 18.26 -4.53
CA PRO B 987 11.52 18.28 -3.72
C PRO B 987 10.38 17.35 -4.19
N PRO B 988 10.10 17.19 -5.52
CA PRO B 988 9.09 16.30 -6.06
C PRO B 988 9.25 14.88 -5.50
N GLU B 989 10.34 14.21 -5.88
CA GLU B 989 10.56 12.85 -5.43
C GLU B 989 10.78 12.79 -3.93
N ALA B 990 11.43 13.82 -3.39
CA ALA B 990 11.70 13.79 -1.96
C ALA B 990 10.40 13.64 -1.18
N GLU B 991 9.36 14.40 -1.56
CA GLU B 991 8.08 14.29 -0.88
C GLU B 991 7.46 12.91 -1.08
N VAL B 992 7.58 12.37 -2.29
CA VAL B 992 7.04 11.05 -2.56
C VAL B 992 7.68 10.00 -1.66
N GLN B 993 9.00 10.08 -1.54
CA GLN B 993 9.73 9.15 -0.71
C GLN B 993 9.39 9.31 0.76
N ILE B 994 9.27 10.56 1.21
CA ILE B 994 8.94 10.81 2.60
C ILE B 994 7.56 10.29 2.91
N ASP B 995 6.61 10.59 2.04
CA ASP B 995 5.24 10.13 2.21
C ASP B 995 5.18 8.62 2.33
N ARG B 996 5.99 7.92 1.55
CA ARG B 996 5.99 6.47 1.62
C ARG B 996 6.49 6.02 2.98
N LEU B 997 7.60 6.63 3.43
CA LEU B 997 8.14 6.32 4.75
C LEU B 997 7.16 6.63 5.87
N ILE B 998 6.47 7.77 5.75
CA ILE B 998 5.50 8.15 6.77
C ILE B 998 4.42 7.10 6.85
N THR B 999 3.86 6.73 5.72
CA THR B 999 2.79 5.74 5.70
C THR B 999 3.17 4.52 6.52
N GLY B 1000 4.36 4.00 6.25
CA GLY B 1000 4.86 2.84 6.97
C GLY B 1000 4.89 3.07 8.47
N ARG B 1001 5.51 4.16 8.88
CA ARG B 1001 5.62 4.45 10.30
C ARG B 1001 4.27 4.70 10.97
N LEU B 1002 3.33 5.32 10.26
CA LEU B 1002 2.03 5.59 10.85
C LEU B 1002 1.39 4.28 11.26
N GLN B 1003 1.52 3.28 10.40
CA GLN B 1003 0.95 1.97 10.65
C GLN B 1003 1.58 1.33 11.88
N SER B 1004 2.90 1.49 12.03
CA SER B 1004 3.58 0.88 13.16
C SER B 1004 3.07 1.43 14.49
N LEU B 1005 2.67 2.69 14.50
CA LEU B 1005 2.16 3.28 15.74
C LEU B 1005 0.76 2.79 16.05
N GLN B 1006 -0.09 2.74 15.05
CA GLN B 1006 -1.45 2.28 15.29
C GLN B 1006 -1.43 0.83 15.73
N THR B 1007 -0.52 0.05 15.16
CA THR B 1007 -0.41 -1.34 15.52
C THR B 1007 -0.02 -1.47 16.99
N TYR B 1008 0.99 -0.71 17.39
CA TYR B 1008 1.45 -0.72 18.77
C TYR B 1008 0.34 -0.37 19.75
N VAL B 1009 -0.34 0.75 19.49
CA VAL B 1009 -1.38 1.19 20.38
C VAL B 1009 -2.51 0.18 20.49
N THR B 1010 -2.91 -0.38 19.36
CA THR B 1010 -3.97 -1.38 19.38
C THR B 1010 -3.61 -2.49 20.33
N GLN B 1011 -2.37 -2.98 20.24
CA GLN B 1011 -1.94 -4.05 21.11
C GLN B 1011 -1.94 -3.62 22.56
N GLN B 1012 -1.54 -2.37 22.82
CA GLN B 1012 -1.53 -1.87 24.18
C GLN B 1012 -2.92 -1.79 24.77
N LEU B 1013 -3.90 -1.40 23.96
CA LEU B 1013 -5.27 -1.33 24.43
C LEU B 1013 -5.78 -2.70 24.83
N ILE B 1014 -5.48 -3.69 24.00
CA ILE B 1014 -5.89 -5.05 24.28
C ILE B 1014 -5.21 -5.55 25.54
N ARG B 1015 -3.91 -5.33 25.62
CA ARG B 1015 -3.15 -5.74 26.78
C ARG B 1015 -3.70 -5.11 28.05
N ALA B 1016 -4.02 -3.81 27.97
CA ALA B 1016 -4.53 -3.09 29.13
C ALA B 1016 -5.80 -3.72 29.65
N ALA B 1017 -6.65 -4.18 28.75
CA ALA B 1017 -7.91 -4.79 29.13
C ALA B 1017 -7.66 -6.05 29.98
N GLU B 1018 -6.64 -6.82 29.60
CA GLU B 1018 -6.35 -8.03 30.35
C GLU B 1018 -5.84 -7.69 31.74
N ILE B 1019 -5.02 -6.66 31.84
CA ILE B 1019 -4.51 -6.24 33.13
C ILE B 1019 -5.65 -5.81 34.01
N ARG B 1020 -6.60 -5.06 33.45
CA ARG B 1020 -7.77 -4.65 34.20
C ARG B 1020 -8.49 -5.85 34.79
N ALA B 1021 -8.70 -6.88 33.98
CA ALA B 1021 -9.38 -8.07 34.48
C ALA B 1021 -8.64 -8.66 35.67
N SER B 1022 -7.31 -8.72 35.57
CA SER B 1022 -6.51 -9.25 36.65
C SER B 1022 -6.66 -8.38 37.90
N ALA B 1023 -6.58 -7.07 37.72
CA ALA B 1023 -6.69 -6.15 38.84
C ALA B 1023 -8.03 -6.29 39.53
N ASN B 1024 -9.09 -6.48 38.75
CA ASN B 1024 -10.41 -6.62 39.33
C ASN B 1024 -10.48 -7.84 40.23
N LEU B 1025 -9.92 -8.94 39.76
CA LEU B 1025 -9.92 -10.15 40.56
C LEU B 1025 -9.10 -9.96 41.82
N ALA B 1026 -7.96 -9.30 41.70
CA ALA B 1026 -7.11 -9.07 42.87
C ALA B 1026 -7.88 -8.33 43.94
N ALA B 1027 -8.65 -7.32 43.54
CA ALA B 1027 -9.43 -6.57 44.51
C ALA B 1027 -10.44 -7.48 45.21
N THR B 1028 -11.09 -8.35 44.44
CA THR B 1028 -12.05 -9.27 45.02
C THR B 1028 -11.40 -10.21 46.00
N LYS B 1029 -10.27 -10.80 45.62
CA LYS B 1029 -9.61 -11.73 46.51
C LYS B 1029 -9.20 -11.06 47.79
N MET B 1030 -8.67 -9.85 47.70
CA MET B 1030 -8.28 -9.21 48.93
C MET B 1030 -9.49 -9.03 49.83
N SER B 1031 -10.59 -8.59 49.24
CA SER B 1031 -11.78 -8.36 50.03
C SER B 1031 -12.28 -9.63 50.70
N GLU B 1032 -12.35 -10.72 49.95
CA GLU B 1032 -12.93 -11.95 50.49
C GLU B 1032 -11.96 -12.83 51.26
N CYS B 1033 -10.67 -12.78 50.90
CA CYS B 1033 -9.72 -13.69 51.52
C CYS B 1033 -8.97 -13.04 52.68
N VAL B 1034 -8.82 -11.71 52.65
CA VAL B 1034 -8.03 -11.01 53.66
C VAL B 1034 -8.90 -10.30 54.69
N LEU B 1035 -9.90 -9.57 54.23
CA LEU B 1035 -10.71 -8.75 55.13
C LEU B 1035 -11.82 -9.56 55.79
N GLY B 1036 -11.84 -10.86 55.53
CA GLY B 1036 -12.86 -11.72 56.11
C GLY B 1036 -12.49 -13.18 55.92
N GLN B 1037 -13.50 -14.04 55.84
CA GLN B 1037 -13.29 -15.47 55.67
C GLN B 1037 -14.22 -16.02 54.61
N SER B 1038 -13.67 -16.24 53.42
CA SER B 1038 -14.43 -16.75 52.31
C SER B 1038 -14.83 -18.20 52.57
N LYS B 1039 -16.02 -18.59 52.14
CA LYS B 1039 -16.46 -19.97 52.30
C LYS B 1039 -16.47 -20.74 50.99
N ARG B 1040 -16.54 -20.02 49.87
CA ARG B 1040 -16.58 -20.66 48.58
C ARG B 1040 -15.33 -21.51 48.40
N VAL B 1041 -15.48 -22.64 47.74
CA VAL B 1041 -14.36 -23.57 47.57
C VAL B 1041 -13.40 -23.16 46.47
N ASP B 1042 -12.12 -23.47 46.69
CA ASP B 1042 -11.06 -23.28 45.70
C ASP B 1042 -10.93 -21.83 45.23
N PHE B 1043 -11.06 -20.89 46.15
CA PHE B 1043 -10.92 -19.49 45.79
C PHE B 1043 -9.76 -18.83 46.52
N CYS B 1044 -9.62 -19.16 47.80
CA CYS B 1044 -8.58 -18.57 48.64
C CYS B 1044 -7.54 -19.61 49.02
N GLY B 1045 -7.06 -20.37 48.05
CA GLY B 1045 -6.08 -21.40 48.33
C GLY B 1045 -6.62 -22.79 48.01
N LYS B 1046 -5.91 -23.80 48.49
CA LYS B 1046 -6.23 -25.18 48.14
C LYS B 1046 -6.69 -26.01 49.34
N GLY B 1047 -7.49 -25.40 50.20
CA GLY B 1047 -7.99 -26.09 51.38
C GLY B 1047 -9.16 -25.33 51.96
N TYR B 1048 -9.51 -25.61 53.20
CA TYR B 1048 -10.63 -24.91 53.80
C TYR B 1048 -10.12 -23.62 54.40
N HIS B 1049 -10.50 -22.51 53.80
CA HIS B 1049 -9.89 -21.23 54.10
C HIS B 1049 -10.01 -20.77 55.54
N LEU B 1050 -8.89 -20.36 56.11
CA LEU B 1050 -8.86 -19.76 57.44
C LEU B 1050 -8.66 -18.26 57.33
N MET B 1051 -7.53 -17.86 56.72
CA MET B 1051 -7.15 -16.45 56.64
C MET B 1051 -6.06 -16.25 55.60
N SER B 1052 -5.73 -15.01 55.30
CA SER B 1052 -4.64 -14.74 54.37
C SER B 1052 -3.98 -13.41 54.64
N PHE B 1053 -2.77 -13.23 54.09
CA PHE B 1053 -2.05 -11.99 54.23
C PHE B 1053 -1.53 -11.51 52.87
N PRO B 1054 -1.70 -10.24 52.53
CA PRO B 1054 -1.16 -9.61 51.35
C PRO B 1054 0.31 -9.24 51.55
N GLN B 1055 1.05 -9.22 50.45
CA GLN B 1055 2.42 -8.69 50.43
C GLN B 1055 2.61 -7.80 49.20
N ALA B 1056 3.41 -6.76 49.34
CA ALA B 1056 3.75 -5.89 48.20
C ALA B 1056 4.62 -6.63 47.21
N ALA B 1057 4.50 -6.28 45.94
CA ALA B 1057 5.29 -6.90 44.89
C ALA B 1057 5.43 -5.93 43.71
N PRO B 1058 6.52 -6.03 42.93
CA PRO B 1058 6.81 -5.18 41.80
C PRO B 1058 5.79 -5.35 40.68
N HIS B 1059 4.83 -4.44 40.66
CA HIS B 1059 3.73 -4.42 39.68
C HIS B 1059 2.73 -5.54 39.90
N GLY B 1060 2.57 -6.00 41.14
CA GLY B 1060 1.62 -7.08 41.40
C GLY B 1060 1.30 -7.26 42.86
N VAL B 1061 0.51 -8.27 43.15
CA VAL B 1061 0.09 -8.57 44.50
C VAL B 1061 0.34 -10.02 44.84
N VAL B 1062 0.96 -10.26 45.98
CA VAL B 1062 1.20 -11.63 46.41
C VAL B 1062 0.38 -11.95 47.64
N PHE B 1063 -0.39 -13.02 47.56
CA PHE B 1063 -1.19 -13.44 48.70
C PHE B 1063 -0.67 -14.71 49.32
N LEU B 1064 -0.63 -14.71 50.64
CA LEU B 1064 -0.32 -15.90 51.41
C LEU B 1064 -1.59 -16.45 51.99
N HIS B 1065 -2.04 -17.58 51.47
CA HIS B 1065 -3.32 -18.16 51.87
C HIS B 1065 -3.14 -19.26 52.89
N VAL B 1066 -3.74 -19.08 54.07
CA VAL B 1066 -3.61 -20.01 55.15
C VAL B 1066 -4.84 -20.91 55.18
N THR B 1067 -4.64 -22.21 54.98
CA THR B 1067 -5.78 -23.11 54.88
C THR B 1067 -5.72 -24.26 55.86
N TYR B 1068 -6.89 -24.76 56.23
CA TYR B 1068 -7.03 -25.94 57.05
C TYR B 1068 -7.13 -27.17 56.18
N VAL B 1069 -6.30 -28.16 56.44
CA VAL B 1069 -6.33 -29.38 55.66
C VAL B 1069 -6.41 -30.62 56.53
N PRO B 1070 -7.48 -31.41 56.45
CA PRO B 1070 -7.67 -32.66 57.15
C PRO B 1070 -6.81 -33.72 56.46
N SER B 1071 -6.39 -34.74 57.19
CA SER B 1071 -5.57 -35.77 56.55
C SER B 1071 -5.81 -37.17 57.11
N GLN B 1072 -4.88 -37.68 57.91
CA GLN B 1072 -4.93 -39.05 58.42
C GLN B 1072 -6.31 -39.42 58.92
N GLU B 1073 -6.90 -40.47 58.33
CA GLU B 1073 -8.26 -40.87 58.66
C GLU B 1073 -8.37 -42.29 59.21
N ARG B 1074 -9.60 -42.66 59.55
CA ARG B 1074 -9.92 -44.02 59.99
C ARG B 1074 -11.23 -44.52 59.37
N ASN B 1075 -11.35 -45.85 59.30
CA ASN B 1075 -12.58 -46.50 58.84
C ASN B 1075 -13.59 -46.65 59.98
N PHE B 1076 -14.82 -46.25 59.74
CA PHE B 1076 -15.89 -46.47 60.71
C PHE B 1076 -17.15 -46.96 60.02
N THR B 1077 -18.03 -47.60 60.79
CA THR B 1077 -19.34 -47.97 60.25
C THR B 1077 -20.36 -46.92 60.67
N THR B 1078 -21.28 -46.55 59.78
CA THR B 1078 -22.26 -45.52 60.12
C THR B 1078 -23.69 -46.02 60.06
N ALA B 1079 -24.62 -45.10 60.28
CA ALA B 1079 -26.04 -45.39 60.26
C ALA B 1079 -26.84 -44.11 60.04
N PRO B 1080 -27.78 -44.10 59.06
CA PRO B 1080 -28.69 -43.00 58.77
C PRO B 1080 -29.45 -42.54 60.00
N ALA B 1081 -29.82 -43.48 60.86
CA ALA B 1081 -30.55 -43.18 62.07
C ALA B 1081 -30.48 -44.35 63.03
N ILE B 1082 -30.83 -44.10 64.28
CA ILE B 1082 -30.91 -45.17 65.25
C ILE B 1082 -32.31 -45.28 65.81
N CYS B 1083 -32.71 -46.50 66.14
CA CYS B 1083 -34.05 -46.74 66.65
C CYS B 1083 -34.04 -46.98 68.15
N HIS B 1084 -34.88 -46.23 68.85
CA HIS B 1084 -34.96 -46.36 70.31
C HIS B 1084 -36.37 -46.11 70.79
N GLU B 1085 -36.90 -47.03 71.56
CA GLU B 1085 -38.28 -46.98 72.01
C GLU B 1085 -39.23 -46.95 70.82
N GLY B 1086 -38.78 -47.53 69.70
CA GLY B 1086 -39.58 -47.61 68.48
C GLY B 1086 -39.56 -46.32 67.66
N LYS B 1087 -38.85 -45.31 68.14
CA LYS B 1087 -38.81 -44.02 67.45
C LYS B 1087 -37.53 -43.83 66.66
N ALA B 1088 -37.62 -43.09 65.57
CA ALA B 1088 -36.46 -42.86 64.72
C ALA B 1088 -35.68 -41.61 65.15
N TYR B 1089 -34.45 -41.83 65.60
CA TYR B 1089 -33.61 -40.73 66.06
C TYR B 1089 -32.56 -40.35 65.02
N PHE B 1090 -32.52 -39.07 64.70
CA PHE B 1090 -31.61 -38.52 63.72
C PHE B 1090 -30.62 -37.62 64.43
N PRO B 1091 -29.38 -37.52 63.93
CA PRO B 1091 -28.31 -36.71 64.44
C PRO B 1091 -28.57 -35.25 64.14
N ARG B 1092 -27.94 -34.37 64.89
CA ARG B 1092 -28.06 -32.93 64.64
C ARG B 1092 -27.04 -32.43 63.62
N GLU B 1093 -25.88 -31.99 64.08
CA GLU B 1093 -24.89 -31.46 63.15
C GLU B 1093 -23.93 -32.53 62.61
N GLY B 1094 -23.90 -33.68 63.26
CA GLY B 1094 -22.89 -34.69 62.94
C GLY B 1094 -23.47 -35.96 62.35
N VAL B 1095 -22.69 -37.03 62.47
CA VAL B 1095 -23.03 -38.34 61.91
C VAL B 1095 -22.85 -39.41 62.96
N PHE B 1096 -23.68 -40.46 62.92
CA PHE B 1096 -23.51 -41.57 63.84
C PHE B 1096 -22.31 -42.42 63.41
N VAL B 1097 -21.47 -42.77 64.36
CA VAL B 1097 -20.25 -43.51 64.07
C VAL B 1097 -20.08 -44.72 64.97
N PHE B 1098 -19.75 -45.85 64.36
CA PHE B 1098 -19.50 -47.06 65.11
C PHE B 1098 -18.02 -47.37 65.21
N ASN B 1099 -17.51 -47.28 66.43
CA ASN B 1099 -16.12 -47.55 66.73
C ASN B 1099 -15.94 -49.01 67.10
N GLY B 1100 -14.84 -49.34 67.75
CA GLY B 1100 -14.57 -50.70 68.21
C GLY B 1100 -15.63 -51.16 69.22
N THR B 1101 -16.81 -51.47 68.74
CA THR B 1101 -17.97 -51.95 69.49
C THR B 1101 -18.64 -50.87 70.37
N SER B 1102 -18.82 -49.69 69.81
CA SER B 1102 -19.61 -48.65 70.51
C SER B 1102 -20.05 -47.53 69.56
N TRP B 1103 -21.29 -47.08 69.71
CA TRP B 1103 -21.80 -45.99 68.89
C TRP B 1103 -21.60 -44.62 69.51
N PHE B 1104 -21.20 -43.67 68.68
CA PHE B 1104 -21.01 -42.29 69.07
C PHE B 1104 -21.54 -41.35 68.01
N ILE B 1105 -21.51 -40.06 68.31
CA ILE B 1105 -21.86 -39.05 67.32
C ILE B 1105 -20.73 -38.04 67.22
N THR B 1106 -20.39 -37.63 66.00
CA THR B 1106 -19.28 -36.69 65.84
C THR B 1106 -19.37 -35.89 64.55
N GLN B 1107 -18.63 -34.79 64.50
CA GLN B 1107 -18.57 -33.96 63.31
C GLN B 1107 -17.78 -34.61 62.18
N ARG B 1108 -18.25 -34.42 60.97
CA ARG B 1108 -17.64 -35.00 59.77
C ARG B 1108 -16.18 -34.62 59.57
N ASN B 1109 -15.81 -33.40 59.94
CA ASN B 1109 -14.46 -32.91 59.63
C ASN B 1109 -13.42 -33.22 60.69
N PHE B 1110 -13.79 -33.93 61.75
CA PHE B 1110 -12.81 -34.24 62.79
C PHE B 1110 -13.30 -35.33 63.74
N PHE B 1111 -12.60 -36.46 63.75
CA PHE B 1111 -13.06 -37.56 64.57
C PHE B 1111 -12.89 -37.31 66.05
N SER B 1112 -13.95 -36.81 66.66
CA SER B 1112 -13.99 -36.65 68.11
C SER B 1112 -15.35 -37.15 68.60
N PRO B 1113 -15.45 -38.42 69.01
CA PRO B 1113 -16.68 -39.12 69.33
C PRO B 1113 -17.32 -38.61 70.60
N GLN B 1114 -18.63 -38.39 70.56
CA GLN B 1114 -19.37 -37.97 71.73
C GLN B 1114 -20.43 -38.99 72.06
N ILE B 1115 -20.79 -39.08 73.33
CA ILE B 1115 -21.90 -39.91 73.75
C ILE B 1115 -23.21 -39.46 73.10
N ILE B 1116 -24.01 -40.42 72.65
CA ILE B 1116 -25.27 -40.10 72.03
C ILE B 1116 -26.33 -39.84 73.07
N THR B 1117 -26.78 -38.60 73.16
CA THR B 1117 -27.72 -38.19 74.18
C THR B 1117 -28.93 -37.57 73.51
N THR B 1118 -30.03 -37.52 74.24
CA THR B 1118 -31.26 -36.96 73.68
C THR B 1118 -31.09 -35.55 73.16
N ASP B 1119 -30.41 -34.72 73.92
CA ASP B 1119 -30.25 -33.31 73.55
C ASP B 1119 -29.32 -33.07 72.37
N ASN B 1120 -28.57 -34.08 71.95
CA ASN B 1120 -27.64 -33.93 70.84
C ASN B 1120 -28.17 -34.60 69.57
N THR B 1121 -29.41 -35.04 69.64
CA THR B 1121 -30.06 -35.70 68.51
C THR B 1121 -31.48 -35.16 68.40
N PHE B 1122 -32.26 -35.70 67.49
CA PHE B 1122 -33.68 -35.37 67.47
C PHE B 1122 -34.49 -36.57 67.01
N VAL B 1123 -35.77 -36.56 67.31
CA VAL B 1123 -36.62 -37.67 66.96
C VAL B 1123 -37.77 -37.20 66.10
N SER B 1124 -38.06 -37.96 65.06
CA SER B 1124 -39.18 -37.63 64.20
C SER B 1124 -39.61 -38.83 63.41
N GLY B 1125 -40.87 -39.22 63.60
CA GLY B 1125 -41.41 -40.39 62.90
C GLY B 1125 -40.99 -41.65 63.63
N ASN B 1126 -41.57 -42.77 63.23
CA ASN B 1126 -41.24 -44.04 63.86
C ASN B 1126 -40.14 -44.75 63.10
N CYS B 1127 -39.71 -45.89 63.63
CA CYS B 1127 -38.73 -46.72 62.93
C CYS B 1127 -39.42 -47.56 61.87
N ASP B 1128 -40.01 -46.88 60.91
CA ASP B 1128 -40.82 -47.55 59.90
C ASP B 1128 -40.30 -47.36 58.48
N VAL B 1129 -39.96 -46.14 58.12
CA VAL B 1129 -39.62 -45.84 56.74
C VAL B 1129 -38.18 -45.39 56.55
N VAL B 1130 -37.34 -45.62 57.55
CA VAL B 1130 -35.95 -45.22 57.44
C VAL B 1130 -35.09 -46.39 57.01
N ILE B 1131 -34.51 -46.27 55.83
CA ILE B 1131 -33.73 -47.34 55.27
C ILE B 1131 -32.39 -47.44 55.95
N GLY B 1132 -32.08 -48.64 56.44
CA GLY B 1132 -30.80 -48.87 57.09
C GLY B 1132 -30.80 -48.53 58.58
N ILE B 1133 -31.97 -48.17 59.12
CA ILE B 1133 -32.05 -47.81 60.53
C ILE B 1133 -31.67 -49.00 61.40
N ILE B 1134 -30.93 -48.74 62.48
CA ILE B 1134 -30.48 -49.82 63.36
C ILE B 1134 -30.93 -49.57 64.79
N ASN B 1135 -30.89 -50.62 65.61
CA ASN B 1135 -31.26 -50.50 67.02
C ASN B 1135 -30.12 -49.92 67.84
N ASN B 1136 -30.48 -49.07 68.79
CA ASN B 1136 -29.49 -48.46 69.67
C ASN B 1136 -30.20 -47.92 70.92
N THR B 1137 -29.42 -47.32 71.81
CA THR B 1137 -30.01 -46.67 72.97
C THR B 1137 -29.70 -45.18 72.93
N VAL B 1138 -30.44 -44.41 73.71
CA VAL B 1138 -30.22 -42.98 73.81
C VAL B 1138 -30.10 -42.57 75.26
N TYR B 1139 -29.03 -41.87 75.61
CA TYR B 1139 -28.85 -41.42 76.97
C TYR B 1139 -29.76 -40.27 77.32
N ASP B 1140 -30.37 -40.34 78.49
CA ASP B 1140 -31.22 -39.28 79.00
C ASP B 1140 -30.82 -38.91 80.43
N PRO B 1141 -30.24 -37.70 80.63
CA PRO B 1141 -29.77 -37.17 81.89
C PRO B 1141 -30.80 -37.35 83.00
N LEU B 1142 -32.09 -37.33 82.64
CA LEU B 1142 -33.14 -37.50 83.62
C LEU B 1142 -32.89 -38.68 84.55
N GLN B 1143 -32.38 -39.78 83.99
CA GLN B 1143 -32.24 -41.00 84.77
C GLN B 1143 -31.33 -40.86 86.01
N PRO B 1144 -30.05 -40.45 85.87
CA PRO B 1144 -29.15 -40.14 86.97
C PRO B 1144 -29.53 -38.88 87.74
N GLU B 1145 -30.21 -37.95 87.09
CA GLU B 1145 -30.63 -36.72 87.77
C GLU B 1145 -31.75 -36.99 88.76
N LEU B 1146 -32.70 -37.82 88.35
CA LEU B 1146 -33.82 -38.19 89.18
C LEU B 1146 -33.36 -39.09 90.34
N ARG C 37 5.51 69.76 -7.07
CA ARG C 37 6.56 70.15 -6.16
C ARG C 37 6.37 69.52 -4.79
N CYS C 38 7.43 69.51 -3.99
CA CYS C 38 7.37 68.93 -2.66
C CYS C 38 7.75 69.96 -1.60
N THR C 39 7.02 69.97 -0.49
CA THR C 39 7.28 70.90 0.61
C THR C 39 7.49 70.17 1.92
N THR C 40 8.60 70.50 2.60
CA THR C 40 8.91 69.90 3.89
C THR C 40 8.48 70.82 5.02
N PHE C 41 8.43 70.27 6.23
CA PHE C 41 8.05 71.06 7.40
C PHE C 41 9.26 71.28 8.30
N ASN C 48 6.48 60.06 19.50
CA ASN C 48 7.20 59.67 20.70
C ASN C 48 7.36 58.14 20.77
N TYR C 49 6.63 57.45 19.91
CA TYR C 49 6.67 55.98 19.89
C TYR C 49 6.16 55.40 21.20
N THR C 50 5.10 56.01 21.73
CA THR C 50 4.47 55.53 22.95
C THR C 50 3.99 54.10 22.76
N GLN C 51 4.27 53.24 23.72
CA GLN C 51 3.85 51.85 23.60
C GLN C 51 2.48 51.63 24.21
N HIS C 52 1.70 50.82 23.53
CA HIS C 52 0.35 50.47 23.96
C HIS C 52 0.14 48.98 23.82
N THR C 53 -1.02 48.49 24.23
CA THR C 53 -1.31 47.07 24.07
C THR C 53 -2.31 46.85 22.95
N SER C 54 -2.05 45.82 22.16
CA SER C 54 -2.93 45.42 21.07
C SER C 54 -4.26 44.86 21.56
N SER C 55 -4.33 44.52 22.84
CA SER C 55 -5.54 43.91 23.37
C SER C 55 -5.95 42.73 22.51
N MET C 56 -7.22 42.68 22.16
CA MET C 56 -7.74 41.62 21.30
C MET C 56 -8.11 42.11 19.90
N ARG C 57 -7.42 43.13 19.42
CA ARG C 57 -7.69 43.67 18.09
C ARG C 57 -6.87 42.98 17.00
N GLY C 58 -7.30 43.14 15.75
CA GLY C 58 -6.57 42.60 14.60
C GLY C 58 -7.26 41.37 14.02
N VAL C 59 -8.48 41.11 14.46
CA VAL C 59 -9.28 39.99 14.01
C VAL C 59 -10.10 40.37 12.77
N TYR C 60 -10.17 39.45 11.82
CA TYR C 60 -10.94 39.66 10.61
C TYR C 60 -11.54 38.34 10.14
N TYR C 61 -12.52 38.42 9.26
CA TYR C 61 -13.13 37.22 8.70
C TYR C 61 -12.16 36.55 7.73
N PRO C 62 -11.57 35.39 8.08
CA PRO C 62 -10.50 34.74 7.37
C PRO C 62 -10.88 34.29 5.97
N ASP C 63 -12.17 34.06 5.74
CA ASP C 63 -12.63 33.62 4.44
C ASP C 63 -14.08 33.98 4.17
N GLU C 64 -14.48 33.81 2.91
CA GLU C 64 -15.82 34.11 2.40
C GLU C 64 -16.87 33.06 2.77
N ILE C 65 -16.46 32.06 3.52
CA ILE C 65 -17.35 30.95 3.84
C ILE C 65 -18.27 31.27 5.00
N PHE C 66 -19.55 31.07 4.81
CA PHE C 66 -20.50 31.29 5.89
C PHE C 66 -20.46 30.14 6.88
N ARG C 67 -20.35 30.48 8.16
CA ARG C 67 -20.39 29.53 9.26
C ARG C 67 -21.24 30.12 10.33
N SER C 68 -21.79 29.27 11.20
CA SER C 68 -22.54 29.80 12.33
C SER C 68 -22.56 28.82 13.48
N ASP C 69 -22.74 29.35 14.69
CA ASP C 69 -22.87 28.53 15.89
C ASP C 69 -21.75 27.49 15.97
N THR C 70 -20.50 27.95 15.93
CA THR C 70 -19.38 27.02 15.87
C THR C 70 -18.05 27.64 16.26
N LEU C 71 -17.10 26.79 16.66
CA LEU C 71 -15.74 27.22 16.91
C LEU C 71 -14.82 26.76 15.80
N TYR C 72 -14.20 27.70 15.12
CA TYR C 72 -13.35 27.39 13.98
C TYR C 72 -11.88 27.65 14.28
N LEU C 73 -11.04 26.65 14.03
CA LEU C 73 -9.62 26.76 14.33
C LEU C 73 -8.79 26.88 13.05
N THR C 74 -7.92 27.90 13.00
CA THR C 74 -7.04 28.08 11.85
C THR C 74 -5.76 28.87 12.18
N GLN C 75 -4.98 29.17 11.15
CA GLN C 75 -3.72 29.90 11.31
C GLN C 75 -3.52 30.91 10.20
N ASP C 76 -3.11 32.12 10.56
CA ASP C 76 -2.87 33.18 9.58
C ASP C 76 -2.02 34.29 10.17
N LEU C 77 -1.73 35.30 9.36
CA LEU C 77 -1.01 36.47 9.82
C LEU C 77 -1.92 37.37 10.62
N PHE C 78 -2.04 37.05 11.89
CA PHE C 78 -2.90 37.76 12.81
C PHE C 78 -2.06 38.60 13.74
N LEU C 79 -2.67 39.60 14.37
CA LEU C 79 -1.97 40.39 15.37
C LEU C 79 -2.09 39.66 16.72
N PRO C 80 -0.99 39.15 17.31
CA PRO C 80 -0.99 38.39 18.55
C PRO C 80 -1.64 39.20 19.64
N PHE C 81 -2.45 38.55 20.45
CA PHE C 81 -3.16 39.27 21.48
C PHE C 81 -2.21 39.81 22.52
N TYR C 82 -2.49 41.02 22.95
CA TYR C 82 -1.72 41.72 23.97
C TYR C 82 -0.27 41.95 23.58
N SER C 83 0.02 41.91 22.28
CA SER C 83 1.32 42.32 21.80
C SER C 83 1.44 43.83 21.93
N ASN C 84 2.66 44.36 21.80
CA ASN C 84 2.85 45.79 21.90
C ASN C 84 2.55 46.49 20.58
N VAL C 85 2.02 47.69 20.70
CA VAL C 85 1.71 48.54 19.55
C VAL C 85 2.38 49.89 19.70
N THR C 86 2.98 50.39 18.62
CA THR C 86 3.64 51.69 18.68
C THR C 86 2.71 52.80 18.25
N GLY C 87 2.53 53.78 19.13
CA GLY C 87 1.67 54.92 18.87
C GLY C 87 2.46 56.09 18.30
N PHE C 88 1.80 56.86 17.46
CA PHE C 88 2.38 58.04 16.85
C PHE C 88 1.47 59.21 17.14
N HIS C 89 2.05 60.39 17.34
CA HIS C 89 1.24 61.54 17.74
C HIS C 89 1.59 62.81 16.99
N THR C 90 0.57 63.43 16.42
CA THR C 90 0.71 64.69 15.74
C THR C 90 0.12 65.79 16.60
N ILE C 91 0.94 66.77 16.92
CA ILE C 91 0.52 67.88 17.79
C ILE C 91 1.50 69.03 17.69
N ASN C 92 1.00 70.25 17.76
CA ASN C 92 1.87 71.41 17.75
C ASN C 92 2.82 71.38 16.55
N HIS C 93 4.12 71.21 16.81
CA HIS C 93 5.12 71.21 15.75
C HIS C 93 5.63 69.81 15.46
N THR C 94 4.96 68.81 16.02
CA THR C 94 5.34 67.42 15.84
C THR C 94 4.46 66.72 14.82
N PHE C 95 5.08 66.23 13.76
CA PHE C 95 4.37 65.51 12.71
C PHE C 95 5.05 64.18 12.46
N ASP C 96 4.34 63.09 12.71
CA ASP C 96 4.94 61.78 12.58
C ASP C 96 4.61 61.11 11.26
N ASN C 97 5.59 61.08 10.36
CA ASN C 97 5.44 60.41 9.08
C ASN C 97 6.74 59.72 8.59
N PRO C 98 7.48 59.02 9.49
CA PRO C 98 8.72 58.32 9.22
C PRO C 98 8.47 57.08 8.40
N VAL C 99 9.52 56.55 7.81
CA VAL C 99 9.38 55.27 7.13
C VAL C 99 9.31 54.14 8.13
N ILE C 100 8.32 53.28 7.96
CA ILE C 100 8.10 52.17 8.84
C ILE C 100 8.20 50.85 8.06
N PRO C 101 9.00 49.88 8.55
CA PRO C 101 9.13 48.54 8.01
C PRO C 101 7.78 47.85 7.92
N PHE C 102 7.59 47.09 6.83
CA PHE C 102 6.35 46.35 6.60
C PHE C 102 6.41 44.97 7.25
N LYS C 103 7.57 44.33 7.15
CA LYS C 103 7.80 43.01 7.75
C LYS C 103 6.74 41.99 7.38
N ASP C 104 6.43 41.89 6.10
CA ASP C 104 5.49 40.90 5.57
C ASP C 104 4.06 41.00 6.11
N GLY C 105 3.70 42.10 6.74
CA GLY C 105 2.31 42.29 7.14
C GLY C 105 2.18 43.12 8.40
N ILE C 106 1.27 44.09 8.36
CA ILE C 106 1.13 45.04 9.44
C ILE C 106 -0.30 45.20 9.90
N TYR C 107 -0.44 45.76 11.09
CA TYR C 107 -1.71 46.23 11.59
C TYR C 107 -1.67 47.74 11.71
N PHE C 108 -2.69 48.40 11.20
CA PHE C 108 -2.73 49.86 11.28
C PHE C 108 -4.06 50.36 11.81
N ALA C 109 -4.00 51.36 12.67
CA ALA C 109 -5.21 51.98 13.16
C ALA C 109 -4.97 53.45 13.45
N ALA C 110 -6.04 54.24 13.46
CA ALA C 110 -5.89 55.64 13.77
C ALA C 110 -7.13 56.24 14.41
N THR C 111 -6.90 57.21 15.29
CA THR C 111 -7.97 57.91 15.96
C THR C 111 -8.15 59.28 15.35
N GLU C 112 -9.37 59.55 14.91
CA GLU C 112 -9.67 60.75 14.18
C GLU C 112 -10.81 61.55 14.76
N LYS C 113 -10.76 62.86 14.55
CA LYS C 113 -11.85 63.77 14.80
C LYS C 113 -11.83 64.82 13.72
N SER C 114 -10.78 64.76 12.91
CA SER C 114 -10.59 65.72 11.82
C SER C 114 -10.06 65.07 10.53
N ASN C 115 -10.05 63.73 10.47
CA ASN C 115 -9.59 63.01 9.29
C ASN C 115 -8.21 63.44 8.82
N VAL C 116 -7.21 63.26 9.68
CA VAL C 116 -5.85 63.66 9.35
C VAL C 116 -5.13 62.66 8.46
N VAL C 117 -5.22 61.36 8.77
CA VAL C 117 -4.57 60.37 7.94
C VAL C 117 -5.40 60.11 6.71
N ARG C 118 -4.80 60.26 5.54
CA ARG C 118 -5.55 60.12 4.30
C ARG C 118 -5.14 58.88 3.51
N GLY C 119 -3.92 58.41 3.71
CA GLY C 119 -3.49 57.26 2.94
C GLY C 119 -2.12 56.74 3.30
N TRP C 120 -1.63 55.82 2.48
CA TRP C 120 -0.34 55.18 2.71
C TRP C 120 0.41 54.99 1.40
N VAL C 121 1.72 54.88 1.50
CA VAL C 121 2.52 54.47 0.36
C VAL C 121 3.26 53.20 0.71
N PHE C 122 3.09 52.17 -0.12
CA PHE C 122 3.76 50.90 0.12
C PHE C 122 4.77 50.58 -0.98
N GLY C 123 5.97 50.18 -0.57
CA GLY C 123 7.02 49.83 -1.52
C GLY C 123 8.25 49.28 -0.81
N SER C 124 9.37 49.30 -1.51
CA SER C 124 10.64 48.77 -0.99
C SER C 124 11.58 49.92 -0.63
N THR C 125 12.28 50.42 -1.65
CA THR C 125 13.22 51.52 -1.50
C THR C 125 12.52 52.87 -1.40
N MET C 126 11.21 52.87 -1.62
CA MET C 126 10.36 54.05 -1.50
C MET C 126 10.84 55.23 -2.36
N ASN C 127 11.10 54.97 -3.63
CA ASN C 127 11.50 56.02 -4.56
C ASN C 127 11.18 55.62 -6.00
N ASN C 128 11.58 56.46 -6.96
CA ASN C 128 11.17 56.28 -8.34
C ASN C 128 12.07 55.30 -9.08
N LYS C 129 12.93 54.61 -8.35
CA LYS C 129 13.80 53.62 -8.96
C LYS C 129 13.12 52.26 -9.02
N SER C 130 11.92 52.17 -8.43
CA SER C 130 11.14 50.95 -8.43
C SER C 130 9.65 51.22 -8.28
N GLN C 131 8.83 50.22 -8.56
CA GLN C 131 7.39 50.38 -8.45
C GLN C 131 6.95 50.51 -7.01
N SER C 132 5.96 51.37 -6.77
CA SER C 132 5.34 51.47 -5.46
C SER C 132 3.88 51.86 -5.62
N VAL C 133 3.08 51.58 -4.61
CA VAL C 133 1.66 51.85 -4.72
C VAL C 133 1.20 52.90 -3.73
N ILE C 134 0.42 53.84 -4.24
CA ILE C 134 -0.14 54.90 -3.43
C ILE C 134 -1.62 54.69 -3.25
N ILE C 135 -2.06 54.60 -2.00
CA ILE C 135 -3.46 54.41 -1.69
C ILE C 135 -3.97 55.58 -0.89
N ILE C 136 -4.87 56.36 -1.47
CA ILE C 136 -5.38 57.53 -0.77
C ILE C 136 -6.88 57.70 -0.82
N ASN C 137 -7.41 58.22 0.27
CA ASN C 137 -8.77 58.73 0.33
C ASN C 137 -8.67 60.22 0.15
N ASN C 138 -9.02 60.71 -1.02
CA ASN C 138 -8.79 62.11 -1.32
C ASN C 138 -10.02 62.97 -1.07
N SER C 139 -10.95 62.40 -0.28
CA SER C 139 -12.18 63.05 0.20
C SER C 139 -13.33 62.99 -0.81
N THR C 140 -13.01 62.74 -2.07
CA THR C 140 -14.04 62.59 -3.08
C THR C 140 -14.04 61.17 -3.62
N ASN C 141 -12.85 60.62 -3.82
CA ASN C 141 -12.72 59.26 -4.31
C ASN C 141 -11.59 58.55 -3.59
N VAL C 142 -11.64 57.23 -3.57
CA VAL C 142 -10.49 56.45 -3.15
C VAL C 142 -9.71 56.07 -4.39
N VAL C 143 -8.45 56.44 -4.42
CA VAL C 143 -7.64 56.24 -5.59
C VAL C 143 -6.40 55.40 -5.31
N ILE C 144 -6.21 54.39 -6.13
CA ILE C 144 -5.07 53.50 -6.00
C ILE C 144 -4.25 53.48 -7.28
N ARG C 145 -2.96 53.77 -7.18
CA ARG C 145 -2.09 53.74 -8.35
C ARG C 145 -0.74 53.13 -8.04
N ALA C 146 -0.21 52.37 -9.00
CA ALA C 146 1.13 51.80 -8.88
C ALA C 146 2.01 52.24 -10.04
N CYS C 147 3.08 52.97 -9.69
CA CYS C 147 3.99 53.57 -10.67
C CYS C 147 5.37 53.77 -10.07
N ASN C 148 6.32 54.20 -10.90
CA ASN C 148 7.63 54.59 -10.39
C ASN C 148 7.54 56.05 -9.93
N PHE C 149 6.79 56.27 -8.86
CA PHE C 149 6.41 57.60 -8.43
C PHE C 149 7.57 58.43 -7.93
N GLU C 150 7.58 59.71 -8.32
CA GLU C 150 8.54 60.66 -7.80
C GLU C 150 8.06 61.16 -6.46
N LEU C 151 8.16 60.29 -5.47
CA LEU C 151 7.60 60.51 -4.15
C LEU C 151 8.26 61.67 -3.45
N CYS C 152 7.45 62.44 -2.72
CA CYS C 152 7.97 63.52 -1.89
C CYS C 152 8.54 62.97 -0.61
N ASP C 153 9.42 63.73 0.02
CA ASP C 153 9.99 63.34 1.31
C ASP C 153 9.08 63.78 2.46
N ASN C 154 7.99 64.44 2.11
CA ASN C 154 7.01 64.89 3.07
C ASN C 154 5.64 65.03 2.41
N PRO C 155 5.00 63.91 2.00
CA PRO C 155 3.71 63.89 1.33
C PRO C 155 2.60 64.29 2.29
N PHE C 156 1.63 65.06 1.79
CA PHE C 156 0.48 65.44 2.60
C PHE C 156 -0.65 66.04 1.77
N PHE C 157 -1.81 66.17 2.41
CA PHE C 157 -2.94 66.88 1.83
C PHE C 157 -3.09 68.24 2.48
N ALA C 158 -3.55 69.22 1.71
CA ALA C 158 -3.78 70.56 2.23
C ALA C 158 -5.00 71.19 1.58
N HIS C 168 -5.53 70.53 -1.75
CA HIS C 168 -4.34 70.25 -2.55
C HIS C 168 -3.74 68.89 -2.20
N THR C 169 -3.38 68.13 -3.23
CA THR C 169 -2.78 66.82 -3.02
C THR C 169 -1.30 66.82 -3.41
N MET C 170 -0.43 66.82 -2.39
CA MET C 170 1.01 66.86 -2.62
C MET C 170 1.66 65.54 -2.23
N ILE C 171 1.65 64.58 -3.12
CA ILE C 171 2.17 63.25 -2.79
C ILE C 171 3.44 62.97 -3.58
N PHE C 172 3.41 63.31 -4.84
CA PHE C 172 4.51 63.12 -5.77
C PHE C 172 4.45 64.22 -6.82
N ASP C 173 5.57 64.47 -7.48
CA ASP C 173 5.60 65.48 -8.54
C ASP C 173 5.05 64.93 -9.85
N ASN C 174 5.51 63.74 -10.21
CA ASN C 174 5.11 63.12 -11.45
C ASN C 174 5.22 61.60 -11.34
N ALA C 175 4.89 60.91 -12.41
CA ALA C 175 4.94 59.45 -12.41
C ALA C 175 5.18 58.92 -13.81
N PHE C 176 5.71 57.71 -13.88
CA PHE C 176 5.93 57.05 -15.15
C PHE C 176 5.90 55.54 -15.00
N ASN C 177 5.81 54.85 -16.13
CA ASN C 177 5.84 53.39 -16.13
C ASN C 177 4.80 52.83 -15.17
N CYS C 178 3.60 53.37 -15.21
CA CYS C 178 2.51 52.92 -14.36
C CYS C 178 2.02 51.55 -14.76
N THR C 179 1.66 50.74 -13.78
CA THR C 179 1.19 49.38 -14.03
C THR C 179 -0.23 49.13 -13.54
N PHE C 180 -0.71 49.97 -12.62
CA PHE C 180 -2.05 49.77 -12.05
C PHE C 180 -2.73 51.06 -11.66
N GLU C 181 -4.01 51.17 -12.02
CA GLU C 181 -4.81 52.32 -11.62
C GLU C 181 -6.24 51.89 -11.27
N TYR C 182 -6.77 52.44 -10.19
CA TYR C 182 -8.17 52.23 -9.80
C TYR C 182 -8.78 53.45 -9.13
N ILE C 183 -10.01 53.78 -9.51
CA ILE C 183 -10.73 54.87 -8.89
C ILE C 183 -12.11 54.40 -8.41
N SER C 184 -12.40 54.63 -7.13
CA SER C 184 -13.67 54.22 -6.54
C SER C 184 -14.79 55.16 -6.92
N ASP C 185 -16.00 54.81 -6.51
CA ASP C 185 -17.14 55.68 -6.65
C ASP C 185 -16.86 56.98 -5.91
N ALA C 186 -17.51 58.05 -6.35
CA ALA C 186 -17.33 59.36 -5.74
C ALA C 186 -18.20 59.53 -4.49
N PHE C 187 -17.73 60.37 -3.59
CA PHE C 187 -18.42 60.73 -2.37
C PHE C 187 -17.92 62.08 -1.85
N LYS C 199 -13.37 60.91 17.96
CA LYS C 199 -14.74 60.48 17.68
C LYS C 199 -14.80 59.08 17.09
N HIS C 200 -13.88 58.76 16.18
CA HIS C 200 -13.90 57.46 15.54
C HIS C 200 -12.52 56.83 15.40
N LEU C 201 -12.50 55.50 15.51
CA LEU C 201 -11.30 54.71 15.30
C LEU C 201 -11.39 53.91 14.03
N ARG C 202 -10.41 54.10 13.15
CA ARG C 202 -10.36 53.35 11.92
C ARG C 202 -9.32 52.24 12.03
N GLU C 203 -9.67 51.06 11.53
CA GLU C 203 -8.76 49.91 11.59
C GLU C 203 -8.52 49.32 10.20
N PHE C 204 -7.26 49.00 9.92
CA PHE C 204 -6.89 48.36 8.67
C PHE C 204 -5.87 47.25 8.85
N VAL C 205 -5.95 46.25 7.97
CA VAL C 205 -4.94 45.21 7.92
C VAL C 205 -4.37 45.09 6.52
N PHE C 206 -3.05 45.11 6.42
CA PHE C 206 -2.39 45.03 5.12
C PHE C 206 -1.45 43.84 5.04
N LYS C 207 -1.67 42.98 4.04
CA LYS C 207 -0.82 41.80 3.83
C LYS C 207 -0.40 41.68 2.38
N ASN C 208 0.85 41.29 2.14
CA ASN C 208 1.34 41.14 0.76
C ASN C 208 1.68 39.69 0.47
N LYS C 209 0.83 39.02 -0.30
CA LYS C 209 0.99 37.58 -0.52
C LYS C 209 0.65 37.15 -1.95
N ASP C 210 1.54 36.35 -2.54
CA ASP C 210 1.36 35.82 -3.89
C ASP C 210 1.10 36.92 -4.92
N GLY C 211 1.78 38.05 -4.74
CA GLY C 211 1.65 39.17 -5.66
C GLY C 211 0.43 40.05 -5.36
N PHE C 212 -0.38 39.65 -4.38
CA PHE C 212 -1.58 40.41 -4.06
C PHE C 212 -1.48 41.17 -2.76
N LEU C 213 -1.94 42.41 -2.78
CA LEU C 213 -2.04 43.18 -1.56
C LEU C 213 -3.47 43.07 -1.03
N TYR C 214 -3.60 42.49 0.14
CA TYR C 214 -4.89 42.26 0.76
C TYR C 214 -5.19 43.35 1.75
N VAL C 215 -6.41 43.87 1.70
CA VAL C 215 -6.78 44.92 2.63
C VAL C 215 -8.10 44.61 3.32
N TYR C 216 -8.09 44.70 4.65
CA TYR C 216 -9.29 44.55 5.46
C TYR C 216 -9.58 45.86 6.18
N LYS C 217 -10.86 46.13 6.43
CA LYS C 217 -11.27 47.38 7.06
C LYS C 217 -12.37 47.20 8.11
N GLY C 218 -12.36 48.10 9.09
CA GLY C 218 -13.44 48.20 10.07
C GLY C 218 -13.26 49.46 10.91
N TYR C 219 -14.24 49.73 11.77
CA TYR C 219 -14.18 50.94 12.59
C TYR C 219 -15.13 50.87 13.78
N GLN C 220 -14.95 51.78 14.71
CA GLN C 220 -15.89 51.95 15.82
C GLN C 220 -15.86 53.39 16.33
N PRO C 221 -16.95 53.87 16.96
CA PRO C 221 -17.03 55.06 17.80
C PRO C 221 -16.08 54.95 18.99
N ILE C 222 -15.42 56.06 19.33
CA ILE C 222 -14.51 56.11 20.48
C ILE C 222 -14.72 57.36 21.32
N ASP C 223 -14.13 57.35 22.52
CA ASP C 223 -14.13 58.49 23.42
C ASP C 223 -12.78 58.68 24.10
N VAL C 224 -11.73 58.16 23.45
CA VAL C 224 -10.37 58.19 23.98
C VAL C 224 -9.61 59.39 23.46
N VAL C 225 -8.65 59.87 24.24
CA VAL C 225 -7.83 61.00 23.83
C VAL C 225 -6.41 60.59 23.46
N ARG C 226 -5.74 59.82 24.33
CA ARG C 226 -4.33 59.48 24.08
C ARG C 226 -4.06 57.98 23.95
N ASP C 227 -4.89 57.15 24.60
CA ASP C 227 -4.65 55.71 24.66
C ASP C 227 -5.21 54.99 23.43
N LEU C 228 -5.03 53.68 23.41
CA LEU C 228 -5.54 52.82 22.35
C LEU C 228 -6.63 51.89 22.92
N PRO C 229 -7.92 52.17 22.67
CA PRO C 229 -9.07 51.51 23.28
C PRO C 229 -9.03 50.01 23.10
N SER C 230 -9.33 49.31 24.20
CA SER C 230 -9.39 47.85 24.19
C SER C 230 -10.79 47.40 23.80
N GLY C 231 -10.87 46.24 23.18
CA GLY C 231 -12.17 45.68 22.81
C GLY C 231 -11.99 44.57 21.80
N PHE C 232 -13.09 44.15 21.19
CA PHE C 232 -13.07 43.10 20.20
C PHE C 232 -13.91 43.49 19.00
N ASN C 233 -13.31 43.44 17.82
CA ASN C 233 -13.99 43.85 16.60
C ASN C 233 -13.44 43.09 15.41
N THR C 234 -14.32 42.53 14.60
CA THR C 234 -13.91 41.77 13.44
C THR C 234 -13.98 42.61 12.17
N LEU C 235 -12.88 42.65 11.44
CA LEU C 235 -12.80 43.42 10.20
C LEU C 235 -13.25 42.60 8.99
N LYS C 236 -13.61 43.30 7.92
CA LYS C 236 -14.02 42.65 6.68
C LYS C 236 -13.03 42.98 5.56
N PRO C 237 -12.88 42.09 4.57
CA PRO C 237 -12.07 42.28 3.39
C PRO C 237 -12.68 43.34 2.50
N ILE C 238 -11.83 44.13 1.84
CA ILE C 238 -12.30 45.12 0.89
C ILE C 238 -11.53 45.13 -0.43
N PHE C 239 -10.21 44.89 -0.39
CA PHE C 239 -9.42 44.88 -1.62
C PHE C 239 -8.51 43.67 -1.75
N LYS C 240 -8.27 43.29 -3.00
CA LYS C 240 -7.29 42.27 -3.37
C LYS C 240 -6.60 42.71 -4.66
N LEU C 241 -5.48 43.40 -4.51
CA LEU C 241 -4.84 44.07 -5.63
C LEU C 241 -3.66 43.28 -6.22
N PRO C 242 -3.73 42.88 -7.51
CA PRO C 242 -2.73 42.10 -8.24
C PRO C 242 -1.56 42.97 -8.66
N LEU C 243 -0.90 43.56 -7.68
CA LEU C 243 0.18 44.49 -7.95
C LEU C 243 1.46 43.80 -8.42
N GLY C 244 1.81 42.67 -7.79
CA GLY C 244 3.03 41.96 -8.14
C GLY C 244 4.28 42.73 -7.72
N ILE C 245 4.18 43.50 -6.63
CA ILE C 245 5.31 44.33 -6.21
C ILE C 245 5.91 43.90 -4.88
N ASN C 246 7.12 44.39 -4.64
CA ASN C 246 7.89 44.07 -3.44
C ASN C 246 7.75 45.18 -2.39
N ILE C 247 7.13 44.84 -1.26
CA ILE C 247 6.89 45.80 -0.20
C ILE C 247 7.68 45.45 1.06
N THR C 248 8.53 46.38 1.51
CA THR C 248 9.31 46.17 2.72
C THR C 248 9.16 47.33 3.66
N ASN C 249 8.69 48.46 3.13
CA ASN C 249 8.54 49.70 3.89
C ASN C 249 7.29 50.44 3.49
N PHE C 250 6.80 51.28 4.37
CA PHE C 250 5.68 52.14 4.03
C PHE C 250 5.72 53.45 4.80
N ARG C 251 4.96 54.42 4.31
CA ARG C 251 4.79 55.68 5.01
C ARG C 251 3.33 56.10 5.04
N ALA C 252 2.94 56.77 6.11
CA ALA C 252 1.59 57.31 6.21
C ALA C 252 1.52 58.68 5.55
N ILE C 253 0.37 58.98 4.96
CA ILE C 253 0.11 60.27 4.35
C ILE C 253 -0.82 61.09 5.23
N LEU C 254 -0.29 62.19 5.76
CA LEU C 254 -0.99 63.03 6.73
C LEU C 254 -1.61 64.26 6.09
N THR C 255 -2.31 65.04 6.91
CA THR C 255 -2.92 66.29 6.47
C THR C 255 -2.26 67.49 7.13
N ALA C 256 -2.00 68.52 6.34
CA ALA C 256 -1.39 69.75 6.84
C ALA C 256 -2.47 70.73 7.29
N PHE C 257 -2.21 71.42 8.40
CA PHE C 257 -3.15 72.41 8.93
C PHE C 257 -2.44 73.71 9.24
N SER C 258 -3.17 74.81 9.20
CA SER C 258 -2.63 76.12 9.55
C SER C 258 -3.74 77.08 9.92
N THR C 266 -5.31 72.89 13.24
CA THR C 266 -4.04 72.43 13.79
C THR C 266 -4.25 71.60 15.04
N SER C 267 -5.27 70.76 15.02
CA SER C 267 -5.59 69.89 16.15
C SER C 267 -4.66 68.69 16.20
N ALA C 268 -4.68 68.00 17.32
CA ALA C 268 -3.87 66.79 17.49
C ALA C 268 -4.54 65.58 16.82
N ALA C 269 -3.73 64.59 16.50
CA ALA C 269 -4.19 63.33 15.91
C ALA C 269 -3.23 62.21 16.27
N ALA C 270 -3.68 60.96 16.17
CA ALA C 270 -2.77 59.87 16.49
C ALA C 270 -3.05 58.62 15.68
N TYR C 271 -2.02 57.79 15.55
CA TYR C 271 -2.17 56.51 14.87
C TYR C 271 -1.27 55.46 15.47
N PHE C 272 -1.52 54.20 15.10
CA PHE C 272 -0.84 53.10 15.74
C PHE C 272 -0.40 52.05 14.73
N VAL C 273 0.76 51.45 14.95
CA VAL C 273 1.25 50.38 14.09
C VAL C 273 1.69 49.14 14.85
N GLY C 274 1.19 47.98 14.42
CA GLY C 274 1.60 46.69 14.97
C GLY C 274 2.08 45.78 13.86
N TYR C 275 2.51 44.57 14.22
CA TYR C 275 2.98 43.61 13.22
C TYR C 275 2.31 42.26 13.37
N LEU C 276 2.08 41.60 12.25
CA LEU C 276 1.35 40.34 12.22
C LEU C 276 2.27 39.13 12.28
N LYS C 277 1.75 38.01 12.80
CA LYS C 277 2.52 36.77 12.89
C LYS C 277 1.66 35.56 12.48
N PRO C 278 2.28 34.47 11.96
CA PRO C 278 1.64 33.20 11.65
C PRO C 278 1.21 32.49 12.92
N THR C 279 0.14 32.99 13.51
CA THR C 279 -0.31 32.52 14.81
C THR C 279 -1.64 31.78 14.70
N THR C 280 -1.79 30.74 15.52
CA THR C 280 -3.00 29.93 15.53
C THR C 280 -4.07 30.54 16.42
N PHE C 281 -5.26 30.69 15.85
CA PHE C 281 -6.40 31.23 16.58
C PHE C 281 -7.64 30.37 16.48
N MET C 282 -8.43 30.39 17.54
CA MET C 282 -9.76 29.81 17.52
C MET C 282 -10.78 30.93 17.47
N LEU C 283 -11.72 30.84 16.55
CA LEU C 283 -12.71 31.89 16.36
C LEU C 283 -14.11 31.43 16.72
N LYS C 284 -14.80 32.22 17.54
CA LYS C 284 -16.14 31.90 17.97
C LYS C 284 -17.21 32.58 17.14
N TYR C 285 -17.95 31.77 16.38
CA TYR C 285 -19.02 32.24 15.51
C TYR C 285 -20.38 32.13 16.19
N ASP C 286 -21.13 33.22 16.17
CA ASP C 286 -22.45 33.27 16.77
C ASP C 286 -23.50 32.67 15.84
N GLU C 287 -24.74 32.67 16.29
CA GLU C 287 -25.84 32.08 15.53
C GLU C 287 -26.02 32.72 14.16
N ASN C 288 -25.76 34.02 14.05
CA ASN C 288 -25.94 34.71 12.77
C ASN C 288 -24.65 34.74 11.96
N GLY C 289 -23.64 33.98 12.38
CA GLY C 289 -22.38 33.89 11.64
C GLY C 289 -21.40 35.02 11.94
N THR C 290 -21.69 35.79 12.97
CA THR C 290 -20.82 36.88 13.39
C THR C 290 -19.76 36.39 14.37
N ILE C 291 -18.51 36.77 14.17
CA ILE C 291 -17.46 36.39 15.11
C ILE C 291 -17.54 37.31 16.32
N THR C 292 -17.67 36.72 17.50
CA THR C 292 -17.85 37.51 18.71
C THR C 292 -16.70 37.35 19.69
N ASP C 293 -15.92 36.29 19.53
CA ASP C 293 -14.79 36.08 20.44
C ASP C 293 -13.66 35.34 19.75
N ALA C 294 -12.55 35.13 20.46
CA ALA C 294 -11.41 34.42 19.89
C ALA C 294 -10.41 34.01 20.96
N VAL C 295 -9.63 32.98 20.68
CA VAL C 295 -8.54 32.57 21.55
C VAL C 295 -7.21 32.56 20.82
N ASP C 296 -6.23 33.28 21.38
CA ASP C 296 -4.88 33.29 20.85
C ASP C 296 -4.12 32.12 21.44
N CYS C 297 -3.89 31.10 20.63
CA CYS C 297 -3.39 29.82 21.13
C CYS C 297 -1.91 29.90 21.52
N SER C 298 -1.29 31.07 21.34
CA SER C 298 0.12 31.22 21.69
C SER C 298 0.33 32.15 22.89
N GLN C 299 -0.75 32.72 23.41
CA GLN C 299 -0.62 33.73 24.46
C GLN C 299 -0.09 33.16 25.77
N ASN C 300 -0.66 32.06 26.22
CA ASN C 300 -0.31 31.46 27.50
C ASN C 300 -0.73 29.97 27.52
N PRO C 301 -0.26 29.18 28.50
CA PRO C 301 -0.62 27.78 28.71
C PRO C 301 -2.12 27.55 28.77
N LEU C 302 -2.86 28.47 29.37
CA LEU C 302 -4.31 28.33 29.45
C LEU C 302 -4.93 28.34 28.07
N ALA C 303 -4.46 29.23 27.23
CA ALA C 303 -4.97 29.32 25.88
C ALA C 303 -4.74 28.04 25.14
N GLU C 304 -3.56 27.44 25.32
CA GLU C 304 -3.26 26.20 24.62
C GLU C 304 -4.27 25.12 24.96
N LEU C 305 -4.61 25.01 26.24
CA LEU C 305 -5.56 23.99 26.62
C LEU C 305 -6.93 24.30 26.04
N LYS C 306 -7.34 25.57 26.09
CA LYS C 306 -8.65 25.95 25.54
C LYS C 306 -8.72 25.63 24.06
N CYS C 307 -7.66 25.91 23.33
CA CYS C 307 -7.62 25.61 21.92
C CYS C 307 -7.65 24.10 21.69
N SER C 308 -6.88 23.37 22.49
CA SER C 308 -6.79 21.91 22.34
C SER C 308 -8.13 21.23 22.49
N VAL C 309 -8.91 21.63 23.48
CA VAL C 309 -10.19 20.99 23.75
C VAL C 309 -11.33 21.69 23.02
N LYS C 310 -10.99 22.65 22.17
CA LYS C 310 -11.96 23.38 21.40
C LYS C 310 -13.10 23.91 22.25
N SER C 311 -12.76 24.62 23.33
CA SER C 311 -13.80 25.16 24.19
C SER C 311 -13.31 26.31 25.02
N PHE C 312 -14.23 27.22 25.34
CA PHE C 312 -13.93 28.35 26.20
C PHE C 312 -14.12 28.02 27.67
N GLU C 313 -14.51 26.77 27.95
CA GLU C 313 -14.72 26.36 29.33
C GLU C 313 -14.02 25.04 29.64
N ILE C 314 -13.26 25.03 30.73
CA ILE C 314 -12.55 23.84 31.19
C ILE C 314 -12.98 23.53 32.62
N ASP C 315 -13.29 22.26 32.87
CA ASP C 315 -13.82 21.89 34.17
C ASP C 315 -12.77 21.79 35.27
N LYS C 316 -11.78 20.91 35.10
CA LYS C 316 -10.73 20.74 36.11
C LYS C 316 -9.71 19.67 35.72
N GLY C 317 -8.51 19.75 36.30
CA GLY C 317 -7.59 18.61 36.24
C GLY C 317 -6.28 18.91 35.51
N ILE C 318 -5.54 17.84 35.23
CA ILE C 318 -4.23 17.96 34.59
C ILE C 318 -4.31 17.45 33.17
N TYR C 319 -3.82 18.25 32.23
CA TYR C 319 -3.91 17.90 30.81
C TYR C 319 -2.61 18.06 30.08
N GLN C 320 -2.27 17.08 29.25
CA GLN C 320 -1.13 17.24 28.37
C GLN C 320 -1.60 17.90 27.09
N THR C 321 -1.00 19.03 26.75
CA THR C 321 -1.47 19.81 25.61
C THR C 321 -0.53 19.77 24.44
N SER C 322 0.74 19.52 24.70
CA SER C 322 1.72 19.48 23.63
C SER C 322 2.99 18.88 24.12
N ASN C 323 3.90 18.67 23.19
CA ASN C 323 5.26 18.34 23.57
C ASN C 323 6.05 19.63 23.67
N PHE C 324 7.33 19.48 23.94
CA PHE C 324 8.23 20.62 23.99
C PHE C 324 9.63 20.19 23.64
N ARG C 325 10.47 21.15 23.32
CA ARG C 325 11.88 20.87 23.08
C ARG C 325 12.75 22.10 23.21
N VAL C 326 14.05 21.87 23.37
CA VAL C 326 15.01 22.95 23.40
C VAL C 326 15.63 23.18 22.01
N VAL C 327 15.75 24.44 21.65
CA VAL C 327 16.29 24.87 20.37
C VAL C 327 17.83 24.94 20.41
N PRO C 328 18.53 24.32 19.43
CA PRO C 328 19.98 24.30 19.32
C PRO C 328 20.52 25.68 19.03
N SER C 329 21.77 25.92 19.40
CA SER C 329 22.41 27.22 19.21
C SER C 329 23.18 27.31 17.90
N GLY C 330 24.50 27.26 17.98
CA GLY C 330 25.34 27.47 16.81
C GLY C 330 25.60 26.20 16.02
N ASP C 331 26.51 26.31 15.05
CA ASP C 331 26.85 25.20 14.18
C ASP C 331 28.24 24.66 14.50
N VAL C 332 28.41 23.36 14.28
CA VAL C 332 29.71 22.74 14.41
C VAL C 332 30.03 21.89 13.18
N VAL C 333 30.97 22.35 12.37
CA VAL C 333 31.34 21.59 11.16
C VAL C 333 32.79 21.15 11.18
N ARG C 334 33.03 19.88 10.89
CA ARG C 334 34.37 19.32 10.96
C ARG C 334 34.76 18.51 9.71
N PHE C 335 36.00 18.68 9.27
CA PHE C 335 36.55 17.95 8.11
C PHE C 335 37.98 17.47 8.39
N PRO C 336 38.45 16.47 7.58
CA PRO C 336 39.84 16.02 7.49
C PRO C 336 40.80 17.14 7.15
N ASN C 337 42.04 16.99 7.57
CA ASN C 337 43.09 18.01 7.42
C ASN C 337 43.47 18.29 6.00
N ILE C 338 44.23 17.36 5.41
CA ILE C 338 44.83 17.54 4.09
C ILE C 338 43.84 17.73 3.00
N THR C 339 44.15 18.66 2.09
CA THR C 339 43.40 18.88 0.91
C THR C 339 44.31 18.67 -0.30
N ASN C 340 44.08 17.62 -1.03
CA ASN C 340 44.89 17.31 -2.19
C ASN C 340 44.24 17.84 -3.43
N LEU C 341 44.81 18.87 -4.02
CA LEU C 341 44.23 19.54 -5.16
C LEU C 341 44.81 19.03 -6.47
N CYS C 342 44.07 19.29 -7.56
CA CYS C 342 44.58 18.92 -8.90
C CYS C 342 45.53 19.97 -9.44
N PRO C 343 46.37 19.57 -10.42
CA PRO C 343 47.32 20.41 -11.13
C PRO C 343 46.62 21.29 -12.15
N PHE C 344 45.88 22.29 -11.65
CA PHE C 344 45.16 23.20 -12.51
C PHE C 344 46.13 24.11 -13.25
N GLY C 345 47.24 24.46 -12.62
CA GLY C 345 48.21 25.37 -13.25
C GLY C 345 48.69 24.82 -14.59
N GLU C 346 48.82 23.51 -14.69
CA GLU C 346 49.30 22.85 -15.91
C GLU C 346 48.36 23.09 -17.09
N VAL C 347 47.14 23.50 -16.80
CA VAL C 347 46.13 23.74 -17.81
C VAL C 347 46.20 25.16 -18.37
N PHE C 348 46.60 26.13 -17.53
CA PHE C 348 46.54 27.53 -17.92
C PHE C 348 47.93 28.15 -18.12
N ASN C 349 48.92 27.63 -17.42
CA ASN C 349 50.26 28.19 -17.43
C ASN C 349 51.19 27.38 -18.32
N ALA C 350 50.61 26.55 -19.17
CA ALA C 350 51.39 25.72 -20.08
C ALA C 350 52.21 26.61 -21.02
N THR C 351 53.38 26.13 -21.39
CA THR C 351 54.25 26.88 -22.30
C THR C 351 53.56 27.15 -23.62
N LYS C 352 52.90 26.13 -24.17
CA LYS C 352 52.23 26.26 -25.44
C LYS C 352 50.91 25.52 -25.46
N PHE C 353 49.95 26.09 -26.18
CA PHE C 353 48.66 25.48 -26.42
C PHE C 353 48.61 24.96 -27.86
N PRO C 354 47.79 23.94 -28.15
CA PRO C 354 47.55 23.36 -29.45
C PRO C 354 46.63 24.21 -30.32
N SER C 355 46.62 23.90 -31.61
CA SER C 355 45.66 24.48 -32.55
C SER C 355 44.24 24.01 -32.23
N VAL C 356 43.25 24.79 -32.63
CA VAL C 356 41.86 24.45 -32.28
C VAL C 356 41.48 23.11 -32.87
N TYR C 357 41.79 22.90 -34.14
CA TYR C 357 41.44 21.68 -34.84
C TYR C 357 42.06 20.47 -34.15
N ALA C 358 43.12 20.70 -33.39
CA ALA C 358 43.86 19.66 -32.72
C ALA C 358 43.80 19.85 -31.22
N TRP C 359 42.69 20.38 -30.73
CA TRP C 359 42.52 20.66 -29.31
C TRP C 359 42.85 19.45 -28.47
N GLU C 360 43.42 19.69 -27.28
CA GLU C 360 43.84 18.60 -26.40
C GLU C 360 43.02 18.53 -25.13
N ARG C 361 42.80 17.31 -24.64
CA ARG C 361 42.02 17.09 -23.42
C ARG C 361 42.83 16.57 -22.25
N LYS C 362 42.61 17.17 -21.08
CA LYS C 362 43.20 16.70 -19.83
C LYS C 362 42.12 16.40 -18.79
N LYS C 363 42.27 15.27 -18.09
CA LYS C 363 41.30 14.85 -17.09
C LYS C 363 41.63 15.35 -15.69
N ILE C 364 40.63 15.97 -15.06
CA ILE C 364 40.72 16.44 -13.69
C ILE C 364 39.87 15.54 -12.79
N SER C 365 40.50 14.83 -11.86
CA SER C 365 39.77 13.88 -11.03
C SER C 365 40.47 13.54 -9.72
N ASN C 366 39.71 12.96 -8.78
CA ASN C 366 40.27 12.46 -7.52
C ASN C 366 41.08 13.51 -6.79
N CYS C 367 40.49 14.68 -6.63
CA CYS C 367 41.18 15.79 -6.00
C CYS C 367 40.21 16.83 -5.48
N VAL C 368 40.76 17.80 -4.77
CA VAL C 368 40.00 18.91 -4.28
C VAL C 368 39.88 20.00 -5.32
N ALA C 369 38.66 20.46 -5.55
CA ALA C 369 38.41 21.52 -6.49
C ALA C 369 38.45 22.86 -5.79
N ASP C 370 38.99 23.86 -6.48
CA ASP C 370 39.01 25.21 -5.99
C ASP C 370 39.04 26.17 -7.15
N TYR C 371 37.90 26.78 -7.41
CA TYR C 371 37.76 27.64 -8.57
C TYR C 371 37.84 29.09 -8.17
N SER C 372 38.11 29.35 -6.90
CA SER C 372 38.16 30.73 -6.43
C SER C 372 39.37 31.43 -7.02
N VAL C 373 40.41 30.64 -7.25
CA VAL C 373 41.66 31.13 -7.82
C VAL C 373 41.44 31.67 -9.22
N LEU C 374 40.63 30.97 -9.99
CA LEU C 374 40.39 31.35 -11.37
C LEU C 374 39.34 32.45 -11.45
N TYR C 375 38.34 32.34 -10.58
CA TYR C 375 37.22 33.28 -10.59
C TYR C 375 37.61 34.70 -10.25
N ASN C 376 38.23 34.92 -9.09
CA ASN C 376 38.48 36.29 -8.66
C ASN C 376 39.78 36.84 -9.23
N SER C 377 39.83 36.96 -10.56
CA SER C 377 41.04 37.37 -11.24
C SER C 377 40.78 38.16 -12.50
N THR C 378 41.70 39.08 -12.79
CA THR C 378 41.66 39.87 -14.00
C THR C 378 42.44 39.21 -15.12
N PHE C 379 42.99 38.03 -14.83
CA PHE C 379 43.76 37.26 -15.80
C PHE C 379 42.95 36.95 -17.05
N PHE C 380 41.72 36.48 -16.86
CA PHE C 380 40.89 36.05 -17.96
C PHE C 380 40.17 37.22 -18.59
N SER C 381 40.11 37.24 -19.91
CA SER C 381 39.34 38.25 -20.61
C SER C 381 37.89 37.81 -20.71
N THR C 382 37.70 36.50 -20.73
CA THR C 382 36.37 35.90 -20.75
C THR C 382 36.23 34.85 -19.66
N PHE C 383 35.13 34.94 -18.93
CA PHE C 383 34.77 33.94 -17.93
C PHE C 383 33.27 33.74 -17.98
N LYS C 384 32.83 32.68 -18.65
CA LYS C 384 31.41 32.46 -18.82
C LYS C 384 31.02 31.03 -18.57
N CYS C 385 29.99 30.83 -17.76
CA CYS C 385 29.55 29.49 -17.37
C CYS C 385 28.17 29.18 -17.96
N TYR C 386 27.92 27.90 -18.24
CA TYR C 386 26.65 27.49 -18.85
C TYR C 386 25.79 26.60 -17.97
N GLY C 387 24.76 27.18 -17.36
CA GLY C 387 23.88 26.44 -16.45
C GLY C 387 24.52 26.31 -15.08
N VAL C 388 25.66 26.95 -14.92
CA VAL C 388 26.44 26.89 -13.70
C VAL C 388 26.76 28.27 -13.19
N SER C 389 26.52 28.51 -11.91
CA SER C 389 26.85 29.78 -11.31
C SER C 389 28.33 29.86 -10.96
N ALA C 390 29.00 30.87 -11.47
CA ALA C 390 30.45 31.02 -11.29
C ALA C 390 30.86 31.08 -9.83
N THR C 391 29.99 31.62 -8.98
CA THR C 391 30.31 31.78 -7.57
C THR C 391 29.96 30.56 -6.73
N LYS C 392 29.35 29.56 -7.35
CA LYS C 392 28.95 28.36 -6.64
C LYS C 392 29.75 27.15 -7.08
N LEU C 393 30.76 27.39 -7.89
CA LEU C 393 31.51 26.28 -8.51
C LEU C 393 32.09 25.33 -7.47
N ASN C 394 32.58 25.87 -6.37
CA ASN C 394 33.20 25.05 -5.34
C ASN C 394 32.20 24.11 -4.69
N ASP C 395 30.93 24.48 -4.70
CA ASP C 395 29.90 23.72 -4.02
C ASP C 395 29.27 22.67 -4.93
N LEU C 396 29.76 22.56 -6.15
CA LEU C 396 29.22 21.60 -7.09
C LEU C 396 30.14 20.41 -7.25
N CYS C 397 29.63 19.24 -6.89
CA CYS C 397 30.42 18.02 -6.97
C CYS C 397 30.18 17.30 -8.27
N PHE C 398 31.29 16.88 -8.89
CA PHE C 398 31.25 16.16 -10.15
C PHE C 398 32.06 14.88 -10.07
N SER C 399 31.78 13.96 -10.97
CA SER C 399 32.58 12.75 -11.09
C SER C 399 33.95 13.15 -11.55
N ASN C 400 33.99 13.99 -12.57
CA ASN C 400 35.25 14.54 -13.04
C ASN C 400 35.03 15.77 -13.90
N VAL C 401 36.12 16.41 -14.29
CA VAL C 401 36.07 17.53 -15.21
C VAL C 401 37.11 17.37 -16.31
N TYR C 402 36.71 17.63 -17.54
CA TYR C 402 37.67 17.60 -18.63
C TYR C 402 37.99 19.01 -19.08
N ALA C 403 39.29 19.31 -19.19
CA ALA C 403 39.72 20.63 -19.62
C ALA C 403 40.27 20.58 -21.03
N ASP C 404 39.58 21.22 -21.96
CA ASP C 404 39.98 21.22 -23.35
C ASP C 404 40.76 22.48 -23.70
N SER C 405 42.03 22.31 -24.06
CA SER C 405 42.97 23.40 -24.30
C SER C 405 43.24 23.67 -25.78
N PHE C 406 43.17 24.95 -26.18
CA PHE C 406 43.55 25.36 -27.54
C PHE C 406 43.73 26.88 -27.71
N VAL C 407 44.37 27.28 -28.81
CA VAL C 407 44.48 28.70 -29.19
C VAL C 407 43.56 29.04 -30.34
N VAL C 408 42.72 30.04 -30.13
CA VAL C 408 41.76 30.47 -31.13
C VAL C 408 41.81 31.98 -31.32
N LYS C 409 41.51 32.42 -32.53
CA LYS C 409 41.43 33.85 -32.84
C LYS C 409 40.39 34.54 -31.96
N GLY C 410 40.71 35.73 -31.47
CA GLY C 410 39.81 36.50 -30.61
C GLY C 410 38.38 36.54 -31.13
N ASP C 411 38.18 36.97 -32.36
CA ASP C 411 36.84 37.05 -32.92
C ASP C 411 36.11 35.71 -32.96
N ASP C 412 36.87 34.60 -33.00
CA ASP C 412 36.26 33.29 -33.07
C ASP C 412 36.01 32.70 -31.68
N VAL C 413 36.37 33.45 -30.64
CA VAL C 413 36.13 32.99 -29.28
C VAL C 413 34.64 32.82 -29.07
N ARG C 414 33.86 33.71 -29.67
CA ARG C 414 32.41 33.69 -29.56
C ARG C 414 31.80 32.37 -30.05
N GLN C 415 32.56 31.59 -30.83
CA GLN C 415 32.05 30.33 -31.34
C GLN C 415 32.21 29.21 -30.32
N ILE C 416 32.91 29.49 -29.22
CA ILE C 416 33.11 28.47 -28.21
C ILE C 416 31.95 28.50 -27.24
N ALA C 417 30.83 28.00 -27.71
CA ALA C 417 29.58 28.02 -26.97
C ALA C 417 28.61 27.01 -27.58
N PRO C 418 27.58 26.58 -26.85
CA PRO C 418 26.46 25.79 -27.32
C PRO C 418 25.57 26.62 -28.24
N GLY C 419 24.91 25.96 -29.19
CA GLY C 419 23.97 26.60 -30.09
C GLY C 419 24.66 27.47 -31.13
N GLN C 420 25.91 27.17 -31.44
CA GLN C 420 26.66 28.00 -32.37
C GLN C 420 26.92 27.32 -33.69
N THR C 421 27.16 28.14 -34.70
CA THR C 421 27.63 27.70 -36.00
C THR C 421 28.85 28.51 -36.38
N GLY C 422 29.62 28.04 -37.34
CA GLY C 422 30.78 28.79 -37.79
C GLY C 422 31.94 27.88 -38.15
N VAL C 423 32.99 28.46 -38.66
CA VAL C 423 34.14 27.69 -39.12
C VAL C 423 34.71 26.85 -37.99
N ILE C 424 34.75 27.40 -36.79
CA ILE C 424 35.29 26.64 -35.67
C ILE C 424 34.20 25.77 -35.09
N ALA C 425 33.06 26.38 -34.79
CA ALA C 425 31.98 25.65 -34.15
C ALA C 425 31.60 24.39 -34.94
N ASP C 426 31.68 24.45 -36.26
CA ASP C 426 31.28 23.32 -37.08
C ASP C 426 32.43 22.40 -37.53
N TYR C 427 33.62 22.95 -37.81
CA TYR C 427 34.67 22.09 -38.37
C TYR C 427 35.90 21.88 -37.47
N ASN C 428 36.05 22.66 -36.41
CA ASN C 428 37.25 22.54 -35.58
C ASN C 428 36.96 22.06 -34.17
N TYR C 429 35.93 22.61 -33.57
CA TYR C 429 35.62 22.30 -32.19
C TYR C 429 34.19 22.64 -31.87
N LYS C 430 33.41 21.61 -31.55
CA LYS C 430 32.00 21.79 -31.27
C LYS C 430 31.67 21.43 -29.83
N LEU C 431 30.75 22.17 -29.25
CA LEU C 431 30.23 21.87 -27.94
C LEU C 431 28.77 21.42 -28.07
N PRO C 432 28.33 20.46 -27.25
CA PRO C 432 26.98 19.93 -27.21
C PRO C 432 26.05 20.98 -26.66
N ASP C 433 24.80 20.94 -27.07
CA ASP C 433 23.88 21.90 -26.50
C ASP C 433 23.37 21.34 -25.18
N ASP C 434 24.13 21.63 -24.13
CA ASP C 434 23.88 21.09 -22.79
C ASP C 434 24.55 21.98 -21.75
N PHE C 435 24.44 21.62 -20.49
CA PHE C 435 25.12 22.35 -19.43
C PHE C 435 26.62 22.10 -19.53
N MET C 436 27.41 23.04 -19.09
CA MET C 436 28.86 22.92 -19.11
C MET C 436 29.44 23.59 -17.90
N GLY C 437 30.74 23.51 -17.73
CA GLY C 437 31.37 24.29 -16.70
C GLY C 437 31.56 25.68 -17.26
N CYS C 438 32.76 26.19 -17.16
CA CYS C 438 33.01 27.53 -17.65
C CYS C 438 34.00 27.53 -18.79
N VAL C 439 33.85 28.50 -19.68
CA VAL C 439 34.79 28.74 -20.74
C VAL C 439 35.66 29.90 -20.37
N LEU C 440 36.95 29.64 -20.28
CA LEU C 440 37.89 30.64 -19.84
C LEU C 440 38.85 31.01 -20.93
N ALA C 441 39.05 32.30 -21.15
CA ALA C 441 39.97 32.72 -22.22
C ALA C 441 40.74 33.96 -21.85
N TRP C 442 41.96 34.07 -22.38
CA TRP C 442 42.77 35.26 -22.18
C TRP C 442 43.63 35.60 -23.39
N ASN C 443 43.99 36.89 -23.50
CA ASN C 443 44.80 37.38 -24.60
C ASN C 443 46.25 36.96 -24.47
N THR C 444 46.82 36.49 -25.58
CA THR C 444 48.20 36.04 -25.62
C THR C 444 49.04 36.77 -26.66
N ARG C 445 48.76 38.04 -26.87
CA ARG C 445 49.52 38.86 -27.81
C ARG C 445 51.01 38.81 -27.54
N ASN C 446 51.40 38.83 -26.28
CA ASN C 446 52.81 38.84 -25.92
C ASN C 446 53.37 37.44 -25.69
N ILE C 447 52.60 36.41 -26.04
CA ILE C 447 53.02 35.03 -25.85
C ILE C 447 53.01 34.25 -27.16
N ASP C 448 51.85 34.21 -27.82
CA ASP C 448 51.69 33.43 -29.04
C ASP C 448 51.84 34.25 -30.29
N ALA C 449 51.36 35.49 -30.28
CA ALA C 449 51.43 36.30 -31.48
C ALA C 449 52.86 36.73 -31.76
N THR C 450 53.16 36.97 -33.02
CA THR C 450 54.47 37.47 -33.42
C THR C 450 54.32 38.67 -34.36
N SER C 451 55.37 39.46 -34.50
CA SER C 451 55.33 40.64 -35.38
C SER C 451 55.16 40.27 -36.85
N THR C 452 55.49 39.03 -37.19
CA THR C 452 55.39 38.55 -38.56
C THR C 452 54.17 37.67 -38.75
N GLY C 453 53.39 37.51 -37.69
CA GLY C 453 52.21 36.66 -37.71
C GLY C 453 52.55 35.24 -37.29
N ASN C 454 51.97 34.78 -36.20
CA ASN C 454 52.23 33.41 -35.80
C ASN C 454 51.34 32.48 -36.57
N TYR C 455 51.82 32.04 -37.70
CA TYR C 455 51.05 31.19 -38.60
C TYR C 455 51.28 29.72 -38.30
N ASN C 456 51.82 29.41 -37.11
CA ASN C 456 52.04 28.02 -36.74
C ASN C 456 50.76 27.41 -36.17
N TYR C 457 49.76 28.26 -35.94
CA TYR C 457 48.48 27.81 -35.46
C TYR C 457 47.53 27.64 -36.62
N LYS C 458 46.83 26.51 -36.65
CA LYS C 458 45.97 26.19 -37.79
C LYS C 458 44.53 25.92 -37.39
N TYR C 459 43.66 25.97 -38.37
CA TYR C 459 42.26 25.62 -38.19
C TYR C 459 41.70 24.99 -39.46
N ARG C 460 40.61 24.28 -39.31
CA ARG C 460 39.94 23.63 -40.42
C ARG C 460 38.82 24.50 -40.96
N TYR C 461 38.65 24.52 -42.27
CA TYR C 461 37.58 25.30 -42.84
C TYR C 461 36.80 24.50 -43.88
N LEU C 462 37.37 23.38 -44.33
CA LEU C 462 36.66 22.49 -45.25
C LEU C 462 36.53 21.10 -44.66
N ARG C 463 35.31 20.59 -44.61
CA ARG C 463 35.10 19.25 -44.10
C ARG C 463 33.82 18.65 -44.66
N HIS C 464 33.84 17.36 -44.93
CA HIS C 464 32.68 16.67 -45.44
C HIS C 464 31.69 16.37 -44.32
N GLY C 465 31.09 17.42 -43.80
CA GLY C 465 30.14 17.32 -42.70
C GLY C 465 30.68 17.96 -41.44
N LYS C 466 29.78 18.27 -40.52
CA LYS C 466 30.14 18.93 -39.28
C LYS C 466 30.67 17.95 -38.24
N LEU C 467 31.37 18.47 -37.25
CA LEU C 467 31.85 17.67 -36.14
C LEU C 467 30.76 17.38 -35.14
N ARG C 468 30.92 16.28 -34.43
CA ARG C 468 30.10 15.99 -33.28
C ARG C 468 30.66 16.75 -32.09
N PRO C 469 29.91 16.94 -31.01
CA PRO C 469 30.35 17.49 -29.77
C PRO C 469 31.63 16.84 -29.31
N PHE C 470 32.63 17.63 -28.94
CA PHE C 470 33.93 17.18 -28.51
C PHE C 470 34.54 16.11 -29.42
N GLU C 471 34.55 16.39 -30.72
CA GLU C 471 35.22 15.54 -31.68
C GLU C 471 36.54 16.20 -32.12
N ARG C 472 37.58 15.39 -32.29
CA ARG C 472 38.88 15.90 -32.69
C ARG C 472 39.31 15.35 -34.04
N ASP C 473 39.27 16.18 -35.07
CA ASP C 473 39.64 15.78 -36.41
C ASP C 473 40.96 16.42 -36.80
N ILE C 474 42.01 15.63 -36.80
CA ILE C 474 43.35 16.12 -37.08
C ILE C 474 43.93 15.47 -38.31
N SER C 475 43.06 15.03 -39.21
CA SER C 475 43.50 14.47 -40.48
C SER C 475 43.97 15.56 -41.42
N ASN C 476 44.68 15.19 -42.47
CA ASN C 476 45.14 16.16 -43.45
C ASN C 476 45.02 15.61 -44.86
N VAL C 477 43.78 15.53 -45.31
CA VAL C 477 43.45 14.98 -46.62
C VAL C 477 42.86 16.09 -47.47
N PRO C 478 43.43 16.40 -48.65
CA PRO C 478 43.05 17.52 -49.46
C PRO C 478 41.57 17.44 -49.76
N PHE C 479 40.88 18.53 -49.52
CA PHE C 479 39.44 18.58 -49.64
C PHE C 479 38.97 18.49 -51.07
N SER C 480 37.92 17.70 -51.26
CA SER C 480 37.25 17.58 -52.55
C SER C 480 35.75 17.83 -52.37
N PRO C 481 35.19 18.88 -52.99
CA PRO C 481 33.82 19.33 -52.91
C PRO C 481 32.77 18.24 -53.07
N ASP C 482 33.05 17.22 -53.87
CA ASP C 482 32.08 16.15 -54.06
C ASP C 482 32.65 14.76 -53.84
N GLY C 483 33.51 14.62 -52.85
CA GLY C 483 33.94 13.31 -52.36
C GLY C 483 34.94 12.60 -53.27
N LYS C 484 35.40 13.27 -54.31
CA LYS C 484 36.32 12.68 -55.25
C LYS C 484 37.75 12.73 -54.70
N PRO C 485 38.64 11.84 -55.17
CA PRO C 485 40.06 11.95 -55.03
C PRO C 485 40.49 13.27 -55.61
N CYS C 486 41.45 13.94 -55.00
CA CYS C 486 41.86 15.25 -55.48
C CYS C 486 43.29 15.54 -55.04
N THR C 487 44.04 16.26 -55.87
CA THR C 487 45.41 16.61 -55.52
C THR C 487 45.71 18.10 -55.80
N PRO C 488 46.01 18.90 -54.77
CA PRO C 488 46.42 20.28 -54.86
C PRO C 488 47.71 20.38 -55.67
N PRO C 489 47.91 21.50 -56.37
CA PRO C 489 47.04 22.66 -56.53
C PRO C 489 46.10 22.54 -57.72
N ALA C 490 45.56 21.36 -58.00
CA ALA C 490 44.63 21.20 -59.10
C ALA C 490 43.32 21.88 -58.77
N LEU C 491 42.52 22.16 -59.79
CA LEU C 491 41.25 22.83 -59.57
C LEU C 491 40.36 22.01 -58.64
N ASN C 492 39.70 22.72 -57.74
CA ASN C 492 38.80 22.14 -56.73
C ASN C 492 39.53 21.34 -55.65
N CYS C 493 40.86 21.39 -55.65
CA CYS C 493 41.63 20.68 -54.64
C CYS C 493 42.23 21.63 -53.62
N TYR C 494 41.67 21.66 -52.42
CA TYR C 494 42.14 22.59 -51.40
C TYR C 494 42.42 21.91 -50.10
N TRP C 495 43.49 22.30 -49.43
CA TRP C 495 43.75 21.75 -48.12
C TRP C 495 42.71 22.29 -47.15
N PRO C 496 42.12 21.43 -46.31
CA PRO C 496 41.05 21.73 -45.38
C PRO C 496 41.52 22.61 -44.23
N LEU C 497 42.82 22.69 -44.03
CA LEU C 497 43.38 23.50 -42.95
C LEU C 497 43.91 24.82 -43.46
N ASN C 498 43.92 25.82 -42.58
CA ASN C 498 44.44 27.14 -42.89
C ASN C 498 45.09 27.75 -41.66
N ASP C 499 45.96 28.72 -41.89
CA ASP C 499 46.73 29.32 -40.80
C ASP C 499 46.07 30.57 -40.24
N TYR C 500 46.35 30.88 -38.97
CA TYR C 500 45.87 32.11 -38.35
C TYR C 500 46.87 33.27 -38.48
N GLY C 501 46.36 34.46 -38.79
CA GLY C 501 47.17 35.67 -38.87
C GLY C 501 47.40 36.30 -37.49
N PHE C 502 48.06 35.57 -36.62
CA PHE C 502 48.25 36.03 -35.25
C PHE C 502 49.39 37.05 -35.13
N TYR C 503 49.07 38.30 -35.42
CA TYR C 503 50.05 39.39 -35.40
C TYR C 503 50.04 40.18 -34.10
N THR C 504 51.20 40.73 -33.74
CA THR C 504 51.30 41.65 -32.60
C THR C 504 51.10 43.08 -33.08
N THR C 505 50.84 43.23 -34.36
CA THR C 505 50.70 44.51 -35.02
C THR C 505 49.32 44.70 -35.64
N THR C 506 48.34 43.94 -35.15
CA THR C 506 46.98 44.01 -35.68
C THR C 506 45.93 44.23 -34.60
N GLY C 507 44.66 44.26 -35.01
CA GLY C 507 43.54 44.51 -34.12
C GLY C 507 43.31 43.34 -33.17
N ILE C 508 42.65 43.61 -32.06
CA ILE C 508 42.44 42.57 -31.04
C ILE C 508 41.62 41.39 -31.55
N GLY C 509 40.75 41.63 -32.51
CA GLY C 509 39.93 40.55 -33.07
C GLY C 509 40.77 39.49 -33.78
N TYR C 510 41.98 39.86 -34.20
CA TYR C 510 42.85 38.95 -34.93
C TYR C 510 43.97 38.41 -34.04
N GLN C 511 43.97 38.82 -32.78
CA GLN C 511 44.99 38.36 -31.87
C GLN C 511 44.56 37.02 -31.32
N PRO C 512 45.51 36.14 -30.98
CA PRO C 512 45.27 34.85 -30.38
C PRO C 512 44.80 34.96 -28.96
N TYR C 513 43.94 34.04 -28.58
CA TYR C 513 43.53 33.86 -27.21
C TYR C 513 43.67 32.41 -26.83
N ARG C 514 44.09 32.17 -25.60
CA ARG C 514 44.16 30.82 -25.10
C ARG C 514 42.90 30.49 -24.40
N VAL C 515 42.28 29.39 -24.81
CA VAL C 515 41.00 29.02 -24.30
C VAL C 515 41.03 27.68 -23.62
N VAL C 516 40.42 27.63 -22.45
CA VAL C 516 40.25 26.41 -21.72
C VAL C 516 38.76 26.18 -21.45
N VAL C 517 38.26 25.06 -21.92
CA VAL C 517 36.86 24.72 -21.72
C VAL C 517 36.74 23.64 -20.67
N LEU C 518 36.02 23.93 -19.60
CA LEU C 518 35.89 22.96 -18.54
C LEU C 518 34.54 22.27 -18.62
N SER C 519 34.57 21.00 -19.01
CA SER C 519 33.37 20.21 -19.18
C SER C 519 33.08 19.42 -17.91
N PHE C 520 31.98 19.75 -17.27
CA PHE C 520 31.63 19.14 -16.00
C PHE C 520 30.85 17.86 -16.20
N GLU C 521 31.31 16.77 -15.59
CA GLU C 521 30.68 15.47 -15.78
C GLU C 521 29.92 14.96 -14.56
N LEU C 522 28.60 14.92 -14.70
CA LEU C 522 27.70 14.39 -13.67
C LEU C 522 27.32 12.97 -14.03
N LEU C 523 28.04 12.02 -13.47
CA LEU C 523 27.89 10.62 -13.82
C LEU C 523 27.27 9.85 -12.68
N ASN C 524 26.95 8.59 -12.92
CA ASN C 524 26.43 7.73 -11.87
C ASN C 524 27.53 7.39 -10.86
N ALA C 525 28.77 7.58 -11.28
CA ALA C 525 29.92 7.32 -10.44
C ALA C 525 29.91 8.32 -9.27
N PRO C 526 30.42 7.92 -8.09
CA PRO C 526 30.62 8.78 -6.95
C PRO C 526 31.46 9.98 -7.33
N ALA C 527 31.06 11.16 -6.85
CA ALA C 527 31.79 12.38 -7.16
C ALA C 527 33.22 12.29 -6.64
N THR C 528 34.15 12.90 -7.37
CA THR C 528 35.54 12.87 -6.91
C THR C 528 36.15 14.27 -6.86
N VAL C 529 35.47 15.27 -7.41
CA VAL C 529 36.00 16.63 -7.39
C VAL C 529 35.02 17.64 -6.81
N CYS C 530 35.32 18.13 -5.61
CA CYS C 530 34.49 19.11 -4.90
C CYS C 530 35.37 20.09 -4.15
N GLY C 531 34.82 21.26 -3.81
CA GLY C 531 35.50 22.17 -2.91
C GLY C 531 35.02 21.90 -1.47
N PRO C 532 35.89 22.06 -0.47
CA PRO C 532 35.62 21.89 0.94
C PRO C 532 34.98 23.11 1.54
N LYS C 533 34.28 22.92 2.65
CA LYS C 533 33.94 24.01 3.53
C LYS C 533 34.98 24.00 4.64
N LEU C 534 35.28 25.14 5.20
CA LEU C 534 36.27 25.16 6.26
C LEU C 534 35.62 24.83 7.59
N SER C 535 36.37 24.12 8.43
CA SER C 535 35.87 23.67 9.72
C SER C 535 35.80 24.78 10.75
N THR C 536 35.07 24.49 11.82
CA THR C 536 34.94 25.38 12.95
C THR C 536 35.28 24.63 14.22
N ASP C 537 35.47 25.37 15.31
CA ASP C 537 35.77 24.76 16.60
C ASP C 537 34.61 23.92 17.08
N LEU C 538 34.92 22.92 17.91
CA LEU C 538 33.87 22.14 18.52
C LEU C 538 33.15 22.96 19.58
N ILE C 539 31.84 22.90 19.58
CA ILE C 539 31.03 23.54 20.60
C ILE C 539 30.40 22.46 21.46
N LYS C 540 30.79 22.40 22.71
CA LYS C 540 30.41 21.28 23.56
C LYS C 540 29.45 21.64 24.68
N ASN C 541 28.85 20.60 25.26
CA ASN C 541 27.97 20.71 26.41
C ASN C 541 26.76 21.61 26.19
N GLN C 542 26.21 21.55 24.98
CA GLN C 542 25.02 22.29 24.64
C GLN C 542 24.46 21.77 23.33
N CYS C 543 23.17 22.01 23.08
CA CYS C 543 22.62 21.60 21.82
C CYS C 543 23.13 22.48 20.66
N VAL C 544 23.67 21.79 19.68
CA VAL C 544 24.22 22.44 18.49
C VAL C 544 23.77 21.72 17.24
N ASN C 545 23.95 22.38 16.11
CA ASN C 545 23.74 21.78 14.82
C ASN C 545 25.07 21.31 14.27
N PHE C 546 25.28 20.00 14.20
CA PHE C 546 26.59 19.51 13.81
C PHE C 546 26.62 18.95 12.41
N ASN C 547 27.80 18.99 11.83
CA ASN C 547 28.05 18.43 10.53
C ASN C 547 29.46 17.86 10.43
N PHE C 548 29.57 16.57 10.58
CA PHE C 548 30.84 15.89 10.50
C PHE C 548 30.96 15.33 9.11
N ASN C 549 32.17 14.99 8.70
CA ASN C 549 32.36 14.52 7.34
C ASN C 549 31.75 13.15 7.14
N GLY C 550 30.42 13.12 7.02
CA GLY C 550 29.68 11.87 6.86
C GLY C 550 28.52 11.72 7.85
N LEU C 551 28.40 12.66 8.80
CA LEU C 551 27.33 12.56 9.80
C LEU C 551 26.77 13.92 10.16
N THR C 552 25.47 14.10 9.98
CA THR C 552 24.85 15.38 10.30
C THR C 552 23.68 15.20 11.22
N GLY C 553 23.30 16.28 11.90
CA GLY C 553 22.14 16.27 12.78
C GLY C 553 22.32 17.25 13.91
N THR C 554 21.46 17.18 14.90
CA THR C 554 21.54 18.08 16.04
C THR C 554 21.68 17.28 17.31
N GLY C 555 22.23 17.91 18.35
CA GLY C 555 22.38 17.24 19.63
C GLY C 555 23.49 17.84 20.47
N VAL C 556 23.83 17.14 21.53
CA VAL C 556 24.85 17.60 22.47
C VAL C 556 26.10 16.77 22.38
N LEU C 557 27.23 17.42 22.17
CA LEU C 557 28.51 16.72 22.04
C LEU C 557 29.28 16.72 23.34
N THR C 558 29.67 15.53 23.79
CA THR C 558 30.48 15.37 24.99
C THR C 558 31.62 14.38 24.72
N PRO C 559 32.76 14.51 25.38
CA PRO C 559 33.90 13.62 25.31
C PRO C 559 33.57 12.24 25.87
N SER C 560 34.22 11.20 25.35
CA SER C 560 33.98 9.84 25.81
C SER C 560 35.23 8.98 25.76
N SER C 561 35.16 7.80 26.37
CA SER C 561 36.29 6.87 26.44
C SER C 561 36.04 5.55 25.70
N LYS C 562 35.08 5.56 24.79
CA LYS C 562 34.77 4.35 24.02
C LYS C 562 36.02 3.79 23.34
N ARG C 563 36.25 2.50 23.50
CA ARG C 563 37.44 1.85 22.97
C ARG C 563 37.35 1.59 21.47
N PHE C 564 37.55 2.63 20.68
CA PHE C 564 37.51 2.49 19.23
C PHE C 564 38.71 1.77 18.68
N GLN C 565 38.50 1.02 17.62
CA GLN C 565 39.58 0.35 16.93
C GLN C 565 40.17 1.30 15.87
N PRO C 566 41.41 1.04 15.42
CA PRO C 566 42.13 1.76 14.38
C PRO C 566 41.36 1.87 13.07
N PHE C 567 40.33 1.05 12.90
CA PHE C 567 39.57 1.06 11.67
C PHE C 567 38.09 1.31 11.91
N GLN C 568 37.79 2.17 12.88
CA GLN C 568 36.41 2.54 13.16
C GLN C 568 36.26 4.04 13.23
N GLN C 569 35.23 4.54 12.56
CA GLN C 569 35.02 5.99 12.47
C GLN C 569 33.96 6.47 13.46
N PHE C 570 32.89 5.70 13.57
CA PHE C 570 31.80 6.06 14.46
C PHE C 570 31.12 4.80 14.93
N GLY C 571 30.28 4.90 15.95
CA GLY C 571 29.60 3.74 16.47
C GLY C 571 28.11 3.95 16.62
N ARG C 572 27.43 2.91 17.06
CA ARG C 572 25.99 2.96 17.27
C ARG C 572 25.58 2.32 18.59
N ASP C 573 24.38 2.67 19.02
CA ASP C 573 23.77 2.13 20.23
C ASP C 573 23.26 0.73 19.95
N VAL C 574 22.66 0.10 20.95
CA VAL C 574 22.09 -1.22 20.75
C VAL C 574 21.09 -1.13 19.62
N SER C 575 20.23 -0.11 19.69
CA SER C 575 19.35 0.23 18.60
C SER C 575 20.13 1.06 17.58
N ASP C 576 19.66 1.06 16.34
CA ASP C 576 20.41 1.66 15.24
C ASP C 576 20.40 3.19 15.22
N PHE C 577 21.03 3.79 16.21
CA PHE C 577 21.21 5.23 16.31
C PHE C 577 22.68 5.55 16.54
N THR C 578 23.17 6.63 15.96
CA THR C 578 24.54 7.02 16.15
C THR C 578 24.82 7.24 17.63
N ASP C 579 25.88 6.61 18.12
CA ASP C 579 26.26 6.76 19.52
C ASP C 579 27.32 7.82 19.68
N SER C 580 28.37 7.70 18.89
CA SER C 580 29.53 8.58 19.00
C SER C 580 30.25 8.68 17.69
N VAL C 581 31.03 9.74 17.53
CA VAL C 581 31.82 9.95 16.34
C VAL C 581 33.24 10.38 16.67
N ARG C 582 34.21 9.87 15.92
CA ARG C 582 35.58 10.33 16.06
C ARG C 582 35.83 11.52 15.16
N ASP C 583 36.37 12.58 15.73
CA ASP C 583 36.62 13.82 15.01
C ASP C 583 37.67 13.65 13.90
N PRO C 584 37.36 14.05 12.66
CA PRO C 584 38.18 13.91 11.47
C PRO C 584 39.47 14.73 11.53
N LYS C 585 39.54 15.70 12.44
CA LYS C 585 40.70 16.57 12.53
C LYS C 585 41.62 16.20 13.68
N THR C 586 41.05 16.05 14.89
CA THR C 586 41.86 15.81 16.08
C THR C 586 41.76 14.38 16.60
N SER C 587 40.97 13.55 15.94
CA SER C 587 40.79 12.16 16.33
C SER C 587 40.32 11.99 17.76
N GLU C 588 39.43 12.87 18.20
CA GLU C 588 38.84 12.76 19.53
C GLU C 588 37.50 12.10 19.42
N ILE C 589 37.10 11.36 20.44
CA ILE C 589 35.82 10.70 20.36
C ILE C 589 34.80 11.39 21.25
N LEU C 590 33.70 11.81 20.63
CA LEU C 590 32.64 12.46 21.35
C LEU C 590 31.30 11.74 21.16
N ASP C 591 30.56 11.60 22.26
CA ASP C 591 29.23 11.00 22.23
C ASP C 591 28.19 12.02 21.85
N ILE C 592 27.09 11.56 21.26
CA ILE C 592 26.00 12.46 20.91
C ILE C 592 24.76 12.19 21.72
N SER C 593 24.36 13.16 22.53
CA SER C 593 23.15 13.02 23.32
C SER C 593 22.03 13.82 22.67
N PRO C 594 20.78 13.36 22.76
CA PRO C 594 19.60 14.02 22.24
C PRO C 594 19.32 15.30 23.00
N CYS C 595 18.78 16.28 22.30
CA CYS C 595 18.34 17.50 22.93
C CYS C 595 17.07 17.28 23.72
N SER C 596 17.03 17.80 24.93
CA SER C 596 15.89 17.59 25.81
C SER C 596 14.57 17.89 25.14
N PHE C 597 13.63 16.96 25.30
CA PHE C 597 12.29 17.09 24.76
C PHE C 597 11.32 16.31 25.62
N GLY C 598 10.03 16.50 25.42
CA GLY C 598 9.07 15.68 26.15
C GLY C 598 7.67 16.26 26.13
N GLY C 599 6.80 15.71 26.96
CA GLY C 599 5.43 16.18 27.05
C GLY C 599 5.30 17.27 28.11
N VAL C 600 4.45 18.26 27.83
CA VAL C 600 4.18 19.30 28.80
C VAL C 600 2.70 19.36 29.11
N SER C 601 2.39 19.36 30.40
CA SER C 601 1.03 19.36 30.87
C SER C 601 0.72 20.54 31.77
N VAL C 602 -0.53 20.91 31.81
CA VAL C 602 -0.98 22.02 32.61
C VAL C 602 -1.92 21.58 33.71
N ILE C 603 -1.76 22.16 34.88
CA ILE C 603 -2.60 21.87 36.02
C ILE C 603 -3.51 23.04 36.31
N THR C 604 -4.81 22.83 36.24
CA THR C 604 -5.72 23.93 36.49
C THR C 604 -6.89 23.52 37.39
N PRO C 605 -7.48 24.48 38.10
CA PRO C 605 -8.78 24.44 38.70
C PRO C 605 -9.76 24.72 37.61
N GLY C 606 -11.04 24.75 37.91
CA GLY C 606 -12.00 25.08 36.88
C GLY C 606 -11.92 26.54 36.49
N THR C 607 -12.23 26.83 35.23
CA THR C 607 -12.18 28.19 34.71
C THR C 607 -13.35 29.00 35.21
N ASN C 608 -14.34 28.32 35.78
CA ASN C 608 -15.48 28.99 36.35
C ASN C 608 -15.21 29.39 37.79
N ALA C 609 -14.06 28.97 38.31
CA ALA C 609 -13.68 29.29 39.67
C ALA C 609 -12.59 30.36 39.68
N SER C 610 -11.58 30.19 38.84
CA SER C 610 -10.48 31.15 38.75
C SER C 610 -9.65 30.93 37.49
N SER C 611 -8.78 31.89 37.19
CA SER C 611 -7.87 31.74 36.07
C SER C 611 -6.43 31.63 36.57
N GLU C 612 -5.92 30.41 36.57
CA GLU C 612 -4.59 30.11 37.08
C GLU C 612 -4.09 28.82 36.48
N VAL C 613 -2.77 28.66 36.40
CA VAL C 613 -2.20 27.43 35.85
C VAL C 613 -0.78 27.15 36.32
N ALA C 614 -0.50 25.88 36.60
CA ALA C 614 0.87 25.45 36.84
C ALA C 614 1.31 24.55 35.68
N VAL C 615 2.58 24.61 35.32
CA VAL C 615 3.05 23.86 34.17
C VAL C 615 4.10 22.81 34.53
N LEU C 616 3.86 21.57 34.10
CA LEU C 616 4.76 20.46 34.37
C LEU C 616 5.51 19.99 33.13
N TYR C 617 6.83 19.96 33.22
CA TYR C 617 7.68 19.47 32.14
C TYR C 617 8.18 18.08 32.45
N GLN C 618 7.65 17.09 31.74
CA GLN C 618 7.92 15.70 32.06
C GLN C 618 9.40 15.32 31.99
N ASP C 619 9.90 14.75 33.08
CA ASP C 619 11.28 14.27 33.17
C ASP C 619 12.35 15.28 32.73
N VAL C 620 12.33 16.49 33.29
CA VAL C 620 13.34 17.48 32.94
C VAL C 620 13.96 18.10 34.19
N ASN C 621 15.29 18.22 34.19
CA ASN C 621 15.97 18.92 35.28
C ASN C 621 15.64 20.41 35.23
N CYS C 622 15.08 20.92 36.34
CA CYS C 622 14.62 22.30 36.39
C CYS C 622 15.72 23.30 36.08
N THR C 623 16.97 22.87 36.18
CA THR C 623 18.08 23.78 35.89
C THR C 623 18.08 24.14 34.41
N ASP C 624 17.67 23.20 33.56
CA ASP C 624 17.67 23.42 32.13
C ASP C 624 16.41 24.13 31.72
N VAL C 625 15.34 23.85 32.45
CA VAL C 625 14.07 24.50 32.15
C VAL C 625 14.22 25.98 32.38
N SER C 626 14.78 26.35 33.53
CA SER C 626 14.96 27.75 33.86
C SER C 626 15.90 28.42 32.89
N THR C 627 17.02 27.77 32.58
CA THR C 627 18.01 28.35 31.72
C THR C 627 17.43 28.73 30.38
N ALA C 628 16.64 27.84 29.79
CA ALA C 628 16.10 28.04 28.46
C ALA C 628 14.88 28.97 28.45
N ILE C 629 14.45 29.44 29.61
CA ILE C 629 13.36 30.42 29.64
C ILE C 629 14.00 31.80 29.63
N HIS C 630 15.03 31.97 30.43
CA HIS C 630 15.76 33.22 30.47
C HIS C 630 16.50 33.39 29.15
N ALA C 631 17.19 32.34 28.74
CA ALA C 631 17.79 32.26 27.43
C ALA C 631 16.80 31.61 26.50
N ASP C 632 15.84 32.38 26.02
CA ASP C 632 14.73 31.76 25.33
C ASP C 632 15.18 30.85 24.22
N GLN C 633 15.13 29.55 24.49
CA GLN C 633 15.44 28.52 23.53
C GLN C 633 14.39 27.44 23.60
N LEU C 634 13.14 27.83 23.88
CA LEU C 634 12.10 26.82 24.01
C LEU C 634 11.03 26.89 22.96
N THR C 635 10.62 25.71 22.53
CA THR C 635 9.48 25.56 21.65
C THR C 635 8.46 24.64 22.29
N PRO C 636 7.21 25.07 22.40
CA PRO C 636 6.69 26.40 22.13
C PRO C 636 7.11 27.39 23.20
N ALA C 637 7.18 28.65 22.82
CA ALA C 637 7.33 29.73 23.79
C ALA C 637 6.04 30.51 23.83
N TRP C 638 5.69 31.05 24.98
CA TRP C 638 4.47 31.83 25.09
C TRP C 638 4.75 33.31 24.95
N ARG C 639 3.77 34.03 24.41
CA ARG C 639 3.92 35.47 24.21
C ARG C 639 4.09 36.19 25.54
N ILE C 640 3.28 35.81 26.53
CA ILE C 640 3.37 36.41 27.85
C ILE C 640 3.68 35.34 28.89
N TYR C 641 4.94 35.22 29.26
CA TYR C 641 5.35 34.17 30.16
C TYR C 641 6.70 34.46 30.80
N SER C 642 6.82 34.07 32.06
CA SER C 642 8.08 34.18 32.79
C SER C 642 8.18 33.10 33.85
N THR C 643 9.37 32.95 34.43
CA THR C 643 9.57 31.96 35.47
C THR C 643 9.93 32.63 36.79
N GLY C 644 9.08 32.42 37.79
CA GLY C 644 9.27 33.01 39.11
C GLY C 644 9.98 32.06 40.04
N ASN C 645 9.77 32.25 41.34
CA ASN C 645 10.44 31.43 42.35
C ASN C 645 9.73 30.11 42.60
N ASN C 646 8.57 29.93 41.98
CA ASN C 646 7.78 28.74 42.21
C ASN C 646 8.27 27.56 41.39
N VAL C 647 9.48 27.12 41.67
CA VAL C 647 10.08 26.02 40.92
C VAL C 647 10.39 24.85 41.85
N PHE C 648 9.80 23.71 41.56
CA PHE C 648 9.96 22.53 42.38
C PHE C 648 10.04 21.28 41.51
N GLN C 649 11.04 20.44 41.74
CA GLN C 649 11.20 19.26 40.92
C GLN C 649 10.76 18.00 41.63
N THR C 650 10.05 17.16 40.88
CA THR C 650 9.60 15.86 41.34
C THR C 650 10.04 14.81 40.35
N GLN C 651 9.90 13.54 40.69
CA GLN C 651 10.25 12.47 39.77
C GLN C 651 9.47 12.58 38.46
N ALA C 652 8.25 13.09 38.55
CA ALA C 652 7.41 13.29 37.38
C ALA C 652 8.03 14.28 36.37
N GLY C 653 8.75 15.28 36.88
CA GLY C 653 9.30 16.31 36.02
C GLY C 653 9.42 17.64 36.76
N CYS C 654 9.64 18.71 36.01
CA CYS C 654 9.83 20.03 36.62
C CYS C 654 8.53 20.79 36.67
N LEU C 655 8.06 21.10 37.88
CA LEU C 655 6.80 21.79 38.04
C LEU C 655 7.00 23.25 38.39
N ILE C 656 6.48 24.13 37.55
CA ILE C 656 6.65 25.55 37.76
C ILE C 656 5.33 26.31 37.85
N GLY C 657 5.17 27.07 38.93
CA GLY C 657 3.99 27.89 39.13
C GLY C 657 3.21 27.49 40.38
N ALA C 658 3.40 26.26 40.82
CA ALA C 658 2.75 25.77 42.03
C ALA C 658 3.57 26.11 43.26
N GLU C 659 2.91 26.34 44.39
CA GLU C 659 3.62 26.58 45.62
C GLU C 659 3.78 25.28 46.41
N HIS C 660 5.02 24.92 46.69
CA HIS C 660 5.28 23.71 47.46
C HIS C 660 5.05 23.93 48.94
N VAL C 661 4.41 22.96 49.57
CA VAL C 661 4.20 23.00 51.01
C VAL C 661 4.72 21.75 51.68
N ASP C 662 4.95 21.83 52.99
CA ASP C 662 5.48 20.72 53.76
C ASP C 662 4.43 19.93 54.52
N THR C 663 3.18 20.08 54.12
CA THR C 663 2.07 19.38 54.74
C THR C 663 1.49 18.33 53.80
N SER C 664 0.33 17.82 54.16
CA SER C 664 -0.29 16.76 53.38
C SER C 664 -1.80 16.88 53.35
N TYR C 665 -2.39 16.31 52.31
CA TYR C 665 -3.84 16.38 52.11
C TYR C 665 -4.35 15.18 51.33
N GLU C 666 -5.67 15.15 51.14
CA GLU C 666 -6.27 14.16 50.26
C GLU C 666 -5.92 14.52 48.81
N CYS C 667 -5.42 13.54 48.07
CA CYS C 667 -5.00 13.80 46.69
C CYS C 667 -6.17 14.18 45.80
N ASP C 668 -6.12 15.38 45.27
CA ASP C 668 -7.18 15.86 44.37
C ASP C 668 -6.78 15.62 42.92
N ILE C 669 -5.75 16.31 42.46
CA ILE C 669 -5.23 16.11 41.12
C ILE C 669 -3.87 15.43 41.17
N PRO C 670 -3.76 14.16 40.79
CA PRO C 670 -2.56 13.37 40.91
C PRO C 670 -1.50 13.87 39.96
N ILE C 671 -0.25 13.85 40.41
CA ILE C 671 0.87 14.21 39.56
C ILE C 671 1.76 13.00 39.34
N GLY C 672 2.24 12.43 40.43
CA GLY C 672 3.10 11.26 40.36
C GLY C 672 4.07 11.19 41.53
N ALA C 673 4.55 9.98 41.84
CA ALA C 673 5.54 9.78 42.89
C ALA C 673 5.10 10.36 44.23
N GLY C 674 3.83 10.16 44.57
CA GLY C 674 3.30 10.59 45.87
C GLY C 674 2.90 12.06 45.90
N ILE C 675 3.09 12.75 44.79
CA ILE C 675 2.78 14.17 44.72
C ILE C 675 1.46 14.42 44.03
N CYS C 676 0.66 15.29 44.64
CA CYS C 676 -0.61 15.71 44.09
C CYS C 676 -0.74 17.23 44.13
N ALA C 677 -1.67 17.74 43.35
CA ALA C 677 -1.95 19.16 43.32
C ALA C 677 -3.37 19.43 43.80
N SER C 678 -3.55 20.62 44.37
CA SER C 678 -4.87 21.06 44.82
C SER C 678 -4.92 22.58 44.91
N TYR C 679 -6.11 23.11 45.09
CA TYR C 679 -6.31 24.55 45.12
C TYR C 679 -6.85 25.00 46.48
N HIS C 680 -6.02 25.69 47.25
CA HIS C 680 -6.37 26.06 48.64
C HIS C 680 -6.03 27.50 48.97
N THR C 681 -6.69 28.01 50.01
CA THR C 681 -6.38 29.31 50.55
C THR C 681 -5.06 29.25 51.30
N VAL C 682 -4.13 30.13 50.94
CA VAL C 682 -2.84 30.14 51.61
C VAL C 682 -2.53 31.53 52.15
N SER C 683 -2.27 31.61 53.44
CA SER C 683 -1.94 32.86 54.09
C SER C 683 -1.18 33.80 53.17
N SER C 689 -5.90 35.28 52.10
CA SER C 689 -7.27 35.02 51.65
C SER C 689 -7.29 34.66 50.18
N GLN C 690 -6.11 34.60 49.59
CA GLN C 690 -5.95 34.27 48.18
C GLN C 690 -5.68 32.78 47.98
N LYS C 691 -6.49 32.15 47.12
CA LYS C 691 -6.29 30.75 46.80
C LYS C 691 -5.25 30.58 45.70
N SER C 692 -4.56 29.45 45.73
CA SER C 692 -3.56 29.14 44.71
C SER C 692 -3.30 27.66 44.59
N ILE C 693 -2.62 27.27 43.52
CA ILE C 693 -2.25 25.89 43.29
C ILE C 693 -1.07 25.53 44.16
N VAL C 694 -1.20 24.45 44.92
CA VAL C 694 -0.13 24.01 45.78
C VAL C 694 0.28 22.59 45.49
N ALA C 695 1.55 22.30 45.78
CA ALA C 695 2.12 20.96 45.61
C ALA C 695 2.38 20.34 46.96
N TYR C 696 1.85 19.15 47.17
CA TYR C 696 1.95 18.51 48.47
C TYR C 696 2.06 17.02 48.37
N THR C 697 2.48 16.40 49.47
CA THR C 697 2.52 14.95 49.55
C THR C 697 1.15 14.46 49.96
N MET C 698 0.63 13.50 49.23
CA MET C 698 -0.69 13.00 49.53
C MET C 698 -0.68 12.17 50.80
N SER C 699 -1.77 12.25 51.56
CA SER C 699 -1.96 11.40 52.71
C SER C 699 -2.41 10.02 52.28
N LEU C 700 -1.97 9.00 53.01
CA LEU C 700 -2.37 7.64 52.71
C LEU C 700 -3.70 7.27 53.34
N GLY C 701 -4.15 8.08 54.30
CA GLY C 701 -5.37 7.79 55.03
C GLY C 701 -5.33 8.38 56.44
N ALA C 702 -6.35 8.07 57.25
CA ALA C 702 -6.43 8.57 58.61
C ALA C 702 -5.36 7.94 59.48
N ASP C 703 -4.87 8.69 60.45
CA ASP C 703 -3.87 8.18 61.38
C ASP C 703 -4.51 7.68 62.68
N SER C 704 -4.53 6.36 62.89
CA SER C 704 -5.16 5.81 64.08
C SER C 704 -4.34 4.67 64.69
N SER C 705 -4.92 4.02 65.69
CA SER C 705 -4.27 2.93 66.41
C SER C 705 -5.20 2.27 67.39
N ILE C 706 -5.04 0.96 67.57
CA ILE C 706 -5.78 0.26 68.61
C ILE C 706 -4.82 -0.54 69.48
N ALA C 707 -5.25 -0.83 70.70
CA ALA C 707 -4.46 -1.63 71.61
C ALA C 707 -4.70 -3.10 71.40
N TYR C 708 -3.75 -3.92 71.82
CA TYR C 708 -3.93 -5.35 71.80
C TYR C 708 -3.79 -5.92 73.19
N SER C 709 -4.63 -6.88 73.52
CA SER C 709 -4.53 -7.57 74.79
C SER C 709 -4.82 -9.03 74.62
N ASN C 710 -4.52 -9.80 75.63
CA ASN C 710 -4.80 -11.22 75.64
C ASN C 710 -6.00 -11.54 76.53
N ASN C 711 -6.65 -10.51 77.05
CA ASN C 711 -7.73 -10.71 77.98
C ASN C 711 -8.90 -9.73 77.91
N THR C 712 -8.90 -8.82 76.92
CA THR C 712 -10.05 -7.92 76.77
C THR C 712 -10.61 -7.97 75.37
N ILE C 713 -11.80 -7.44 75.19
CA ILE C 713 -12.45 -7.44 73.88
C ILE C 713 -13.38 -6.26 73.70
N ALA C 714 -13.45 -5.75 72.47
CA ALA C 714 -14.39 -4.67 72.15
C ALA C 714 -15.65 -5.24 71.52
N ILE C 715 -16.80 -4.88 72.09
CA ILE C 715 -18.09 -5.32 71.54
C ILE C 715 -19.04 -4.13 71.38
N PRO C 716 -19.65 -3.94 70.19
CA PRO C 716 -20.65 -2.93 69.89
C PRO C 716 -21.83 -3.03 70.85
N THR C 717 -22.34 -1.89 71.30
CA THR C 717 -23.50 -1.90 72.17
C THR C 717 -24.60 -1.02 71.59
N ASN C 718 -24.54 -0.90 70.28
CA ASN C 718 -25.49 -0.11 69.49
C ASN C 718 -25.23 -0.37 68.02
N PHE C 719 -26.14 0.06 67.16
CA PHE C 719 -25.93 -0.03 65.72
C PHE C 719 -26.80 0.93 64.96
N SER C 720 -26.53 1.06 63.67
CA SER C 720 -27.34 1.89 62.82
C SER C 720 -27.51 1.29 61.44
N ILE C 721 -28.52 1.77 60.73
CA ILE C 721 -28.77 1.33 59.38
C ILE C 721 -28.46 2.45 58.41
N SER C 722 -27.69 2.13 57.37
CA SER C 722 -27.32 3.13 56.38
C SER C 722 -27.56 2.62 54.98
N ILE C 723 -27.71 3.55 54.04
CA ILE C 723 -27.92 3.16 52.66
C ILE C 723 -26.89 3.83 51.77
N THR C 724 -26.21 3.02 50.98
CA THR C 724 -25.21 3.52 50.04
C THR C 724 -25.66 3.26 48.63
N THR C 725 -24.98 3.85 47.66
CA THR C 725 -25.39 3.69 46.28
C THR C 725 -24.28 3.18 45.38
N GLU C 726 -24.68 2.56 44.28
CA GLU C 726 -23.74 2.07 43.28
C GLU C 726 -24.32 2.20 41.87
N VAL C 727 -23.49 2.63 40.93
CA VAL C 727 -23.93 2.75 39.55
C VAL C 727 -23.01 2.03 38.57
N MET C 728 -23.62 1.33 37.63
CA MET C 728 -22.88 0.66 36.57
C MET C 728 -23.59 0.89 35.23
N PRO C 729 -22.84 1.07 34.14
CA PRO C 729 -23.33 1.11 32.78
C PRO C 729 -23.64 -0.29 32.31
N VAL C 730 -24.65 -0.43 31.46
CA VAL C 730 -24.87 -1.75 30.87
C VAL C 730 -25.20 -1.68 29.39
N SER C 731 -24.76 -0.63 28.72
CA SER C 731 -25.01 -0.48 27.28
C SER C 731 -24.32 0.73 26.68
N MET C 732 -24.25 0.75 25.36
CA MET C 732 -23.86 1.95 24.61
C MET C 732 -24.72 2.09 23.37
N ALA C 733 -24.63 3.26 22.74
CA ALA C 733 -25.44 3.54 21.56
C ALA C 733 -25.24 2.50 20.46
N LYS C 734 -26.34 2.06 19.87
CA LYS C 734 -26.31 1.12 18.78
C LYS C 734 -25.97 1.82 17.49
N THR C 735 -24.70 2.14 17.31
CA THR C 735 -24.30 2.94 16.17
C THR C 735 -24.31 2.13 14.89
N SER C 736 -24.34 2.84 13.78
CA SER C 736 -24.25 2.25 12.46
C SER C 736 -23.67 3.22 11.47
N VAL C 737 -22.85 2.71 10.56
CA VAL C 737 -22.24 3.54 9.54
C VAL C 737 -22.44 2.92 8.18
N ASP C 738 -22.90 3.71 7.22
CA ASP C 738 -23.02 3.21 5.87
C ASP C 738 -21.65 3.23 5.22
N CYS C 739 -21.09 2.05 5.03
CA CYS C 739 -19.71 1.88 4.61
C CYS C 739 -19.46 2.43 3.22
N ASN C 740 -20.51 2.61 2.44
CA ASN C 740 -20.34 3.13 1.11
C ASN C 740 -20.41 4.64 1.14
N MET C 741 -21.40 5.16 1.84
CA MET C 741 -21.61 6.60 1.91
C MET C 741 -20.41 7.30 2.50
N TYR C 742 -19.80 6.67 3.50
CA TYR C 742 -18.67 7.27 4.15
C TYR C 742 -17.54 7.54 3.18
N ILE C 743 -17.22 6.55 2.36
CA ILE C 743 -16.14 6.68 1.41
C ILE C 743 -16.58 7.41 0.14
N CYS C 744 -17.64 6.90 -0.46
CA CYS C 744 -18.13 7.39 -1.75
C CYS C 744 -19.50 8.05 -1.59
N GLY C 745 -19.53 9.35 -1.43
CA GLY C 745 -20.78 10.06 -1.19
C GLY C 745 -21.64 10.10 -2.45
N ASP C 746 -22.26 8.97 -2.79
CA ASP C 746 -23.07 8.81 -3.99
C ASP C 746 -22.30 9.07 -5.26
N SER C 747 -21.07 8.58 -5.31
CA SER C 747 -20.23 8.73 -6.48
C SER C 747 -19.93 7.40 -7.14
N THR C 748 -20.41 7.24 -8.36
CA THR C 748 -20.29 5.99 -9.09
C THR C 748 -18.84 5.60 -9.35
N GLU C 749 -18.05 6.56 -9.80
CA GLU C 749 -16.66 6.30 -10.16
C GLU C 749 -15.89 5.87 -8.92
N CYS C 750 -16.17 6.52 -7.81
CA CYS C 750 -15.55 6.18 -6.55
C CYS C 750 -15.87 4.75 -6.17
N ALA C 751 -17.15 4.40 -6.26
CA ALA C 751 -17.58 3.05 -5.90
C ALA C 751 -16.88 2.02 -6.76
N ASN C 752 -16.74 2.31 -8.04
CA ASN C 752 -16.07 1.39 -8.94
C ASN C 752 -14.69 1.05 -8.38
N LEU C 753 -13.93 2.08 -8.03
CA LEU C 753 -12.59 1.87 -7.48
C LEU C 753 -12.65 1.18 -6.11
N LEU C 754 -13.62 1.58 -5.28
CA LEU C 754 -13.76 1.01 -3.95
C LEU C 754 -13.99 -0.49 -4.00
N LEU C 755 -14.76 -0.94 -4.97
CA LEU C 755 -15.11 -2.34 -5.12
C LEU C 755 -13.92 -3.24 -5.44
N GLN C 756 -12.78 -2.63 -5.76
CA GLN C 756 -11.60 -3.41 -6.08
C GLN C 756 -10.82 -3.81 -4.84
N TYR C 757 -11.26 -3.33 -3.68
CA TYR C 757 -10.55 -3.61 -2.42
C TYR C 757 -11.11 -4.80 -1.65
N GLY C 758 -12.01 -5.55 -2.28
CA GLY C 758 -12.56 -6.74 -1.65
C GLY C 758 -13.83 -6.46 -0.88
N SER C 759 -14.06 -7.23 0.18
CA SER C 759 -15.33 -7.23 0.91
C SER C 759 -15.29 -6.42 2.20
N PHE C 760 -14.34 -5.50 2.31
CA PHE C 760 -14.24 -4.68 3.51
C PHE C 760 -15.55 -4.01 3.85
N CYS C 761 -16.17 -3.38 2.86
CA CYS C 761 -17.38 -2.62 3.10
C CYS C 761 -18.39 -3.49 3.85
N THR C 762 -18.60 -4.71 3.35
CA THR C 762 -19.50 -5.65 3.98
C THR C 762 -19.03 -6.06 5.37
N GLN C 763 -17.75 -6.39 5.49
CA GLN C 763 -17.22 -6.86 6.75
C GLN C 763 -17.39 -5.83 7.85
N LEU C 764 -17.19 -4.56 7.49
CA LEU C 764 -17.37 -3.48 8.44
C LEU C 764 -18.80 -3.44 8.94
N ASN C 765 -19.75 -3.50 8.01
CA ASN C 765 -21.16 -3.45 8.39
C ASN C 765 -21.49 -4.58 9.34
N ARG C 766 -20.98 -5.77 9.04
CA ARG C 766 -21.27 -6.92 9.87
C ARG C 766 -20.75 -6.74 11.28
N ALA C 767 -19.53 -6.23 11.41
CA ALA C 767 -18.94 -6.04 12.72
C ALA C 767 -19.77 -5.08 13.56
N LEU C 768 -20.20 -3.98 12.96
CA LEU C 768 -20.97 -2.99 13.68
C LEU C 768 -22.34 -3.54 14.07
N SER C 769 -22.95 -4.30 13.18
CA SER C 769 -24.24 -4.91 13.46
C SER C 769 -24.12 -5.85 14.64
N GLY C 770 -23.06 -6.65 14.65
CA GLY C 770 -22.80 -7.58 15.74
C GLY C 770 -22.81 -6.86 17.07
N ILE C 771 -22.12 -5.74 17.16
CA ILE C 771 -22.05 -5.00 18.40
C ILE C 771 -23.42 -4.53 18.85
N ALA C 772 -24.19 -3.98 17.92
CA ALA C 772 -25.51 -3.49 18.28
C ALA C 772 -26.35 -4.61 18.90
N ALA C 773 -26.22 -5.81 18.35
CA ALA C 773 -26.94 -6.96 18.87
C ALA C 773 -26.54 -7.25 20.32
N GLU C 774 -25.25 -7.09 20.60
CA GLU C 774 -24.74 -7.37 21.93
C GLU C 774 -25.32 -6.41 22.94
N GLN C 775 -25.53 -5.17 22.51
CA GLN C 775 -26.04 -4.16 23.42
C GLN C 775 -27.43 -4.55 23.91
N ASP C 776 -28.20 -5.14 23.02
CA ASP C 776 -29.53 -5.59 23.39
C ASP C 776 -29.44 -6.72 24.40
N ARG C 777 -28.57 -7.69 24.14
CA ARG C 777 -28.43 -8.82 25.04
C ARG C 777 -28.05 -8.37 26.44
N ASN C 778 -27.13 -7.43 26.53
CA ASN C 778 -26.68 -6.95 27.82
C ASN C 778 -27.85 -6.47 28.65
N THR C 779 -28.67 -5.61 28.05
CA THR C 779 -29.79 -5.04 28.77
C THR C 779 -30.75 -6.11 29.25
N ARG C 780 -31.13 -7.01 28.35
CA ARG C 780 -32.12 -8.01 28.72
C ARG C 780 -31.63 -8.92 29.83
N GLU C 781 -30.39 -9.38 29.73
CA GLU C 781 -29.88 -10.29 30.74
C GLU C 781 -29.89 -9.67 32.14
N VAL C 782 -29.50 -8.41 32.24
CA VAL C 782 -29.45 -7.75 33.53
C VAL C 782 -30.84 -7.57 34.16
N PHE C 783 -31.80 -7.09 33.37
CA PHE C 783 -33.12 -6.77 33.92
C PHE C 783 -34.11 -7.93 33.97
N ALA C 784 -34.13 -8.76 32.94
CA ALA C 784 -35.17 -9.80 32.86
C ALA C 784 -34.86 -11.00 33.75
N GLN C 785 -34.86 -10.76 35.06
CA GLN C 785 -34.57 -11.80 36.05
C GLN C 785 -35.83 -12.40 36.65
N VAL C 786 -36.99 -11.89 36.25
CA VAL C 786 -38.26 -12.37 36.77
C VAL C 786 -39.17 -12.81 35.62
N LYS C 787 -39.88 -13.92 35.81
CA LYS C 787 -40.77 -14.46 34.79
C LYS C 787 -42.05 -13.66 34.65
N GLN C 788 -42.63 -13.28 35.79
CA GLN C 788 -43.87 -12.54 35.78
C GLN C 788 -43.68 -11.11 36.24
N MET C 789 -44.55 -10.24 35.77
CA MET C 789 -44.56 -8.86 36.21
C MET C 789 -45.50 -8.72 37.39
N TYR C 790 -45.13 -7.90 38.34
CA TYR C 790 -45.99 -7.61 39.47
C TYR C 790 -46.48 -6.19 39.38
N LYS C 791 -47.58 -5.89 40.06
CA LYS C 791 -48.08 -4.54 40.06
C LYS C 791 -47.85 -3.90 41.40
N THR C 792 -47.71 -2.59 41.39
CA THR C 792 -47.45 -1.83 42.59
C THR C 792 -48.68 -1.85 43.51
N PRO C 793 -48.52 -2.13 44.81
CA PRO C 793 -49.55 -2.15 45.82
C PRO C 793 -50.02 -0.74 46.13
N THR C 794 -51.25 -0.65 46.65
CA THR C 794 -51.80 0.62 47.09
C THR C 794 -51.06 1.15 48.30
N LEU C 795 -50.77 0.27 49.24
CA LEU C 795 -50.08 0.68 50.46
C LEU C 795 -48.59 0.84 50.20
N LYS C 796 -48.03 1.92 50.72
CA LYS C 796 -46.59 2.18 50.62
C LYS C 796 -45.96 2.15 52.01
N TYR C 797 -46.80 1.88 53.00
CA TYR C 797 -46.40 1.92 54.39
C TYR C 797 -46.38 0.54 55.00
N PHE C 798 -45.18 0.00 55.23
CA PHE C 798 -45.07 -1.37 55.71
C PHE C 798 -44.24 -1.49 56.95
N GLY C 799 -44.88 -1.65 58.09
CA GLY C 799 -44.16 -1.84 59.35
C GLY C 799 -43.51 -0.55 59.81
N GLY C 800 -43.89 0.56 59.20
CA GLY C 800 -43.28 1.85 59.49
C GLY C 800 -42.30 2.26 58.39
N PHE C 801 -42.01 1.34 57.47
CA PHE C 801 -41.07 1.61 56.39
C PHE C 801 -41.76 2.27 55.21
N ASN C 802 -41.26 3.45 54.86
CA ASN C 802 -41.84 4.29 53.81
C ASN C 802 -41.13 4.08 52.47
N PHE C 803 -41.83 3.40 51.56
CA PHE C 803 -41.23 3.05 50.28
C PHE C 803 -41.79 3.87 49.12
N SER C 804 -42.48 4.95 49.44
CA SER C 804 -43.19 5.72 48.42
C SER C 804 -42.28 6.37 47.39
N GLN C 805 -41.02 6.60 47.74
CA GLN C 805 -40.09 7.27 46.84
C GLN C 805 -39.32 6.30 45.96
N ILE C 806 -39.48 5.00 46.23
CA ILE C 806 -38.79 3.96 45.47
C ILE C 806 -39.75 3.38 44.44
N LEU C 807 -40.98 3.15 44.86
CA LEU C 807 -42.01 2.65 43.98
C LEU C 807 -42.57 3.79 43.13
N PRO C 808 -43.10 3.50 41.94
CA PRO C 808 -43.81 4.42 41.07
C PRO C 808 -45.13 4.77 41.69
N ASP C 809 -45.64 5.95 41.38
CA ASP C 809 -46.93 6.38 41.90
C ASP C 809 -47.95 6.59 40.77
N PRO C 810 -48.89 5.65 40.57
CA PRO C 810 -49.91 5.61 39.53
C PRO C 810 -50.77 6.87 39.51
N LEU C 811 -50.78 7.60 40.63
CA LEU C 811 -51.55 8.83 40.70
C LEU C 811 -51.20 9.74 39.53
N LYS C 812 -49.91 9.81 39.21
CA LYS C 812 -49.44 10.70 38.17
C LYS C 812 -49.25 9.93 36.85
N PRO C 813 -49.35 10.61 35.69
CA PRO C 813 -49.10 10.10 34.34
C PRO C 813 -47.70 9.49 34.15
N THR C 814 -46.74 9.90 34.97
CA THR C 814 -45.39 9.37 34.81
C THR C 814 -45.21 8.06 35.55
N LYS C 815 -44.95 7.00 34.81
CA LYS C 815 -44.83 5.67 35.41
C LYS C 815 -43.40 5.39 35.86
N ARG C 816 -42.94 6.20 36.81
CA ARG C 816 -41.58 6.08 37.34
C ARG C 816 -41.56 6.45 38.81
N SER C 817 -40.50 6.04 39.50
CA SER C 817 -40.33 6.43 40.90
C SER C 817 -39.84 7.85 40.97
N PHE C 818 -39.97 8.44 42.14
CA PHE C 818 -39.43 9.77 42.35
C PHE C 818 -37.92 9.76 42.13
N ILE C 819 -37.25 8.80 42.74
CA ILE C 819 -35.80 8.69 42.63
C ILE C 819 -35.36 8.51 41.18
N GLU C 820 -36.04 7.63 40.44
CA GLU C 820 -35.65 7.40 39.07
C GLU C 820 -35.69 8.67 38.23
N ASP C 821 -36.75 9.44 38.36
CA ASP C 821 -36.82 10.67 37.57
C ASP C 821 -35.64 11.57 37.90
N LEU C 822 -35.30 11.64 39.17
CA LEU C 822 -34.18 12.45 39.59
C LEU C 822 -32.90 11.97 38.93
N LEU C 823 -32.70 10.65 38.87
CA LEU C 823 -31.50 10.09 38.26
C LEU C 823 -31.43 10.43 36.77
N PHE C 824 -32.54 10.36 36.07
CA PHE C 824 -32.54 10.65 34.64
C PHE C 824 -32.21 12.09 34.37
N ASN C 825 -32.59 12.97 35.28
CA ASN C 825 -32.37 14.39 35.13
C ASN C 825 -30.90 14.79 35.25
N LYS C 826 -30.04 13.86 35.65
CA LYS C 826 -28.62 14.18 35.81
C LYS C 826 -27.76 13.77 34.62
N VAL C 827 -28.36 13.23 33.56
CA VAL C 827 -27.60 12.84 32.39
C VAL C 827 -28.26 13.34 31.12
N TYR C 838 -24.63 12.71 13.29
CA TYR C 838 -25.29 11.46 12.93
C TYR C 838 -26.80 11.63 12.84
N GLY C 839 -27.46 10.75 12.08
CA GLY C 839 -28.92 10.80 11.93
C GLY C 839 -29.63 10.12 13.09
N GLU C 840 -30.86 10.55 13.34
CA GLU C 840 -31.67 10.01 14.43
C GLU C 840 -33.15 10.29 14.15
N CYS C 841 -34.02 9.83 15.04
CA CYS C 841 -35.45 10.11 14.90
C CYS C 841 -36.16 10.00 16.25
N LEU C 842 -36.94 11.01 16.57
CA LEU C 842 -37.63 11.07 17.86
C LEU C 842 -39.14 10.98 17.72
N GLY C 843 -39.79 10.43 18.74
CA GLY C 843 -41.24 10.33 18.76
C GLY C 843 -41.69 8.88 18.62
N ILE C 851 -40.46 13.27 14.52
CA ILE C 851 -39.81 13.62 13.27
C ILE C 851 -38.42 13.04 13.15
N CYS C 852 -38.04 12.68 11.92
CA CYS C 852 -36.73 12.09 11.65
C CYS C 852 -35.85 13.07 10.89
N ALA C 853 -34.53 12.90 10.98
CA ALA C 853 -33.59 13.71 10.23
C ALA C 853 -32.30 12.93 9.91
N GLN C 854 -31.68 13.22 8.79
CA GLN C 854 -30.43 12.56 8.41
C GLN C 854 -29.30 13.53 8.16
N LYS C 855 -28.10 13.05 8.36
CA LYS C 855 -26.90 13.84 8.06
C LYS C 855 -26.27 13.33 6.79
N PHE C 856 -25.36 14.15 6.23
CA PHE C 856 -24.70 13.81 4.98
C PHE C 856 -23.53 12.89 5.19
N ASN C 857 -23.15 12.66 6.45
CA ASN C 857 -21.98 11.90 6.81
C ASN C 857 -22.16 10.37 6.80
N GLY C 858 -23.39 9.91 6.57
CA GLY C 858 -23.64 8.47 6.47
C GLY C 858 -23.74 7.76 7.83
N LEU C 859 -23.73 8.54 8.90
CA LEU C 859 -23.78 7.98 10.25
C LEU C 859 -25.16 8.05 10.85
N THR C 860 -25.50 7.09 11.70
CA THR C 860 -26.75 7.11 12.43
C THR C 860 -26.75 6.19 13.65
N VAL C 861 -27.69 6.42 14.55
CA VAL C 861 -27.85 5.57 15.73
C VAL C 861 -29.21 4.92 15.78
N LEU C 862 -29.22 3.60 15.95
CA LEU C 862 -30.45 2.83 16.02
C LEU C 862 -31.03 2.89 17.44
N PRO C 863 -32.35 2.80 17.58
CA PRO C 863 -33.07 2.69 18.83
C PRO C 863 -32.92 1.29 19.42
N PRO C 864 -33.04 1.16 20.75
CA PRO C 864 -33.08 -0.08 21.50
C PRO C 864 -34.42 -0.78 21.33
N LEU C 865 -34.44 -2.08 21.60
CA LEU C 865 -35.69 -2.82 21.67
C LEU C 865 -36.52 -2.39 22.86
N LEU C 866 -35.86 -2.25 24.01
CA LEU C 866 -36.57 -1.90 25.23
C LEU C 866 -36.36 -0.44 25.57
N THR C 867 -37.46 0.30 25.61
CA THR C 867 -37.44 1.72 25.91
C THR C 867 -37.31 1.93 27.41
N ASP C 868 -37.04 3.16 27.83
CA ASP C 868 -36.85 3.44 29.25
C ASP C 868 -38.06 3.07 30.09
N ASP C 869 -39.26 3.29 29.56
CA ASP C 869 -40.47 3.00 30.30
C ASP C 869 -40.62 1.51 30.56
N MET C 870 -40.21 0.70 29.58
CA MET C 870 -40.26 -0.74 29.70
C MET C 870 -39.31 -1.18 30.80
N ILE C 871 -38.16 -0.55 30.85
CA ILE C 871 -37.20 -0.84 31.90
C ILE C 871 -37.77 -0.43 33.24
N ALA C 872 -38.37 0.74 33.29
CA ALA C 872 -38.95 1.21 34.54
C ALA C 872 -39.93 0.17 35.08
N ALA C 873 -40.72 -0.40 34.19
CA ALA C 873 -41.67 -1.43 34.58
C ALA C 873 -40.97 -2.63 35.21
N TYR C 874 -39.81 -3.00 34.67
CA TYR C 874 -39.08 -4.15 35.23
C TYR C 874 -38.56 -3.85 36.60
N THR C 875 -37.99 -2.67 36.77
CA THR C 875 -37.42 -2.34 38.07
C THR C 875 -38.51 -2.23 39.11
N ALA C 876 -39.64 -1.67 38.72
CA ALA C 876 -40.75 -1.55 39.62
C ALA C 876 -41.25 -2.92 40.03
N ALA C 877 -41.34 -3.83 39.06
CA ALA C 877 -41.80 -5.17 39.34
C ALA C 877 -40.87 -5.87 40.31
N LEU C 878 -39.57 -5.69 40.13
CA LEU C 878 -38.61 -6.33 41.02
C LEU C 878 -38.73 -5.82 42.44
N VAL C 879 -38.85 -4.51 42.60
CA VAL C 879 -38.96 -3.95 43.93
C VAL C 879 -40.24 -4.37 44.59
N SER C 880 -41.35 -4.20 43.89
CA SER C 880 -42.63 -4.56 44.42
C SER C 880 -42.68 -6.04 44.74
N GLY C 881 -42.16 -6.84 43.81
CA GLY C 881 -42.15 -8.27 43.95
C GLY C 881 -41.41 -8.70 45.20
N THR C 882 -40.13 -8.33 45.31
CA THR C 882 -39.33 -8.77 46.45
C THR C 882 -39.91 -8.25 47.75
N ALA C 883 -40.53 -7.07 47.71
CA ALA C 883 -41.10 -6.49 48.90
C ALA C 883 -42.08 -7.44 49.60
N THR C 884 -42.79 -8.27 48.83
CA THR C 884 -43.77 -9.17 49.41
C THR C 884 -43.35 -10.64 49.31
N ALA C 885 -42.69 -11.00 48.21
CA ALA C 885 -42.30 -12.38 47.93
C ALA C 885 -41.10 -12.81 48.75
N GLY C 886 -40.28 -11.85 49.15
CA GLY C 886 -39.12 -12.13 49.96
C GLY C 886 -38.16 -13.12 49.32
N TRP C 887 -37.80 -14.12 50.10
CA TRP C 887 -36.80 -15.11 49.77
C TRP C 887 -37.10 -16.02 48.59
N THR C 888 -38.36 -16.22 48.25
CA THR C 888 -38.65 -17.18 47.17
C THR C 888 -38.96 -16.46 45.88
N PHE C 889 -38.77 -15.15 45.87
CA PHE C 889 -39.09 -14.35 44.71
C PHE C 889 -38.50 -14.94 43.42
N GLY C 890 -37.21 -15.26 43.45
CA GLY C 890 -36.57 -15.81 42.25
C GLY C 890 -36.53 -17.34 42.24
N ALA C 891 -36.53 -17.94 43.43
CA ALA C 891 -36.41 -19.39 43.57
C ALA C 891 -37.59 -20.14 42.95
N GLY C 892 -38.78 -19.57 43.06
CA GLY C 892 -39.98 -20.24 42.59
C GLY C 892 -41.21 -19.37 42.77
N ALA C 893 -42.29 -19.97 43.22
CA ALA C 893 -43.51 -19.20 43.46
C ALA C 893 -43.26 -18.12 44.48
N ALA C 894 -43.87 -16.97 44.26
CA ALA C 894 -43.77 -15.88 45.21
C ALA C 894 -44.70 -16.15 46.38
N LEU C 895 -44.14 -16.17 47.57
CA LEU C 895 -44.92 -16.48 48.75
C LEU C 895 -44.95 -15.32 49.69
N GLN C 896 -46.15 -14.87 50.05
CA GLN C 896 -46.27 -13.73 50.94
C GLN C 896 -45.58 -13.93 52.27
N ILE C 897 -44.73 -13.00 52.61
CA ILE C 897 -44.11 -12.93 53.91
C ILE C 897 -44.22 -11.50 54.43
N PRO C 898 -44.83 -11.27 55.61
CA PRO C 898 -44.99 -9.97 56.21
C PRO C 898 -43.65 -9.26 56.20
N PHE C 899 -43.63 -8.00 55.81
CA PHE C 899 -42.37 -7.29 55.68
C PHE C 899 -41.49 -7.47 56.92
N ALA C 900 -42.09 -7.32 58.09
CA ALA C 900 -41.34 -7.43 59.33
C ALA C 900 -40.68 -8.80 59.47
N MET C 901 -41.34 -9.84 58.97
CA MET C 901 -40.81 -11.19 59.08
C MET C 901 -39.64 -11.36 58.13
N GLN C 902 -39.67 -10.64 57.00
CA GLN C 902 -38.57 -10.72 56.06
C GLN C 902 -37.34 -10.09 56.68
N MET C 903 -37.55 -8.95 57.33
CA MET C 903 -36.45 -8.25 57.96
C MET C 903 -35.86 -9.09 59.06
N ALA C 904 -36.72 -9.69 59.87
CA ALA C 904 -36.27 -10.51 60.98
C ALA C 904 -35.43 -11.67 60.50
N TYR C 905 -35.86 -12.31 59.43
CA TYR C 905 -35.12 -13.44 58.91
C TYR C 905 -33.73 -12.99 58.49
N ARG C 906 -33.65 -11.88 57.76
CA ARG C 906 -32.36 -11.41 57.28
C ARG C 906 -31.45 -10.95 58.41
N PHE C 907 -32.01 -10.32 59.45
CA PHE C 907 -31.20 -9.97 60.60
C PHE C 907 -30.52 -11.21 61.17
N ASN C 908 -31.30 -12.28 61.31
CA ASN C 908 -30.77 -13.55 61.77
C ASN C 908 -29.72 -14.04 60.79
N GLY C 909 -29.95 -13.80 59.51
CA GLY C 909 -29.01 -14.17 58.46
C GLY C 909 -27.62 -13.63 58.78
N ILE C 910 -27.54 -12.34 59.04
CA ILE C 910 -26.27 -11.70 59.38
C ILE C 910 -25.70 -12.24 60.69
N GLY C 911 -26.55 -12.46 61.66
CA GLY C 911 -26.11 -13.00 62.93
C GLY C 911 -26.66 -12.24 64.12
N VAL C 912 -27.79 -11.59 63.92
CA VAL C 912 -28.43 -10.87 64.99
C VAL C 912 -29.76 -11.48 65.31
N THR C 913 -29.92 -11.92 66.56
CA THR C 913 -31.15 -12.55 66.99
C THR C 913 -32.33 -11.62 66.72
N GLN C 914 -33.40 -12.17 66.14
CA GLN C 914 -34.53 -11.34 65.68
C GLN C 914 -35.13 -10.50 66.79
N ASN C 915 -34.92 -10.92 68.02
CA ASN C 915 -35.45 -10.18 69.15
C ASN C 915 -35.01 -8.73 69.10
N VAL C 916 -33.77 -8.49 68.63
CA VAL C 916 -33.23 -7.15 68.59
C VAL C 916 -34.03 -6.27 67.66
N LEU C 917 -34.35 -6.80 66.49
CA LEU C 917 -35.10 -6.05 65.51
C LEU C 917 -36.44 -5.64 66.06
N TYR C 918 -37.15 -6.58 66.66
CA TYR C 918 -38.48 -6.29 67.14
C TYR C 918 -38.47 -5.24 68.23
N GLU C 919 -37.53 -5.34 69.16
CA GLU C 919 -37.46 -4.38 70.25
C GLU C 919 -37.27 -2.98 69.73
N ASN C 920 -36.49 -2.84 68.67
CA ASN C 920 -36.17 -1.56 68.12
C ASN C 920 -36.85 -1.30 66.78
N GLN C 921 -37.94 -2.01 66.49
CA GLN C 921 -38.57 -1.86 65.19
C GLN C 921 -38.82 -0.40 64.83
N LYS C 922 -39.29 0.37 65.79
CA LYS C 922 -39.60 1.77 65.54
C LYS C 922 -38.35 2.54 65.11
N GLN C 923 -37.28 2.37 65.87
CA GLN C 923 -36.03 3.05 65.59
C GLN C 923 -35.48 2.66 64.23
N ILE C 924 -35.64 1.39 63.86
CA ILE C 924 -35.11 0.93 62.60
C ILE C 924 -35.86 1.55 61.44
N ALA C 925 -37.18 1.55 61.53
CA ALA C 925 -37.98 2.12 60.47
C ALA C 925 -37.63 3.59 60.28
N ASN C 926 -37.41 4.30 61.39
CA ASN C 926 -37.11 5.70 61.32
C ASN C 926 -35.78 5.95 60.61
N GLN C 927 -34.75 5.20 60.96
CA GLN C 927 -33.46 5.39 60.33
C GLN C 927 -33.53 5.10 58.83
N PHE C 928 -34.27 4.06 58.47
CA PHE C 928 -34.43 3.72 57.06
C PHE C 928 -35.00 4.89 56.31
N ASN C 929 -36.10 5.43 56.83
CA ASN C 929 -36.80 6.51 56.16
C ASN C 929 -35.90 7.74 56.03
N LYS C 930 -35.11 8.02 57.07
CA LYS C 930 -34.20 9.16 57.04
C LYS C 930 -33.16 8.98 55.95
N ALA C 931 -32.61 7.78 55.84
CA ALA C 931 -31.58 7.50 54.85
C ALA C 931 -32.08 7.80 53.44
N ILE C 932 -33.32 7.45 53.16
CA ILE C 932 -33.87 7.69 51.83
C ILE C 932 -33.93 9.17 51.54
N SER C 933 -34.38 9.96 52.51
CA SER C 933 -34.45 11.39 52.34
C SER C 933 -33.07 11.98 52.07
N GLN C 934 -32.06 11.47 52.79
CA GLN C 934 -30.70 11.95 52.62
C GLN C 934 -30.19 11.68 51.22
N ILE C 935 -30.54 10.51 50.67
CA ILE C 935 -30.12 10.17 49.32
C ILE C 935 -30.69 11.16 48.32
N GLN C 936 -31.97 11.49 48.47
CA GLN C 936 -32.57 12.43 47.53
C GLN C 936 -31.84 13.76 47.53
N GLU C 937 -31.53 14.29 48.71
CA GLU C 937 -30.82 15.56 48.78
C GLU C 937 -29.44 15.45 48.16
N SER C 938 -28.78 14.33 48.43
CA SER C 938 -27.44 14.11 47.91
C SER C 938 -27.44 14.11 46.39
N LEU C 939 -28.36 13.36 45.79
CA LEU C 939 -28.43 13.28 44.35
C LEU C 939 -28.85 14.61 43.74
N THR C 940 -29.85 15.25 44.34
CA THR C 940 -30.40 16.48 43.81
C THR C 940 -29.37 17.57 43.71
N THR C 941 -28.56 17.71 44.73
CA THR C 941 -27.63 18.83 44.81
C THR C 941 -26.20 18.50 44.38
N THR C 942 -25.97 17.33 43.77
CA THR C 942 -24.60 17.00 43.37
C THR C 942 -24.38 17.10 41.88
N SER C 943 -23.14 16.84 41.49
CA SER C 943 -22.72 16.90 40.10
C SER C 943 -21.76 15.76 39.76
N THR C 944 -21.56 14.84 40.69
CA THR C 944 -20.63 13.73 40.46
C THR C 944 -21.36 12.39 40.34
N ALA C 945 -22.60 12.35 40.79
CA ALA C 945 -23.36 11.13 40.73
C ALA C 945 -23.38 9.84 39.93
N LEU C 946 -23.60 9.97 38.63
CA LEU C 946 -23.60 8.83 37.72
C LEU C 946 -22.53 9.30 36.75
N GLY C 947 -21.42 9.82 37.28
CA GLY C 947 -20.32 10.26 36.44
C GLY C 947 -19.86 9.15 35.51
N LYS C 948 -19.94 7.91 35.99
CA LYS C 948 -19.56 6.76 35.20
C LYS C 948 -20.41 6.62 33.94
N LEU C 949 -21.68 7.00 34.01
CA LEU C 949 -22.55 6.85 32.86
C LEU C 949 -22.26 7.96 31.87
N GLN C 950 -22.00 9.15 32.39
CA GLN C 950 -21.67 10.27 31.53
C GLN C 950 -20.38 9.99 30.78
N ASP C 951 -19.44 9.37 31.48
CA ASP C 951 -18.15 9.02 30.90
C ASP C 951 -18.32 8.14 29.67
N VAL C 952 -19.15 7.13 29.77
CA VAL C 952 -19.38 6.25 28.63
C VAL C 952 -19.93 7.04 27.47
N VAL C 953 -20.91 7.89 27.74
CA VAL C 953 -21.52 8.69 26.70
C VAL C 953 -20.50 9.61 26.04
N ASN C 954 -19.68 10.25 26.85
CA ASN C 954 -18.68 11.16 26.33
C ASN C 954 -17.71 10.43 25.41
N GLN C 955 -17.30 9.24 25.81
CA GLN C 955 -16.38 8.46 25.00
C GLN C 955 -17.00 8.11 23.66
N ASN C 956 -18.28 7.75 23.68
CA ASN C 956 -18.98 7.41 22.46
C ASN C 956 -18.99 8.60 21.51
N ALA C 957 -19.31 9.77 22.06
CA ALA C 957 -19.38 10.97 21.26
C ALA C 957 -18.04 11.29 20.63
N GLN C 958 -16.98 11.15 21.41
CA GLN C 958 -15.65 11.47 20.92
C GLN C 958 -15.26 10.58 19.76
N ALA C 959 -15.56 9.29 19.87
CA ALA C 959 -15.24 8.36 18.81
C ALA C 959 -15.94 8.76 17.52
N LEU C 960 -17.20 9.14 17.63
CA LEU C 960 -17.97 9.52 16.47
C LEU C 960 -17.48 10.83 15.88
N ASN C 961 -17.16 11.79 16.74
CA ASN C 961 -16.70 13.08 16.29
C ASN C 961 -15.39 12.96 15.55
N THR C 962 -14.52 12.08 16.03
CA THR C 962 -13.23 11.88 15.41
C THR C 962 -13.40 11.29 14.03
N LEU C 963 -14.24 10.27 13.92
CA LEU C 963 -14.47 9.62 12.65
C LEU C 963 -14.95 10.60 11.61
N VAL C 964 -15.93 11.42 11.97
CA VAL C 964 -16.47 12.37 11.03
C VAL C 964 -15.46 13.44 10.66
N LYS C 965 -14.79 14.00 11.65
CA LYS C 965 -13.85 15.08 11.38
C LYS C 965 -12.82 14.68 10.34
N GLN C 966 -12.32 13.45 10.41
CA GLN C 966 -11.30 12.97 9.50
C GLN C 966 -11.72 13.01 8.03
N LEU C 967 -13.02 13.12 7.78
CA LEU C 967 -13.50 13.22 6.39
C LEU C 967 -12.96 14.48 5.73
N SER C 968 -12.53 15.45 6.55
CA SER C 968 -12.01 16.72 6.07
C SER C 968 -10.51 16.63 5.77
N SER C 969 -9.90 15.48 6.04
CA SER C 969 -8.48 15.29 5.80
C SER C 969 -8.19 15.06 4.33
N ASN C 970 -7.12 15.69 3.84
CA ASN C 970 -6.74 15.55 2.44
C ASN C 970 -5.94 14.28 2.20
N PHE C 971 -5.13 13.90 3.18
CA PHE C 971 -4.26 12.73 3.02
C PHE C 971 -3.30 12.89 1.86
N GLY C 972 -3.02 14.14 1.48
CA GLY C 972 -2.12 14.41 0.37
C GLY C 972 -2.86 14.58 -0.94
N ALA C 973 -4.16 14.35 -0.93
CA ALA C 973 -4.99 14.53 -2.10
C ALA C 973 -5.17 16.01 -2.36
N ILE C 974 -5.58 16.35 -3.58
CA ILE C 974 -5.84 17.73 -3.92
C ILE C 974 -6.89 18.35 -2.99
N SER C 975 -7.92 17.57 -2.68
CA SER C 975 -8.99 18.04 -1.81
C SER C 975 -9.66 16.91 -1.07
N SER C 976 -10.10 17.19 0.15
CA SER C 976 -10.85 16.24 0.95
C SER C 976 -12.24 15.99 0.37
N VAL C 977 -12.67 16.89 -0.50
CA VAL C 977 -13.98 16.76 -1.10
C VAL C 977 -13.88 15.99 -2.41
N LEU C 978 -14.54 14.85 -2.45
CA LEU C 978 -14.48 13.97 -3.60
C LEU C 978 -14.93 14.66 -4.87
N ASN C 979 -15.98 15.46 -4.74
CA ASN C 979 -16.54 16.14 -5.89
C ASN C 979 -15.56 17.14 -6.49
N ASP C 980 -14.67 17.70 -5.68
CA ASP C 980 -13.75 18.72 -6.15
C ASP C 980 -12.55 18.10 -6.86
N ILE C 981 -12.52 16.78 -6.89
CA ILE C 981 -11.52 16.06 -7.63
C ILE C 981 -12.17 15.53 -8.88
N LEU C 982 -13.22 14.74 -8.68
CA LEU C 982 -13.89 14.07 -9.77
C LEU C 982 -14.46 15.03 -10.79
N SER C 983 -15.06 16.12 -10.33
CA SER C 983 -15.73 17.05 -11.22
C SER C 983 -14.79 17.69 -12.23
N ARG C 984 -13.72 18.33 -11.75
CA ARG C 984 -12.85 19.13 -12.61
C ARG C 984 -11.62 18.40 -13.18
N LEU C 985 -11.14 17.37 -12.49
CA LEU C 985 -9.90 16.73 -12.91
C LEU C 985 -10.15 15.70 -14.01
N ASP C 986 -9.17 15.56 -14.90
CA ASP C 986 -9.23 14.62 -16.01
C ASP C 986 -9.46 13.19 -15.47
N PRO C 987 -10.52 12.46 -15.93
CA PRO C 987 -10.95 11.17 -15.45
C PRO C 987 -9.84 10.10 -15.24
N PRO C 988 -8.81 10.00 -16.12
CA PRO C 988 -7.68 9.10 -15.94
C PRO C 988 -6.95 9.44 -14.65
N GLU C 989 -6.26 10.58 -14.64
CA GLU C 989 -5.55 11.05 -13.46
C GLU C 989 -6.42 11.02 -12.23
N ALA C 990 -7.69 11.35 -12.39
CA ALA C 990 -8.61 11.42 -11.26
C ALA C 990 -8.63 10.13 -10.48
N GLU C 991 -8.46 9.00 -11.15
CA GLU C 991 -8.49 7.74 -10.44
C GLU C 991 -7.37 7.68 -9.41
N VAL C 992 -6.23 8.32 -9.71
CA VAL C 992 -5.12 8.30 -8.79
C VAL C 992 -5.48 9.08 -7.55
N GLN C 993 -6.03 10.27 -7.75
CA GLN C 993 -6.42 11.12 -6.64
C GLN C 993 -7.52 10.50 -5.81
N ILE C 994 -8.46 9.85 -6.48
CA ILE C 994 -9.58 9.23 -5.79
C ILE C 994 -9.11 8.02 -5.02
N ASP C 995 -8.32 7.18 -5.67
CA ASP C 995 -7.80 5.98 -5.02
C ASP C 995 -7.06 6.35 -3.75
N ARG C 996 -6.24 7.38 -3.81
CA ARG C 996 -5.51 7.82 -2.64
C ARG C 996 -6.46 8.24 -1.52
N LEU C 997 -7.47 9.04 -1.88
CA LEU C 997 -8.43 9.50 -0.88
C LEU C 997 -9.21 8.34 -0.28
N ILE C 998 -9.57 7.35 -1.11
CA ILE C 998 -10.28 6.19 -0.61
C ILE C 998 -9.47 5.46 0.43
N THR C 999 -8.20 5.20 0.12
CA THR C 999 -7.35 4.49 1.06
C THR C 999 -7.29 5.22 2.38
N GLY C 1000 -7.09 6.53 2.30
CA GLY C 1000 -7.02 7.36 3.49
C GLY C 1000 -8.24 7.15 4.37
N ARG C 1001 -9.41 7.31 3.80
CA ARG C 1001 -10.64 7.17 4.55
C ARG C 1001 -10.89 5.75 5.08
N LEU C 1002 -10.56 4.75 4.29
CA LEU C 1002 -10.78 3.37 4.75
C LEU C 1002 -10.03 3.10 6.02
N GLN C 1003 -8.86 3.70 6.15
CA GLN C 1003 -8.05 3.50 7.34
C GLN C 1003 -8.77 3.99 8.59
N SER C 1004 -9.57 5.05 8.48
CA SER C 1004 -10.24 5.59 9.66
C SER C 1004 -11.38 4.70 10.07
N LEU C 1005 -12.00 4.03 9.11
CA LEU C 1005 -13.10 3.13 9.41
C LEU C 1005 -12.59 1.90 10.13
N GLN C 1006 -11.45 1.39 9.67
CA GLN C 1006 -10.88 0.22 10.31
C GLN C 1006 -10.48 0.54 11.74
N THR C 1007 -9.95 1.74 11.94
CA THR C 1007 -9.55 2.15 13.27
C THR C 1007 -10.76 2.26 14.17
N TYR C 1008 -11.79 2.94 13.67
CA TYR C 1008 -13.00 3.17 14.43
C TYR C 1008 -13.63 1.88 14.91
N VAL C 1009 -13.85 0.95 13.99
CA VAL C 1009 -14.53 -0.27 14.36
C VAL C 1009 -13.71 -1.09 15.33
N THR C 1010 -12.39 -1.06 15.19
CA THR C 1010 -11.55 -1.81 16.09
C THR C 1010 -11.74 -1.32 17.51
N GLN C 1011 -11.72 -0.01 17.68
CA GLN C 1011 -11.88 0.55 19.00
C GLN C 1011 -13.26 0.24 19.58
N GLN C 1012 -14.28 0.26 18.74
CA GLN C 1012 -15.63 -0.04 19.22
C GLN C 1012 -15.73 -1.44 19.76
N LEU C 1013 -15.08 -2.40 19.11
CA LEU C 1013 -15.11 -3.77 19.61
C LEU C 1013 -14.46 -3.85 20.98
N ILE C 1014 -13.37 -3.14 21.16
CA ILE C 1014 -12.68 -3.12 22.44
C ILE C 1014 -13.58 -2.51 23.52
N ARG C 1015 -14.20 -1.38 23.19
CA ARG C 1015 -15.09 -0.73 24.15
C ARG C 1015 -16.24 -1.65 24.51
N ALA C 1016 -16.79 -2.35 23.54
CA ALA C 1016 -17.88 -3.26 23.76
C ALA C 1016 -17.52 -4.34 24.76
N ALA C 1017 -16.28 -4.82 24.65
CA ALA C 1017 -15.82 -5.87 25.56
C ALA C 1017 -15.85 -5.39 26.99
N GLU C 1018 -15.50 -4.13 27.20
CA GLU C 1018 -15.49 -3.56 28.54
C GLU C 1018 -16.91 -3.48 29.08
N ILE C 1019 -17.84 -3.10 28.21
CA ILE C 1019 -19.23 -3.02 28.60
C ILE C 1019 -19.75 -4.39 28.99
N ARG C 1020 -19.40 -5.42 28.23
CA ARG C 1020 -19.80 -6.76 28.62
C ARG C 1020 -19.38 -7.08 30.03
N ALA C 1021 -18.15 -6.78 30.38
CA ALA C 1021 -17.70 -7.06 31.73
C ALA C 1021 -18.60 -6.37 32.75
N SER C 1022 -18.93 -5.12 32.48
CA SER C 1022 -19.81 -4.37 33.38
C SER C 1022 -21.19 -4.99 33.46
N ALA C 1023 -21.76 -5.33 32.31
CA ALA C 1023 -23.08 -5.91 32.26
C ALA C 1023 -23.13 -7.23 33.01
N ASN C 1024 -22.08 -8.03 32.87
CA ASN C 1024 -22.02 -9.32 33.53
C ASN C 1024 -22.05 -9.14 35.02
N LEU C 1025 -21.28 -8.17 35.51
CA LEU C 1025 -21.24 -7.88 36.92
C LEU C 1025 -22.61 -7.41 37.40
N ALA C 1026 -23.22 -6.50 36.64
CA ALA C 1026 -24.50 -5.97 37.04
C ALA C 1026 -25.52 -7.08 37.17
N ALA C 1027 -25.50 -8.02 36.23
CA ALA C 1027 -26.43 -9.13 36.28
C ALA C 1027 -26.21 -9.96 37.53
N THR C 1028 -24.95 -10.19 37.87
CA THR C 1028 -24.62 -10.97 39.05
C THR C 1028 -25.13 -10.28 40.30
N LYS C 1029 -24.87 -8.98 40.39
CA LYS C 1029 -25.31 -8.21 41.54
C LYS C 1029 -26.82 -8.21 41.66
N MET C 1030 -27.51 -8.10 40.54
CA MET C 1030 -28.96 -8.12 40.62
C MET C 1030 -29.41 -9.39 41.33
N SER C 1031 -28.90 -10.53 40.89
CA SER C 1031 -29.30 -11.79 41.46
C SER C 1031 -28.92 -11.92 42.93
N GLU C 1032 -27.70 -11.55 43.27
CA GLU C 1032 -27.20 -11.82 44.61
C GLU C 1032 -27.46 -10.70 45.63
N CYS C 1033 -27.71 -9.49 45.17
CA CYS C 1033 -27.94 -8.38 46.10
C CYS C 1033 -29.42 -8.07 46.24
N VAL C 1034 -30.21 -8.30 45.18
CA VAL C 1034 -31.62 -7.93 45.19
C VAL C 1034 -32.52 -9.13 45.39
N LEU C 1035 -32.29 -10.18 44.61
CA LEU C 1035 -33.17 -11.33 44.64
C LEU C 1035 -32.80 -12.30 45.76
N GLY C 1036 -31.80 -11.93 46.54
CA GLY C 1036 -31.35 -12.74 47.67
C GLY C 1036 -30.44 -11.94 48.58
N GLN C 1037 -29.84 -12.61 49.57
CA GLN C 1037 -28.97 -11.93 50.50
C GLN C 1037 -27.55 -12.44 50.41
N SER C 1038 -26.67 -11.62 49.90
CA SER C 1038 -25.27 -11.99 49.73
C SER C 1038 -24.53 -11.96 51.05
N LYS C 1039 -23.63 -12.91 51.25
CA LYS C 1039 -22.80 -12.92 52.45
C LYS C 1039 -21.37 -12.47 52.17
N ARG C 1040 -20.92 -12.64 50.92
CA ARG C 1040 -19.56 -12.24 50.56
C ARG C 1040 -19.37 -10.74 50.82
N VAL C 1041 -18.35 -10.43 51.58
CA VAL C 1041 -18.10 -9.07 52.05
C VAL C 1041 -17.84 -8.07 50.92
N ASP C 1042 -18.43 -6.88 51.07
CA ASP C 1042 -18.20 -5.76 50.16
C ASP C 1042 -18.78 -5.97 48.77
N PHE C 1043 -19.51 -7.05 48.55
CA PHE C 1043 -20.09 -7.25 47.24
C PHE C 1043 -21.32 -6.40 47.03
N CYS C 1044 -22.15 -6.31 48.06
CA CYS C 1044 -23.41 -5.58 47.99
C CYS C 1044 -23.38 -4.38 48.93
N GLY C 1045 -22.18 -3.89 49.22
CA GLY C 1045 -22.03 -2.77 50.13
C GLY C 1045 -21.01 -3.07 51.22
N LYS C 1046 -20.43 -2.00 51.77
CA LYS C 1046 -19.40 -2.11 52.80
C LYS C 1046 -19.85 -2.83 54.06
N GLY C 1047 -21.08 -2.57 54.49
CA GLY C 1047 -21.55 -3.11 55.75
C GLY C 1047 -22.17 -4.50 55.59
N TYR C 1048 -22.97 -4.89 56.55
CA TYR C 1048 -23.58 -6.21 56.52
C TYR C 1048 -24.88 -6.17 55.74
N HIS C 1049 -24.90 -6.82 54.60
CA HIS C 1049 -26.00 -6.68 53.66
C HIS C 1049 -27.35 -7.13 54.20
N LEU C 1050 -28.35 -6.24 54.12
CA LEU C 1050 -29.70 -6.58 54.53
C LEU C 1050 -30.67 -6.55 53.36
N MET C 1051 -30.51 -5.57 52.48
CA MET C 1051 -31.51 -5.34 51.44
C MET C 1051 -30.94 -4.52 50.30
N SER C 1052 -31.52 -4.64 49.11
CA SER C 1052 -31.19 -3.69 48.06
C SER C 1052 -32.33 -3.52 47.09
N PHE C 1053 -32.32 -2.39 46.40
CA PHE C 1053 -33.32 -2.12 45.39
C PHE C 1053 -32.64 -1.55 44.13
N PRO C 1054 -32.97 -2.05 42.95
CA PRO C 1054 -32.55 -1.54 41.67
C PRO C 1054 -33.33 -0.31 41.29
N GLN C 1055 -32.73 0.57 40.50
CA GLN C 1055 -33.42 1.71 39.93
C GLN C 1055 -33.06 1.85 38.45
N ALA C 1056 -34.03 2.31 37.65
CA ALA C 1056 -33.80 2.58 36.23
C ALA C 1056 -32.83 3.74 36.07
N ALA C 1057 -31.99 3.67 35.04
CA ALA C 1057 -31.02 4.73 34.80
C ALA C 1057 -30.67 4.79 33.30
N PRO C 1058 -30.29 5.96 32.80
CA PRO C 1058 -29.93 6.24 31.42
C PRO C 1058 -28.72 5.45 30.96
N HIS C 1059 -28.97 4.23 30.48
CA HIS C 1059 -27.95 3.31 29.98
C HIS C 1059 -27.16 2.66 31.09
N GLY C 1060 -27.81 2.41 32.21
CA GLY C 1060 -27.15 1.76 33.32
C GLY C 1060 -28.11 1.33 34.40
N VAL C 1061 -27.57 0.90 35.51
CA VAL C 1061 -28.35 0.45 36.64
C VAL C 1061 -27.87 1.09 37.90
N VAL C 1062 -28.79 1.60 38.68
CA VAL C 1062 -28.42 2.17 39.96
C VAL C 1062 -28.99 1.35 41.10
N PHE C 1063 -28.12 0.98 42.03
CA PHE C 1063 -28.54 0.19 43.15
C PHE C 1063 -28.53 0.97 44.44
N LEU C 1064 -29.52 0.69 45.27
CA LEU C 1064 -29.55 1.16 46.64
C LEU C 1064 -29.20 0.02 47.55
N HIS C 1065 -28.07 0.13 48.24
CA HIS C 1065 -27.62 -0.94 49.12
C HIS C 1065 -27.87 -0.61 50.57
N VAL C 1066 -28.69 -1.42 51.23
CA VAL C 1066 -29.04 -1.19 52.61
C VAL C 1066 -28.23 -2.12 53.50
N THR C 1067 -27.43 -1.54 54.39
CA THR C 1067 -26.56 -2.35 55.21
C THR C 1067 -26.66 -2.06 56.70
N TYR C 1068 -26.35 -3.09 57.49
CA TYR C 1068 -26.24 -2.99 58.93
C TYR C 1068 -24.84 -2.60 59.32
N VAL C 1069 -24.72 -1.58 60.15
CA VAL C 1069 -23.43 -1.13 60.61
C VAL C 1069 -23.40 -1.01 62.13
N PRO C 1070 -22.46 -1.68 62.82
CA PRO C 1070 -22.30 -1.65 64.26
C PRO C 1070 -21.86 -0.26 64.68
N SER C 1071 -22.25 0.14 65.88
CA SER C 1071 -21.90 1.46 66.40
C SER C 1071 -21.11 1.37 67.68
N GLN C 1072 -21.10 2.48 68.43
CA GLN C 1072 -20.30 2.63 69.63
C GLN C 1072 -20.19 1.34 70.43
N GLU C 1073 -18.96 1.02 70.82
CA GLU C 1073 -18.68 -0.20 71.56
C GLU C 1073 -18.38 0.04 73.02
N ARG C 1074 -18.15 -1.06 73.73
CA ARG C 1074 -17.78 -1.03 75.13
C ARG C 1074 -16.68 -2.03 75.42
N ASN C 1075 -15.82 -1.69 76.37
CA ASN C 1075 -14.71 -2.53 76.78
C ASN C 1075 -15.17 -3.62 77.75
N PHE C 1076 -14.96 -4.86 77.37
CA PHE C 1076 -15.29 -5.97 78.25
C PHE C 1076 -14.07 -6.82 78.50
N THR C 1077 -14.03 -7.46 79.66
CA THR C 1077 -12.98 -8.44 79.94
C THR C 1077 -13.48 -9.80 79.49
N THR C 1078 -12.59 -10.63 78.97
CA THR C 1078 -13.01 -11.94 78.47
C THR C 1078 -12.22 -13.10 79.02
N ALA C 1079 -12.59 -14.29 78.56
CA ALA C 1079 -11.94 -15.53 78.95
C ALA C 1079 -12.25 -16.64 77.93
N PRO C 1080 -11.23 -17.29 77.35
CA PRO C 1080 -11.33 -18.37 76.39
C PRO C 1080 -12.29 -19.46 76.85
N ALA C 1081 -12.27 -19.78 78.13
CA ALA C 1081 -13.12 -20.83 78.68
C ALA C 1081 -13.21 -20.70 80.19
N ILE C 1082 -14.19 -21.38 80.78
CA ILE C 1082 -14.33 -21.33 82.23
C ILE C 1082 -14.29 -22.71 82.85
N CYS C 1083 -13.87 -22.77 84.11
CA CYS C 1083 -13.80 -24.03 84.85
C CYS C 1083 -14.90 -24.12 85.89
N HIS C 1084 -15.59 -25.25 85.90
CA HIS C 1084 -16.62 -25.50 86.89
C HIS C 1084 -16.69 -26.98 87.21
N GLU C 1085 -16.60 -27.29 88.50
CA GLU C 1085 -16.62 -28.68 88.97
C GLU C 1085 -15.58 -29.55 88.27
N GLY C 1086 -14.40 -28.99 88.03
CA GLY C 1086 -13.29 -29.74 87.45
C GLY C 1086 -13.34 -29.88 85.93
N LYS C 1087 -14.37 -29.33 85.30
CA LYS C 1087 -14.50 -29.46 83.85
C LYS C 1087 -14.41 -28.10 83.17
N ALA C 1088 -13.88 -28.10 81.95
CA ALA C 1088 -13.81 -26.88 81.17
C ALA C 1088 -15.05 -26.71 80.31
N TYR C 1089 -15.61 -25.51 80.33
CA TYR C 1089 -16.77 -25.19 79.53
C TYR C 1089 -16.44 -24.20 78.45
N PHE C 1090 -17.05 -24.41 77.31
CA PHE C 1090 -16.93 -23.52 76.17
C PHE C 1090 -18.31 -23.02 75.78
N PRO C 1091 -18.42 -21.80 75.27
CA PRO C 1091 -19.64 -21.17 74.83
C PRO C 1091 -20.11 -21.81 73.55
N ARG C 1092 -21.42 -21.77 73.30
CA ARG C 1092 -21.94 -22.29 72.04
C ARG C 1092 -21.86 -21.28 70.90
N GLU C 1093 -22.62 -20.20 71.00
CA GLU C 1093 -22.67 -19.22 69.92
C GLU C 1093 -21.97 -17.92 70.27
N GLY C 1094 -21.96 -17.57 71.54
CA GLY C 1094 -21.47 -16.27 71.98
C GLY C 1094 -20.06 -16.35 72.51
N VAL C 1095 -19.68 -15.29 73.21
CA VAL C 1095 -18.36 -15.17 73.80
C VAL C 1095 -18.50 -14.83 75.27
N PHE C 1096 -17.67 -15.42 76.12
CA PHE C 1096 -17.73 -15.13 77.54
C PHE C 1096 -17.16 -13.74 77.81
N VAL C 1097 -17.93 -12.93 78.52
CA VAL C 1097 -17.54 -11.56 78.83
C VAL C 1097 -17.70 -11.26 80.30
N PHE C 1098 -17.01 -10.22 80.76
CA PHE C 1098 -17.11 -9.81 82.15
C PHE C 1098 -17.32 -8.32 82.30
N ASN C 1099 -18.31 -7.98 83.09
CA ASN C 1099 -18.63 -6.61 83.43
C ASN C 1099 -18.46 -6.40 84.93
N GLY C 1100 -18.93 -5.28 85.45
CA GLY C 1100 -18.80 -5.06 86.88
C GLY C 1100 -19.25 -6.30 87.65
N THR C 1101 -18.27 -6.94 88.27
CA THR C 1101 -18.44 -8.14 89.09
C THR C 1101 -19.43 -9.19 88.56
N SER C 1102 -19.50 -9.41 87.24
CA SER C 1102 -20.31 -10.55 86.76
C SER C 1102 -19.96 -11.04 85.36
N TRP C 1103 -19.96 -12.37 85.20
CA TRP C 1103 -19.70 -12.99 83.91
C TRP C 1103 -20.98 -13.30 83.16
N PHE C 1104 -20.93 -13.12 81.84
CA PHE C 1104 -22.08 -13.41 80.96
C PHE C 1104 -21.63 -13.99 79.64
N ILE C 1105 -22.60 -14.37 78.82
CA ILE C 1105 -22.32 -14.83 77.47
C ILE C 1105 -23.16 -14.04 76.47
N THR C 1106 -22.54 -13.59 75.39
CA THR C 1106 -23.30 -12.81 74.43
C THR C 1106 -22.71 -12.91 73.03
N GLN C 1107 -23.54 -12.62 72.02
CA GLN C 1107 -23.08 -12.62 70.65
C GLN C 1107 -22.16 -11.44 70.36
N ARG C 1108 -21.12 -11.67 69.59
CA ARG C 1108 -20.15 -10.64 69.26
C ARG C 1108 -20.70 -9.55 68.34
N ASN C 1109 -21.84 -9.82 67.73
CA ASN C 1109 -22.45 -8.87 66.81
C ASN C 1109 -23.16 -7.74 67.52
N PHE C 1110 -23.61 -7.99 68.75
CA PHE C 1110 -24.40 -7.01 69.48
C PHE C 1110 -24.50 -7.37 70.95
N PHE C 1111 -23.96 -6.53 71.81
CA PHE C 1111 -23.92 -6.85 73.23
C PHE C 1111 -25.28 -7.05 73.85
N SER C 1112 -25.48 -8.23 74.42
CA SER C 1112 -26.66 -8.58 75.16
C SER C 1112 -26.31 -9.72 76.10
N PRO C 1113 -26.02 -9.42 77.38
CA PRO C 1113 -25.44 -10.30 78.38
C PRO C 1113 -26.39 -11.34 78.92
N GLN C 1114 -26.25 -12.58 78.47
CA GLN C 1114 -27.11 -13.64 78.94
C GLN C 1114 -26.44 -14.37 80.09
N ILE C 1115 -27.24 -15.01 80.92
CA ILE C 1115 -26.70 -15.79 82.02
C ILE C 1115 -25.99 -17.02 81.49
N ILE C 1116 -24.84 -17.34 82.08
CA ILE C 1116 -24.13 -18.53 81.65
C ILE C 1116 -24.77 -19.75 82.28
N THR C 1117 -25.44 -20.52 81.46
CA THR C 1117 -26.20 -21.67 81.89
C THR C 1117 -25.75 -22.89 81.14
N THR C 1118 -26.14 -24.05 81.63
CA THR C 1118 -25.73 -25.32 81.04
C THR C 1118 -26.14 -25.48 79.59
N ASP C 1119 -27.26 -24.91 79.20
CA ASP C 1119 -27.76 -25.10 77.84
C ASP C 1119 -27.34 -24.02 76.85
N ASN C 1120 -26.44 -23.12 77.26
CA ASN C 1120 -25.92 -22.11 76.34
C ASN C 1120 -24.44 -22.32 76.09
N THR C 1121 -23.91 -23.35 76.73
CA THR C 1121 -22.50 -23.71 76.69
C THR C 1121 -22.37 -25.20 76.40
N PHE C 1122 -21.15 -25.70 76.40
CA PHE C 1122 -20.93 -27.13 76.35
C PHE C 1122 -19.69 -27.48 77.15
N VAL C 1123 -19.57 -28.74 77.53
CA VAL C 1123 -18.45 -29.13 78.36
C VAL C 1123 -17.57 -30.14 77.66
N SER C 1124 -16.26 -29.93 77.75
CA SER C 1124 -15.32 -30.85 77.16
C SER C 1124 -13.91 -30.61 77.68
N GLY C 1125 -13.27 -31.66 78.17
CA GLY C 1125 -11.90 -31.56 78.65
C GLY C 1125 -11.84 -31.05 80.08
N ASN C 1126 -10.65 -31.15 80.68
CA ASN C 1126 -10.45 -30.70 82.04
C ASN C 1126 -10.06 -29.23 82.07
N CYS C 1127 -9.79 -28.72 83.26
CA CYS C 1127 -9.51 -27.29 83.42
C CYS C 1127 -8.03 -26.95 83.27
N ASP C 1128 -7.21 -27.93 82.92
CA ASP C 1128 -5.77 -27.73 82.83
C ASP C 1128 -5.25 -27.55 81.40
N VAL C 1129 -5.88 -28.22 80.45
CA VAL C 1129 -5.37 -28.26 79.08
C VAL C 1129 -5.24 -26.91 78.39
N VAL C 1130 -6.28 -26.08 78.50
CA VAL C 1130 -6.29 -24.81 77.80
C VAL C 1130 -5.82 -23.65 78.65
N ILE C 1131 -4.94 -22.84 78.09
CA ILE C 1131 -4.42 -21.68 78.79
C ILE C 1131 -5.45 -20.55 78.76
N GLY C 1132 -5.74 -19.99 79.93
CA GLY C 1132 -6.70 -18.89 80.02
C GLY C 1132 -8.04 -19.30 80.65
N ILE C 1133 -8.08 -20.49 81.23
CA ILE C 1133 -9.30 -20.94 81.90
C ILE C 1133 -9.42 -20.29 83.27
N ILE C 1134 -10.59 -19.77 83.58
CA ILE C 1134 -10.81 -19.13 84.87
C ILE C 1134 -11.86 -19.86 85.69
N ASN C 1135 -11.82 -19.67 87.01
CA ASN C 1135 -12.78 -20.30 87.90
C ASN C 1135 -14.10 -19.57 87.90
N ASN C 1136 -15.17 -20.27 87.56
CA ASN C 1136 -16.48 -19.67 87.38
C ASN C 1136 -17.56 -20.70 87.70
N THR C 1137 -18.82 -20.31 87.57
CA THR C 1137 -19.90 -21.25 87.80
C THR C 1137 -20.83 -21.36 86.60
N VAL C 1138 -21.53 -22.48 86.53
CA VAL C 1138 -22.53 -22.71 85.48
C VAL C 1138 -23.86 -23.03 86.12
N TYR C 1139 -24.90 -22.34 85.69
CA TYR C 1139 -26.22 -22.56 86.28
C TYR C 1139 -26.99 -23.72 85.64
N ASP C 1140 -27.52 -24.59 86.49
CA ASP C 1140 -28.34 -25.72 86.07
C ASP C 1140 -29.81 -25.50 86.46
N PRO C 1141 -30.70 -25.16 85.51
CA PRO C 1141 -32.10 -24.84 85.69
C PRO C 1141 -32.90 -25.92 86.39
N LEU C 1142 -32.42 -27.15 86.32
CA LEU C 1142 -33.09 -28.28 86.94
C LEU C 1142 -33.05 -28.27 88.47
N GLN C 1143 -31.91 -27.91 89.04
CA GLN C 1143 -31.71 -28.15 90.46
C GLN C 1143 -32.72 -27.46 91.40
N PRO C 1144 -33.19 -26.22 91.10
CA PRO C 1144 -34.20 -25.50 91.85
C PRO C 1144 -35.53 -26.25 91.91
N GLU C 1145 -35.74 -27.19 90.99
CA GLU C 1145 -36.98 -27.95 90.95
C GLU C 1145 -36.88 -29.16 91.86
N LEU C 1146 -35.66 -29.66 92.03
CA LEU C 1146 -35.41 -30.84 92.86
C LEU C 1146 -35.40 -30.47 94.33
N ALA D 2 20.01 44.08 -53.16
CA ALA D 2 21.21 43.53 -53.76
C ALA D 2 21.05 43.41 -55.27
N GLN D 3 21.73 44.28 -56.00
CA GLN D 3 21.62 44.32 -57.45
C GLN D 3 22.89 43.88 -58.15
N LEU D 4 22.73 43.04 -59.16
CA LEU D 4 23.84 42.57 -59.98
C LEU D 4 23.63 42.96 -61.44
N VAL D 5 24.65 43.52 -62.07
CA VAL D 5 24.54 43.94 -63.46
C VAL D 5 25.62 43.34 -64.35
N GLU D 6 25.21 42.39 -65.21
CA GLU D 6 26.13 41.70 -66.11
C GLU D 6 26.43 42.52 -67.36
N SER D 7 27.61 42.29 -67.91
CA SER D 7 28.03 42.87 -69.18
C SER D 7 29.12 42.03 -69.82
N GLY D 8 29.42 42.30 -71.10
CA GLY D 8 30.51 41.62 -71.80
C GLY D 8 30.00 40.57 -72.79
N GLY D 9 28.69 40.34 -72.82
CA GLY D 9 28.12 39.36 -73.73
C GLY D 9 28.41 39.76 -75.17
N ALA D 10 28.66 38.77 -76.02
CA ALA D 10 28.97 39.00 -77.42
C ALA D 10 28.94 37.70 -78.20
N LEU D 11 29.00 37.81 -79.53
CA LEU D 11 29.15 36.64 -80.39
C LEU D 11 30.62 36.39 -80.71
N VAL D 12 31.12 35.25 -80.27
CA VAL D 12 32.50 34.87 -80.46
C VAL D 12 32.63 33.51 -81.11
N GLN D 13 33.43 33.44 -82.18
CA GLN D 13 33.64 32.20 -82.90
C GLN D 13 34.23 31.12 -81.96
N PRO D 14 33.82 29.85 -82.12
CA PRO D 14 34.32 28.73 -81.37
C PRO D 14 35.85 28.69 -81.43
N GLY D 15 36.45 28.41 -80.27
CA GLY D 15 37.90 28.35 -80.15
C GLY D 15 38.45 29.63 -79.54
N ARG D 16 37.70 30.71 -79.64
CA ARG D 16 38.15 32.01 -79.15
C ARG D 16 37.65 32.23 -77.72
N SER D 17 38.11 33.31 -77.09
CA SER D 17 37.74 33.57 -75.70
C SER D 17 36.83 34.78 -75.55
N LEU D 18 36.11 34.81 -74.43
CA LEU D 18 35.27 35.94 -74.05
C LEU D 18 35.34 36.16 -72.55
N ARG D 19 35.40 37.42 -72.13
CA ARG D 19 35.45 37.72 -70.71
C ARG D 19 34.24 38.52 -70.29
N LEU D 20 33.52 38.00 -69.30
CA LEU D 20 32.35 38.68 -68.75
C LEU D 20 32.68 39.45 -67.50
N SER D 21 31.81 40.39 -67.17
CA SER D 21 31.91 41.14 -65.93
C SER D 21 30.54 41.31 -65.31
N CYS D 22 30.52 41.58 -64.01
CA CYS D 22 29.27 41.85 -63.30
C CYS D 22 29.47 42.84 -62.17
N ALA D 23 28.82 43.99 -62.29
CA ALA D 23 28.95 45.03 -61.28
C ALA D 23 27.95 44.81 -60.15
N ALA D 24 28.40 44.98 -58.93
CA ALA D 24 27.53 44.82 -57.77
C ALA D 24 27.21 46.15 -57.12
N SER D 25 25.98 46.27 -56.64
CA SER D 25 25.57 47.43 -55.87
C SER D 25 24.44 47.07 -54.92
N GLY D 26 24.24 47.90 -53.89
CA GLY D 26 23.17 47.68 -52.92
C GLY D 26 23.64 46.85 -51.73
N PHE D 27 24.87 46.33 -51.82
CA PHE D 27 25.44 45.52 -50.76
C PHE D 27 26.96 45.58 -50.82
N THR D 28 27.63 45.06 -49.80
CA THR D 28 29.08 45.04 -49.81
C THR D 28 29.60 43.82 -50.54
N PHE D 29 30.17 44.04 -51.72
CA PHE D 29 30.64 42.97 -52.59
C PHE D 29 31.60 42.05 -51.85
N ARG D 30 32.55 42.66 -51.15
CA ARG D 30 33.59 41.96 -50.41
C ARG D 30 33.06 40.92 -49.40
N ASN D 31 31.85 41.12 -48.91
CA ASN D 31 31.32 40.26 -47.85
C ASN D 31 30.58 39.03 -48.36
N TYR D 32 30.53 38.85 -49.68
CA TYR D 32 29.80 37.71 -50.22
C TYR D 32 30.58 36.93 -51.26
N ALA D 33 30.30 35.63 -51.34
CA ALA D 33 30.82 34.79 -52.41
C ALA D 33 30.07 35.09 -53.70
N MET D 34 30.73 34.88 -54.83
CA MET D 34 30.13 35.20 -56.11
C MET D 34 30.09 33.98 -57.03
N HIS D 35 28.99 33.83 -57.76
CA HIS D 35 28.80 32.68 -58.64
C HIS D 35 28.46 33.08 -60.06
N TRP D 36 28.79 32.20 -61.00
CA TRP D 36 28.24 32.32 -62.35
C TRP D 36 27.36 31.12 -62.65
N VAL D 37 26.20 31.41 -63.22
CA VAL D 37 25.21 30.42 -63.65
C VAL D 37 24.79 30.76 -65.07
N ARG D 38 24.67 29.77 -65.95
CA ARG D 38 24.24 30.10 -67.29
C ARG D 38 22.94 29.43 -67.65
N GLN D 39 22.18 30.07 -68.53
CA GLN D 39 20.90 29.53 -68.95
C GLN D 39 20.81 29.25 -70.43
N ALA D 40 20.35 28.05 -70.75
CA ALA D 40 20.13 27.65 -72.11
C ALA D 40 19.10 26.53 -72.14
N PRO D 41 18.29 26.42 -73.20
CA PRO D 41 17.36 25.33 -73.43
C PRO D 41 18.03 23.98 -73.24
N ALA D 42 19.31 23.92 -73.62
CA ALA D 42 20.14 22.72 -73.48
C ALA D 42 20.28 22.24 -72.04
N THR D 43 20.41 23.16 -71.10
CA THR D 43 20.73 22.80 -69.72
C THR D 43 19.75 23.36 -68.69
N GLY D 44 18.83 24.21 -69.12
CA GLY D 44 18.04 24.98 -68.18
C GLY D 44 18.99 25.89 -67.43
N LEU D 45 18.95 25.87 -66.11
CA LEU D 45 19.85 26.69 -65.31
C LEU D 45 21.04 25.85 -64.84
N GLN D 46 22.24 26.23 -65.27
CA GLN D 46 23.43 25.45 -64.95
C GLN D 46 24.46 26.25 -64.17
N TRP D 47 24.79 25.78 -62.98
CA TRP D 47 25.80 26.42 -62.16
C TRP D 47 27.17 26.14 -62.73
N LEU D 48 28.03 27.14 -62.80
CA LEU D 48 29.34 26.96 -63.40
C LEU D 48 30.47 27.04 -62.40
N ALA D 49 30.55 28.15 -61.67
CA ALA D 49 31.70 28.37 -60.81
C ALA D 49 31.41 29.34 -59.68
N VAL D 50 32.18 29.21 -58.61
CA VAL D 50 32.11 30.14 -57.48
C VAL D 50 33.47 30.61 -57.05
N ILE D 51 33.54 31.86 -56.66
CA ILE D 51 34.71 32.40 -56.02
C ILE D 51 34.32 32.91 -54.65
N THR D 52 35.07 32.53 -53.63
CA THR D 52 34.72 32.90 -52.27
C THR D 52 35.00 34.37 -51.98
N SER D 53 34.48 34.86 -50.87
CA SER D 53 34.55 36.28 -50.54
C SER D 53 35.98 36.81 -50.48
N ASP D 54 36.92 35.98 -50.05
CA ASP D 54 38.30 36.41 -49.96
C ASP D 54 39.05 36.24 -51.27
N GLY D 55 38.36 35.71 -52.29
CA GLY D 55 38.93 35.50 -53.61
C GLY D 55 39.92 34.35 -53.64
N ARG D 56 39.97 33.58 -52.56
CA ARG D 56 40.96 32.52 -52.43
C ARG D 56 40.54 31.20 -53.06
N ASN D 57 39.35 30.72 -52.71
CA ASN D 57 38.90 29.42 -53.19
C ASN D 57 38.02 29.57 -54.41
N LYS D 58 38.36 28.84 -55.47
CA LYS D 58 37.60 28.87 -56.71
C LYS D 58 37.19 27.46 -57.11
N PHE D 59 35.89 27.22 -57.18
CA PHE D 59 35.42 25.89 -57.52
C PHE D 59 34.68 25.90 -58.85
N TYR D 60 34.89 24.86 -59.64
CA TYR D 60 34.30 24.79 -60.98
C TYR D 60 33.56 23.49 -61.24
N ALA D 61 32.45 23.59 -61.95
CA ALA D 61 31.75 22.41 -62.44
C ALA D 61 32.63 21.67 -63.44
N ASP D 62 32.55 20.35 -63.46
CA ASP D 62 33.37 19.55 -64.36
C ASP D 62 33.20 19.97 -65.83
N SER D 63 32.01 20.42 -66.19
CA SER D 63 31.71 20.81 -67.57
C SER D 63 32.49 22.05 -68.05
N VAL D 64 33.05 22.81 -67.11
CA VAL D 64 33.83 24.00 -67.44
C VAL D 64 35.19 23.99 -66.75
N LYS D 65 35.37 23.05 -65.85
CA LYS D 65 36.61 22.94 -65.09
C LYS D 65 37.80 22.86 -66.02
N GLY D 66 38.68 23.85 -65.95
CA GLY D 66 39.88 23.88 -66.76
C GLY D 66 39.72 24.73 -68.02
N ARG D 67 38.50 25.15 -68.31
CA ARG D 67 38.26 25.98 -69.49
C ARG D 67 37.86 27.38 -69.07
N PHE D 68 37.08 27.47 -68.00
CA PHE D 68 36.64 28.76 -67.48
C PHE D 68 37.41 29.12 -66.21
N THR D 69 37.65 30.42 -66.02
CA THR D 69 38.26 30.91 -64.79
C THR D 69 37.40 32.00 -64.15
N ILE D 70 37.14 31.88 -62.85
CA ILE D 70 36.34 32.87 -62.15
C ILE D 70 37.24 33.76 -61.31
N SER D 71 36.99 35.06 -61.35
CA SER D 71 37.81 36.02 -60.61
C SER D 71 37.01 37.23 -60.18
N ARG D 72 37.54 38.00 -59.24
CA ARG D 72 36.83 39.16 -58.74
C ARG D 72 37.75 40.32 -58.41
N GLU D 73 37.25 41.53 -58.63
CA GLU D 73 37.96 42.74 -58.22
C GLU D 73 37.17 43.47 -57.16
N ASP D 74 37.55 43.28 -55.90
CA ASP D 74 36.81 43.87 -54.80
C ASP D 74 36.80 45.39 -54.89
N SER D 75 37.91 45.94 -55.37
CA SER D 75 38.08 47.39 -55.48
C SER D 75 37.11 48.03 -56.47
N LYS D 76 36.51 47.20 -57.33
CA LYS D 76 35.58 47.70 -58.34
C LYS D 76 34.20 47.09 -58.14
N ASN D 77 34.04 46.34 -57.04
CA ASN D 77 32.80 45.62 -56.78
C ASN D 77 32.36 44.83 -58.00
N THR D 78 33.32 44.20 -58.68
CA THR D 78 33.00 43.54 -59.93
C THR D 78 33.46 42.09 -60.00
N LEU D 79 32.54 41.23 -60.44
CA LEU D 79 32.79 39.83 -60.68
C LEU D 79 33.11 39.59 -62.15
N TYR D 80 34.09 38.73 -62.43
CA TYR D 80 34.46 38.41 -63.80
C TYR D 80 34.42 36.91 -64.11
N LEU D 81 34.27 36.60 -65.39
CA LEU D 81 34.40 35.22 -65.86
C LEU D 81 35.21 35.16 -67.15
N GLN D 82 36.33 34.45 -67.11
CA GLN D 82 37.18 34.30 -68.27
C GLN D 82 36.92 32.96 -68.93
N MET D 83 36.32 32.99 -70.11
CA MET D 83 35.98 31.74 -70.77
C MET D 83 36.84 31.51 -71.99
N ASP D 84 37.69 30.50 -71.94
CA ASP D 84 38.60 30.21 -73.03
C ASP D 84 38.12 29.04 -73.87
N SER D 85 38.59 28.97 -75.11
CA SER D 85 38.26 27.86 -75.99
C SER D 85 36.76 27.61 -76.04
N LEU D 86 35.98 28.66 -76.26
CA LEU D 86 34.53 28.57 -76.29
C LEU D 86 34.05 27.61 -77.34
N ARG D 87 33.00 26.87 -77.03
CA ARG D 87 32.38 25.96 -77.99
C ARG D 87 30.97 26.43 -78.32
N GLY D 88 30.38 25.88 -79.38
CA GLY D 88 29.00 26.22 -79.72
C GLY D 88 28.06 25.89 -78.54
N GLU D 89 28.38 24.81 -77.83
CA GLU D 89 27.62 24.34 -76.69
C GLU D 89 27.59 25.33 -75.52
N ASP D 90 28.48 26.31 -75.54
CA ASP D 90 28.56 27.28 -74.45
C ASP D 90 27.61 28.44 -74.66
N THR D 91 26.83 28.40 -75.73
CA THR D 91 25.85 29.45 -75.96
C THR D 91 24.83 29.44 -74.83
N ALA D 92 24.71 30.57 -74.13
CA ALA D 92 23.82 30.67 -72.97
C ALA D 92 23.72 32.10 -72.47
N VAL D 93 22.73 32.37 -71.64
CA VAL D 93 22.67 33.62 -70.91
C VAL D 93 23.40 33.48 -69.60
N TYR D 94 24.42 34.28 -69.39
CA TYR D 94 25.23 34.18 -68.20
C TYR D 94 24.76 35.11 -67.12
N TYR D 95 24.40 34.54 -65.98
CA TYR D 95 23.90 35.28 -64.86
C TYR D 95 24.92 35.42 -63.77
N CYS D 96 24.95 36.60 -63.20
CA CYS D 96 25.72 36.91 -62.04
C CYS D 96 24.86 36.58 -60.83
N VAL D 97 25.36 35.73 -59.95
CA VAL D 97 24.57 35.28 -58.81
C VAL D 97 25.32 35.38 -57.47
N THR D 98 24.63 35.85 -56.44
CA THR D 98 25.20 35.86 -55.09
C THR D 98 24.10 35.62 -54.06
N GLN D 99 24.40 35.91 -52.80
CA GLN D 99 23.43 35.68 -51.73
C GLN D 99 23.25 36.91 -50.88
N ARG D 100 22.08 37.04 -50.28
CA ARG D 100 21.83 38.12 -49.32
C ARG D 100 22.28 37.74 -47.92
N ASP D 101 22.20 36.45 -47.60
CA ASP D 101 22.49 35.95 -46.27
C ASP D 101 23.87 35.27 -46.21
N ASN D 102 24.82 35.91 -45.52
CA ASN D 102 26.17 35.38 -45.40
C ASN D 102 26.47 34.93 -43.98
N SER D 103 25.43 34.49 -43.26
CA SER D 103 25.58 34.02 -41.88
C SER D 103 26.58 32.88 -41.77
N ARG D 104 26.60 32.01 -42.78
CA ARG D 104 27.53 30.90 -42.79
C ARG D 104 28.42 31.01 -44.01
N ASP D 105 29.38 31.93 -43.95
CA ASP D 105 30.22 32.23 -45.10
C ASP D 105 31.36 31.23 -45.24
N TYR D 106 31.02 29.99 -45.54
CA TYR D 106 31.99 28.93 -45.72
C TYR D 106 31.37 27.75 -46.46
N PHE D 107 32.22 26.90 -47.01
CA PHE D 107 31.78 25.77 -47.82
C PHE D 107 30.90 24.83 -47.02
N PRO D 108 29.81 24.33 -47.65
CA PRO D 108 29.21 24.62 -48.95
C PRO D 108 28.02 25.57 -48.84
N HIS D 109 28.00 26.40 -47.82
CA HIS D 109 26.77 27.05 -47.45
C HIS D 109 26.43 28.17 -48.41
N TYR D 110 27.39 28.59 -49.21
CA TYR D 110 27.15 29.63 -50.17
C TYR D 110 26.50 29.10 -51.44
N PHE D 111 26.11 27.83 -51.44
CA PHE D 111 25.36 27.26 -52.54
C PHE D 111 23.92 27.01 -52.12
N HIS D 112 23.59 27.34 -50.88
CA HIS D 112 22.30 26.97 -50.33
C HIS D 112 21.16 27.91 -50.69
N ASP D 113 21.43 29.21 -50.82
CA ASP D 113 20.34 30.15 -51.10
C ASP D 113 20.33 30.64 -52.56
N MET D 114 21.47 31.13 -53.03
CA MET D 114 21.57 31.71 -54.37
C MET D 114 20.36 32.59 -54.71
N ASP D 115 20.04 33.52 -53.82
CA ASP D 115 18.80 34.30 -53.96
C ASP D 115 18.97 35.65 -54.67
N VAL D 116 20.20 36.00 -55.06
CA VAL D 116 20.42 37.28 -55.74
C VAL D 116 20.86 37.05 -57.18
N TRP D 117 20.03 37.48 -58.12
CA TRP D 117 20.33 37.27 -59.54
C TRP D 117 20.37 38.59 -60.30
N GLY D 118 21.26 38.67 -61.29
CA GLY D 118 21.28 39.81 -62.20
C GLY D 118 20.35 39.58 -63.38
N GLN D 119 20.35 40.50 -64.33
CA GLN D 119 19.49 40.40 -65.51
C GLN D 119 19.97 39.32 -66.49
N GLY D 120 21.26 39.05 -66.48
CA GLY D 120 21.87 38.06 -67.37
C GLY D 120 22.34 38.67 -68.68
N THR D 121 23.45 38.17 -69.22
CA THR D 121 23.97 38.66 -70.49
C THR D 121 24.21 37.50 -71.46
N THR D 122 23.85 37.68 -72.71
CA THR D 122 23.95 36.60 -73.69
C THR D 122 25.36 36.42 -74.24
N VAL D 123 25.81 35.18 -74.22
CA VAL D 123 27.08 34.79 -74.81
C VAL D 123 26.82 33.76 -75.90
N ALA D 124 27.30 34.05 -77.11
CA ALA D 124 27.08 33.15 -78.23
C ALA D 124 28.38 32.88 -78.96
N GLN E 1 42.85 -15.69 -76.98
CA GLN E 1 43.31 -14.54 -77.76
C GLN E 1 42.49 -14.44 -79.04
N ALA E 2 41.25 -13.97 -78.91
CA ALA E 2 40.32 -13.90 -80.02
C ALA E 2 40.89 -13.13 -81.20
N GLN E 3 40.71 -13.70 -82.39
CA GLN E 3 41.14 -13.10 -83.64
C GLN E 3 40.13 -13.34 -84.74
N LEU E 4 39.89 -12.31 -85.53
CA LEU E 4 38.94 -12.40 -86.64
C LEU E 4 39.62 -12.03 -87.96
N VAL E 5 39.42 -12.84 -89.00
CA VAL E 5 40.00 -12.55 -90.30
C VAL E 5 38.97 -12.56 -91.42
N GLU E 6 38.69 -11.37 -91.96
CA GLU E 6 37.73 -11.21 -93.04
C GLU E 6 38.34 -11.51 -94.40
N SER E 7 37.50 -12.01 -95.31
CA SER E 7 37.89 -12.23 -96.69
C SER E 7 36.67 -12.33 -97.61
N GLY E 8 36.91 -12.28 -98.92
CA GLY E 8 35.82 -12.41 -99.90
C GLY E 8 35.32 -11.06 -100.40
N GLY E 9 36.02 -9.98 -100.06
CA GLY E 9 35.65 -8.65 -100.52
C GLY E 9 35.91 -8.51 -102.01
N ALA E 10 35.13 -7.66 -102.68
CA ALA E 10 35.30 -7.43 -104.11
C ALA E 10 34.49 -6.22 -104.56
N LEU E 11 34.69 -5.83 -105.82
CA LEU E 11 33.87 -4.80 -106.45
C LEU E 11 32.56 -5.42 -106.96
N VAL E 12 31.46 -4.87 -106.49
CA VAL E 12 30.14 -5.38 -106.82
C VAL E 12 29.32 -4.34 -107.56
N GLN E 13 28.78 -4.71 -108.70
CA GLN E 13 27.95 -3.79 -109.45
C GLN E 13 26.60 -3.68 -108.76
N PRO E 14 25.91 -2.54 -108.86
CA PRO E 14 24.62 -2.28 -108.26
C PRO E 14 23.63 -3.40 -108.58
N GLY E 15 22.94 -3.88 -107.55
CA GLY E 15 21.93 -4.91 -107.71
C GLY E 15 22.48 -6.33 -107.54
N ARG E 16 23.80 -6.48 -107.54
CA ARG E 16 24.40 -7.81 -107.45
C ARG E 16 24.63 -8.27 -106.02
N SER E 17 24.89 -9.57 -105.86
CA SER E 17 25.12 -10.15 -104.53
C SER E 17 26.61 -10.38 -104.26
N LEU E 18 26.99 -10.24 -103.00
CA LEU E 18 28.32 -10.62 -102.53
C LEU E 18 28.25 -11.22 -101.14
N ARG E 19 28.99 -12.30 -100.93
CA ARG E 19 29.01 -12.93 -99.62
C ARG E 19 30.39 -12.85 -98.97
N LEU E 20 30.45 -12.23 -97.81
CA LEU E 20 31.71 -12.13 -97.06
C LEU E 20 31.82 -13.26 -96.08
N SER E 21 33.05 -13.62 -95.76
CA SER E 21 33.31 -14.60 -94.72
C SER E 21 34.28 -14.04 -93.70
N CYS E 22 34.26 -14.61 -92.50
CA CYS E 22 35.18 -14.25 -91.44
C CYS E 22 35.62 -15.45 -90.63
N ALA E 23 36.90 -15.75 -90.68
CA ALA E 23 37.44 -16.89 -89.97
C ALA E 23 37.73 -16.50 -88.52
N ALA E 24 37.18 -17.26 -87.59
CA ALA E 24 37.38 -16.97 -86.18
C ALA E 24 38.35 -17.96 -85.55
N SER E 25 39.16 -17.44 -84.64
CA SER E 25 40.07 -18.27 -83.85
C SER E 25 40.39 -17.60 -82.54
N GLY E 26 40.98 -18.34 -81.60
CA GLY E 26 41.37 -17.78 -80.32
C GLY E 26 40.25 -17.83 -79.29
N PHE E 27 39.10 -18.35 -79.71
CA PHE E 27 37.93 -18.49 -78.85
C PHE E 27 37.02 -19.57 -79.42
N THR E 28 36.07 -20.04 -78.61
CA THR E 28 35.12 -21.00 -79.13
C THR E 28 34.02 -20.29 -79.86
N PHE E 29 34.03 -20.38 -81.19
CA PHE E 29 33.10 -19.64 -82.03
C PHE E 29 31.66 -19.87 -81.61
N ARG E 30 31.32 -21.12 -81.38
CA ARG E 30 29.97 -21.54 -80.99
C ARG E 30 29.43 -20.84 -79.74
N ASN E 31 30.31 -20.35 -78.87
CA ASN E 31 29.86 -19.78 -77.61
C ASN E 31 29.71 -18.26 -77.64
N TYR E 32 29.85 -17.65 -78.82
CA TYR E 32 29.74 -16.21 -78.91
C TYR E 32 28.81 -15.72 -80.01
N ALA E 33 28.11 -14.62 -79.73
CA ALA E 33 27.37 -13.89 -80.75
C ALA E 33 28.35 -13.20 -81.69
N MET E 34 27.99 -13.12 -82.96
CA MET E 34 28.87 -12.51 -83.95
C MET E 34 28.19 -11.35 -84.66
N HIS E 35 28.97 -10.31 -84.98
CA HIS E 35 28.42 -9.12 -85.61
C HIS E 35 29.16 -8.71 -86.87
N TRP E 36 28.47 -7.97 -87.73
CA TRP E 36 29.15 -7.25 -88.80
C TRP E 36 28.99 -5.76 -88.62
N VAL E 37 30.08 -5.04 -88.82
CA VAL E 37 30.16 -3.59 -88.74
C VAL E 37 30.89 -3.08 -89.98
N ARG E 38 30.41 -2.01 -90.59
CA ARG E 38 31.12 -1.50 -91.76
C ARG E 38 31.61 -0.08 -91.55
N GLN E 39 32.72 0.27 -92.20
CA GLN E 39 33.27 1.60 -92.08
C GLN E 39 33.31 2.37 -93.38
N ALA E 40 32.82 3.60 -93.33
CA ALA E 40 32.87 4.50 -94.47
C ALA E 40 32.83 5.93 -93.96
N PRO E 41 33.48 6.89 -94.64
CA PRO E 41 33.45 8.31 -94.35
C PRO E 41 32.01 8.79 -94.15
N ALA E 42 31.09 8.22 -94.92
CA ALA E 42 29.67 8.55 -94.86
C ALA E 42 29.05 8.30 -93.49
N THR E 43 29.45 7.20 -92.83
CA THR E 43 28.80 6.76 -91.61
C THR E 43 29.75 6.58 -90.43
N GLY E 44 31.04 6.69 -90.68
CA GLY E 44 32.02 6.29 -89.68
C GLY E 44 31.88 4.80 -89.48
N LEU E 45 31.78 4.36 -88.23
CA LEU E 45 31.59 2.94 -87.94
C LEU E 45 30.11 2.64 -87.77
N GLN E 46 29.58 1.76 -88.62
CA GLN E 46 28.15 1.45 -88.59
C GLN E 46 27.87 -0.02 -88.36
N TRP E 47 27.17 -0.32 -87.27
CA TRP E 47 26.78 -1.69 -86.97
C TRP E 47 25.71 -2.14 -87.94
N LEU E 48 25.81 -3.36 -88.44
CA LEU E 48 24.85 -3.84 -89.40
C LEU E 48 23.95 -4.94 -88.85
N ALA E 49 24.56 -6.00 -88.33
CA ALA E 49 23.77 -7.15 -87.94
C ALA E 49 24.47 -8.01 -86.91
N VAL E 50 23.68 -8.75 -86.13
CA VAL E 50 24.19 -9.72 -85.19
C VAL E 50 23.48 -11.05 -85.31
N ILE E 51 24.24 -12.10 -85.17
CA ILE E 51 23.70 -13.44 -85.11
C ILE E 51 24.01 -14.03 -83.75
N THR E 52 23.02 -14.63 -83.12
CA THR E 52 23.23 -15.16 -81.78
C THR E 52 24.06 -16.43 -81.82
N SER E 53 24.57 -16.85 -80.66
CA SER E 53 25.50 -17.97 -80.60
C SER E 53 24.92 -19.28 -81.15
N ASP E 54 23.61 -19.46 -81.03
CA ASP E 54 22.99 -20.67 -81.55
C ASP E 54 22.60 -20.57 -83.02
N GLY E 55 22.87 -19.41 -83.62
CA GLY E 55 22.57 -19.17 -85.03
C GLY E 55 21.08 -19.01 -85.29
N ARG E 56 20.29 -18.88 -84.23
CA ARG E 56 18.84 -18.84 -84.35
C ARG E 56 18.29 -17.44 -84.64
N ASN E 57 18.64 -16.45 -83.81
CA ASN E 57 18.11 -15.11 -84.01
C ASN E 57 19.08 -14.26 -84.80
N LYS E 58 18.53 -13.33 -85.57
CA LYS E 58 19.30 -12.43 -86.39
C LYS E 58 18.68 -11.04 -86.36
N PHE E 59 19.44 -10.06 -85.89
CA PHE E 59 18.93 -8.69 -85.82
C PHE E 59 19.69 -7.79 -86.79
N TYR E 60 18.96 -6.92 -87.48
CA TYR E 60 19.55 -6.06 -88.52
C TYR E 60 19.21 -4.60 -88.37
N ALA E 61 20.18 -3.73 -88.64
CA ALA E 61 19.96 -2.30 -88.69
C ALA E 61 19.01 -1.97 -89.83
N ASP E 62 18.18 -0.94 -89.64
CA ASP E 62 17.23 -0.52 -90.67
C ASP E 62 17.92 -0.26 -92.00
N SER E 63 19.15 0.25 -91.95
CA SER E 63 19.89 0.60 -93.16
C SER E 63 20.17 -0.60 -94.07
N VAL E 64 20.11 -1.82 -93.51
CA VAL E 64 20.39 -3.03 -94.29
C VAL E 64 19.31 -4.10 -94.12
N LYS E 65 18.39 -3.89 -93.18
CA LYS E 65 17.36 -4.87 -92.92
C LYS E 65 16.58 -5.16 -94.18
N GLY E 66 16.46 -6.43 -94.53
CA GLY E 66 15.71 -6.86 -95.70
C GLY E 66 16.61 -7.04 -96.92
N ARG E 67 17.86 -6.58 -96.82
CA ARG E 67 18.79 -6.71 -97.94
C ARG E 67 19.96 -7.59 -97.54
N PHE E 68 20.43 -7.44 -96.31
CA PHE E 68 21.54 -8.23 -95.83
C PHE E 68 21.06 -9.38 -94.95
N THR E 69 21.76 -10.50 -95.02
CA THR E 69 21.51 -11.63 -94.13
C THR E 69 22.78 -12.07 -93.42
N ILE E 70 22.70 -12.24 -92.11
CA ILE E 70 23.85 -12.69 -91.34
C ILE E 70 23.71 -14.18 -91.04
N SER E 71 24.79 -14.92 -91.23
CA SER E 71 24.74 -16.36 -91.01
C SER E 71 26.08 -16.88 -90.51
N ARG E 72 26.08 -18.09 -89.96
CA ARG E 72 27.31 -18.65 -89.42
C ARG E 72 27.39 -20.15 -89.62
N GLU E 73 28.60 -20.65 -89.85
CA GLU E 73 28.86 -22.08 -89.95
C GLU E 73 29.79 -22.51 -88.83
N ASP E 74 29.21 -23.01 -87.75
CA ASP E 74 29.96 -23.33 -86.55
C ASP E 74 31.04 -24.37 -86.81
N SER E 75 30.75 -25.30 -87.72
CA SER E 75 31.68 -26.39 -88.01
C SER E 75 32.99 -25.89 -88.62
N LYS E 76 33.00 -24.66 -89.12
CA LYS E 76 34.19 -24.08 -89.72
C LYS E 76 34.62 -22.82 -88.98
N ASN E 77 33.99 -22.56 -87.83
CA ASN E 77 34.26 -21.36 -87.06
C ASN E 77 34.23 -20.12 -87.95
N THR E 78 33.25 -20.05 -88.84
CA THR E 78 33.22 -18.96 -89.80
C THR E 78 31.91 -18.19 -89.81
N LEU E 79 32.04 -16.86 -89.77
CA LEU E 79 30.92 -15.95 -89.86
C LEU E 79 30.76 -15.44 -91.29
N TYR E 80 29.53 -15.33 -91.76
CA TYR E 80 29.27 -14.82 -93.10
C TYR E 80 28.31 -13.64 -93.13
N LEU E 81 28.43 -12.84 -94.19
CA LEU E 81 27.45 -11.79 -94.47
C LEU E 81 27.00 -11.87 -95.92
N GLN E 82 25.72 -12.08 -96.13
CA GLN E 82 25.16 -12.17 -97.46
C GLN E 82 24.53 -10.83 -97.83
N MET E 83 25.15 -10.11 -98.76
CA MET E 83 24.67 -8.79 -99.14
C MET E 83 23.98 -8.82 -100.50
N ASP E 84 22.66 -8.90 -100.49
CA ASP E 84 21.92 -9.00 -101.73
C ASP E 84 21.52 -7.62 -102.22
N SER E 85 21.34 -7.48 -103.53
CA SER E 85 20.95 -6.21 -104.10
C SER E 85 21.84 -5.09 -103.57
N LEU E 86 23.15 -5.31 -103.62
CA LEU E 86 24.13 -4.37 -103.08
C LEU E 86 24.05 -3.04 -103.81
N ARG E 87 24.16 -1.95 -103.06
CA ARG E 87 24.06 -0.61 -103.63
C ARG E 87 25.38 0.14 -103.55
N GLY E 88 25.51 1.24 -104.29
CA GLY E 88 26.71 2.06 -104.22
C GLY E 88 26.95 2.57 -102.79
N GLU E 89 25.85 2.83 -102.08
CA GLU E 89 25.89 3.31 -100.70
C GLU E 89 26.49 2.30 -99.73
N ASP E 90 26.62 1.05 -100.17
CA ASP E 90 27.15 0.00 -99.32
C ASP E 90 28.67 -0.09 -99.41
N THR E 91 29.28 0.83 -100.17
CA THR E 91 30.73 0.86 -100.24
C THR E 91 31.30 1.12 -98.84
N ALA E 92 32.08 0.20 -98.33
CA ALA E 92 32.61 0.30 -96.97
C ALA E 92 33.63 -0.78 -96.68
N VAL E 93 34.40 -0.60 -95.61
CA VAL E 93 35.23 -1.67 -95.10
C VAL E 93 34.44 -2.49 -94.10
N TYR E 94 34.28 -3.76 -94.40
CA TYR E 94 33.47 -4.63 -93.56
C TYR E 94 34.29 -5.35 -92.53
N TYR E 95 33.97 -5.10 -91.28
CA TYR E 95 34.66 -5.68 -90.16
C TYR E 95 33.87 -6.79 -89.52
N CYS E 96 34.57 -7.84 -89.19
CA CYS E 96 34.05 -8.93 -88.40
C CYS E 96 34.25 -8.55 -86.95
N VAL E 97 33.17 -8.53 -86.18
CA VAL E 97 33.25 -8.07 -84.80
C VAL E 97 32.58 -9.02 -83.82
N THR E 98 33.21 -9.25 -82.68
CA THR E 98 32.61 -10.02 -81.60
C THR E 98 33.05 -9.47 -80.26
N GLN E 99 32.86 -10.26 -79.20
CA GLN E 99 33.20 -9.81 -77.87
C GLN E 99 33.90 -10.90 -77.10
N ARG E 100 34.71 -10.50 -76.13
CA ARG E 100 35.40 -11.46 -75.26
C ARG E 100 34.53 -11.92 -74.09
N ASP E 101 33.61 -11.05 -73.64
CA ASP E 101 32.75 -11.37 -72.50
C ASP E 101 31.40 -11.93 -72.95
N ASN E 102 31.20 -13.22 -72.73
CA ASN E 102 29.95 -13.87 -73.12
C ASN E 102 29.22 -14.40 -71.88
N SER E 103 29.49 -13.78 -70.72
CA SER E 103 28.84 -14.18 -69.47
C SER E 103 27.35 -13.91 -69.51
N ARG E 104 26.94 -13.00 -70.38
CA ARG E 104 25.55 -12.66 -70.60
C ARG E 104 25.25 -12.76 -72.08
N ASP E 105 25.26 -13.98 -72.61
CA ASP E 105 25.11 -14.15 -74.04
C ASP E 105 23.65 -14.09 -74.46
N TYR E 106 23.09 -12.89 -74.36
CA TYR E 106 21.71 -12.67 -74.73
C TYR E 106 21.47 -11.20 -75.06
N PHE E 107 20.40 -10.95 -75.81
CA PHE E 107 20.07 -9.61 -76.25
C PHE E 107 19.82 -8.68 -75.07
N PRO E 108 20.35 -7.45 -75.09
CA PRO E 108 21.25 -6.80 -76.03
C PRO E 108 22.71 -6.78 -75.55
N HIS E 109 23.09 -7.72 -74.71
CA HIS E 109 24.35 -7.59 -73.99
C HIS E 109 25.55 -7.76 -74.89
N TYR E 110 25.38 -8.45 -75.99
CA TYR E 110 26.48 -8.64 -76.91
C TYR E 110 26.79 -7.38 -77.74
N PHE E 111 26.06 -6.30 -77.50
CA PHE E 111 26.37 -5.05 -78.17
C PHE E 111 27.12 -4.13 -77.23
N HIS E 112 27.27 -4.57 -75.98
CA HIS E 112 27.84 -3.72 -74.96
C HIS E 112 29.35 -3.66 -75.00
N ASP E 113 29.99 -4.74 -75.49
CA ASP E 113 31.44 -4.77 -75.49
C ASP E 113 32.06 -4.53 -76.86
N MET E 114 31.68 -5.36 -77.84
CA MET E 114 32.23 -5.29 -79.20
C MET E 114 33.75 -5.01 -79.20
N ASP E 115 34.50 -5.74 -78.37
CA ASP E 115 35.93 -5.44 -78.21
C ASP E 115 36.86 -6.29 -79.09
N VAL E 116 36.30 -7.13 -79.95
CA VAL E 116 37.13 -7.95 -80.82
C VAL E 116 36.89 -7.60 -82.29
N TRP E 117 37.90 -7.05 -82.94
CA TRP E 117 37.75 -6.62 -84.33
C TRP E 117 38.75 -7.31 -85.25
N GLY E 118 38.30 -7.63 -86.47
CA GLY E 118 39.20 -8.18 -87.48
C GLY E 118 39.89 -7.08 -88.28
N GLN E 119 40.66 -7.49 -89.30
CA GLN E 119 41.42 -6.55 -90.12
C GLN E 119 40.54 -5.64 -90.99
N GLY E 120 39.38 -6.15 -91.39
CA GLY E 120 38.45 -5.40 -92.23
C GLY E 120 38.70 -5.65 -93.72
N THR E 121 37.63 -5.90 -94.48
CA THR E 121 37.77 -6.14 -95.91
C THR E 121 36.94 -5.15 -96.72
N THR E 122 37.55 -4.58 -97.76
CA THR E 122 36.88 -3.55 -98.52
C THR E 122 35.91 -4.11 -99.56
N VAL E 123 34.68 -3.61 -99.53
CA VAL E 123 33.68 -3.96 -100.52
C VAL E 123 33.19 -2.70 -101.20
N ALA E 124 33.18 -2.70 -102.53
CA ALA E 124 32.77 -1.52 -103.27
C ALA E 124 31.76 -1.90 -104.33
N VAL F 3 21.01 15.94 -59.84
CA VAL F 3 20.03 15.87 -60.92
C VAL F 3 18.61 15.96 -60.39
N LEU F 4 17.87 16.97 -60.86
CA LEU F 4 16.48 17.16 -60.48
C LEU F 4 15.57 17.08 -61.69
N THR F 5 14.44 16.39 -61.53
CA THR F 5 13.44 16.28 -62.60
C THR F 5 12.11 16.84 -62.15
N GLN F 6 11.54 17.74 -62.94
CA GLN F 6 10.26 18.34 -62.59
C GLN F 6 9.11 17.82 -63.45
N SER F 7 7.90 17.90 -62.89
CA SER F 7 6.70 17.46 -63.59
C SER F 7 5.46 18.22 -63.10
N PRO F 8 4.57 18.61 -64.01
CA PRO F 8 4.61 18.45 -65.47
C PRO F 8 5.59 19.42 -66.07
N LEU F 9 6.01 19.17 -67.31
CA LEU F 9 6.84 20.12 -68.02
C LEU F 9 6.11 21.46 -68.21
N SER F 10 4.80 21.37 -68.45
CA SER F 10 3.95 22.54 -68.69
C SER F 10 2.62 22.36 -67.97
N LEU F 11 2.23 23.39 -67.21
CA LEU F 11 1.06 23.32 -66.36
C LEU F 11 -0.04 24.32 -66.84
N PRO F 12 -1.14 23.82 -67.47
CA PRO F 12 -2.27 24.56 -68.02
C PRO F 12 -3.33 24.85 -66.96
N VAL F 13 -3.15 25.91 -66.17
CA VAL F 13 -4.06 26.19 -65.07
C VAL F 13 -4.96 27.38 -65.32
N THR F 14 -6.25 27.18 -65.18
CA THR F 14 -7.24 28.23 -65.37
C THR F 14 -7.03 29.34 -64.34
N LEU F 15 -7.13 30.59 -64.79
CA LEU F 15 -6.94 31.72 -63.89
C LEU F 15 -7.79 31.61 -62.64
N GLY F 16 -7.17 31.76 -61.48
CA GLY F 16 -7.87 31.73 -60.20
C GLY F 16 -7.87 30.34 -59.57
N GLN F 17 -7.43 29.34 -60.32
CA GLN F 17 -7.40 27.97 -59.83
C GLN F 17 -6.02 27.64 -59.28
N PRO F 18 -5.93 26.70 -58.32
CA PRO F 18 -4.73 26.19 -57.69
C PRO F 18 -3.87 25.39 -58.65
N ALA F 19 -2.59 25.27 -58.32
CA ALA F 19 -1.65 24.47 -59.09
C ALA F 19 -0.51 23.98 -58.22
N SER F 20 0.13 22.91 -58.64
CA SER F 20 1.32 22.44 -57.94
C SER F 20 2.36 21.92 -58.92
N ILE F 21 3.62 22.10 -58.57
CA ILE F 21 4.73 21.63 -59.37
C ILE F 21 5.57 20.62 -58.60
N SER F 22 5.81 19.46 -59.21
CA SER F 22 6.58 18.42 -58.57
C SER F 22 8.05 18.48 -58.95
N CYS F 23 8.91 18.11 -58.03
CA CYS F 23 10.34 17.95 -58.28
C CYS F 23 10.86 16.69 -57.62
N ARG F 24 11.57 15.87 -58.40
CA ARG F 24 12.07 14.61 -57.93
C ARG F 24 13.57 14.52 -58.12
N SER F 25 14.30 14.25 -57.03
CA SER F 25 15.75 14.16 -57.10
C SER F 25 16.22 12.73 -57.30
N SER F 26 17.38 12.60 -57.93
CA SER F 26 18.03 11.31 -58.11
C SER F 26 18.63 10.79 -56.81
N GLN F 27 18.75 11.67 -55.81
CA GLN F 27 19.32 11.30 -54.52
C GLN F 27 18.69 12.13 -53.41
N SER F 28 18.68 11.60 -52.20
CA SER F 28 18.16 12.36 -51.07
C SER F 28 18.87 13.70 -50.98
N LEU F 29 18.09 14.75 -50.76
CA LEU F 29 18.64 16.09 -50.66
C LEU F 29 18.85 16.51 -49.22
N VAL F 30 18.82 15.55 -48.31
CA VAL F 30 19.10 15.86 -46.92
C VAL F 30 20.60 16.01 -46.77
N TYR F 31 21.03 17.13 -46.23
CA TYR F 31 22.44 17.43 -46.13
C TYR F 31 23.03 16.86 -44.84
N SER F 32 24.33 17.05 -44.66
CA SER F 32 25.03 16.48 -43.52
C SER F 32 24.60 17.06 -42.18
N ASP F 33 23.97 18.23 -42.20
CA ASP F 33 23.51 18.84 -40.95
C ASP F 33 22.04 18.52 -40.67
N GLY F 34 21.46 17.64 -41.50
CA GLY F 34 20.09 17.21 -41.31
C GLY F 34 19.07 18.09 -42.02
N ASP F 35 19.50 19.24 -42.56
CA ASP F 35 18.55 20.11 -43.23
C ASP F 35 18.36 19.64 -44.66
N THR F 36 17.49 20.32 -45.40
CA THR F 36 17.28 20.01 -46.82
C THR F 36 17.33 21.27 -47.65
N TYR F 37 18.31 21.36 -48.52
CA TYR F 37 18.48 22.58 -49.28
C TYR F 37 17.86 22.50 -50.65
N LEU F 38 16.53 22.42 -50.63
CA LEU F 38 15.71 22.37 -51.85
C LEU F 38 14.88 23.64 -51.96
N ASN F 39 15.23 24.48 -52.93
CA ASN F 39 14.58 25.77 -53.11
C ASN F 39 13.76 25.79 -54.39
N TRP F 40 12.82 26.74 -54.47
CA TRP F 40 12.06 26.95 -55.70
C TRP F 40 12.16 28.39 -56.18
N PHE F 41 12.38 28.53 -57.48
CA PHE F 41 12.53 29.82 -58.13
C PHE F 41 11.51 29.98 -59.25
N GLN F 42 11.09 31.19 -59.51
CA GLN F 42 10.26 31.47 -60.67
C GLN F 42 10.89 32.48 -61.58
N GLN F 43 11.02 32.12 -62.84
CA GLN F 43 11.53 33.04 -63.84
C GLN F 43 10.43 33.51 -64.77
N ARG F 44 10.13 34.80 -64.70
CA ARG F 44 9.11 35.39 -65.55
C ARG F 44 9.78 35.77 -66.87
N PRO F 45 9.12 35.59 -68.02
CA PRO F 45 9.62 35.95 -69.32
C PRO F 45 10.11 37.39 -69.31
N GLY F 46 11.30 37.60 -69.86
CA GLY F 46 11.92 38.92 -69.91
C GLY F 46 12.67 39.25 -68.62
N GLN F 47 12.62 38.35 -67.63
CA GLN F 47 13.25 38.57 -66.35
C GLN F 47 14.15 37.41 -65.92
N SER F 48 15.04 37.68 -64.98
CA SER F 48 15.88 36.64 -64.40
C SER F 48 15.07 35.87 -63.36
N PRO F 49 15.55 34.70 -62.88
CA PRO F 49 14.96 33.91 -61.82
C PRO F 49 14.90 34.66 -60.49
N ARG F 50 13.84 34.38 -59.73
CA ARG F 50 13.68 34.90 -58.37
C ARG F 50 13.24 33.77 -57.45
N ARG F 51 13.73 33.78 -56.22
CA ARG F 51 13.36 32.72 -55.29
C ARG F 51 12.00 32.99 -54.66
N LEU F 52 11.20 31.95 -54.53
CA LEU F 52 9.92 32.07 -53.86
C LEU F 52 9.93 31.28 -52.56
N ILE F 53 10.33 30.03 -52.66
CA ILE F 53 10.32 29.10 -51.54
C ILE F 53 11.72 28.56 -51.29
N TYR F 54 12.09 28.43 -50.03
CA TYR F 54 13.39 27.90 -49.69
C TYR F 54 13.31 26.92 -48.54
N GLN F 55 14.30 26.05 -48.45
CA GLN F 55 14.28 25.04 -47.42
C GLN F 55 12.93 24.33 -47.44
N VAL F 56 12.52 23.91 -48.63
CA VAL F 56 11.30 23.15 -48.88
C VAL F 56 9.99 23.94 -48.74
N SER F 57 9.79 24.65 -47.62
CA SER F 57 8.50 25.26 -47.36
C SER F 57 8.49 26.73 -46.89
N ASN F 58 9.65 27.35 -46.71
CA ASN F 58 9.68 28.73 -46.23
C ASN F 58 9.59 29.69 -47.38
N ARG F 59 8.96 30.84 -47.19
CA ARG F 59 8.90 31.80 -48.29
C ARG F 59 9.69 33.05 -47.98
N ASP F 60 10.25 33.64 -49.02
CA ASP F 60 11.00 34.88 -48.89
C ASP F 60 10.11 36.07 -48.61
N SER F 61 10.66 37.04 -47.90
CA SER F 61 9.91 38.27 -47.68
C SER F 61 9.55 38.88 -49.02
N GLY F 62 8.31 39.35 -49.14
CA GLY F 62 7.82 39.94 -50.37
C GLY F 62 7.07 38.93 -51.22
N VAL F 63 7.18 37.65 -50.88
CA VAL F 63 6.48 36.59 -51.60
C VAL F 63 5.06 36.47 -51.06
N PRO F 64 4.04 36.50 -51.92
CA PRO F 64 2.64 36.35 -51.59
C PRO F 64 2.38 35.07 -50.82
N ASP F 65 1.47 35.15 -49.86
CA ASP F 65 1.11 34.03 -49.00
C ASP F 65 0.47 32.87 -49.74
N ARG F 66 0.13 33.09 -51.01
CA ARG F 66 -0.45 32.04 -51.83
C ARG F 66 0.59 31.01 -52.23
N PHE F 67 1.87 31.32 -52.00
CA PHE F 67 2.96 30.39 -52.30
C PHE F 67 3.39 29.63 -51.05
N SER F 68 3.47 28.31 -51.17
CA SER F 68 3.89 27.44 -50.08
C SER F 68 4.50 26.17 -50.65
N GLY F 69 4.92 25.25 -49.78
CA GLY F 69 5.50 24.01 -50.29
C GLY F 69 5.73 23.00 -49.18
N SER F 70 6.13 21.80 -49.59
CA SER F 70 6.38 20.69 -48.67
C SER F 70 7.23 19.62 -49.36
N GLY F 71 7.74 18.68 -48.59
CA GLY F 71 8.50 17.57 -49.17
C GLY F 71 9.65 17.12 -48.31
N SER F 72 10.23 15.99 -48.68
CA SER F 72 11.35 15.41 -47.95
C SER F 72 12.08 14.38 -48.79
N GLY F 73 13.30 14.03 -48.40
CA GLY F 73 14.04 12.98 -49.10
C GLY F 73 14.33 13.40 -50.53
N THR F 74 13.63 12.79 -51.47
CA THR F 74 13.80 13.07 -52.89
C THR F 74 12.59 13.74 -53.50
N ASP F 75 11.47 13.73 -52.77
CA ASP F 75 10.18 14.13 -53.34
C ASP F 75 9.66 15.45 -52.78
N PHE F 76 9.64 16.48 -53.62
CA PHE F 76 9.24 17.81 -53.18
C PHE F 76 8.15 18.41 -54.07
N THR F 77 7.31 19.26 -53.46
CA THR F 77 6.23 19.92 -54.21
C THR F 77 6.14 21.42 -53.89
N LEU F 78 5.97 22.22 -54.95
CA LEU F 78 5.67 23.64 -54.81
C LEU F 78 4.18 23.85 -55.03
N LYS F 79 3.53 24.53 -54.10
CA LYS F 79 2.10 24.71 -54.22
C LYS F 79 1.69 26.18 -54.34
N ILE F 80 0.72 26.44 -55.20
CA ILE F 80 0.14 27.76 -55.34
C ILE F 80 -1.36 27.66 -55.08
N SER F 81 -1.86 28.33 -54.04
CA SER F 81 -3.26 28.19 -53.68
C SER F 81 -4.21 28.65 -54.78
N ARG F 82 -3.77 29.63 -55.57
CA ARG F 82 -4.49 30.14 -56.72
C ARG F 82 -3.48 30.78 -57.67
N VAL F 83 -3.53 30.41 -58.94
CA VAL F 83 -2.60 30.97 -59.90
C VAL F 83 -3.17 32.20 -60.59
N GLU F 84 -2.46 33.31 -60.46
CA GLU F 84 -2.89 34.57 -61.05
C GLU F 84 -2.19 34.83 -62.37
N ALA F 85 -2.61 35.86 -63.09
CA ALA F 85 -2.01 36.18 -64.38
C ALA F 85 -0.53 36.49 -64.23
N GLU F 86 -0.18 37.12 -63.11
CA GLU F 86 1.18 37.53 -62.84
C GLU F 86 2.07 36.37 -62.42
N ASP F 87 1.49 35.19 -62.27
CA ASP F 87 2.23 34.03 -61.85
C ASP F 87 2.77 33.24 -63.04
N VAL F 88 2.51 33.74 -64.25
CA VAL F 88 3.03 33.10 -65.43
C VAL F 88 4.56 33.07 -65.40
N GLY F 89 5.13 31.93 -65.72
CA GLY F 89 6.59 31.81 -65.74
C GLY F 89 7.04 30.38 -65.57
N VAL F 90 8.36 30.20 -65.50
CA VAL F 90 8.91 28.87 -65.35
C VAL F 90 9.43 28.65 -63.94
N TYR F 91 8.89 27.65 -63.29
CA TYR F 91 9.22 27.33 -61.92
C TYR F 91 10.29 26.27 -61.84
N TYR F 92 11.42 26.60 -61.23
CA TYR F 92 12.55 25.70 -61.12
C TYR F 92 12.74 25.23 -59.70
N CYS F 93 13.14 23.97 -59.56
CA CYS F 93 13.60 23.51 -58.26
C CYS F 93 15.11 23.48 -58.26
N MET F 94 15.72 23.81 -57.12
CA MET F 94 17.17 23.87 -57.02
C MET F 94 17.66 23.18 -55.76
N GLN F 95 18.72 22.39 -55.91
CA GLN F 95 19.30 21.76 -54.74
C GLN F 95 20.72 22.23 -54.51
N GLY F 96 21.03 22.59 -53.27
CA GLY F 96 22.37 23.02 -52.89
C GLY F 96 23.02 22.01 -51.95
N SER F 97 22.30 20.93 -51.67
CA SER F 97 22.77 19.90 -50.74
C SER F 97 24.02 19.18 -51.24
N HIS F 98 24.07 18.91 -52.54
CA HIS F 98 25.18 18.16 -53.10
C HIS F 98 25.88 18.94 -54.19
N TRP F 99 27.15 19.26 -53.97
CA TRP F 99 27.93 20.03 -54.93
C TRP F 99 28.25 19.18 -56.15
N PRO F 100 28.24 19.78 -57.36
CA PRO F 100 27.77 21.10 -57.74
C PRO F 100 26.28 21.18 -57.52
N PRO F 101 25.76 22.37 -57.21
CA PRO F 101 24.35 22.64 -57.06
C PRO F 101 23.68 22.44 -58.41
N THR F 102 22.43 21.99 -58.40
CA THR F 102 21.74 21.72 -59.65
C THR F 102 20.33 22.28 -59.66
N PHE F 103 19.79 22.43 -60.86
CA PHE F 103 18.42 22.87 -61.06
C PHE F 103 17.65 21.84 -61.86
N GLY F 104 16.33 21.85 -61.71
CA GLY F 104 15.48 21.01 -62.55
C GLY F 104 15.36 21.68 -63.92
N GLN F 105 14.59 21.07 -64.82
CA GLN F 105 14.48 21.63 -66.16
C GLN F 105 13.53 22.82 -66.18
N GLY F 106 12.74 22.96 -65.11
CA GLY F 106 11.77 24.03 -64.98
C GLY F 106 10.40 23.65 -65.50
N THR F 107 9.36 24.13 -64.82
CA THR F 107 7.98 23.90 -65.21
C THR F 107 7.32 25.17 -65.68
N LYS F 108 6.85 25.17 -66.92
CA LYS F 108 6.20 26.35 -67.44
C LYS F 108 4.75 26.38 -67.02
N VAL F 109 4.41 27.35 -66.19
CA VAL F 109 3.05 27.49 -65.74
C VAL F 109 2.38 28.60 -66.49
N GLU F 110 1.27 28.28 -67.13
CA GLU F 110 0.55 29.24 -67.95
C GLU F 110 -0.87 29.34 -67.48
N ILE F 111 -1.48 30.49 -67.74
CA ILE F 111 -2.83 30.74 -67.32
C ILE F 111 -3.85 30.57 -68.44
N LYS F 112 -4.86 29.77 -68.18
CA LYS F 112 -5.91 29.51 -69.16
C LYS F 112 -7.17 30.31 -68.86
N VAL G 3 22.12 8.41 -82.07
CA VAL G 3 23.10 9.28 -82.71
C VAL G 3 24.11 9.82 -81.72
N LEU G 4 25.39 9.68 -82.07
CA LEU G 4 26.49 10.18 -81.25
C LEU G 4 27.31 11.22 -82.02
N THR G 5 27.53 12.37 -81.40
CA THR G 5 28.31 13.44 -82.04
C THR G 5 29.57 13.76 -81.25
N GLN G 6 30.71 13.64 -81.91
CA GLN G 6 31.98 13.91 -81.24
C GLN G 6 32.48 15.32 -81.54
N SER G 7 33.26 15.86 -80.61
CA SER G 7 33.77 17.22 -80.76
C SER G 7 35.08 17.45 -80.00
N PRO G 8 36.04 18.17 -80.62
CA PRO G 8 36.07 18.68 -81.98
C PRO G 8 36.31 17.55 -82.96
N LEU G 9 35.89 17.73 -84.21
CA LEU G 9 36.14 16.74 -85.25
C LEU G 9 37.62 16.45 -85.45
N SER G 10 38.44 17.51 -85.38
CA SER G 10 39.88 17.41 -85.58
C SER G 10 40.61 18.08 -84.44
N LEU G 11 41.39 17.30 -83.70
CA LEU G 11 42.09 17.77 -82.53
C LEU G 11 43.62 17.68 -82.69
N PRO G 12 44.29 18.79 -83.01
CA PRO G 12 45.72 18.91 -83.24
C PRO G 12 46.47 19.00 -81.92
N VAL G 13 47.14 17.92 -81.51
CA VAL G 13 47.77 17.90 -80.20
C VAL G 13 49.28 17.81 -80.32
N THR G 14 49.97 18.82 -79.82
CA THR G 14 51.42 18.81 -79.83
C THR G 14 51.91 17.58 -79.09
N LEU G 15 52.87 16.87 -79.68
CA LEU G 15 53.36 15.65 -79.08
C LEU G 15 53.76 15.88 -77.62
N GLY G 16 53.26 15.02 -76.73
CA GLY G 16 53.57 15.11 -75.31
C GLY G 16 52.53 15.90 -74.53
N GLN G 17 51.62 16.57 -75.24
CA GLN G 17 50.57 17.35 -74.61
C GLN G 17 49.29 16.52 -74.48
N PRO G 18 48.42 16.83 -73.50
CA PRO G 18 47.15 16.21 -73.21
C PRO G 18 46.11 16.46 -74.29
N ALA G 19 45.06 15.64 -74.28
CA ALA G 19 43.97 15.75 -75.24
C ALA G 19 42.64 15.39 -74.62
N SER G 20 41.56 15.87 -75.22
CA SER G 20 40.22 15.57 -74.75
C SER G 20 39.22 15.50 -75.90
N ILE G 21 38.57 14.36 -76.05
CA ILE G 21 37.58 14.15 -77.10
C ILE G 21 36.19 13.98 -76.52
N SER G 22 35.27 14.85 -76.90
CA SER G 22 33.91 14.78 -76.37
C SER G 22 33.03 13.90 -77.24
N CYS G 23 31.93 13.43 -76.64
CA CYS G 23 30.90 12.70 -77.37
C CYS G 23 29.54 12.94 -76.75
N ARG G 24 28.64 13.53 -77.51
CA ARG G 24 27.32 13.84 -77.02
C ARG G 24 26.26 13.00 -77.71
N SER G 25 25.45 12.32 -76.92
CA SER G 25 24.40 11.50 -77.46
C SER G 25 23.10 12.27 -77.58
N SER G 26 22.31 11.91 -78.58
CA SER G 26 20.99 12.47 -78.77
C SER G 26 20.01 12.01 -77.68
N GLN G 27 20.39 10.97 -76.94
CA GLN G 27 19.55 10.46 -75.86
C GLN G 27 20.41 9.94 -74.72
N SER G 28 19.85 9.94 -73.51
CA SER G 28 20.57 9.37 -72.38
C SER G 28 20.97 7.94 -72.69
N LEU G 29 22.22 7.60 -72.39
CA LEU G 29 22.76 6.28 -72.69
C LEU G 29 22.70 5.35 -71.50
N VAL G 30 21.92 5.71 -70.50
CA VAL G 30 21.72 4.82 -69.37
C VAL G 30 20.78 3.71 -69.77
N TYR G 31 21.20 2.47 -69.53
CA TYR G 31 20.44 1.31 -69.93
C TYR G 31 19.40 0.94 -68.87
N SER G 32 18.62 -0.11 -69.14
CA SER G 32 17.53 -0.51 -68.25
C SER G 32 18.01 -0.96 -66.87
N ASP G 33 19.28 -1.33 -66.75
CA ASP G 33 19.82 -1.78 -65.47
C ASP G 33 20.58 -0.67 -64.74
N GLY G 34 20.50 0.55 -65.28
CA GLY G 34 21.13 1.70 -64.64
C GLY G 34 22.57 1.95 -65.09
N ASP G 35 23.16 1.02 -65.85
CA ASP G 35 24.54 1.22 -66.28
C ASP G 35 24.59 2.11 -67.51
N THR G 36 25.79 2.42 -67.98
CA THR G 36 25.94 3.20 -69.20
C THR G 36 26.94 2.54 -70.14
N TYR G 37 26.48 2.08 -71.28
CA TYR G 37 27.33 1.35 -72.19
C TYR G 37 27.90 2.26 -73.26
N LEU G 38 28.73 3.19 -72.82
CA LEU G 38 29.41 4.12 -73.71
C LEU G 38 30.90 3.83 -73.72
N ASN G 39 31.37 3.27 -74.81
CA ASN G 39 32.76 2.82 -74.92
C ASN G 39 33.55 3.71 -75.87
N TRP G 40 34.88 3.67 -75.76
CA TRP G 40 35.74 4.40 -76.67
C TRP G 40 36.73 3.50 -77.39
N PHE G 41 36.86 3.72 -78.70
CA PHE G 41 37.76 2.96 -79.54
C PHE G 41 38.78 3.86 -80.22
N GLN G 42 39.96 3.32 -80.47
CA GLN G 42 41.02 4.04 -81.16
C GLN G 42 41.44 3.32 -82.42
N GLN G 43 41.39 4.01 -83.55
CA GLN G 43 41.76 3.40 -84.81
C GLN G 43 43.02 4.00 -85.40
N ARG G 44 44.04 3.16 -85.56
CA ARG G 44 45.27 3.58 -86.21
C ARG G 44 45.07 3.45 -87.71
N PRO G 45 45.47 4.44 -88.52
CA PRO G 45 45.35 4.41 -89.96
C PRO G 45 45.92 3.12 -90.51
N GLY G 46 45.17 2.49 -91.41
CA GLY G 46 45.58 1.22 -92.02
C GLY G 46 45.19 0.01 -91.18
N GLN G 47 44.67 0.24 -89.96
CA GLN G 47 44.31 -0.85 -89.07
C GLN G 47 42.87 -0.73 -88.57
N SER G 48 42.43 -1.75 -87.82
CA SER G 48 41.11 -1.76 -87.23
C SER G 48 41.07 -0.92 -85.95
N PRO G 49 39.88 -0.52 -85.47
CA PRO G 49 39.62 0.05 -84.17
C PRO G 49 39.96 -0.93 -83.05
N ARG G 50 40.43 -0.41 -81.92
CA ARG G 50 40.62 -1.20 -80.71
C ARG G 50 39.97 -0.50 -79.55
N ARG G 51 39.46 -1.25 -78.58
CA ARG G 51 38.82 -0.59 -77.45
C ARG G 51 39.86 -0.16 -76.44
N LEU G 52 39.68 1.05 -75.90
CA LEU G 52 40.55 1.53 -74.85
C LEU G 52 39.79 1.67 -73.54
N ILE G 53 38.62 2.27 -73.64
CA ILE G 53 37.80 2.58 -72.47
C ILE G 53 36.42 2.00 -72.62
N TYR G 54 35.91 1.43 -71.54
CA TYR G 54 34.55 0.91 -71.53
C TYR G 54 33.80 1.46 -70.34
N GLN G 55 32.47 1.48 -70.44
CA GLN G 55 31.68 2.04 -69.35
C GLN G 55 32.16 3.44 -68.99
N VAL G 56 32.35 4.27 -70.01
CA VAL G 56 32.73 5.68 -69.88
C VAL G 56 34.17 5.93 -69.43
N SER G 57 34.62 5.23 -68.38
CA SER G 57 35.93 5.55 -67.78
C SER G 57 36.85 4.36 -67.42
N ASN G 58 36.43 3.12 -67.69
CA ASN G 58 37.23 1.96 -67.29
C ASN G 58 38.19 1.51 -68.38
N ARG G 59 39.46 1.34 -68.04
CA ARG G 59 40.46 0.87 -69.00
C ARG G 59 40.39 -0.63 -69.22
N ASP G 60 40.59 -1.04 -70.46
CA ASP G 60 40.77 -2.46 -70.77
C ASP G 60 42.17 -2.93 -70.39
N SER G 61 42.30 -4.21 -70.14
CA SER G 61 43.61 -4.76 -69.85
C SER G 61 44.56 -4.47 -71.00
N GLY G 62 45.77 -4.02 -70.67
CA GLY G 62 46.77 -3.72 -71.68
C GLY G 62 46.74 -2.26 -72.13
N VAL G 63 45.71 -1.52 -71.70
CA VAL G 63 45.58 -0.12 -72.08
C VAL G 63 46.44 0.76 -71.16
N PRO G 64 47.29 1.63 -71.73
CA PRO G 64 48.15 2.57 -71.04
C PRO G 64 47.38 3.43 -70.05
N ASP G 65 48.02 3.70 -68.91
CA ASP G 65 47.43 4.49 -67.83
C ASP G 65 47.18 5.94 -68.21
N ARG G 66 47.69 6.35 -69.36
CA ARG G 66 47.46 7.70 -69.84
C ARG G 66 46.02 7.88 -70.34
N PHE G 67 45.30 6.76 -70.51
CA PHE G 67 43.92 6.83 -70.96
C PHE G 67 42.93 6.75 -69.80
N SER G 68 41.93 7.63 -69.83
CA SER G 68 40.87 7.67 -68.85
C SER G 68 39.67 8.37 -69.45
N GLY G 69 38.64 8.61 -68.64
CA GLY G 69 37.47 9.30 -69.15
C GLY G 69 36.46 9.57 -68.05
N SER G 70 35.40 10.27 -68.42
CA SER G 70 34.32 10.60 -67.50
C SER G 70 33.08 10.99 -68.27
N GLY G 71 31.96 11.11 -67.56
CA GLY G 71 30.74 11.57 -68.20
C GLY G 71 29.50 10.90 -67.64
N SER G 72 28.34 11.39 -68.07
CA SER G 72 27.06 10.88 -67.61
C SER G 72 25.94 11.35 -68.52
N GLY G 73 24.81 10.63 -68.49
CA GLY G 73 23.65 11.06 -69.25
C GLY G 73 23.94 10.98 -70.75
N THR G 74 24.14 12.15 -71.36
CA THR G 74 24.41 12.25 -72.77
C THR G 74 25.82 12.71 -73.09
N ASP G 75 26.50 13.30 -72.10
CA ASP G 75 27.76 13.99 -72.34
C ASP G 75 28.97 13.24 -71.79
N PHE G 76 29.81 12.72 -72.69
CA PHE G 76 30.96 11.92 -72.28
C PHE G 76 32.27 12.43 -72.88
N THR G 77 33.38 12.18 -72.19
CA THR G 77 34.70 12.59 -72.66
C THR G 77 35.78 11.51 -72.55
N LEU G 78 36.58 11.37 -73.61
CA LEU G 78 37.78 10.53 -73.61
C LEU G 78 38.96 11.40 -73.27
N LYS G 79 39.67 11.05 -72.21
CA LYS G 79 40.79 11.88 -71.79
C LYS G 79 42.13 11.18 -72.00
N ILE G 80 43.11 11.95 -72.46
CA ILE G 80 44.46 11.44 -72.63
C ILE G 80 45.41 12.36 -71.87
N SER G 81 46.15 11.82 -70.90
CA SER G 81 47.03 12.65 -70.08
C SER G 81 48.13 13.29 -70.92
N ARG G 82 48.59 12.56 -71.94
CA ARG G 82 49.58 13.01 -72.89
C ARG G 82 49.43 12.20 -74.17
N VAL G 83 49.39 12.86 -75.32
CA VAL G 83 49.28 12.14 -76.58
C VAL G 83 50.64 11.74 -77.12
N GLU G 84 50.81 10.45 -77.39
CA GLU G 84 52.06 9.92 -77.92
C GLU G 84 51.96 9.80 -79.43
N ALA G 85 53.10 9.69 -80.09
CA ALA G 85 53.10 9.55 -81.55
C ALA G 85 52.30 8.32 -81.95
N GLU G 86 52.39 7.27 -81.13
CA GLU G 86 51.71 6.00 -81.41
C GLU G 86 50.19 6.12 -81.26
N ASP G 87 49.72 7.25 -80.72
CA ASP G 87 48.29 7.44 -80.51
C ASP G 87 47.60 8.09 -81.69
N VAL G 88 48.38 8.45 -82.71
CA VAL G 88 47.80 9.12 -83.86
C VAL G 88 46.70 8.25 -84.47
N GLY G 89 45.57 8.87 -84.76
CA GLY G 89 44.45 8.11 -85.32
C GLY G 89 43.11 8.71 -84.96
N VAL G 90 42.06 7.92 -85.10
CA VAL G 90 40.72 8.40 -84.85
C VAL G 90 40.08 7.75 -83.63
N TYR G 91 39.59 8.58 -82.73
CA TYR G 91 38.91 8.09 -81.55
C TYR G 91 37.41 8.11 -81.75
N TYR G 92 36.77 6.98 -81.45
CA TYR G 92 35.34 6.86 -81.64
C TYR G 92 34.63 6.60 -80.34
N CYS G 93 33.46 7.16 -80.19
CA CYS G 93 32.61 6.76 -79.08
C CYS G 93 31.56 5.79 -79.58
N MET G 94 31.20 4.81 -78.76
CA MET G 94 30.23 3.80 -79.16
C MET G 94 29.21 3.57 -78.07
N GLN G 95 27.94 3.50 -78.44
CA GLN G 95 26.92 3.20 -77.45
C GLN G 95 26.24 1.89 -77.76
N GLY G 96 26.12 1.04 -76.75
CA GLY G 96 25.43 -0.23 -76.91
C GLY G 96 24.15 -0.24 -76.09
N SER G 97 23.85 0.87 -75.44
CA SER G 97 22.70 1.00 -74.56
C SER G 97 21.38 0.85 -75.31
N HIS G 98 21.33 1.40 -76.52
CA HIS G 98 20.10 1.37 -77.29
C HIS G 98 20.32 0.75 -78.66
N TRP G 99 19.57 -0.29 -78.95
CA TRP G 99 19.68 -0.97 -80.23
C TRP G 99 19.10 -0.11 -81.35
N PRO G 100 19.75 -0.09 -82.52
CA PRO G 100 21.04 -0.67 -82.87
C PRO G 100 22.13 0.13 -82.21
N PRO G 101 23.27 -0.48 -81.89
CA PRO G 101 24.43 0.17 -81.35
C PRO G 101 24.97 1.12 -82.40
N THR G 102 25.46 2.26 -81.95
CA THR G 102 25.97 3.26 -82.87
C THR G 102 27.32 3.79 -82.45
N PHE G 103 28.01 4.41 -83.40
CA PHE G 103 29.28 5.04 -83.16
C PHE G 103 29.22 6.51 -83.52
N GLY G 104 30.11 7.30 -82.94
CA GLY G 104 30.23 8.70 -83.34
C GLY G 104 30.95 8.76 -84.67
N GLN G 105 31.11 9.96 -85.22
CA GLN G 105 31.75 10.10 -86.52
C GLN G 105 33.25 9.88 -86.42
N GLY G 106 33.76 9.96 -85.19
CA GLY G 106 35.18 9.79 -84.91
C GLY G 106 35.93 11.12 -84.88
N THR G 107 36.89 11.22 -83.98
CA THR G 107 37.72 12.40 -83.86
C THR G 107 39.15 12.11 -84.21
N LYS G 108 39.65 12.86 -85.18
CA LYS G 108 41.03 12.65 -85.61
C LYS G 108 41.97 13.42 -84.71
N VAL G 109 42.91 12.70 -84.11
CA VAL G 109 43.91 13.31 -83.28
C VAL G 109 45.25 13.31 -84.00
N GLU G 110 45.77 14.51 -84.22
CA GLU G 110 47.01 14.67 -84.96
C GLU G 110 48.15 14.90 -84.00
N ILE G 111 49.36 14.57 -84.43
CA ILE G 111 50.54 14.77 -83.60
C ILE G 111 51.19 16.11 -83.90
C1 NAG H . -26.94 -6.26 -53.48
C2 NAG H . -26.17 -5.13 -54.07
C3 NAG H . -27.11 -4.22 -54.75
C4 NAG H . -27.84 -4.99 -55.91
C5 NAG H . -28.54 -6.25 -55.30
C6 NAG H . -29.17 -7.13 -56.34
C7 NAG H . -24.13 -4.51 -52.92
C8 NAG H . -23.48 -3.84 -51.77
N2 NAG H . -25.43 -4.43 -53.02
O3 NAG H . -26.40 -3.06 -55.25
O4 NAG H . -28.81 -4.13 -56.43
O5 NAG H . -27.59 -7.08 -54.61
O6 NAG H . -30.58 -6.99 -56.39
O7 NAG H . -23.47 -5.13 -53.77
C1 NAG H . -28.68 -3.94 -57.87
C2 NAG H . -29.91 -3.25 -58.34
C3 NAG H . -29.89 -3.02 -59.80
C4 NAG H . -28.61 -2.13 -60.08
C5 NAG H . -27.30 -2.87 -59.63
C6 NAG H . -26.05 -2.04 -59.83
C7 NAG H . -31.99 -3.61 -57.15
C8 NAG H . -33.14 -4.51 -56.86
N2 NAG H . -31.07 -4.05 -58.00
O3 NAG H . -31.11 -2.35 -60.20
O4 NAG H . -28.59 -1.67 -61.44
O5 NAG H . -27.43 -3.08 -58.22
O6 NAG H . -24.88 -2.82 -59.80
O7 NAG H . -31.87 -2.50 -56.63
C1 BMA H . -28.47 -2.75 -62.44
C2 BMA H . -29.70 -2.71 -63.35
C3 BMA H . -29.65 -3.79 -64.37
C4 BMA H . -28.41 -3.55 -65.21
C5 BMA H . -27.15 -3.59 -64.29
C6 BMA H . -25.85 -3.25 -65.11
O2 BMA H . -29.69 -1.53 -63.98
O3 BMA H . -30.85 -3.73 -65.19
O4 BMA H . -28.33 -4.53 -66.18
O5 BMA H . -27.29 -2.55 -63.29
O6 BMA H . -25.81 -3.84 -66.46
C1 NAG I . -26.65 -28.92 -47.29
C2 NAG I . -26.76 -28.77 -48.77
C3 NAG I . -25.86 -29.78 -49.37
C4 NAG I . -24.36 -29.57 -48.96
C5 NAG I . -24.33 -29.58 -47.38
C6 NAG I . -22.98 -29.24 -46.83
C7 NAG I . -28.88 -28.04 -49.67
C8 NAG I . -30.30 -28.36 -50.02
N2 NAG I . -28.13 -29.00 -49.19
O3 NAG I . -26.00 -29.72 -50.82
O4 NAG I . -23.68 -30.67 -49.46
O5 NAG I . -25.22 -28.61 -46.83
O6 NAG I . -22.17 -30.40 -46.64
O7 NAG I . -28.41 -26.90 -49.82
C1 NAG I . -22.33 -30.36 -49.94
C2 NAG I . -21.74 -31.65 -50.40
C3 NAG I . -20.36 -31.48 -50.87
C4 NAG I . -20.41 -30.41 -52.03
C5 NAG I . -21.00 -29.04 -51.51
C6 NAG I . -21.09 -27.99 -52.60
C7 NAG I . -22.69 -33.55 -49.24
C8 NAG I . -22.64 -34.46 -48.05
N2 NAG I . -21.77 -32.60 -49.31
O3 NAG I . -19.86 -32.75 -51.37
O4 NAG I . -19.16 -30.29 -52.70
O5 NAG I . -22.33 -29.32 -51.06
O6 NAG I . -21.64 -26.78 -52.11
O7 NAG I . -23.54 -33.67 -50.13
C1 BMA I . -18.05 -29.84 -51.82
C2 BMA I . -17.02 -30.97 -51.71
C3 BMA I . -15.89 -30.59 -50.81
C4 BMA I . -15.24 -29.37 -51.42
C5 BMA I . -16.29 -28.22 -51.54
C6 BMA I . -15.65 -26.96 -52.26
O2 BMA I . -16.53 -31.19 -52.95
O3 BMA I . -14.96 -31.69 -50.71
O4 BMA I . -14.18 -28.97 -50.60
O5 BMA I . -17.37 -28.68 -52.38
O6 BMA I . -14.27 -26.67 -51.87
C1 NAG J . -24.11 -38.63 -10.54
C2 NAG J . -23.81 -39.83 -11.38
C3 NAG J . -24.77 -40.90 -11.09
C4 NAG J . -24.69 -41.31 -9.57
C5 NAG J . -24.88 -40.01 -8.71
C6 NAG J . -24.68 -40.28 -7.24
C7 NAG J . -23.01 -39.98 -13.67
C8 NAG J . -23.11 -39.49 -15.07
N2 NAG J . -23.86 -39.48 -12.79
O3 NAG J . -24.50 -42.03 -11.95
O4 NAG J . -25.77 -42.19 -9.33
O5 NAG J . -23.92 -38.99 -9.06
O6 NAG J . -25.84 -40.00 -6.47
O7 NAG J . -22.17 -40.81 -13.33
C1 NAG J . -25.36 -43.60 -9.21
C2 NAG J . -26.43 -44.44 -9.80
C3 NAG J . -26.13 -45.88 -9.67
C4 NAG J . -24.79 -46.13 -10.44
C5 NAG J . -23.63 -45.28 -9.83
C6 NAG J . -22.33 -45.43 -10.57
C7 NAG J . -28.84 -44.25 -9.76
C8 NAG J . -30.08 -43.95 -8.97
N2 NAG J . -27.69 -44.17 -9.13
O3 NAG J . -27.22 -46.66 -10.25
O4 NAG J . -24.48 -47.52 -10.55
O5 NAG J . -24.03 -43.90 -9.95
O6 NAG J . -22.51 -45.41 -11.98
O7 NAG J . -28.89 -44.55 -10.96
C1 BMA J . -24.30 -48.20 -9.25
C2 BMA J . -25.40 -49.26 -9.10
C3 BMA J . -25.29 -49.98 -7.79
C4 BMA J . -23.93 -50.66 -7.78
C5 BMA J . -22.82 -49.58 -7.93
C6 BMA J . -21.40 -50.27 -8.01
O2 BMA J . -25.23 -50.15 -10.09
O3 BMA J . -26.36 -50.94 -7.69
O4 BMA J . -23.79 -51.34 -6.58
O5 BMA J . -23.02 -48.88 -9.18
O6 BMA J . -21.21 -51.39 -7.07
C1 NAG K . -4.91 34.74 -34.67
C2 NAG K . -5.95 33.78 -34.17
C3 NAG K . -5.70 32.56 -34.94
C4 NAG K . -5.89 32.73 -36.49
C5 NAG K . -4.91 33.89 -36.92
C6 NAG K . -5.05 34.26 -38.38
C7 NAG K . -6.65 33.99 -31.87
C8 NAG K . -6.41 33.69 -30.42
N2 NAG K . -5.80 33.53 -32.74
O3 NAG K . -6.57 31.49 -34.45
O4 NAG K . -5.48 31.51 -37.04
O5 NAG K . -5.14 35.08 -36.16
O6 NAG K . -4.60 35.58 -38.65
O7 NAG K . -7.63 34.67 -32.22
C1 NAG K . -6.32 31.05 -38.14
C2 NAG K . -5.66 29.84 -38.67
C3 NAG K . -6.38 29.26 -39.84
C4 NAG K . -7.80 28.90 -39.27
C5 NAG K . -8.54 30.19 -38.75
C6 NAG K . -9.91 29.88 -38.19
C7 NAG K . -3.29 29.88 -38.30
C8 NAG K . -1.94 30.33 -38.74
N2 NAG K . -4.31 30.19 -39.06
O3 NAG K . -5.66 28.09 -40.31
O4 NAG K . -8.56 28.13 -40.21
O5 NAG K . -7.75 30.70 -37.65
O6 NAG K . -10.00 28.54 -37.72
O7 NAG K . -3.46 29.25 -37.25
C1 BMA K . -8.84 28.83 -41.48
C2 BMA K . -8.11 28.12 -42.62
C3 BMA K . -8.35 28.78 -43.93
C4 BMA K . -9.84 28.72 -44.18
C5 BMA K . -10.59 29.46 -43.04
C6 BMA K . -12.16 29.34 -43.22
O2 BMA K . -8.57 26.86 -42.68
O3 BMA K . -7.60 28.09 -44.96
O4 BMA K . -10.11 29.35 -45.41
O5 BMA K . -10.27 28.80 -41.79
O6 BMA K . -12.63 29.51 -44.61
C1 NAG L . -43.61 12.02 7.48
C2 NAG L . -43.90 12.63 8.83
C3 NAG L . -45.36 12.85 8.83
C4 NAG L . -45.78 13.89 7.71
C5 NAG L . -45.31 13.28 6.35
C6 NAG L . -45.52 14.23 5.21
C7 NAG L . -43.11 12.10 11.06
C8 NAG L . -42.78 11.04 12.09
N2 NAG L . -43.55 11.68 9.90
O3 NAG L . -45.79 13.30 10.14
O4 NAG L . -47.19 13.99 7.70
O5 NAG L . -43.92 13.00 6.37
O6 NAG L . -44.96 15.51 5.46
O7 NAG L . -42.97 13.30 11.30
C1 NAG L . -47.66 15.30 8.12
C2 NAG L . -49.01 15.52 7.52
C3 NAG L . -49.59 16.83 7.90
C4 NAG L . -49.74 16.79 9.47
C5 NAG L . -48.35 16.57 10.17
C6 NAG L . -48.49 16.37 11.65
C7 NAG L . -49.55 14.52 5.38
C8 NAG L . -49.35 14.50 3.90
N2 NAG L . -48.90 15.44 6.06
O3 NAG L . -50.87 17.01 7.24
O4 NAG L . -50.42 17.96 9.95
O5 NAG L . -47.82 15.35 9.66
O6 NAG L . -49.19 15.17 11.96
O7 NAG L . -50.30 13.73 5.95
C1 BMA L . -49.69 19.22 9.70
C2 BMA L . -50.53 20.11 8.79
C3 BMA L . -49.80 21.37 8.48
C4 BMA L . -49.56 22.10 9.80
C5 BMA L . -48.72 21.17 10.73
C6 BMA L . -48.50 21.85 12.14
O2 BMA L . -51.66 20.41 9.45
O3 BMA L . -50.59 22.18 7.58
O4 BMA L . -48.88 23.27 9.54
O5 BMA L . -49.44 19.94 10.95
O6 BMA L . -48.08 23.26 12.08
C1 NAG M . -52.31 -5.61 59.25
C2 NAG M . -52.59 -5.20 60.65
C3 NAG M . -54.06 -5.08 60.72
C4 NAG M . -54.59 -4.01 59.70
C5 NAG M . -54.09 -4.37 58.27
C6 NAG M . -54.42 -3.28 57.26
C7 NAG M . -51.53 -5.90 62.70
C8 NAG M . -51.08 -7.01 63.59
N2 NAG M . -52.13 -6.21 61.57
O3 NAG M . -54.44 -4.72 62.08
O4 NAG M . -55.99 -4.13 59.69
O5 NAG M . -52.69 -4.51 58.24
O6 NAG M . -53.60 -2.14 57.42
O7 NAG M . -51.35 -4.71 63.01
C1 NAG M . -56.66 -2.95 60.23
C2 NAG M . -58.07 -3.01 59.76
C3 NAG M . -58.88 -1.86 60.22
C4 NAG M . -58.91 -1.92 61.80
C5 NAG M . -57.43 -1.91 62.29
C6 NAG M . -57.36 -2.07 63.79
C7 NAG M . -58.33 -4.18 57.66
C8 NAG M . -58.34 -4.13 56.16
N2 NAG M . -58.10 -3.06 58.31
O3 NAG M . -60.19 -1.98 59.62
O4 NAG M . -59.54 -0.81 62.42
O5 NAG M . -56.68 -3.00 61.76
O6 NAG M . -58.46 -1.45 64.45
O7 NAG M . -58.55 -5.22 58.28
C1 BMA M . -60.92 -0.50 61.97
C2 BMA M . -61.87 -1.70 62.21
C3 BMA M . -63.25 -1.41 61.78
C4 BMA M . -63.74 -0.24 62.63
C5 BMA M . -62.80 0.99 62.37
C6 BMA M . -63.22 2.21 63.29
O2 BMA M . -61.86 -1.96 63.53
O3 BMA M . -64.10 -2.57 62.00
O4 BMA M . -65.04 0.07 62.27
O5 BMA M . -61.46 0.63 62.74
O6 BMA M . -63.80 1.84 64.62
C1 MAN M . -64.24 -3.37 60.76
C2 MAN M . -65.40 -2.79 59.94
C3 MAN M . -66.72 -2.94 60.61
C4 MAN M . -66.94 -4.42 60.83
C5 MAN M . -65.78 -4.99 61.70
C6 MAN M . -65.94 -6.54 61.89
O2 MAN M . -65.44 -3.48 58.78
O3 MAN M . -67.76 -2.38 59.77
O4 MAN M . -68.16 -4.61 61.46
O5 MAN M . -64.53 -4.77 61.00
O6 MAN M . -67.30 -7.00 62.23
C1 MAN M . -62.78 1.68 65.64
C2 MAN M . -63.47 1.13 66.90
C3 MAN M . -64.44 2.09 67.48
C4 MAN M . -63.65 3.34 67.82
C5 MAN M . -63.00 3.91 66.52
C6 MAN M . -62.15 5.20 66.83
O2 MAN M . -62.50 0.91 67.81
O3 MAN M . -65.07 1.53 68.65
O4 MAN M . -64.51 4.29 68.38
O5 MAN M . -62.10 2.92 66.00
O6 MAN M . -62.83 6.21 67.65
C1 NAG N . -45.75 -33.84 45.91
C2 NAG N . -46.11 -34.97 46.85
C3 NAG N . -45.75 -36.22 46.17
C4 NAG N . -46.55 -36.40 44.83
C5 NAG N . -46.24 -35.15 43.95
C6 NAG N . -47.01 -35.17 42.65
C7 NAG N . -45.93 -34.68 49.23
C8 NAG N . -45.05 -34.54 50.43
N2 NAG N . -45.35 -34.86 48.08
O3 NAG N . -46.01 -37.33 47.07
O4 NAG N . -46.03 -37.55 44.21
O5 NAG N . -46.57 -33.94 44.62
O6 NAG N . -47.08 -33.87 42.06
O7 NAG N . -47.17 -34.64 49.31
C1 NAG N . -47.06 -38.54 43.90
C2 NAG N . -46.46 -39.50 42.95
C3 NAG N . -47.39 -40.57 42.55
C4 NAG N . -47.70 -41.30 43.90
C5 NAG N . -48.44 -40.36 44.92
C6 NAG N . -48.74 -41.01 46.24
C7 NAG N . -44.83 -39.01 41.25
C8 NAG N . -44.40 -38.17 40.11
N2 NAG N . -46.02 -38.79 41.77
O3 NAG N . -46.74 -41.45 41.59
O4 NAG N . -48.35 -42.55 43.68
O5 NAG N . -47.50 -39.30 45.17
O6 NAG N . -49.75 -40.34 46.97
O7 NAG N . -44.12 -39.92 41.71
C1 BMA N . -49.70 -42.42 43.08
C2 BMA N . -49.70 -43.09 41.71
C3 BMA N . -51.03 -42.99 41.06
C4 BMA N . -52.01 -43.71 41.95
C5 BMA N . -52.02 -43.04 43.36
C6 BMA N . -52.96 -43.84 44.34
O2 BMA N . -49.40 -44.39 41.90
O3 BMA N . -50.96 -43.58 39.74
O4 BMA N . -53.27 -43.64 41.37
O5 BMA N . -50.69 -43.11 43.90
O6 BMA N . -54.17 -44.40 43.71
C1 NAG O . -30.94 -46.56 34.17
C2 NAG O . -30.65 -47.98 34.63
C3 NAG O . -30.41 -48.76 33.45
C4 NAG O . -31.61 -48.81 32.41
C5 NAG O . -31.93 -47.29 32.07
C6 NAG O . -33.15 -47.06 31.25
C7 NAG O . -29.50 -48.23 36.74
C8 NAG O . -28.20 -48.21 37.44
N2 NAG O . -29.48 -48.02 35.44
O3 NAG O . -30.05 -50.11 33.85
O4 NAG O . -31.11 -49.47 31.29
O5 NAG O . -32.15 -46.55 33.27
O6 NAG O . -33.83 -45.87 31.58
O7 NAG O . -30.58 -48.43 37.32
C1 NAG O . -32.14 -50.22 30.56
C2 NAG O . -31.84 -50.15 29.10
C3 NAG O . -32.87 -50.82 28.28
C4 NAG O . -32.91 -52.36 28.67
C5 NAG O . -33.18 -52.40 30.23
C6 NAG O . -33.17 -53.81 30.76
C7 NAG O . -30.55 -48.16 28.59
C8 NAG O . -30.55 -46.75 28.11
N2 NAG O . -31.71 -48.78 28.67
O3 NAG O . -32.50 -50.60 26.89
O4 NAG O . -33.98 -53.12 28.06
O5 NAG O . -32.17 -51.69 30.96
O6 NAG O . -34.46 -54.25 31.19
O7 NAG O . -29.51 -48.76 28.91
C1 BMA O . -34.04 -53.03 26.57
C2 BMA O . -32.79 -53.61 25.91
C3 BMA O . -32.87 -53.52 24.42
C4 BMA O . -34.06 -54.36 24.00
C5 BMA O . -35.35 -53.75 24.66
C6 BMA O . -36.64 -54.61 24.33
O2 BMA O . -32.73 -54.91 26.25
O3 BMA O . -31.64 -53.99 23.81
O4 BMA O . -34.15 -54.30 22.62
O5 BMA O . -35.17 -53.79 26.10
O6 BMA O . -36.47 -56.08 24.36
C1 MAN O . -30.67 -52.87 23.65
C2 MAN O . -30.86 -52.23 22.27
C3 MAN O . -30.53 -53.14 21.14
C4 MAN O . -29.07 -53.53 21.30
C5 MAN O . -28.92 -54.22 22.69
C6 MAN O . -27.44 -54.64 22.96
O2 MAN O . -30.03 -51.18 22.21
O3 MAN O . -30.72 -52.42 19.88
O4 MAN O . -28.70 -54.40 20.29
O5 MAN O . -29.28 -53.30 23.75
O6 MAN O . -26.75 -55.26 21.81
C1 MAN O . -36.66 -56.65 25.70
C2 MAN O . -36.52 -58.17 25.60
C3 MAN O . -37.61 -58.80 24.79
C4 MAN O . -38.91 -58.45 25.48
C5 MAN O . -39.07 -56.90 25.51
C6 MAN O . -40.40 -56.48 26.25
O2 MAN O . -36.60 -58.66 26.85
O3 MAN O . -37.41 -60.23 24.74
O4 MAN O . -39.97 -59.02 24.77
O5 MAN O . -37.97 -56.36 26.27
O6 MAN O . -41.57 -57.32 25.93
C1 NAG P . -54.00 -17.39 50.38
C2 NAG P . -54.51 -18.23 49.24
C3 NAG P . -54.83 -17.41 48.06
C4 NAG P . -55.93 -16.38 48.51
C5 NAG P . -55.31 -15.40 49.56
C6 NAG P . -56.26 -14.35 50.08
C7 NAG P . -53.51 -20.44 49.28
C8 NAG P . -52.35 -21.31 48.91
N2 NAG P . -53.47 -19.19 48.87
O3 NAG P . -55.31 -18.25 46.98
O4 NAG P . -56.47 -15.69 47.40
O5 NAG P . -55.00 -16.25 50.66
O6 NAG P . -55.73 -13.63 51.18
O7 NAG P . -54.47 -20.86 49.92
C1 NAG P . -57.93 -15.84 47.44
C2 NAG P . -58.56 -14.76 46.63
C3 NAG P . -60.03 -14.82 46.82
C4 NAG P . -60.62 -16.21 46.32
C5 NAG P . -59.78 -17.30 47.11
C6 NAG P . -60.15 -18.69 46.66
C7 NAG P . -57.19 -12.80 46.34
C8 NAG P . -56.75 -11.48 46.86
N2 NAG P . -58.07 -13.47 47.04
O3 NAG P . -60.58 -13.71 46.06
O4 NAG P . -61.97 -16.43 46.71
O5 NAG P . -58.38 -17.21 46.93
O6 NAG P . -61.56 -18.89 46.66
O7 NAG P . -56.75 -13.26 45.28
C1 BMA P . -62.98 -15.49 46.15
C2 BMA P . -63.07 -15.64 44.61
C3 BMA P . -64.11 -14.73 44.05
C4 BMA P . -65.44 -15.13 44.68
C5 BMA P . -65.35 -14.97 46.22
C6 BMA P . -66.67 -15.48 46.95
O2 BMA P . -63.42 -16.91 44.34
O3 BMA P . -64.15 -14.87 42.60
O4 BMA P . -66.44 -14.33 44.17
O5 BMA P . -64.27 -15.81 46.70
O6 BMA P . -67.35 -16.65 46.31
C1 MAN P . -63.32 -13.84 41.94
C2 MAN P . -64.21 -12.59 41.68
C3 MAN P . -65.32 -12.86 40.75
C4 MAN P . -64.71 -13.30 39.43
C5 MAN P . -63.85 -14.58 39.69
C6 MAN P . -63.17 -15.08 38.36
O2 MAN P . -63.39 -11.67 41.12
O3 MAN P . -66.10 -11.65 40.57
O4 MAN P . -65.74 -13.57 38.53
O5 MAN P . -62.82 -14.27 40.65
O6 MAN P . -64.06 -15.14 37.19
C1 MAN P . -66.80 -17.91 46.78
C2 MAN P . -67.39 -19.05 45.93
C3 MAN P . -68.86 -19.18 46.10
C4 MAN P . -69.09 -19.50 47.58
C5 MAN P . -68.53 -18.32 48.44
C6 MAN P . -68.70 -18.64 49.98
O2 MAN P . -66.81 -20.18 46.31
O3 MAN P . -69.35 -20.26 45.27
O4 MAN P . -70.44 -19.65 47.80
O5 MAN P . -67.11 -18.21 48.19
O6 MAN P . -70.01 -19.19 50.35
C1 NAG Q . -54.34 -28.64 62.35
C2 NAG Q . -55.20 -29.55 61.52
C3 NAG Q . -55.91 -30.48 62.43
C4 NAG Q . -54.86 -31.33 63.21
C5 NAG Q . -53.93 -30.37 64.01
C6 NAG Q . -52.84 -31.10 64.73
C7 NAG Q . -55.93 -28.39 59.52
C8 NAG Q . -57.02 -27.65 58.82
N2 NAG Q . -56.18 -28.79 60.76
O3 NAG Q . -56.79 -31.31 61.65
O4 NAG Q . -55.55 -32.15 64.12
O5 NAG Q . -53.29 -29.47 63.10
O6 NAG Q . -51.60 -31.07 64.03
O7 NAG Q . -54.84 -28.59 59.00
C1 NAG Q . -55.33 -33.57 63.83
C2 NAG Q . -55.55 -34.37 65.07
C3 NAG Q . -55.21 -35.79 64.84
C4 NAG Q . -56.23 -36.36 63.76
C5 NAG Q . -56.05 -35.48 62.48
C6 NAG Q . -57.02 -35.89 61.42
C7 NAG Q . -55.30 -33.43 67.28
C8 NAG Q . -54.40 -32.92 68.36
N2 NAG Q . -54.75 -33.85 66.17
O3 NAG Q . -55.30 -36.48 66.11
O4 NAG Q . -55.91 -37.71 63.42
O5 NAG Q . -56.30 -34.09 62.76
O6 NAG Q . -56.47 -36.87 60.55
O7 NAG Q . -56.53 -33.46 67.43
C1 BMA Q . -56.56 -38.67 64.34
C2 BMA Q . -58.02 -38.93 63.85
C3 BMA Q . -58.69 -39.84 64.80
C4 BMA Q . -57.91 -41.14 64.76
C5 BMA Q . -56.44 -40.90 65.21
C6 BMA Q . -55.58 -42.20 65.02
O2 BMA Q . -57.90 -39.54 62.64
O3 BMA Q . -60.09 -40.02 64.41
O4 BMA Q . -58.51 -42.06 65.61
O5 BMA Q . -55.84 -39.91 64.36
O6 BMA Q . -55.99 -43.08 63.89
C1 MAN Q . -60.93 -39.03 65.09
C2 MAN Q . -61.39 -39.64 66.44
C3 MAN Q . -62.28 -40.81 66.25
C4 MAN Q . -63.49 -40.32 65.48
C5 MAN Q . -63.04 -39.76 64.08
C6 MAN Q . -64.26 -39.21 63.23
O2 MAN Q . -62.11 -38.67 67.06
O3 MAN Q . -62.66 -41.34 67.55
O4 MAN Q . -64.38 -41.38 65.30
O5 MAN Q . -62.12 -38.67 64.34
O6 MAN Q . -65.47 -40.05 63.25
C1 MAN Q . -55.23 -42.82 62.67
C2 MAN Q . -55.71 -43.77 61.58
C3 MAN Q . -55.39 -45.20 61.89
C4 MAN Q . -53.89 -45.30 61.98
C5 MAN Q . -53.41 -44.36 63.12
C6 MAN Q . -51.84 -44.38 63.20
O2 MAN Q . -55.08 -43.45 60.44
O3 MAN Q . -55.89 -46.06 60.82
O4 MAN Q . -53.53 -46.62 62.25
O5 MAN Q . -53.78 -43.00 62.81
O6 MAN Q . -51.26 -45.70 63.49
C1 NAG R . -53.04 -12.78 77.49
C2 NAG R . -53.60 -11.50 76.95
C3 NAG R . -53.41 -10.44 77.94
C4 NAG R . -54.15 -10.80 79.28
C5 NAG R . -53.56 -12.15 79.77
C6 NAG R . -54.22 -12.64 81.04
C7 NAG R . -53.49 -11.24 74.55
C8 NAG R . -52.65 -10.90 73.35
N2 NAG R . -52.92 -11.14 75.72
O3 NAG R . -53.90 -9.19 77.38
O4 NAG R . -53.87 -9.80 80.25
O5 NAG R . -53.76 -13.17 78.79
O6 NAG R . -55.58 -12.97 80.85
O7 NAG R . -54.67 -11.59 74.45
C1 NAG R . -54.87 -8.71 80.24
C2 NAG R . -55.16 -8.34 81.66
C3 NAG R . -56.17 -7.28 81.74
C4 NAG R . -55.55 -6.02 81.05
C5 NAG R . -55.24 -6.37 79.55
C6 NAG R . -54.58 -5.23 78.81
C7 NAG R . -55.12 -9.84 83.54
C8 NAG R . -55.71 -11.02 84.24
N2 NAG R . -55.65 -9.50 82.39
O3 NAG R . -56.51 -7.03 83.14
O4 NAG R . -56.47 -4.96 81.11
O5 NAG R . -54.29 -7.46 79.54
O6 NAG R . -55.53 -4.34 78.24
O7 NAG R . -54.18 -9.20 84.03
C1 BMA R . -56.22 -4.12 82.29
C2 BMA R . -55.28 -2.95 81.93
C3 BMA R . -55.00 -2.11 83.12
C4 BMA R . -56.34 -1.52 83.56
C5 BMA R . -57.32 -2.68 83.90
C6 BMA R . -58.76 -2.13 84.26
O2 BMA R . -55.88 -2.22 80.99
O3 BMA R . -54.04 -1.05 82.80
O4 BMA R . -56.13 -0.74 84.69
O5 BMA R . -57.49 -3.52 82.74
O6 BMA R . -59.15 -0.87 83.58
C1 MAN R . -52.66 -1.53 83.06
C2 MAN R . -52.26 -1.06 84.47
C3 MAN R . -52.18 0.43 84.59
C4 MAN R . -51.13 0.89 83.62
C5 MAN R . -51.57 0.44 82.18
C6 MAN R . -50.52 0.90 81.08
O2 MAN R . -51.02 -1.54 84.70
O3 MAN R . -51.83 0.78 85.96
O4 MAN R . -51.02 2.27 83.68
O5 MAN R . -51.68 -0.99 82.13
O6 MAN R . -49.98 2.27 81.27
C1 MAN R . -59.88 -1.12 82.34
C2 MAN R . -60.07 0.21 81.63
C3 MAN R . -60.93 1.19 82.39
C4 MAN R . -62.27 0.52 82.56
C5 MAN R . -62.08 -0.83 83.32
C6 MAN R . -63.44 -1.57 83.46
O2 MAN R . -60.67 -0.05 80.47
O3 MAN R . -61.04 2.41 81.62
O4 MAN R . -63.12 1.37 83.29
O5 MAN R . -61.21 -1.70 82.56
O6 MAN R . -64.57 -0.72 83.88
C1 NAG S . 51.83 -9.88 -24.09
C2 NAG S . 51.13 -9.85 -25.41
C3 NAG S . 51.63 -10.97 -26.21
C4 NAG S . 53.18 -10.84 -26.49
C5 NAG S . 53.88 -10.72 -25.08
C6 NAG S . 55.35 -10.42 -25.21
C7 NAG S . 48.84 -9.10 -25.58
C8 NAG S . 47.40 -9.37 -25.31
N2 NAG S . 49.70 -10.02 -25.20
O3 NAG S . 50.90 -11.02 -27.46
O4 NAG S . 53.55 -12.03 -27.11
O5 NAG S . 53.34 -9.65 -24.31
O6 NAG S . 56.17 -11.58 -25.04
O7 NAG S . 49.22 -8.07 -26.15
C1 NAG S . 54.39 -11.80 -28.28
C2 NAG S . 55.00 -13.12 -28.63
C3 NAG S . 55.92 -13.01 -29.78
C4 NAG S . 55.04 -12.48 -30.98
C5 NAG S . 54.43 -11.07 -30.64
C6 NAG S . 53.54 -10.54 -31.74
C7 NAG S . 55.63 -14.89 -27.12
C8 NAG S . 56.39 -15.31 -25.91
N2 NAG S . 55.70 -13.62 -27.48
O3 NAG S . 56.47 -14.33 -30.06
O4 NAG S . 55.76 -12.51 -32.21
O5 NAG S . 53.59 -11.26 -29.48
O6 NAG S . 52.67 -11.54 -32.25
O7 NAG S . 54.95 -15.68 -27.78
C1 BMA S . 56.99 -11.66 -32.22
C2 BMA S . 58.20 -12.56 -32.43
C3 BMA S . 59.47 -11.78 -32.40
C4 BMA S . 59.38 -10.78 -33.54
C5 BMA S . 58.13 -9.86 -33.33
C6 BMA S . 57.97 -8.86 -34.54
O2 BMA S . 58.07 -13.13 -33.64
O3 BMA S . 60.59 -12.67 -32.58
O4 BMA S . 60.55 -10.01 -33.54
O5 BMA S . 56.96 -10.69 -33.31
O6 BMA S . 59.22 -8.25 -35.01
C1 NAG T . 61.01 -3.29 -3.95
C2 NAG T . 60.95 -2.78 -5.36
C3 NAG T . 62.11 -1.91 -5.63
C4 NAG T . 62.06 -0.66 -4.67
C5 NAG T . 62.05 -1.21 -3.20
C6 NAG T . 61.95 -0.11 -2.17
C7 NAG T . 59.98 -4.11 -7.14
C8 NAG T . 60.07 -5.32 -8.01
N2 NAG T . 60.97 -3.91 -6.28
O3 NAG T . 62.10 -1.50 -7.02
O4 NAG T . 63.23 0.06 -4.93
O5 NAG T . 60.92 -2.08 -2.99
O6 NAG T . 60.78 0.67 -2.33
O7 NAG T . 59.03 -3.32 -7.19
C1 NAG T . 63.00 1.51 -4.93
C2 NAG T . 64.33 2.16 -4.71
C3 NAG T . 64.20 3.63 -4.64
C4 NAG T . 63.57 4.07 -6.02
C5 NAG T . 62.16 3.41 -6.24
C6 NAG T . 61.55 3.77 -7.58
C7 NAG T . 65.70 0.65 -3.42
C8 NAG T . 66.24 0.23 -2.09
N2 NAG T . 64.90 1.69 -3.47
O3 NAG T . 65.51 4.21 -4.44
O4 NAG T . 63.55 5.50 -6.14
O5 NAG T . 62.38 1.99 -6.26
O6 NAG T . 60.21 3.27 -7.71
O7 NAG T . 65.99 0.04 -4.46
C1 BMA T . 62.75 6.18 -5.10
C2 BMA T . 63.66 7.06 -4.25
C3 BMA T . 62.90 7.74 -3.18
C4 BMA T . 61.86 8.62 -3.86
C5 BMA T . 60.93 7.72 -4.73
C6 BMA T . 59.89 8.60 -5.52
O2 BMA T . 64.19 7.99 -5.08
O3 BMA T . 63.81 8.53 -2.37
O4 BMA T . 61.12 9.27 -2.87
O5 BMA T . 61.74 7.04 -5.71
O6 BMA T . 59.26 9.68 -4.74
C1 NAG U . 44.42 0.90 -21.58
C2 NAG U . 44.45 0.34 -22.97
C3 NAG U . 43.49 1.08 -23.80
C4 NAG U . 42.05 0.90 -23.20
C5 NAG U . 42.05 1.47 -21.74
C6 NAG U . 40.72 1.29 -21.04
C7 NAG U . 46.54 -0.60 -23.71
C8 NAG U . 47.92 -0.37 -24.21
N2 NAG U . 45.78 0.45 -23.52
O3 NAG U . 43.55 0.59 -25.17
O4 NAG U . 41.17 1.65 -24.00
O5 NAG U . 43.01 0.73 -20.97
O6 NAG U . 40.83 1.47 -19.64
O7 NAG U . 46.10 -1.73 -23.49
C1 NAG U . 40.03 0.82 -24.41
C2 NAG U . 38.99 1.72 -24.98
C3 NAG U . 37.79 0.95 -25.34
C4 NAG U . 38.21 -0.11 -26.41
C5 NAG U . 39.31 -1.04 -25.81
C6 NAG U . 39.79 -2.07 -26.81
C7 NAG U . 38.96 4.01 -24.19
C8 NAG U . 38.56 4.97 -23.12
N2 NAG U . 38.63 2.74 -24.01
O3 NAG U . 36.76 1.85 -25.83
O4 NAG U . 37.10 -0.85 -26.78
O5 NAG U . 40.44 -0.25 -25.45
O6 NAG U . 38.71 -2.61 -27.58
O7 NAG U . 39.55 4.36 -25.21
C1 NAG V . 39.71 -4.23 26.97
C2 NAG V . 40.93 -3.39 26.87
C3 NAG V . 41.86 -3.93 27.87
C4 NAG V . 41.29 -3.88 29.33
C5 NAG V . 39.87 -4.55 29.32
C6 NAG V . 39.15 -4.33 30.63
C7 NAG V . 41.95 -2.44 24.90
C8 NAG V . 42.46 -2.64 23.51
N2 NAG V . 41.51 -3.49 25.54
O3 NAG V . 43.11 -3.20 27.79
O4 NAG V . 42.18 -4.72 30.02
O5 NAG V . 39.00 -4.00 28.32
O6 NAG V . 39.22 -5.48 31.47
O7 NAG V . 41.94 -1.33 25.43
C1 NAG V . 42.65 -4.18 31.30
C2 NAG V . 43.42 -5.29 31.92
C3 NAG V . 44.02 -4.96 33.22
C4 NAG V . 44.99 -3.74 32.91
C5 NAG V . 44.21 -2.51 32.34
C6 NAG V . 45.12 -1.36 31.98
C7 NAG V . 42.78 -7.54 31.41
C8 NAG V . 41.81 -8.67 31.62
N2 NAG V . 42.56 -6.43 32.08
O3 NAG V . 44.76 -6.11 33.70
O4 NAG V . 45.81 -3.44 34.04
O5 NAG V . 43.61 -2.98 31.11
O6 NAG V . 46.27 -1.80 31.27
O7 NAG V . 43.75 -7.64 30.64
C1 BMA V . 45.05 -3.11 35.26
C2 BMA V . 45.30 -4.20 36.32
C3 BMA V . 44.55 -3.93 37.58
C4 BMA V . 45.05 -2.60 38.10
C5 BMA V . 44.80 -1.49 37.04
C6 BMA V . 45.39 -0.12 37.52
O2 BMA V . 46.60 -4.20 36.59
O3 BMA V . 44.80 -5.00 38.52
O4 BMA V . 44.37 -2.30 39.28
O5 BMA V . 45.51 -1.84 35.83
O6 BMA V . 45.16 0.19 38.95
C1 NAG W . -3.32 -37.84 -30.10
C2 NAG W . -4.61 -38.38 -29.53
C3 NAG W . -4.28 -39.55 -28.70
C4 NAG W . -3.58 -40.67 -29.55
C5 NAG W . -2.31 -40.05 -30.21
C6 NAG W . -1.62 -41.00 -31.14
C7 NAG W . -6.25 -36.64 -29.16
C8 NAG W . -6.82 -35.63 -28.23
N2 NAG W . -5.25 -37.37 -28.70
O3 NAG W . -5.51 -40.06 -28.12
O4 NAG W . -3.18 -41.69 -28.67
O5 NAG W . -2.65 -38.91 -31.00
O6 NAG W . -0.93 -42.02 -30.44
O7 NAG W . -6.68 -36.80 -30.30
C1 NAG W . -3.91 -42.94 -28.91
C2 NAG W . -3.23 -44.00 -28.10
C3 NAG W . -3.90 -45.30 -28.27
C4 NAG W . -5.39 -45.10 -27.77
C5 NAG W . -6.13 -44.03 -28.64
C6 NAG W . -7.53 -43.74 -28.15
C7 NAG W . -0.85 -44.03 -27.68
C8 NAG W . 0.54 -44.16 -28.20
N2 NAG W . -1.85 -44.13 -28.53
O3 NAG W . -3.21 -46.31 -27.48
O4 NAG W . -6.08 -46.34 -27.69
O5 NAG W . -5.38 -42.82 -28.46
O6 NAG W . -7.60 -43.65 -26.74
O7 NAG W . -1.07 -43.82 -26.47
C1 BMA W . -6.24 -47.03 -28.98
C2 BMA W . -5.53 -48.39 -28.91
C3 BMA W . -5.64 -49.11 -30.20
C4 BMA W . -7.11 -49.33 -30.47
C5 BMA W . -7.84 -47.95 -30.53
C6 BMA W . -9.39 -48.15 -30.72
O2 BMA W . -6.15 -49.12 -27.96
O3 BMA W . -4.93 -50.37 -30.12
O4 BMA W . -7.26 -50.00 -31.68
O5 BMA W . -7.65 -47.29 -29.27
O6 BMA W . -9.78 -49.23 -31.66
C1 NAG X . 5.51 -36.55 -51.01
C2 NAG X . 5.64 -36.30 -49.53
C3 NAG X . 6.69 -37.23 -49.02
C4 NAG X . 6.32 -38.75 -49.26
C5 NAG X . 6.14 -38.91 -50.81
C6 NAG X . 5.70 -40.30 -51.19
C7 NAG X . 5.40 -34.11 -48.52
C8 NAG X . 5.97 -32.73 -48.33
N2 NAG X . 6.07 -34.93 -49.30
O3 NAG X . 6.89 -36.96 -47.61
O4 NAG X . 7.42 -39.49 -48.80
O5 NAG X . 5.12 -38.02 -51.27
O6 NAG X . 5.18 -40.36 -52.52
O7 NAG X . 4.35 -34.46 -47.97
C1 NAG X . 7.02 -40.68 -48.05
C2 NAG X . 8.26 -41.41 -47.68
C3 NAG X . 7.95 -42.66 -46.95
C4 NAG X . 7.16 -42.21 -45.66
C5 NAG X . 5.83 -41.48 -46.03
C6 NAG X . 5.04 -41.01 -44.84
C7 NAG X . 10.17 -41.19 -49.15
C8 NAG X . 10.85 -41.61 -50.42
N2 NAG X . 9.01 -41.75 -48.88
O3 NAG X . 9.17 -43.35 -46.62
O4 NAG X . 7.00 -43.30 -44.75
O5 NAG X . 6.22 -40.32 -46.78
O6 NAG X . 5.88 -40.72 -43.73
O7 NAG X . 10.66 -40.37 -48.38
C1 BMA X . 6.19 -44.42 -45.28
C2 BMA X . 7.05 -45.67 -45.34
C3 BMA X . 6.29 -46.81 -45.90
C4 BMA X . 5.11 -47.06 -44.97
C5 BMA X . 4.23 -45.77 -44.92
C6 BMA X . 3.04 -45.96 -43.89
O2 BMA X . 7.41 -45.97 -44.07
O3 BMA X . 7.15 -47.98 -45.97
O4 BMA X . 4.36 -48.13 -45.47
O5 BMA X . 5.05 -44.69 -44.42
O6 BMA X . 2.35 -47.24 -43.98
C1 NAG Y . 2.51 -41.32 3.63
C2 NAG Y . 1.31 -41.77 4.41
C3 NAG Y . 1.52 -43.21 4.65
C4 NAG Y . 1.60 -44.02 3.31
C5 NAG Y . 2.70 -43.37 2.41
C6 NAG Y . 2.70 -43.96 1.01
C7 NAG Y . 0.46 -39.96 5.79
C8 NAG Y . 0.40 -39.27 7.11
N2 NAG Y . 1.20 -41.04 5.67
O3 NAG Y . 0.44 -43.70 5.49
O4 NAG Y . 2.04 -45.30 3.68
O5 NAG Y . 2.51 -41.96 2.23
O6 NAG Y . 3.06 -43.00 0.02
O7 NAG Y . -0.19 -39.55 4.81
C1 NAG Y . 1.23 -46.36 3.10
C2 NAG Y . 2.09 -47.59 3.10
C3 NAG Y . 1.37 -48.79 2.61
C4 NAG Y . 0.16 -48.98 3.60
C5 NAG Y . -0.83 -47.76 3.57
C6 NAG Y . -1.93 -47.89 4.57
C7 NAG Y . 4.47 -47.37 2.75
C8 NAG Y . 5.60 -47.12 1.80
N2 NAG Y . 3.25 -47.35 2.26
O3 NAG Y . 2.27 -49.92 2.63
O4 NAG Y . -0.48 -50.25 3.37
O5 NAG Y . -0.01 -46.65 3.98
O6 NAG Y . -1.44 -48.03 5.90
O7 NAG Y . 4.66 -47.59 3.95
C1 BMA Y . -1.09 -50.37 2.03
C2 BMA Y . -0.44 -51.54 1.30
C3 BMA Y . -1.01 -51.72 -0.06
C4 BMA Y . -2.49 -52.00 0.11
C5 BMA Y . -3.17 -50.81 0.85
C6 BMA Y . -4.68 -51.12 1.14
O2 BMA Y . -0.70 -52.64 2.02
O3 BMA Y . -0.34 -52.82 -0.73
O4 BMA Y . -3.06 -52.18 -1.14
O5 BMA Y . -2.53 -50.66 2.14
O6 BMA Y . -5.39 -51.82 0.04
C1 NAG Z . -25.03 -52.42 50.05
C2 NAG Z . -26.09 -53.09 50.87
C3 NAG Z . -25.71 -54.52 50.92
C4 NAG Z . -25.70 -55.15 49.49
C5 NAG Z . -24.79 -54.26 48.58
C6 NAG Z . -24.87 -54.68 47.13
C7 NAG Z . -27.25 -51.96 52.66
C8 NAG Z . -27.21 -51.34 54.01
N2 NAG Z . -26.14 -52.51 52.21
O3 NAG Z . -26.64 -55.21 51.80
O4 NAG Z . -25.07 -56.40 49.60
O5 NAG Z . -25.13 -52.87 48.59
O6 NAG Z . -26.10 -54.33 46.51
O7 NAG Z . -28.28 -51.96 51.97
C1 NAG Z . -25.96 -57.53 49.43
C2 NAG Z . -25.11 -58.75 49.63
C3 NAG Z . -25.85 -60.02 49.57
C4 NAG Z . -26.93 -59.93 50.72
C5 NAG Z . -27.92 -58.73 50.49
C6 NAG Z . -28.91 -58.56 51.62
C7 NAG Z . -22.85 -58.36 48.87
C8 NAG Z . -21.86 -58.39 47.76
N2 NAG Z . -24.08 -58.75 48.61
O3 NAG Z . -24.94 -61.12 49.77
O4 NAG Z . -27.57 -61.18 50.94
O5 NAG Z . -27.08 -57.57 50.49
O6 NAG Z . -28.30 -58.67 52.90
O7 NAG Z . -22.54 -57.98 50.01
C1 BMA Z . -28.31 -61.69 49.76
C2 BMA Z . -27.68 -63.00 49.31
C3 BMA Z . -28.37 -63.57 48.13
C4 BMA Z . -29.80 -63.84 48.54
C5 BMA Z . -30.47 -62.49 49.00
C6 BMA Z . -31.93 -62.74 49.51
O2 BMA Z . -27.78 -63.87 50.33
O3 BMA Z . -27.71 -64.79 47.72
O4 BMA Z . -30.50 -64.36 47.46
O5 BMA Z . -29.71 -61.97 50.11
O6 BMA Z . -32.76 -63.59 48.65
C1 NAG AA . -1.37 -35.21 64.62
C2 NAG AA . -0.60 -36.15 65.51
C3 NAG AA . 0.32 -35.35 66.34
C4 NAG AA . 1.36 -34.57 65.45
C5 NAG AA . 0.51 -33.66 64.50
C6 NAG AA . 1.37 -32.90 63.52
C7 NAG AA . -1.22 -38.10 66.77
C8 NAG AA . -2.24 -38.79 67.61
N2 NAG AA . -1.51 -36.88 66.35
O3 NAG AA . 1.02 -36.22 67.27
O4 NAG AA . 2.16 -33.77 66.29
O5 NAG AA . -0.39 -34.44 63.71
O6 NAG AA . 0.94 -33.06 62.18
O7 NAG AA . -0.14 -38.62 66.47
C1 NAG AA . 3.59 -34.13 66.18
C2 NAG AA . 4.41 -32.96 66.63
C3 NAG AA . 5.84 -33.29 66.49
C4 NAG AA . 6.19 -34.53 67.41
C5 NAG AA . 5.30 -35.72 66.94
C6 NAG AA . 5.50 -36.95 67.80
C7 NAG AA . 3.88 -30.61 66.34
C8 NAG AA . 3.55 -29.48 65.41
N2 NAG AA . 4.11 -31.79 65.80
O3 NAG AA . 6.66 -32.16 66.84
O4 NAG AA . 7.54 -34.85 67.22
O5 NAG AA . 3.91 -35.37 67.07
O6 NAG AA . 4.35 -37.76 67.87
O7 NAG AA . 3.96 -30.46 67.56
C1 BMA AA . 8.30 -34.69 68.49
C2 BMA AA . 9.63 -35.45 68.36
C3 BMA AA . 10.44 -35.35 69.60
C4 BMA AA . 10.73 -33.87 69.79
C5 BMA AA . 9.40 -33.09 69.92
C6 BMA AA . 9.69 -31.54 70.06
O2 BMA AA . 10.31 -34.92 67.34
O3 BMA AA . 11.67 -36.11 69.43
O4 BMA AA . 11.50 -33.73 70.93
O5 BMA AA . 8.61 -33.28 68.73
O6 BMA AA . 10.90 -31.22 70.84
C1 NAG BA . 9.96 -15.21 64.96
C2 NAG BA . 10.69 -15.11 66.26
C3 NAG BA . 11.96 -14.42 65.91
C4 NAG BA . 12.84 -15.21 64.88
C5 NAG BA . 11.95 -15.48 63.62
C6 NAG BA . 12.58 -16.43 62.65
C7 NAG BA . 9.72 -14.69 68.42
C8 NAG BA . 8.96 -13.76 69.31
N2 NAG BA . 9.93 -14.30 67.19
O3 NAG BA . 12.71 -14.17 67.12
O4 NAG BA . 13.88 -14.34 64.48
O5 NAG BA . 10.73 -16.11 63.98
O6 NAG BA . 13.07 -17.60 63.28
O7 NAG BA . 10.14 -15.79 68.82
C1 NAG BA . 15.21 -14.87 64.82
C2 NAG BA . 16.16 -14.33 63.81
C3 NAG BA . 17.52 -14.84 64.05
C4 NAG BA . 18.04 -14.35 65.47
C5 NAG BA . 16.96 -14.85 66.50
C6 NAG BA . 17.28 -14.34 67.88
C7 NAG BA . 15.32 -13.82 61.61
C8 NAG BA . 14.91 -14.29 60.25
N2 NAG BA . 15.75 -14.71 62.48
O3 NAG BA . 18.32 -14.36 62.95
O4 NAG BA . 19.28 -14.90 65.88
O5 NAG BA . 15.63 -14.40 66.22
O6 NAG BA . 18.58 -13.76 67.94
O7 NAG BA . 15.27 -12.63 61.92
C1 BMA BA . 20.36 -14.99 64.84
C2 BMA BA . 20.78 -13.57 64.42
C3 BMA BA . 21.82 -13.69 63.34
C4 BMA BA . 23.02 -14.43 63.91
C5 BMA BA . 22.55 -15.85 64.39
C6 BMA BA . 23.71 -16.65 65.08
O2 BMA BA . 21.33 -12.97 65.51
O3 BMA BA . 22.21 -12.35 62.91
O4 BMA BA . 23.99 -14.53 62.94
O5 BMA BA . 21.51 -15.69 65.38
O6 BMA BA . 24.66 -15.85 65.91
C1 MAN BA . 21.31 -11.85 61.85
C2 MAN BA . 21.91 -12.24 60.50
C3 MAN BA . 23.20 -11.60 60.25
C4 MAN BA . 22.96 -10.10 60.26
C5 MAN BA . 22.38 -9.68 61.64
C6 MAN BA . 22.04 -8.13 61.68
O2 MAN BA . 21.02 -11.83 59.57
O3 MAN BA . 23.72 -12.04 58.96
O4 MAN BA . 24.16 -9.45 60.01
O5 MAN BA . 21.15 -10.41 61.86
O6 MAN BA . 22.99 -7.25 60.96
C1 MAN BA . 24.24 -15.76 67.31
C2 MAN BA . 25.32 -15.01 68.10
C3 MAN BA . 26.61 -15.76 68.14
C4 MAN BA . 26.32 -17.07 68.82
C5 MAN BA . 25.24 -17.87 68.02
C6 MAN BA . 24.87 -19.19 68.76
O2 MAN BA . 24.87 -14.86 69.35
O3 MAN BA . 27.58 -15.00 68.89
O4 MAN BA . 27.49 -17.80 68.90
O5 MAN BA . 24.05 -17.06 67.95
O6 MAN BA . 26.01 -19.92 69.34
C1 NAG CA . -10.88 -49.04 55.06
C2 NAG CA . -9.39 -48.82 55.07
C3 NAG CA . -8.85 -49.02 53.72
C4 NAG CA . -9.14 -50.49 53.22
C5 NAG CA . -10.69 -50.66 53.22
C6 NAG CA . -11.12 -52.04 52.80
C7 NAG CA . -8.68 -47.16 56.71
C8 NAG CA . -8.47 -45.72 57.04
N2 NAG CA . -9.11 -47.46 55.50
O3 NAG CA . -7.42 -48.76 53.73
O4 NAG CA . -8.62 -50.61 51.93
O5 NAG CA . -11.19 -50.45 54.53
O6 NAG CA . -12.50 -52.27 53.05
O7 NAG CA . -8.48 -48.06 57.53
C1 NAG CA . -7.86 -51.85 51.76
C2 NAG CA . -7.29 -51.85 50.38
C3 NAG CA . -6.48 -53.05 50.11
C4 NAG CA . -5.31 -53.05 51.16
C5 NAG CA . -5.88 -53.11 52.64
C6 NAG CA . -4.81 -53.03 53.68
C7 NAG CA . -8.78 -50.66 48.90
C8 NAG CA . -9.89 -50.71 47.90
N2 NAG CA . -8.37 -51.80 49.41
O3 NAG CA . -5.96 -52.97 48.75
O4 NAG CA . -4.35 -54.07 50.88
O5 NAG CA . -6.69 -51.93 52.79
O6 NAG CA . -4.32 -51.71 53.87
O7 NAG CA . -8.28 -49.59 49.24
C1 BMA CA . -4.86 -55.45 51.01
C2 BMA CA . -4.73 -56.15 49.66
C3 BMA CA . -5.23 -57.55 49.73
C4 BMA CA . -4.39 -58.29 50.75
C5 BMA CA . -4.54 -57.57 52.12
C6 BMA CA . -3.61 -58.28 53.20
O2 BMA CA . -3.42 -56.16 49.34
O3 BMA CA . -5.12 -58.17 48.43
O4 BMA CA . -4.84 -59.60 50.84
O5 BMA CA . -4.08 -56.21 51.98
O6 BMA CA . -3.56 -59.75 53.11
C1 NAG DA . -14.63 -47.68 71.26
C2 NAG DA . -13.19 -47.75 71.67
C3 NAG DA . -13.09 -48.48 72.94
C4 NAG DA . -13.90 -47.71 74.05
C5 NAG DA . -15.38 -47.65 73.56
C6 NAG DA . -16.27 -46.93 74.54
C7 NAG DA . -11.67 -47.82 69.80
C8 NAG DA . -10.95 -48.64 68.78
N2 NAG DA . -12.43 -48.46 70.65
O3 NAG DA . -11.69 -48.61 73.30
O4 NAG DA . -13.84 -48.43 75.27
O5 NAG DA . -15.46 -46.93 72.33
O6 NAG DA . -15.77 -45.66 74.91
O7 NAG DA . -11.56 -46.59 69.85
C1 NAG DA . -12.96 -47.78 76.24
C2 NAG DA . -13.39 -48.16 77.61
C3 NAG DA . -12.59 -47.42 78.61
C4 NAG DA . -11.07 -47.89 78.46
C5 NAG DA . -10.66 -47.56 76.99
C6 NAG DA . -9.24 -48.03 76.70
C7 NAG DA . -15.66 -48.78 78.13
C8 NAG DA . -17.08 -48.35 78.30
N2 NAG DA . -14.79 -47.85 77.79
O3 NAG DA . -13.13 -47.68 79.92
O4 NAG DA . -10.24 -47.14 79.32
O5 NAG DA . -11.50 -48.22 76.04
O6 NAG DA . -8.34 -46.95 76.57
O7 NAG DA . -15.30 -49.94 78.30
C1 BMA DA . -10.15 -47.71 80.67
C2 BMA DA . -9.07 -48.81 80.71
C3 BMA DA . -8.97 -49.41 82.07
C4 BMA DA . -8.55 -48.29 83.00
C5 BMA DA . -9.61 -47.14 82.98
C6 BMA DA . -9.11 -45.88 83.79
O2 BMA DA . -7.89 -48.24 80.45
O3 BMA DA . -7.99 -50.48 82.04
O4 BMA DA . -8.44 -48.81 84.29
O5 BMA DA . -9.75 -46.68 81.62
O6 BMA DA . -7.64 -45.65 83.83
C1 MAN DA . -7.17 -44.99 82.61
C2 MAN DA . -5.66 -45.26 82.45
C3 MAN DA . -4.83 -44.60 83.50
C4 MAN DA . -5.11 -43.11 83.40
C5 MAN DA . -6.62 -42.85 83.64
C6 MAN DA . -6.96 -41.32 83.53
O2 MAN DA . -5.31 -44.76 81.25
O3 MAN DA . -3.44 -44.89 83.25
O4 MAN DA . -4.36 -42.45 84.37
O5 MAN DA . -7.37 -43.55 82.61
O6 MAN DA . -5.92 -40.42 84.06
C1 NAG EA . -34.63 -53.54 66.24
C2 NAG EA . -34.59 -54.46 65.06
C3 NAG EA . -35.99 -54.73 64.70
C4 NAG EA . -36.77 -55.44 65.87
C5 NAG EA . -36.69 -54.49 67.12
C6 NAG EA . -37.24 -55.12 68.38
C7 NAG EA . -32.98 -54.45 63.26
C8 NAG EA . -32.31 -53.68 62.16
N2 NAG EA . -33.90 -53.82 63.96
O3 NAG EA . -36.01 -55.56 63.50
O4 NAG EA . -38.11 -55.54 65.43
O5 NAG EA . -35.33 -54.22 67.43
O6 NAG EA . -36.72 -56.41 68.63
O7 NAG EA . -32.70 -55.63 63.50
C1 NAG EA . -38.68 -56.84 65.77
C2 NAG EA . -40.14 -56.70 65.95
C3 NAG EA . -40.76 -57.94 66.41
C4 NAG EA . -40.56 -59.10 65.34
C5 NAG EA . -39.01 -59.13 65.06
C6 NAG EA . -38.68 -60.09 63.95
C7 NAG EA . -40.71 -54.43 66.54
C8 NAG EA . -40.97 -53.41 67.60
N2 NAG EA . -40.42 -55.64 66.91
O3 NAG EA . -42.17 -57.64 66.61
O4 NAG EA . -40.86 -60.40 65.87
O5 NAG EA . -38.48 -57.87 64.65
O6 NAG EA . -39.24 -59.71 62.72
O7 NAG EA . -40.78 -54.14 65.34
C1 BMA EA . -42.17 -60.57 66.51
C2 BMA EA . -43.28 -60.47 65.44
C3 BMA EA . -44.60 -60.64 66.09
C4 BMA EA . -44.63 -62.01 66.77
C5 BMA EA . -43.49 -62.08 67.84
C6 BMA EA . -43.38 -63.53 68.48
O2 BMA EA . -43.08 -61.51 64.59
O3 BMA EA . -45.65 -60.58 65.07
O4 BMA EA . -45.87 -62.17 67.38
O5 BMA EA . -42.23 -61.84 67.18
O6 BMA EA . -43.75 -64.67 67.59
C1 MAN EA . -46.10 -59.19 64.90
C2 MAN EA . -47.39 -59.01 65.72
C3 MAN EA . -48.51 -59.86 65.22
C4 MAN EA . -48.77 -59.42 63.80
C5 MAN EA . -47.46 -59.64 62.95
C6 MAN EA . -47.65 -59.20 61.45
O2 MAN EA . -47.75 -57.72 65.57
O3 MAN EA . -49.69 -59.65 66.04
O4 MAN EA . -49.81 -60.17 63.28
O5 MAN EA . -46.41 -58.84 63.52
O6 MAN EA . -48.90 -59.67 60.81
C1 MAN EA . -42.57 -65.29 66.99
C2 MAN EA . -43.04 -66.49 66.15
C3 MAN EA . -43.65 -67.57 66.99
C4 MAN EA . -42.55 -68.02 67.93
C5 MAN EA . -42.12 -66.81 68.82
C6 MAN EA . -40.96 -67.23 69.80
O2 MAN EA . -41.95 -66.99 65.55
O3 MAN EA . -44.07 -68.66 66.13
O4 MAN EA . -43.05 -69.05 68.74
O5 MAN EA . -41.59 -65.79 67.95
O6 MAN EA . -41.18 -68.49 70.51
C1 NAG FA . 13.61 60.40 -9.13
C2 NAG FA . 14.64 60.16 -10.19
C3 NAG FA . 15.85 60.93 -9.84
C4 NAG FA . 15.51 62.47 -9.80
C5 NAG FA . 14.34 62.67 -8.77
C6 NAG FA . 13.85 64.10 -8.72
C7 NAG FA . 14.62 58.05 -11.34
C8 NAG FA . 14.88 56.59 -11.29
N2 NAG FA . 14.94 58.75 -10.27
O3 NAG FA . 16.89 60.65 -10.81
O4 NAG FA . 16.66 63.12 -9.32
O5 NAG FA . 13.21 61.89 -9.13
O6 NAG FA . 14.76 64.95 -8.04
O7 NAG FA . 14.14 58.59 -12.34
C1 NAG FA . 17.12 64.17 -10.23
C2 NAG FA . 18.23 64.89 -9.54
C3 NAG FA . 18.79 65.96 -10.37
C4 NAG FA . 19.33 65.25 -11.67
C5 NAG FA . 18.17 64.55 -12.46
C6 NAG FA . 18.66 63.81 -13.68
C7 NAG FA . 18.14 65.03 -7.12
C8 NAG FA . 17.56 65.68 -5.90
N2 NAG FA . 17.73 65.45 -8.30
O3 NAG FA . 19.85 66.64 -9.66
O4 NAG FA . 20.12 66.15 -12.46
O5 NAG FA . 17.65 63.57 -11.55
O6 NAG FA . 17.61 63.46 -14.56
O7 NAG FA . 18.97 64.12 -7.03
C1 BMA FA . 19.36 67.29 -13.00
C2 BMA FA . 19.96 68.58 -12.45
C3 BMA FA . 19.25 69.78 -12.96
C4 BMA FA . 19.38 69.77 -14.47
C5 BMA FA . 18.75 68.46 -15.03
C6 BMA FA . 18.95 68.37 -16.59
O2 BMA FA . 21.24 68.64 -12.88
O3 BMA FA . 19.83 70.98 -12.39
O4 BMA FA . 18.73 70.88 -14.99
O5 BMA FA . 19.46 67.34 -14.46
O6 BMA FA . 18.79 69.66 -17.31
C1 NAG GA . -9.75 63.13 -6.04
C2 NAG GA . -9.10 64.21 -6.85
C3 NAG GA . -10.05 64.60 -7.91
C4 NAG GA . -10.34 63.39 -8.88
C5 NAG GA . -10.87 62.21 -8.00
C6 NAG GA . -11.01 60.93 -8.79
C7 NAG GA . -7.61 65.92 -6.02
C8 NAG GA . -7.37 67.07 -5.12
N2 NAG GA . -8.80 65.36 -6.01
O3 NAG GA . -9.52 65.74 -8.64
O4 NAG GA . -11.35 63.87 -9.72
O5 NAG GA . -9.97 61.89 -6.94
O6 NAG GA . -9.88 60.69 -9.62
O7 NAG GA . -6.73 65.49 -6.77
C1 NAG GA . -11.21 63.40 -11.11
C2 NAG GA . -12.55 63.56 -11.73
C3 NAG GA . -12.55 63.13 -13.14
C4 NAG GA . -11.50 64.06 -13.85
C5 NAG GA . -10.05 63.85 -13.27
C6 NAG GA . -9.04 64.77 -13.88
C7 NAG GA . -14.23 63.26 -9.99
C8 NAG GA . -15.18 62.36 -9.28
N2 NAG GA . -13.53 62.76 -10.99
O3 NAG GA . -13.88 63.29 -13.71
O4 NAG GA . -11.56 63.93 -15.27
O5 NAG GA . -10.18 64.23 -11.88
O6 NAG GA . -8.57 65.74 -12.95
O7 NAG GA . -14.08 64.45 -9.66
C1 BMA GA . -11.25 62.57 -15.79
C2 BMA GA . -12.48 62.03 -16.53
C3 BMA GA . -12.24 60.68 -17.07
C4 BMA GA . -11.08 60.78 -18.03
C5 BMA GA . -9.82 61.31 -17.27
C6 BMA GA . -8.62 61.52 -18.27
O2 BMA GA . -12.71 62.87 -17.56
O3 BMA GA . -13.44 60.21 -17.74
O4 BMA GA . -10.82 59.53 -18.57
O5 BMA GA . -10.14 62.62 -16.73
O6 BMA GA . -8.44 60.42 -19.24
C1 NAG HA . 10.19 52.40 -18.06
C2 NAG HA . 11.04 53.61 -18.32
C3 NAG HA . 11.64 53.36 -19.65
C4 NAG HA . 12.55 52.09 -19.73
C5 NAG HA . 11.69 50.91 -19.17
C6 NAG HA . 12.53 49.67 -19.00
C7 NAG HA . 10.77 55.98 -17.97
C8 NAG HA . 9.94 57.20 -18.13
N2 NAG HA . 10.25 54.83 -18.38
O3 NAG HA . 12.38 54.54 -20.04
O4 NAG HA . 12.75 51.82 -21.08
O5 NAG HA . 11.10 51.16 -17.90
O6 NAG HA . 13.73 49.93 -18.28
O7 NAG HA . 11.89 56.02 -17.47
C1 NAG HA . 14.11 52.13 -21.56
C2 NAG HA . 14.03 52.12 -23.04
C3 NAG HA . 15.31 52.44 -23.71
C4 NAG HA . 15.67 53.89 -23.22
C5 NAG HA . 15.86 53.94 -21.66
C6 NAG HA . 16.13 55.33 -21.15
C7 NAG HA . 12.53 50.67 -24.24
C8 NAG HA . 12.13 49.28 -24.64
N2 NAG HA . 13.58 50.81 -23.48
O3 NAG HA . 15.13 52.39 -25.15
O4 NAG HA . 16.76 54.44 -23.94
O5 NAG HA . 14.59 53.54 -21.13
O6 NAG HA . 15.37 56.31 -21.84
O7 NAG HA . 11.88 51.65 -24.61
C1 BMA HA . 18.02 53.65 -23.85
C2 BMA HA . 18.35 53.08 -25.24
C3 BMA HA . 19.60 52.28 -25.22
C4 BMA HA . 20.72 53.21 -24.78
C5 BMA HA . 20.39 53.76 -23.36
C6 BMA HA . 21.49 54.80 -22.90
O2 BMA HA . 18.54 54.13 -26.06
O3 BMA HA . 19.85 51.75 -26.54
O4 BMA HA . 21.91 52.49 -24.75
O5 BMA HA . 19.14 54.49 -23.44
O6 BMA HA . 22.86 54.44 -23.26
C1 NAG IA . 12.54 44.25 -1.96
C2 NAG IA . 13.09 42.90 -1.61
C3 NAG IA . 14.01 43.07 -0.47
C4 NAG IA . 15.21 44.04 -0.78
C5 NAG IA . 14.57 45.37 -1.30
C6 NAG IA . 15.60 46.35 -1.78
C7 NAG IA . 11.85 40.84 -1.76
C8 NAG IA . 10.64 40.07 -1.38
N2 NAG IA . 12.01 42.01 -1.23
O3 NAG IA . 14.50 41.75 -0.09
O4 NAG IA . 15.85 44.34 0.44
O5 NAG IA . 13.68 45.18 -2.41
O6 NAG IA . 16.33 46.93 -0.72
O7 NAG IA . 12.70 40.39 -2.56
C1 NAG IA . 17.13 43.65 0.62
C2 NAG IA . 17.69 44.14 1.92
C3 NAG IA . 18.95 43.47 2.29
C4 NAG IA . 18.58 41.95 2.42
C5 NAG IA . 18.09 41.34 1.06
C6 NAG IA . 17.64 39.91 1.17
C7 NAG IA . 17.29 46.43 2.61
C8 NAG IA . 17.60 47.87 2.43
N2 NAG IA . 17.92 45.57 1.83
O3 NAG IA . 19.46 44.00 3.54
O4 NAG IA . 19.62 41.20 3.05
O5 NAG IA . 16.94 42.13 0.76
O6 NAG IA . 16.96 39.65 2.40
O7 NAG IA . 16.48 46.03 3.46
C1 BMA IA . 20.85 41.12 2.26
C2 BMA IA . 22.01 41.65 3.10
C3 BMA IA . 23.30 41.59 2.38
C4 BMA IA . 23.54 40.13 2.03
C5 BMA IA . 22.38 39.62 1.14
C6 BMA IA . 22.56 38.09 0.80
O2 BMA IA . 22.09 40.86 4.19
O3 BMA IA . 24.36 42.12 3.22
O4 BMA IA . 24.75 40.03 1.34
O5 BMA IA . 21.15 39.74 1.89
O6 BMA IA . 23.92 37.71 0.39
C1 NAG JA . -28.77 37.26 15.67
C2 NAG JA . -29.17 38.70 15.56
C3 NAG JA . -29.80 39.18 16.79
C4 NAG JA . -31.10 38.35 17.04
C5 NAG JA . -30.67 36.84 17.14
C6 NAG JA . -31.87 35.92 17.31
C7 NAG JA . -28.03 40.35 14.23
C8 NAG JA . -26.79 41.15 13.97
N2 NAG JA . -28.02 39.52 15.24
O3 NAG JA . -30.07 40.60 16.65
O4 NAG JA . -31.67 38.77 18.25
O5 NAG JA . -30.03 36.42 15.94
O6 NAG JA . -32.53 36.13 18.55
O7 NAG JA . -29.03 40.45 13.52
C1 NAG JA . -32.96 39.46 18.08
C2 NAG JA . -33.11 40.43 19.20
C3 NAG JA . -34.37 41.19 19.14
C4 NAG JA . -34.33 41.98 17.78
C5 NAG JA . -34.24 41.01 16.55
C6 NAG JA . -34.12 41.74 15.24
C7 NAG JA . -32.19 39.99 21.39
C8 NAG JA . -32.23 39.20 22.65
N2 NAG JA . -33.07 39.70 20.46
O3 NAG JA . -34.44 42.10 20.27
O4 NAG JA . -35.39 42.91 17.69
O5 NAG JA . -33.01 40.28 16.76
O6 NAG JA . -33.34 42.92 15.36
O7 NAG JA . -31.36 40.88 21.20
C1 BMA JA . -36.74 42.31 17.69
C2 BMA JA . -37.53 42.87 18.87
C3 BMA JA . -38.91 42.30 18.94
C4 BMA JA . -39.59 42.68 17.64
C5 BMA JA . -38.79 42.09 16.44
C6 BMA JA . -39.45 42.52 15.07
O2 BMA JA . -37.62 44.19 18.70
O3 BMA JA . -39.60 42.86 20.08
O4 BMA JA . -40.89 42.17 17.66
O5 BMA JA . -37.46 42.65 16.47
O6 BMA JA . -40.93 42.45 15.05
C1 NAG KA . 45.95 18.99 11.18
C2 NAG KA . 46.38 17.93 12.16
C3 NAG KA . 46.30 18.60 13.47
C4 NAG KA . 47.29 19.81 13.53
C5 NAG KA . 47.07 20.77 12.31
C6 NAG KA . 48.19 21.74 12.20
C7 NAG KA . 45.98 15.54 12.00
C8 NAG KA . 45.01 14.46 11.95
N2 NAG KA . 45.50 16.79 12.15
O3 NAG KA . 46.63 17.68 14.56
O4 NAG KA . 46.85 20.52 14.65
O5 NAG KA . 47.03 20.05 11.06
O6 NAG KA . 48.00 22.98 12.90
O7 NAG KA . 47.20 15.39 11.90
C1 NAG KA . 47.92 20.74 15.60
C2 NAG KA . 47.42 21.81 16.51
C3 NAG KA . 48.35 22.13 17.61
C4 NAG KA . 48.49 20.80 18.42
C5 NAG KA . 49.15 19.66 17.55
C6 NAG KA . 49.27 18.35 18.29
C7 NAG KA . 45.97 23.52 15.62
C8 NAG KA . 45.81 24.78 14.84
N2 NAG KA . 47.16 23.00 15.73
O3 NAG KA . 47.79 23.20 18.40
O4 NAG KA . 49.16 21.02 19.66
O5 NAG KA . 48.20 19.48 16.48
O6 NAG KA . 48.08 17.98 18.97
O7 NAG KA . 45.00 22.97 16.17
C1 BMA KA . 50.54 21.52 19.52
C2 BMA KA . 50.66 22.87 20.24
C3 BMA KA . 52.03 23.43 20.13
C4 BMA KA . 52.98 22.42 20.73
C5 BMA KA . 52.85 21.05 19.99
C6 BMA KA . 53.77 19.95 20.66
O2 BMA KA . 50.40 22.65 21.54
O3 BMA KA . 52.09 24.68 20.84
O4 BMA KA . 54.28 22.89 20.65
O5 BMA KA . 51.49 20.59 20.11
O6 BMA KA . 55.13 20.41 20.99
C1 NAG LA . 49.59 30.46 -13.29
C2 NAG LA . 49.21 29.96 -11.93
C3 NAG LA . 48.92 31.13 -11.07
C4 NAG LA . 50.13 32.13 -10.94
C5 NAG LA . 50.44 32.61 -12.40
C6 NAG LA . 51.64 33.53 -12.50
C7 NAG LA . 47.72 28.18 -11.18
C8 NAG LA . 46.39 27.51 -11.30
N2 NAG LA . 48.00 29.16 -12.01
O3 NAG LA . 48.52 30.66 -9.75
O4 NAG LA . 49.71 33.20 -10.13
O5 NAG LA . 50.76 31.46 -13.18
O6 NAG LA . 52.81 32.96 -11.94
O7 NAG LA . 48.56 27.84 -10.33
C1 NAG LA . 50.75 33.61 -9.18
C2 NAG LA . 50.20 34.75 -8.39
C3 NAG LA . 51.18 35.27 -7.42
C4 NAG LA . 51.54 34.06 -6.47
C5 NAG LA . 52.15 32.86 -7.28
C6 NAG LA . 52.45 31.66 -6.41
C7 NAG LA . 48.58 36.10 -9.59
C8 NAG LA . 48.30 37.21 -10.54
N2 NAG LA . 49.84 35.83 -9.30
O3 NAG LA . 50.59 36.37 -6.68
O4 NAG LA . 52.35 34.48 -5.38
O5 NAG LA . 51.13 32.45 -8.22
O6 NAG LA . 51.33 30.82 -6.23
O7 NAG LA . 47.67 35.44 -9.09
C1 BMA LA . 53.68 35.00 -5.77
C2 BMA LA . 53.79 36.46 -5.30
C3 BMA LA . 55.11 37.04 -5.68
C4 BMA LA . 56.17 36.20 -5.00
C5 BMA LA . 56.06 34.72 -5.48
C6 BMA LA . 57.11 33.81 -4.74
O2 BMA LA . 53.69 36.46 -3.96
O3 BMA LA . 55.17 38.42 -5.23
O4 BMA LA . 57.43 36.72 -5.33
O5 BMA LA . 54.75 34.24 -5.13
O6 BMA LA . 58.44 34.43 -4.55
C1 NAG MA . 20.17 19.03 37.71
C2 NAG MA . 20.42 17.85 38.61
C3 NAG MA . 21.31 18.26 39.72
C4 NAG MA . 22.68 18.76 39.16
C5 NAG MA . 22.36 19.97 38.22
C6 NAG MA . 23.60 20.54 37.56
C7 NAG MA . 18.74 16.16 38.98
C8 NAG MA . 17.42 15.79 39.58
N2 NAG MA . 19.15 17.39 39.15
O3 NAG MA . 21.47 17.15 40.62
O4 NAG MA . 23.46 19.19 40.25
O5 NAG MA . 21.51 19.54 37.15
O6 NAG MA . 24.32 19.58 36.81
O7 NAG MA . 19.43 15.35 38.36
C1 NAG MA . 24.77 18.54 40.26
C2 NAG MA . 25.61 19.25 41.27
C3 NAG MA . 26.95 18.65 41.41
C4 NAG MA . 26.73 17.15 41.82
C5 NAG MA . 25.93 16.37 40.72
C6 NAG MA . 25.64 14.93 41.08
C7 NAG MA . 25.46 21.62 41.70
C8 NAG MA . 25.64 23.02 41.18
N2 NAG MA . 25.75 20.63 40.88
O3 NAG MA . 27.71 19.37 42.40
O4 NAG MA . 27.95 16.52 42.21
O5 NAG MA . 24.66 17.05 40.64
O6 NAG MA . 25.32 14.14 39.95
O7 NAG MA . 25.05 21.38 42.84
C1 BMA MA . 28.96 16.42 41.12
C2 BMA MA . 30.21 17.19 41.56
C3 BMA MA . 31.28 17.15 40.51
C4 BMA MA . 31.64 15.68 40.32
C5 BMA MA . 30.37 14.90 39.87
C6 BMA MA . 30.68 13.36 39.74
O2 BMA MA . 30.68 16.60 42.67
O3 BMA MA . 32.43 17.91 40.95
O4 BMA MA . 32.62 15.59 39.34
O5 BMA MA . 29.36 15.03 40.90
O6 BMA MA . 32.00 13.06 39.14
C1 NAG NA . -0.73 -10.88 78.19
C2 NAG NA . -0.77 -11.60 79.51
C3 NAG NA . -0.08 -10.76 80.49
C4 NAG NA . 1.43 -10.55 80.09
C5 NAG NA . 1.45 -9.93 78.65
C6 NAG NA . 2.86 -9.82 78.11
C7 NAG NA . -2.69 -13.01 79.98
C8 NAG NA . -4.12 -13.08 80.36
N2 NAG NA . -2.14 -11.81 79.93
O3 NAG NA . -0.18 -11.37 81.81
O4 NAG NA . 1.96 -9.60 80.98
O5 NAG NA . 0.74 -10.75 77.72
O6 NAG NA . 3.59 -8.78 78.76
O7 NAG NA . -2.02 -14.01 79.73
C1 NAG NA . 2.98 -10.19 81.86
C2 NAG NA . 3.48 -9.09 82.74
C3 NAG NA . 4.50 -9.59 83.68
C4 NAG NA . 3.83 -10.73 84.53
C5 NAG NA . 3.34 -11.92 83.62
C6 NAG NA . 2.61 -13.00 84.40
C7 NAG NA . 3.52 -6.84 81.87
C8 NAG NA . 4.17 -5.83 80.98
N2 NAG NA . 4.05 -8.04 81.91
O3 NAG NA . 4.94 -8.50 84.53
O4 NAG NA . 4.67 -11.16 85.60
O5 NAG NA . 2.40 -11.33 82.73
O6 NAG NA . 1.47 -12.50 85.07
O7 NAG NA . 2.52 -6.57 82.54
C1 BMA NA . 5.96 -11.73 85.15
C2 BMA NA . 7.10 -10.85 85.67
C3 BMA NA . 8.43 -11.35 85.23
C4 BMA NA . 8.58 -12.74 85.81
C5 BMA NA . 7.43 -13.65 85.28
C6 BMA NA . 7.50 -15.09 85.92
O2 BMA NA . 7.05 -10.89 87.01
O3 BMA NA . 9.47 -10.45 85.71
O4 BMA NA . 9.82 -13.26 85.42
O5 BMA NA . 6.17 -13.07 85.69
O6 BMA NA . 8.84 -15.71 85.90
C1 NAG OA . -28.00 4.06 69.68
C2 NAG OA . -29.04 3.82 70.74
C3 NAG OA . -30.24 4.55 70.32
C4 NAG OA . -30.00 6.10 70.20
C5 NAG OA . -28.83 6.28 69.19
C6 NAG OA . -28.41 7.72 69.06
C7 NAG OA . -29.15 1.72 71.91
C8 NAG OA . -29.44 0.25 71.85
N2 NAG OA . -29.36 2.40 70.82
O3 NAG OA . -31.31 4.28 71.27
O4 NAG OA . -31.17 6.64 69.65
O5 NAG OA . -27.66 5.56 69.60
O6 NAG OA . -29.30 8.47 68.26
O7 NAG OA . -28.72 2.27 72.92
C1 NAG OA . -31.65 7.83 70.38
C2 NAG OA . -32.80 8.35 69.60
C3 NAG OA . -33.40 9.54 70.22
C4 NAG OA . -33.86 9.06 71.64
C5 NAG OA . -32.66 8.58 72.52
C6 NAG OA . -33.08 8.07 73.88
C7 NAG OA . -33.18 8.61 67.24
C8 NAG OA . -32.63 8.94 65.89
N2 NAG OA . -32.36 8.67 68.27
O3 NAG OA . -34.50 10.01 69.42
O4 NAG OA . -34.71 10.03 72.27
O5 NAG OA . -32.11 7.47 71.81
O6 NAG OA . -33.89 6.90 73.78
O7 NAG OA . -34.36 8.28 67.40
C1 BMA OA . -34.06 11.33 72.52
C2 BMA OA . -34.74 12.39 71.65
C3 BMA OA . -34.15 13.75 71.86
C4 BMA OA . -34.38 14.08 73.33
C5 BMA OA . -33.68 13.02 74.22
C6 BMA OA . -33.98 13.30 75.74
O2 BMA OA . -36.03 12.43 72.01
O3 BMA OA . -34.80 14.69 70.99
O4 BMA OA . -33.86 15.36 73.57
O5 BMA OA . -34.23 11.73 73.91
O6 BMA OA . -34.02 14.74 76.11
C1 NAG PA . -43.11 8.92 52.96
C2 NAG PA . -44.57 9.01 53.24
C3 NAG PA . -45.08 10.10 52.41
C4 NAG PA . -44.43 11.50 52.70
C5 NAG PA . -42.88 11.32 52.49
C6 NAG PA . -42.03 12.52 52.91
C7 NAG PA . -45.54 6.84 53.68
C8 NAG PA . -46.09 5.57 53.12
N2 NAG PA . -45.21 7.77 52.83
O3 NAG PA . -46.52 10.20 52.60
O4 NAG PA . -44.97 12.34 51.74
O5 NAG PA . -42.42 10.26 53.32
O6 NAG PA . -40.64 12.20 52.99
O7 NAG PA . -45.40 7.02 54.89
C1 NAG PA . -45.11 13.71 52.22
C2 NAG PA . -44.90 14.62 51.07
C3 NAG PA . -44.91 16.04 51.44
C4 NAG PA . -46.38 16.36 51.97
C5 NAG PA . -46.63 15.38 53.16
C6 NAG PA . -48.03 15.54 53.67
C7 NAG PA . -43.55 13.47 49.43
C8 NAG PA . -42.19 13.26 48.84
N2 NAG PA . -43.64 14.32 50.43
O3 NAG PA . -44.56 16.78 50.24
O4 NAG PA . -46.55 17.66 52.49
O5 NAG PA . -46.53 14.01 52.75
O6 NAG PA . -48.08 15.63 55.08
O7 NAG PA . -44.55 12.89 48.99
C1 BMA PA . -46.19 18.76 51.55
C2 BMA PA . -47.07 18.70 50.30
C3 BMA PA . -46.76 19.82 49.36
C4 BMA PA . -47.01 21.11 50.11
C5 BMA PA . -46.09 21.18 51.37
C6 BMA PA . -46.40 22.47 52.24
O2 BMA PA . -48.35 18.83 50.70
O3 BMA PA . -47.59 19.72 48.18
O4 BMA PA . -46.76 22.17 49.25
O5 BMA PA . -46.39 20.04 52.19
O6 BMA PA . -47.85 22.85 52.34
C1 MAN PA . -46.90 18.95 47.10
C2 MAN PA . -46.04 19.91 46.27
C3 MAN PA . -46.80 20.92 45.50
C4 MAN PA . -47.76 20.17 44.59
C5 MAN PA . -48.66 19.27 45.47
C6 MAN PA . -49.67 18.44 44.58
O2 MAN PA . -45.36 19.15 45.38
O3 MAN PA . -45.88 21.73 44.72
O4 MAN PA . -48.53 21.08 43.88
O5 MAN PA . -47.85 18.31 46.18
O6 MAN PA . -50.30 19.20 43.49
C1 MAN PA . -48.55 22.17 53.42
C2 MAN PA . -49.99 22.70 53.47
C3 MAN PA . -50.07 24.14 53.81
C4 MAN PA . -49.48 24.26 55.21
C5 MAN PA . -47.99 23.79 55.14
C6 MAN PA . -47.32 23.86 56.56
O2 MAN PA . -50.65 22.00 54.40
O3 MAN PA . -51.46 24.57 53.83
O4 MAN PA . -49.53 25.59 55.63
O5 MAN PA . -47.97 22.40 54.74
O6 MAN PA . -47.32 25.21 57.16
C1 NAG QA . -10.79 0.25 76.09
C2 NAG QA . -11.31 1.60 75.71
C3 NAG QA . -10.29 2.30 74.90
C4 NAG QA . -8.95 2.50 75.71
C5 NAG QA . -8.46 1.06 76.09
C6 NAG QA . -7.22 1.08 76.95
C7 NAG QA . -13.72 1.69 75.41
C8 NAG QA . -14.90 1.45 74.52
N2 NAG QA . -12.53 1.45 74.92
O3 NAG QA . -10.83 3.59 74.48
O4 NAG QA . -8.03 3.12 74.83
O5 NAG QA . -9.46 0.40 76.87
O6 NAG QA . -7.37 1.84 78.13
O7 NAG QA . -13.86 2.11 76.57
C1 NAG QA . -7.31 4.22 75.47
C2 NAG QA . -6.52 4.91 74.42
C3 NAG QA . -5.75 6.05 74.94
C4 NAG QA . -6.81 7.03 75.55
C5 NAG QA . -7.61 6.36 76.73
C6 NAG QA . -8.68 7.25 77.32
C7 NAG QA . -5.83 3.49 72.58
C8 NAG QA . -4.85 2.51 72.02
N2 NAG QA . -5.61 3.96 73.79
O3 NAG QA . -5.00 6.68 73.87
O4 NAG QA . -6.24 8.30 75.87
O5 NAG QA . -8.28 5.24 76.13
O6 NAG QA . -9.74 7.46 76.41
O7 NAG QA . -6.83 3.86 71.95
C1 BMA QA . -5.20 8.25 76.92
C2 BMA QA . -3.87 8.73 76.31
C3 BMA QA . -2.78 8.72 77.31
C4 BMA QA . -3.17 9.66 78.42
C5 BMA QA . -4.50 9.16 79.06
C6 BMA QA . -4.99 10.19 80.16
O2 BMA QA . -4.07 10.00 75.90
O3 BMA QA . -1.54 9.13 76.67
O4 BMA QA . -2.16 9.68 79.38
O5 BMA QA . -5.52 9.15 78.03
O6 BMA QA . -3.91 10.77 80.98
C1 NAG RA . -23.01 -5.84 85.20
C2 NAG RA . -23.39 -4.47 85.67
C3 NAG RA . -24.31 -4.62 86.80
C4 NAG RA . -25.60 -5.37 86.32
C5 NAG RA . -25.19 -6.77 85.78
C6 NAG RA . -26.34 -7.56 85.21
C7 NAG RA . -21.85 -2.61 85.53
C8 NAG RA . -20.66 -1.91 86.09
N2 NAG RA . -22.22 -3.74 86.12
O3 NAG RA . -24.64 -3.31 87.34
O4 NAG RA . -26.44 -5.51 87.43
O5 NAG RA . -24.26 -6.59 84.70
O6 NAG RA . -26.33 -7.61 83.80
O7 NAG RA . -22.47 -2.18 84.55
C1 NAG RA . -27.74 -4.87 87.17
C2 NAG RA . -28.69 -5.28 88.23
C3 NAG RA . -30.05 -4.81 87.90
C4 NAG RA . -30.05 -3.23 87.84
C5 NAG RA . -28.93 -2.82 86.82
C6 NAG RA . -28.75 -1.33 86.74
C7 NAG RA . -28.15 -7.31 89.40
C8 NAG RA . -28.19 -8.80 89.42
N2 NAG RA . -28.69 -6.72 88.36
O3 NAG RA . -30.93 -5.32 88.94
O4 NAG RA . -31.25 -2.70 87.31
O5 NAG RA . -27.64 -3.34 87.16
O6 NAG RA . -28.40 -0.89 85.43
O7 NAG RA . -27.64 -6.66 90.31
C1 BMA RA . -32.49 -2.93 88.08
C2 BMA RA . -32.43 -2.19 89.45
C3 BMA RA . -33.70 -2.41 90.19
C4 BMA RA . -34.84 -1.83 89.36
C5 BMA RA . -34.88 -2.59 88.00
C6 BMA RA . -35.98 -2.03 87.00
O2 BMA RA . -32.29 -0.88 89.19
O3 BMA RA . -33.64 -1.75 91.50
O4 BMA RA . -36.04 -1.99 90.04
O5 BMA RA . -33.62 -2.41 87.35
O6 BMA RA . -36.36 -0.61 87.19
C1 MAN RA . -33.10 -2.65 92.54
C2 MAN RA . -34.27 -3.40 93.22
C3 MAN RA . -35.17 -2.50 93.98
C4 MAN RA . -34.36 -1.80 95.04
C5 MAN RA . -33.22 -1.01 94.32
C6 MAN RA . -32.31 -0.27 95.35
O2 MAN RA . -33.71 -4.25 94.10
O3 MAN RA . -36.24 -3.28 94.59
O4 MAN RA . -35.18 -0.93 95.75
O5 MAN RA . -32.38 -1.93 93.58
O6 MAN RA . -33.04 0.45 96.42
C1 MAN RA . -35.44 0.30 86.52
C2 MAN RA . -35.89 1.73 86.78
C3 MAN RA . -37.21 2.03 86.16
C4 MAN RA . -37.02 1.83 84.66
C5 MAN RA . -36.60 0.36 84.38
C6 MAN RA . -36.33 0.12 82.84
O2 MAN RA . -34.98 2.55 86.26
O3 MAN RA . -37.57 3.40 86.47
O4 MAN RA . -38.21 2.11 83.99
O5 MAN RA . -35.34 0.11 85.07
O6 MAN RA . -37.23 0.85 81.95
C1 NAG SA . -9.83 -22.93 90.75
C2 NAG SA . -8.43 -22.40 90.63
C3 NAG SA . -7.51 -23.54 90.70
C4 NAG SA . -7.62 -24.30 92.08
C5 NAG SA . -9.13 -24.72 92.23
C6 NAG SA . -9.41 -25.35 93.57
C7 NAG SA . -8.09 -20.44 89.26
C8 NAG SA . -7.98 -19.84 87.90
N2 NAG SA . -8.25 -21.72 89.35
O3 NAG SA . -6.15 -23.09 90.49
O4 NAG SA . -6.81 -25.44 91.98
O5 NAG SA . -10.01 -23.59 92.13
O6 NAG SA . -10.79 -25.32 93.90
O7 NAG SA . -8.04 -19.73 90.29
C1 NAG SA . -5.89 -25.59 93.11
C2 NAG SA . -4.86 -26.58 92.70
C3 NAG SA . -3.88 -26.86 93.78
C4 NAG SA . -3.18 -25.48 94.09
C5 NAG SA . -4.23 -24.41 94.56
C6 NAG SA . -3.63 -23.06 94.80
C7 NAG SA . -5.01 -28.62 91.41
C8 NAG SA . -5.77 -29.87 91.09
N2 NAG SA . -5.51 -27.82 92.32
O3 NAG SA . -2.91 -27.86 93.36
O4 NAG SA . -2.08 -25.63 94.99
O5 NAG SA . -5.17 -24.27 93.48
O6 NAG SA . -4.61 -22.03 94.87
O7 NAG SA . -3.95 -28.34 90.85
C1 BMA SA . -2.47 -26.20 96.31
C2 BMA SA . -1.78 -27.56 96.47
C3 BMA SA . -2.15 -28.20 97.76
C4 BMA SA . -1.65 -27.27 98.87
C5 BMA SA . -2.33 -25.88 98.71
C6 BMA SA . -1.76 -24.88 99.77
O2 BMA SA . -0.45 -27.35 96.46
O3 BMA SA . -1.52 -29.50 97.85
O4 BMA SA . -1.97 -27.83 100.10
O5 BMA SA . -2.00 -25.35 97.40
O6 BMA SA . -1.54 -25.44 101.11
C1 NAG TA . -13.48 21.64 -31.49
C2 NAG TA . -14.68 20.77 -31.62
C3 NAG TA . -15.61 21.34 -32.63
C4 NAG TA . -16.02 22.78 -32.14
C5 NAG TA . -14.74 23.65 -32.00
C6 NAG TA . -15.06 25.05 -31.52
C7 NAG TA . -14.65 18.36 -31.39
C8 NAG TA . -14.17 17.04 -31.91
N2 NAG TA . -14.28 19.43 -32.05
O3 NAG TA . -16.75 20.47 -32.79
O4 NAG TA . -16.89 23.33 -33.07
O5 NAG TA . -13.88 23.06 -31.04
O6 NAG TA . -16.11 25.64 -32.26
O7 NAG TA . -15.36 18.44 -30.39
C1 NAG UA . -44.24 -7.69 -19.49
C2 NAG UA . -43.01 -6.86 -19.33
C3 NAG UA . -43.29 -5.58 -18.65
C4 NAG UA . -44.36 -4.76 -19.51
C5 NAG UA . -45.64 -5.60 -19.67
C6 NAG UA . -46.59 -4.90 -20.62
C7 NAG UA . -40.80 -7.44 -18.65
C8 NAG UA . -39.93 -8.21 -17.71
N2 NAG UA . -42.05 -7.61 -18.53
O3 NAG UA . -42.06 -4.85 -18.47
O4 NAG UA . -44.62 -3.57 -18.85
O5 NAG UA . -45.27 -6.84 -20.25
O6 NAG UA . -47.00 -3.62 -20.16
O7 NAG UA . -40.33 -6.71 -19.52
C1 NAG VA . -54.49 -24.00 -40.64
C2 NAG VA . -55.08 -24.54 -41.92
C3 NAG VA . -55.94 -25.70 -41.63
C4 NAG VA . -55.03 -26.80 -40.97
C5 NAG VA . -54.41 -26.23 -39.66
C6 NAG VA . -53.51 -27.23 -38.98
C7 NAG VA . -55.42 -22.89 -43.66
C8 NAG VA . -56.27 -21.80 -44.22
N2 NAG VA . -55.86 -23.51 -42.58
O3 NAG VA . -56.56 -26.16 -42.85
O4 NAG VA . -55.81 -27.91 -40.70
O5 NAG VA . -53.62 -25.08 -39.97
O6 NAG VA . -54.04 -28.55 -39.04
O7 NAG VA . -54.34 -23.20 -44.16
C1 NAG WA . -14.07 -7.61 -48.79
C2 NAG WA . -14.44 -6.44 -49.65
C3 NAG WA . -13.27 -5.54 -49.77
C4 NAG WA . -12.89 -5.05 -48.34
C5 NAG WA . -12.52 -6.27 -47.44
C6 NAG WA . -12.19 -5.87 -46.03
C7 NAG WA . -16.08 -6.85 -51.38
C8 NAG WA . -16.37 -7.36 -52.75
N2 NAG WA . -14.82 -6.89 -50.99
O3 NAG WA . -13.59 -4.45 -50.67
O4 NAG WA . -11.81 -4.18 -48.43
O5 NAG WA . -13.66 -7.12 -47.38
O6 NAG WA . -11.45 -4.66 -45.99
O7 NAG WA . -16.97 -6.42 -50.64
C1 NAG XA . -19.77 -4.20 -33.67
C2 NAG XA . -18.40 -3.87 -34.17
C3 NAG XA . -17.63 -3.18 -33.11
C4 NAG XA . -18.41 -1.86 -32.78
C5 NAG XA . -19.85 -2.21 -32.27
C6 NAG XA . -20.66 -0.98 -31.95
C7 NAG XA . -17.53 -5.40 -35.81
C8 NAG XA . -16.88 -6.71 -36.11
N2 NAG XA . -17.72 -5.09 -34.55
O3 NAG XA . -16.28 -2.93 -33.58
O4 NAG XA . -17.71 -1.17 -31.81
O5 NAG XA . -20.54 -2.92 -33.30
O6 NAG XA . -19.88 0.02 -31.31
O7 NAG XA . -17.88 -4.62 -36.71
C1 NAG YA . -31.08 37.70 -14.03
C2 NAG YA . -31.73 38.76 -13.20
C3 NAG YA . -33.18 38.55 -13.14
C4 NAG YA . -33.73 38.62 -14.60
C5 NAG YA . -33.06 37.51 -15.47
C6 NAG YA . -33.52 37.55 -16.90
C7 NAG YA . -30.98 39.83 -11.17
C8 NAG YA . -30.43 39.69 -9.79
N2 NAG YA . -31.18 38.74 -11.85
O3 NAG YA . -33.79 39.54 -12.26
O4 NAG YA . -35.12 38.42 -14.56
O5 NAG YA . -31.65 37.75 -15.46
O6 NAG YA . -34.91 37.82 -17.00
O7 NAG YA . -31.24 40.95 -11.66
C1 NAG ZA . -39.42 -28.48 9.05
C2 NAG ZA . -40.93 -28.43 9.05
C3 NAG ZA . -41.44 -29.70 9.61
C4 NAG ZA . -40.95 -30.87 8.70
C5 NAG ZA . -39.40 -30.90 8.68
C6 NAG ZA . -38.86 -31.97 7.79
C7 NAG ZA . -42.43 -26.61 9.52
C8 NAG ZA . -42.82 -25.49 10.42
N2 NAG ZA . -41.38 -27.32 9.85
O3 NAG ZA . -42.90 -29.64 9.71
O4 NAG ZA . -41.46 -32.07 9.18
O5 NAG ZA . -38.92 -29.64 8.17
O6 NAG ZA . -39.65 -33.15 7.81
O7 NAG ZA . -43.07 -26.88 8.50
C1 NAG AB . 12.84 -37.21 -40.05
C2 NAG AB . 13.01 -37.77 -38.67
C3 NAG AB . 11.84 -38.58 -38.31
C4 NAG AB . 10.59 -37.63 -38.35
C5 NAG AB . 10.42 -37.03 -39.78
C6 NAG AB . 9.26 -36.08 -39.87
C7 NAG AB . 15.01 -38.62 -37.58
C8 NAG AB . 16.20 -39.51 -37.64
N2 NAG AB . 14.21 -38.61 -38.63
O3 NAG AB . 12.02 -39.19 -37.01
O4 NAG AB . 9.46 -38.36 -38.00
O5 NAG AB . 11.60 -36.29 -40.08
O6 NAG AB . 8.04 -36.68 -39.45
O7 NAG AB . 14.77 -37.92 -36.61
C1 NAG BB . 46.29 -35.99 -2.28
C2 NAG BB . 45.38 -36.31 -1.13
C3 NAG BB . 44.76 -37.65 -1.34
C4 NAG BB . 43.91 -37.59 -2.66
C5 NAG BB . 44.87 -37.25 -3.84
C6 NAG BB . 44.14 -37.14 -5.15
C7 NAG BB . 45.56 -36.14 1.27
C8 NAG BB . 46.44 -36.16 2.49
N2 NAG BB . 46.15 -36.33 0.10
O3 NAG BB . 43.94 -38.01 -0.18
O4 NAG BB . 43.29 -38.82 -2.87
O5 NAG BB . 45.49 -35.98 -3.59
O6 NAG BB . 43.08 -38.09 -5.26
O7 NAG BB . 44.35 -35.95 1.34
C1 NAG CB . 34.22 -32.09 1.80
C2 NAG CB . 33.25 -32.63 0.81
C3 NAG CB . 32.96 -34.05 1.11
C4 NAG CB . 34.31 -34.85 1.03
C5 NAG CB . 35.31 -34.26 2.06
C6 NAG CB . 36.65 -34.96 2.03
C7 NAG CB . 31.51 -31.31 -0.24
C8 NAG CB . 30.23 -30.55 -0.09
N2 NAG CB . 32.01 -31.88 0.84
O3 NAG CB . 31.96 -34.56 0.20
O4 NAG CB . 34.06 -36.19 1.30
O5 NAG CB . 35.54 -32.89 1.74
O6 NAG CB . 36.51 -36.37 1.90
O7 NAG CB . 32.09 -31.40 -1.32
C1 NAG DB . 34.81 -10.59 -15.95
C2 NAG DB . 33.59 -9.86 -16.43
C3 NAG DB . 32.48 -10.81 -16.66
C4 NAG DB . 32.94 -11.84 -17.75
C5 NAG DB . 34.19 -12.61 -17.23
C6 NAG DB . 34.72 -13.59 -18.24
C7 NAG DB . 33.31 -7.59 -15.62
C8 NAG DB . 32.89 -6.69 -14.50
N2 NAG DB . 33.18 -8.89 -15.42
O3 NAG DB . 31.29 -10.08 -17.07
O4 NAG DB . 31.90 -12.71 -18.02
O5 NAG DB . 35.23 -11.66 -17.00
O6 NAG DB . 33.68 -14.18 -19.01
O7 NAG DB . 33.77 -7.17 -16.68
C1 NAG EB . 22.63 -24.63 35.19
C2 NAG EB . 23.10 -26.04 35.45
C3 NAG EB . 23.51 -26.14 36.87
C4 NAG EB . 24.64 -25.10 37.15
C5 NAG EB . 24.11 -23.66 36.86
C6 NAG EB . 25.16 -22.61 37.09
C7 NAG EB . 22.26 -28.20 34.80
C8 NAG EB . 21.07 -29.08 34.60
N2 NAG EB . 22.03 -26.97 35.19
O3 NAG EB . 23.92 -27.49 37.16
O4 NAG EB . 25.03 -25.21 38.48
O5 NAG EB . 23.73 -23.60 35.49
O6 NAG EB . 25.91 -22.84 38.28
O7 NAG EB . 23.41 -28.60 34.63
C1 NAG FB . 41.04 35.76 -4.53
C2 NAG FB . 41.00 36.38 -3.17
C3 NAG FB . 42.19 35.96 -2.39
C4 NAG FB . 42.16 34.39 -2.29
C5 NAG FB . 42.18 33.77 -3.71
C6 NAG FB . 42.10 32.27 -3.68
C7 NAG FB . 40.26 38.57 -2.47
C8 NAG FB . 40.31 40.05 -2.65
N2 NAG FB . 40.98 37.83 -3.26
O3 NAG FB . 42.19 36.60 -1.10
O4 NAG FB . 43.27 33.98 -1.57
O5 NAG FB . 41.03 34.24 -4.42
O6 NAG FB . 43.24 31.69 -3.07
O7 NAG FB . 39.56 38.04 -1.59
C1 NAG GB . 8.51 59.25 24.92
C2 NAG GB . 7.81 58.45 25.97
C3 NAG GB . 8.63 58.42 27.20
C4 NAG GB . 9.98 57.71 26.82
C5 NAG GB . 10.72 58.54 25.73
C6 NAG GB . 12.00 57.89 25.30
C7 NAG GB . 5.43 58.33 26.37
C8 NAG GB . 4.15 59.05 26.60
N2 NAG GB . 6.52 59.06 26.25
O3 NAG GB . 7.90 57.71 28.25
O4 NAG GB . 10.77 57.60 27.96
O5 NAG GB . 9.87 58.60 24.58
O6 NAG GB . 12.55 57.07 26.31
O7 NAG GB . 5.48 57.10 26.27
C1 NAG HB . 6.95 43.92 23.59
C2 NAG HB . 8.08 44.49 24.38
C3 NAG HB . 9.14 43.48 24.56
C4 NAG HB . 8.50 42.25 25.31
C5 NAG HB . 7.32 41.68 24.46
C6 NAG HB . 6.63 40.51 25.12
C7 NAG HB . 8.41 46.88 24.11
C8 NAG HB . 8.98 47.99 23.29
N2 NAG HB . 8.64 45.65 23.70
O3 NAG HB . 10.25 44.05 25.29
O4 NAG HB . 9.47 41.28 25.48
O5 NAG HB . 6.34 42.71 24.30
O6 NAG HB . 7.55 39.50 25.47
O7 NAG HB . 7.74 47.10 25.13
C1 NAG IB . -0.38 72.59 20.93
C2 NAG IB . -0.60 74.05 20.67
C3 NAG IB . -1.48 74.61 21.71
C4 NAG IB . -2.84 73.84 21.63
C5 NAG IB . -2.60 72.33 21.87
C6 NAG IB . -3.88 71.52 21.78
C7 NAG IB . 1.21 75.17 19.54
C8 NAG IB . 2.54 75.83 19.63
N2 NAG IB . 0.66 74.77 20.66
O3 NAG IB . -1.64 76.04 21.50
O4 NAG IB . -3.71 74.36 22.60
O5 NAG IB . -1.72 71.83 20.86
O6 NAG IB . -4.97 72.19 22.37
O7 NAG IB . 0.64 75.00 18.46
C1 NAG JB . -19.76 28.26 38.36
C2 NAG JB . -19.27 28.66 39.72
C3 NAG JB . -20.41 29.06 40.57
C4 NAG JB . -21.11 30.27 39.87
C5 NAG JB . -21.62 29.85 38.46
C6 NAG JB . -22.27 31.00 37.72
C7 NAG JB . -17.46 27.73 41.02
C8 NAG JB . -16.77 26.51 41.54
N2 NAG JB . -18.55 27.56 40.31
O3 NAG JB . -19.95 29.36 41.91
O4 NAG JB . -22.17 30.68 40.67
O5 NAG JB . -20.49 29.44 37.67
O6 NAG JB . -23.00 31.84 38.60
O7 NAG JB . -17.04 28.86 41.26
#